data_8Z2S
#
_entry.id   8Z2S
#
_cell.length_a   96.118
_cell.length_b   197.475
_cell.length_c   134.253
_cell.angle_alpha   90.000
_cell.angle_beta   91.190
_cell.angle_gamma   90.000
#
_symmetry.space_group_name_H-M   'P 1 21 1'
#
loop_
_entity.id
_entity.type
_entity.pdbx_description
1 polymer 'maltose alpha-D-glucosyltransferase'
2 non-polymer 'CALCIUM ION'
3 non-polymer 'MAGNESIUM ION'
4 non-polymer 2-AMINO-2-HYDROXYMETHYL-PROPANE-1,3-DIOL
5 water water
#
_entity_poly.entity_id   1
_entity_poly.type   'polypeptide(L)'
_entity_poly.pdbx_seq_one_letter_code
;MVPTQAHPEWYKSAVFYELSVRTFQDGNGDGKGDFPGLTSRLDYLKNLGVDCLWLLPWFPSPLRDDGYDVADYRGIHPDL
GTLDDFKVFLREAHARGLWVIGDLVTNHTSSDHPWFQAARRGPTLPDGSPNEYHDYYVWSDEGKEYADTAIIFTDTEVSN
WTLDEQAGKYYWHRFFASQPDLNYDNPKVVEELHGAARFWLDLGLDGFRVDAVPYLIEREGTSCENLPETHEILKGFRAM
VDREYPGRLLLAEANQWPEEVVEYFGTEAEPEFHMCFNFPVMPRLYMSLKREDTSSIREIMGRLPKIPSFGQWCIFLRNH
DELTLEMVTDDERAFMYAAYAPDARMKINVGIRRRLAPLLDNDRRRIELLNTVLLALPGSPVLYYGDEIGMGDDLGLPDR
NGVRTPMQWNAGTSGGFSTAQPSDCFFPPIQDPVYGFGRVNVQSQLQDPSSLLKWTARQLELRRAHPAFAHGDLTFIETG
NPAILAFTRQYDGETLLIVSNFAGNAQAGLLDLAPFVGRAPVTLSGASPLPVVTGNGQYPVVMGKYDYYWLRLNSRVDKL
AAALEHHHHHH
;
_entity_poly.pdbx_strand_id   A,B,C,D,E,F,G,H
#
loop_
_chem_comp.id
_chem_comp.type
_chem_comp.name
_chem_comp.formula
CA non-polymer 'CALCIUM ION' 'Ca 2'
MG non-polymer 'MAGNESIUM ION' 'Mg 2'
TRS non-polymer 2-AMINO-2-HYDROXYMETHYL-PROPANE-1,3-DIOL 'C4 H12 N O3 1'
#
# COMPACT_ATOMS: atom_id res chain seq x y z
N PRO A 8 -9.01 -7.85 -53.28
CA PRO A 8 -9.77 -7.05 -52.31
C PRO A 8 -9.33 -5.57 -52.29
N GLU A 9 -10.20 -4.69 -51.81
CA GLU A 9 -9.83 -3.28 -51.67
C GLU A 9 -8.92 -3.12 -50.45
N TRP A 10 -8.06 -2.11 -50.48
CA TRP A 10 -6.93 -2.06 -49.54
C TRP A 10 -7.40 -1.98 -48.08
N TYR A 11 -8.49 -1.26 -47.81
CA TYR A 11 -8.90 -1.08 -46.42
C TYR A 11 -9.28 -2.41 -45.77
N LYS A 12 -9.51 -3.46 -46.56
CA LYS A 12 -9.89 -4.75 -45.97
C LYS A 12 -8.70 -5.52 -45.39
N SER A 13 -7.49 -5.33 -45.89
CA SER A 13 -6.34 -5.98 -45.27
C SER A 13 -5.54 -5.03 -44.40
N ALA A 14 -5.99 -3.79 -44.26
CA ALA A 14 -5.27 -2.81 -43.47
C ALA A 14 -5.39 -3.06 -41.96
N VAL A 15 -4.38 -2.57 -41.25
CA VAL A 15 -4.45 -2.33 -39.81
C VAL A 15 -4.41 -0.82 -39.59
N PHE A 16 -5.35 -0.30 -38.81
CA PHE A 16 -5.46 1.12 -38.56
C PHE A 16 -4.83 1.45 -37.22
N TYR A 17 -4.37 2.69 -37.11
CA TYR A 17 -3.75 3.23 -35.91
C TYR A 17 -4.29 4.64 -35.76
N GLU A 18 -4.87 4.92 -34.60
CA GLU A 18 -5.51 6.19 -34.32
C GLU A 18 -4.60 7.01 -33.41
N LEU A 19 -4.25 8.23 -33.85
CA LEU A 19 -3.42 9.12 -33.04
C LEU A 19 -3.81 10.58 -33.22
N SER A 20 -3.44 11.42 -32.26
CA SER A 20 -3.70 12.85 -32.32
C SER A 20 -2.39 13.58 -32.50
N VAL A 21 -2.26 14.35 -33.61
CA VAL A 21 -1.00 15.02 -33.91
C VAL A 21 -0.52 15.80 -32.71
N ARG A 22 -1.47 16.39 -31.95
CA ARG A 22 -1.13 17.25 -30.83
C ARG A 22 -0.53 16.50 -29.64
N THR A 23 -0.75 15.19 -29.52
CA THR A 23 -0.20 14.49 -28.38
C THR A 23 0.76 13.37 -28.77
N PHE A 24 1.25 13.36 -30.01
CA PHE A 24 2.02 12.20 -30.44
C PHE A 24 3.52 12.45 -30.35
N GLN A 25 4.05 13.40 -31.13
CA GLN A 25 5.46 13.77 -31.02
C GLN A 25 5.62 15.28 -31.21
N ASP A 26 6.11 15.97 -30.18
CA ASP A 26 6.45 17.38 -30.35
C ASP A 26 7.73 17.53 -31.16
N GLY A 27 7.71 18.38 -32.17
CA GLY A 27 8.86 18.49 -33.05
C GLY A 27 9.62 19.78 -32.91
N ASN A 28 9.11 20.74 -32.11
CA ASN A 28 9.72 22.07 -32.07
C ASN A 28 9.83 22.67 -30.67
N GLY A 29 9.61 21.89 -29.62
CA GLY A 29 9.94 22.32 -28.27
C GLY A 29 8.88 23.12 -27.54
N ASP A 30 7.68 23.31 -28.11
CA ASP A 30 6.64 24.11 -27.49
C ASP A 30 5.65 23.30 -26.64
N GLY A 31 5.86 21.99 -26.53
CA GLY A 31 4.96 21.19 -25.71
C GLY A 31 3.69 20.74 -26.39
N LYS A 32 3.55 20.95 -27.69
CA LYS A 32 2.43 20.49 -28.48
C LYS A 32 2.95 19.62 -29.61
N GLY A 33 2.26 18.51 -29.85
CA GLY A 33 2.60 17.68 -30.99
C GLY A 33 2.35 18.41 -32.30
N ASP A 34 3.16 18.10 -33.31
CA ASP A 34 3.04 18.75 -34.61
C ASP A 34 3.33 17.74 -35.70
N PHE A 35 3.07 18.16 -36.94
CA PHE A 35 3.28 17.28 -38.08
C PHE A 35 4.75 16.99 -38.36
N PRO A 36 5.69 17.92 -38.14
CA PRO A 36 7.09 17.52 -38.24
C PRO A 36 7.49 16.43 -37.25
N GLY A 37 6.97 16.50 -36.01
CA GLY A 37 7.22 15.43 -35.04
C GLY A 37 6.63 14.11 -35.47
N LEU A 38 5.40 14.14 -36.02
CA LEU A 38 4.79 12.92 -36.49
C LEU A 38 5.60 12.33 -37.64
N THR A 39 6.13 13.18 -38.51
CA THR A 39 6.90 12.72 -39.65
C THR A 39 8.18 12.02 -39.23
N SER A 40 8.82 12.51 -38.17
CA SER A 40 10.02 11.87 -37.65
C SER A 40 9.76 10.52 -36.96
N ARG A 41 8.50 10.16 -36.71
CA ARG A 41 8.19 8.87 -36.11
C ARG A 41 7.51 7.91 -37.08
N LEU A 42 7.53 8.18 -38.39
CA LEU A 42 6.78 7.31 -39.28
C LEU A 42 7.33 5.89 -39.30
N ASP A 43 8.66 5.73 -39.17
CA ASP A 43 9.23 4.38 -39.25
C ASP A 43 8.82 3.51 -38.07
N TYR A 44 8.57 4.11 -36.91
CA TYR A 44 8.02 3.36 -35.78
C TYR A 44 6.68 2.73 -36.16
N LEU A 45 5.84 3.49 -36.85
CA LEU A 45 4.54 2.96 -37.23
C LEU A 45 4.67 1.92 -38.32
N LYS A 46 5.56 2.14 -39.29
CA LYS A 46 5.87 1.15 -40.31
C LYS A 46 6.28 -0.18 -39.70
N ASN A 47 7.25 -0.15 -38.80
CA ASN A 47 7.78 -1.35 -38.20
C ASN A 47 6.84 -1.96 -37.17
N LEU A 48 5.95 -1.17 -36.57
CA LEU A 48 4.90 -1.77 -35.75
C LEU A 48 4.00 -2.68 -36.58
N GLY A 49 3.92 -2.44 -37.88
CA GLY A 49 3.04 -3.20 -38.75
C GLY A 49 1.70 -2.56 -39.05
N VAL A 50 1.59 -1.25 -38.97
CA VAL A 50 0.32 -0.61 -39.25
C VAL A 50 0.36 -0.13 -40.69
N ASP A 51 -0.80 -0.15 -41.35
CA ASP A 51 -0.96 0.22 -42.75
C ASP A 51 -1.61 1.57 -42.94
N CYS A 52 -2.52 1.97 -42.06
CA CYS A 52 -3.21 3.21 -42.26
C CYS A 52 -3.33 3.97 -40.94
N LEU A 53 -2.95 5.24 -41.01
CA LEU A 53 -3.00 6.18 -39.90
C LEU A 53 -4.34 6.90 -39.94
N TRP A 54 -5.05 6.90 -38.83
CA TRP A 54 -6.24 7.75 -38.71
C TRP A 54 -5.89 8.87 -37.75
N LEU A 55 -5.90 10.09 -38.27
CA LEU A 55 -5.51 11.26 -37.52
C LEU A 55 -6.77 11.90 -36.95
N LEU A 56 -6.71 12.31 -35.68
CA LEU A 56 -7.80 13.07 -35.12
C LEU A 56 -7.80 14.45 -35.78
N PRO A 57 -8.89 15.21 -35.65
CA PRO A 57 -8.98 16.48 -36.40
C PRO A 57 -7.77 17.38 -36.20
N TRP A 58 -7.28 17.95 -37.29
CA TRP A 58 -6.05 18.76 -37.32
C TRP A 58 -6.31 20.21 -37.67
N PHE A 59 -7.57 20.69 -37.54
CA PHE A 59 -8.03 21.96 -38.11
C PHE A 59 -7.91 23.10 -37.12
N PRO A 60 -7.82 24.33 -37.62
CA PRO A 60 -7.99 25.48 -36.71
C PRO A 60 -9.25 25.30 -35.87
N SER A 61 -9.20 25.84 -34.66
CA SER A 61 -10.08 25.40 -33.60
C SER A 61 -9.70 26.08 -32.30
N PRO A 62 -10.65 26.67 -31.58
CA PRO A 62 -10.38 27.07 -30.19
C PRO A 62 -10.30 25.89 -29.24
N LEU A 63 -10.66 24.68 -29.70
CA LEU A 63 -10.38 23.40 -29.03
C LEU A 63 -11.27 23.17 -27.81
N ARG A 64 -12.48 23.70 -27.85
CA ARG A 64 -13.40 23.49 -26.75
C ARG A 64 -13.88 22.05 -26.69
N ASP A 65 -13.80 21.31 -27.80
CA ASP A 65 -13.94 19.85 -27.82
C ASP A 65 -12.73 19.23 -28.54
N ASP A 66 -11.54 19.74 -28.23
CA ASP A 66 -10.27 19.13 -28.65
C ASP A 66 -10.15 18.94 -30.16
N GLY A 67 -10.66 19.90 -30.92
CA GLY A 67 -10.51 19.88 -32.36
C GLY A 67 -11.72 19.40 -33.14
N TYR A 68 -12.68 18.76 -32.48
CA TYR A 68 -13.96 18.48 -33.13
C TYR A 68 -14.87 19.73 -33.19
N ASP A 69 -14.35 20.91 -32.84
CA ASP A 69 -15.02 22.20 -33.02
C ASP A 69 -14.18 22.97 -34.04
N VAL A 70 -14.54 22.84 -35.32
CA VAL A 70 -13.74 23.32 -36.44
C VAL A 70 -14.10 24.77 -36.76
N ALA A 71 -13.07 25.61 -36.90
CA ALA A 71 -13.21 27.00 -37.31
C ALA A 71 -12.68 27.27 -38.71
N ASP A 72 -12.18 26.25 -39.41
CA ASP A 72 -11.68 26.35 -40.79
C ASP A 72 -11.39 24.98 -41.38
N TYR A 73 -12.24 24.50 -42.29
CA TYR A 73 -12.09 23.14 -42.77
C TYR A 73 -10.93 22.95 -43.73
N ARG A 74 -10.25 24.02 -44.16
CA ARG A 74 -9.30 23.90 -45.25
C ARG A 74 -7.91 24.40 -44.85
N GLY A 75 -7.56 24.24 -43.56
CA GLY A 75 -6.28 24.69 -43.04
C GLY A 75 -5.73 23.73 -41.99
N ILE A 76 -4.56 24.08 -41.47
CA ILE A 76 -3.92 23.35 -40.38
C ILE A 76 -3.99 24.23 -39.14
N HIS A 77 -4.41 23.67 -38.02
CA HIS A 77 -4.32 24.39 -36.76
C HIS A 77 -2.87 24.86 -36.53
N PRO A 78 -2.67 26.08 -36.04
CA PRO A 78 -1.29 26.58 -35.88
C PRO A 78 -0.40 25.70 -35.00
N ASP A 79 -0.92 25.16 -33.91
CA ASP A 79 -0.14 24.25 -33.05
C ASP A 79 0.63 23.22 -33.86
N LEU A 80 -0.03 22.66 -34.87
CA LEU A 80 0.45 21.46 -35.54
C LEU A 80 1.44 21.73 -36.68
N GLY A 81 1.74 22.99 -36.98
CA GLY A 81 2.55 23.32 -38.14
C GLY A 81 1.72 23.93 -39.25
N THR A 82 2.14 23.75 -40.50
CA THR A 82 1.56 24.44 -41.67
C THR A 82 1.09 23.44 -42.70
N LEU A 83 0.35 23.97 -43.66
CA LEU A 83 -0.11 23.16 -44.79
C LEU A 83 1.07 22.51 -45.51
N ASP A 84 2.21 23.20 -45.59
CA ASP A 84 3.36 22.54 -46.19
C ASP A 84 3.86 21.38 -45.31
N ASP A 85 3.96 21.57 -43.99
CA ASP A 85 4.32 20.46 -43.11
C ASP A 85 3.35 19.29 -43.28
N PHE A 86 2.06 19.59 -43.44
CA PHE A 86 1.09 18.55 -43.72
C PHE A 86 1.45 17.82 -45.01
N LYS A 87 1.76 18.60 -46.06
CA LYS A 87 2.06 18.00 -47.37
C LYS A 87 3.29 17.10 -47.31
N VAL A 88 4.36 17.53 -46.63
CA VAL A 88 5.52 16.63 -46.63
C VAL A 88 5.22 15.39 -45.79
N PHE A 89 4.46 15.54 -44.69
CA PHE A 89 4.09 14.38 -43.89
C PHE A 89 3.37 13.33 -44.74
N LEU A 90 2.44 13.77 -45.60
CA LEU A 90 1.74 12.84 -46.47
C LEU A 90 2.69 12.16 -47.44
N ARG A 91 3.61 12.94 -48.02
CA ARG A 91 4.61 12.40 -48.94
C ARG A 91 5.44 11.33 -48.23
N GLU A 92 5.88 11.62 -47.00
CA GLU A 92 6.69 10.68 -46.25
C GLU A 92 5.88 9.48 -45.76
N ALA A 93 4.59 9.67 -45.45
CA ALA A 93 3.78 8.50 -45.09
C ALA A 93 3.52 7.62 -46.31
N HIS A 94 3.18 8.24 -47.45
CA HIS A 94 2.92 7.43 -48.64
C HIS A 94 4.17 6.68 -49.06
N ALA A 95 5.29 7.39 -49.15
CA ALA A 95 6.57 6.78 -49.48
C ALA A 95 6.88 5.59 -48.58
N ARG A 96 6.30 5.54 -47.39
CA ARG A 96 6.54 4.39 -46.55
C ARG A 96 5.44 3.34 -46.65
N GLY A 97 4.63 3.38 -47.70
CA GLY A 97 3.53 2.44 -47.76
C GLY A 97 2.44 2.62 -46.71
N LEU A 98 2.27 3.83 -46.17
CA LEU A 98 1.24 4.12 -45.18
C LEU A 98 0.09 4.87 -45.84
N TRP A 99 -1.13 4.32 -45.74
CA TRP A 99 -2.30 5.13 -46.04
C TRP A 99 -2.57 6.07 -44.86
N VAL A 100 -3.20 7.22 -45.14
CA VAL A 100 -3.60 8.08 -44.05
C VAL A 100 -4.96 8.70 -44.38
N ILE A 101 -5.83 8.69 -43.38
CA ILE A 101 -7.19 9.23 -43.47
C ILE A 101 -7.37 10.25 -42.38
N GLY A 102 -8.18 11.27 -42.67
CA GLY A 102 -8.53 12.29 -41.71
C GLY A 102 -9.89 12.08 -41.09
N ASP A 103 -10.25 12.98 -40.20
CA ASP A 103 -11.53 12.96 -39.49
C ASP A 103 -12.39 14.13 -39.98
N LEU A 104 -13.45 13.83 -40.70
CA LEU A 104 -14.31 14.84 -41.30
C LEU A 104 -15.49 15.09 -40.36
N VAL A 105 -15.56 16.30 -39.78
CA VAL A 105 -16.61 16.63 -38.82
C VAL A 105 -17.75 17.30 -39.58
N THR A 106 -18.74 16.50 -39.96
CA THR A 106 -19.81 16.97 -40.82
C THR A 106 -20.95 17.62 -40.06
N ASN A 107 -21.25 17.15 -38.85
CA ASN A 107 -22.52 17.51 -38.23
C ASN A 107 -22.54 18.90 -37.60
N HIS A 108 -21.39 19.48 -37.30
CA HIS A 108 -21.36 20.75 -36.58
C HIS A 108 -20.05 21.44 -36.90
N THR A 109 -19.97 22.71 -36.50
CA THR A 109 -18.72 23.45 -36.50
C THR A 109 -18.53 24.04 -35.12
N SER A 110 -17.39 24.65 -34.91
CA SER A 110 -17.21 25.53 -33.76
C SER A 110 -18.13 26.74 -33.90
N SER A 111 -18.52 27.31 -32.77
CA SER A 111 -19.21 28.60 -32.80
C SER A 111 -18.30 29.73 -33.27
N ASP A 112 -16.98 29.52 -33.27
CA ASP A 112 -16.02 30.49 -33.77
C ASP A 112 -15.84 30.42 -35.27
N HIS A 113 -16.45 29.44 -35.92
CA HIS A 113 -16.35 29.35 -37.37
C HIS A 113 -16.88 30.64 -38.02
N PRO A 114 -16.21 31.15 -39.07
CA PRO A 114 -16.79 32.23 -39.90
C PRO A 114 -18.28 32.11 -40.17
N TRP A 115 -18.72 30.96 -40.65
CA TRP A 115 -20.13 30.77 -40.94
C TRP A 115 -20.99 31.12 -39.74
N PHE A 116 -20.70 30.53 -38.58
CA PHE A 116 -21.58 30.77 -37.45
C PHE A 116 -21.52 32.22 -36.99
N GLN A 117 -20.35 32.85 -37.12
CA GLN A 117 -20.20 34.25 -36.75
C GLN A 117 -21.10 35.14 -37.59
N ALA A 118 -21.18 34.85 -38.89
CA ALA A 118 -22.14 35.53 -39.75
C ALA A 118 -23.57 35.16 -39.37
N ALA A 119 -23.86 33.86 -39.32
CA ALA A 119 -25.23 33.40 -39.11
C ALA A 119 -25.89 34.01 -37.89
N ARG A 120 -25.13 34.28 -36.82
CA ARG A 120 -25.75 34.79 -35.60
C ARG A 120 -26.11 36.26 -35.68
N ARG A 121 -25.82 36.92 -36.80
CA ARG A 121 -26.29 38.28 -37.03
C ARG A 121 -27.80 38.32 -37.27
N GLY A 122 -28.40 37.21 -37.68
CA GLY A 122 -29.84 37.13 -37.85
C GLY A 122 -30.23 36.88 -39.30
N PRO A 123 -31.54 36.72 -39.55
CA PRO A 123 -32.00 36.47 -40.93
C PRO A 123 -31.54 37.50 -41.95
N THR A 124 -31.35 38.75 -41.55
CA THR A 124 -30.97 39.79 -42.50
C THR A 124 -29.87 40.66 -41.91
N LEU A 125 -28.96 41.10 -42.79
CA LEU A 125 -27.90 42.07 -42.54
C LEU A 125 -28.47 43.41 -42.12
N PRO A 126 -27.66 44.32 -41.53
CA PRO A 126 -28.22 45.63 -41.13
C PRO A 126 -28.77 46.44 -42.30
N ASP A 127 -28.11 46.39 -43.47
CA ASP A 127 -28.60 47.13 -44.63
C ASP A 127 -30.00 46.69 -45.04
N GLY A 128 -30.40 45.48 -44.68
CA GLY A 128 -31.72 44.98 -44.98
C GLY A 128 -31.69 43.68 -45.77
N SER A 129 -30.64 43.50 -46.59
CA SER A 129 -30.54 42.36 -47.48
C SER A 129 -30.42 41.05 -46.69
N PRO A 130 -30.82 39.93 -47.30
CA PRO A 130 -30.78 38.65 -46.59
C PRO A 130 -29.37 38.21 -46.21
N ASN A 131 -29.27 37.53 -45.05
CA ASN A 131 -28.00 37.00 -44.53
C ASN A 131 -27.81 35.55 -44.95
N GLU A 132 -26.97 35.33 -45.96
CA GLU A 132 -26.85 34.02 -46.59
C GLU A 132 -26.44 32.92 -45.61
N TYR A 133 -25.70 33.27 -44.56
CA TYR A 133 -25.17 32.27 -43.64
C TYR A 133 -26.13 31.90 -42.52
N HIS A 134 -27.18 32.67 -42.31
CA HIS A 134 -28.12 32.35 -41.24
C HIS A 134 -28.61 30.91 -41.34
N ASP A 135 -28.91 30.43 -42.55
CA ASP A 135 -29.52 29.12 -42.72
C ASP A 135 -28.51 27.98 -42.89
N TYR A 136 -27.21 28.27 -42.71
CA TYR A 136 -26.23 27.19 -42.49
C TYR A 136 -26.46 26.48 -41.17
N TYR A 137 -27.21 27.08 -40.25
CA TYR A 137 -27.43 26.49 -38.93
C TYR A 137 -28.92 26.27 -38.71
N VAL A 138 -29.27 25.70 -37.55
CA VAL A 138 -30.65 25.33 -37.25
C VAL A 138 -31.16 26.25 -36.16
N TRP A 139 -32.17 27.06 -36.48
CA TRP A 139 -32.68 28.08 -35.58
C TRP A 139 -34.15 27.86 -35.25
N SER A 140 -34.53 28.29 -34.05
CA SER A 140 -35.88 28.14 -33.56
C SER A 140 -36.17 29.29 -32.61
N ASP A 141 -37.45 29.70 -32.58
CA ASP A 141 -37.81 30.90 -31.83
C ASP A 141 -37.81 30.64 -30.34
N GLU A 142 -38.20 29.43 -29.93
CA GLU A 142 -38.32 29.15 -28.51
C GLU A 142 -37.77 27.78 -28.15
N GLY A 143 -37.12 27.07 -29.07
CA GLY A 143 -36.45 25.83 -28.70
C GLY A 143 -37.36 24.76 -28.15
N LYS A 144 -38.52 24.58 -28.77
CA LYS A 144 -39.45 23.54 -28.34
C LYS A 144 -39.54 22.38 -29.32
N GLU A 145 -38.94 22.49 -30.52
CA GLU A 145 -38.94 21.40 -31.49
C GLU A 145 -38.05 20.25 -31.02
N TYR A 146 -38.30 19.07 -31.58
CA TYR A 146 -37.42 17.92 -31.39
C TYR A 146 -37.24 17.63 -29.90
N ALA A 147 -38.34 17.67 -29.15
CA ALA A 147 -38.29 17.49 -27.70
C ALA A 147 -38.07 16.05 -27.26
N ASP A 148 -38.22 15.06 -28.14
CA ASP A 148 -38.03 13.63 -27.82
C ASP A 148 -36.62 13.15 -28.15
N THR A 149 -35.61 13.92 -27.74
CA THR A 149 -34.24 13.66 -28.15
C THR A 149 -33.33 13.48 -26.94
N ALA A 150 -32.45 12.49 -27.03
CA ALA A 150 -31.40 12.32 -26.03
C ALA A 150 -30.46 13.52 -26.03
N ILE A 151 -29.89 13.81 -24.85
CA ILE A 151 -28.73 14.68 -24.75
C ILE A 151 -27.50 13.78 -24.63
N ILE A 152 -26.51 13.99 -25.51
CA ILE A 152 -25.38 13.06 -25.54
C ILE A 152 -24.37 13.37 -24.44
N PHE A 153 -24.01 14.64 -24.30
CA PHE A 153 -23.04 15.06 -23.27
C PHE A 153 -23.82 15.39 -21.99
N THR A 154 -24.35 14.33 -21.37
CA THR A 154 -25.25 14.51 -20.23
C THR A 154 -24.61 15.27 -19.07
N ASP A 155 -23.29 15.19 -18.93
CA ASP A 155 -22.67 15.87 -17.79
C ASP A 155 -22.49 17.37 -18.02
N THR A 156 -22.74 17.86 -19.22
CA THR A 156 -22.46 19.26 -19.48
C THR A 156 -23.70 20.02 -19.99
N GLU A 157 -24.41 19.41 -20.95
CA GLU A 157 -25.49 20.08 -21.66
C GLU A 157 -26.83 19.65 -21.09
N VAL A 158 -27.63 20.63 -20.64
CA VAL A 158 -28.98 20.33 -20.17
C VAL A 158 -30.02 20.31 -21.29
N SER A 159 -29.77 21.00 -22.41
CA SER A 159 -30.68 21.02 -23.55
C SER A 159 -29.87 20.95 -24.84
N ASN A 160 -30.52 20.55 -25.93
CA ASN A 160 -29.89 20.64 -27.25
C ASN A 160 -30.17 21.97 -27.95
N TRP A 161 -30.90 22.89 -27.30
CA TRP A 161 -31.11 24.24 -27.79
C TRP A 161 -30.40 25.23 -26.88
N THR A 162 -29.76 26.23 -27.48
CA THR A 162 -29.11 27.29 -26.70
C THR A 162 -29.44 28.66 -27.27
N LEU A 163 -29.80 29.59 -26.40
CA LEU A 163 -30.08 30.97 -26.78
C LEU A 163 -28.80 31.67 -27.19
N ASP A 164 -28.72 32.13 -28.43
CA ASP A 164 -27.58 32.93 -28.86
C ASP A 164 -27.91 34.39 -28.59
N GLU A 165 -27.16 35.01 -27.68
CA GLU A 165 -27.42 36.35 -27.19
C GLU A 165 -27.73 37.35 -28.31
N GLN A 166 -27.00 37.26 -29.42
CA GLN A 166 -27.00 38.27 -30.46
C GLN A 166 -28.10 38.10 -31.48
N ALA A 167 -28.44 36.85 -31.83
CA ALA A 167 -29.56 36.60 -32.73
C ALA A 167 -30.91 36.57 -32.01
N GLY A 168 -30.90 36.45 -30.69
CA GLY A 168 -32.14 36.30 -29.93
C GLY A 168 -32.92 35.03 -30.19
N LYS A 169 -32.28 34.00 -30.75
CA LYS A 169 -32.99 32.77 -31.08
C LYS A 169 -32.14 31.59 -30.65
N TYR A 170 -32.80 30.44 -30.47
CA TYR A 170 -32.08 29.24 -30.08
C TYR A 170 -31.54 28.55 -31.32
N TYR A 171 -30.39 27.87 -31.16
CA TYR A 171 -29.81 27.04 -32.20
C TYR A 171 -29.57 25.62 -31.68
N TRP A 172 -29.63 24.66 -32.61
CA TRP A 172 -29.52 23.23 -32.30
C TRP A 172 -28.07 22.81 -32.16
N HIS A 173 -27.75 22.06 -31.11
CA HIS A 173 -26.44 21.42 -31.01
C HIS A 173 -26.57 20.05 -30.32
N ARG A 174 -26.12 18.99 -30.98
CA ARG A 174 -26.15 17.67 -30.35
C ARG A 174 -25.04 17.50 -29.31
N PHE A 175 -23.93 18.19 -29.50
CA PHE A 175 -22.80 18.12 -28.59
C PHE A 175 -22.73 19.43 -27.83
N PHE A 176 -21.54 20.02 -27.64
CA PHE A 176 -21.46 21.21 -26.80
C PHE A 176 -22.15 22.40 -27.44
N ALA A 177 -22.65 23.31 -26.59
CA ALA A 177 -23.18 24.59 -27.08
C ALA A 177 -22.19 25.30 -28.01
N SER A 178 -20.90 25.17 -27.78
CA SER A 178 -19.98 25.78 -28.70
C SER A 178 -19.81 24.97 -29.99
N GLN A 179 -20.71 24.01 -30.28
CA GLN A 179 -20.63 23.20 -31.50
C GLN A 179 -21.97 23.20 -32.21
N PRO A 180 -22.36 24.34 -32.81
CA PRO A 180 -23.67 24.42 -33.46
C PRO A 180 -23.78 23.42 -34.60
N ASP A 181 -24.93 22.74 -34.66
CA ASP A 181 -25.20 21.79 -35.74
C ASP A 181 -25.39 22.51 -37.08
N LEU A 182 -24.89 21.90 -38.15
CA LEU A 182 -25.11 22.42 -39.50
C LEU A 182 -26.46 21.93 -40.02
N ASN A 183 -27.16 22.82 -40.75
CA ASN A 183 -28.48 22.51 -41.30
C ASN A 183 -28.31 21.86 -42.67
N TYR A 184 -28.44 20.52 -42.74
CA TYR A 184 -28.30 19.81 -44.01
C TYR A 184 -29.58 19.78 -44.83
N ASP A 185 -30.63 20.48 -44.39
CA ASP A 185 -31.73 20.73 -45.31
C ASP A 185 -31.40 21.87 -46.26
N ASN A 186 -30.25 22.52 -46.06
CA ASN A 186 -29.77 23.58 -46.92
C ASN A 186 -28.79 22.99 -47.92
N PRO A 187 -29.12 22.96 -49.21
CA PRO A 187 -28.21 22.34 -50.19
C PRO A 187 -26.84 22.97 -50.25
N LYS A 188 -26.72 24.24 -49.87
CA LYS A 188 -25.41 24.87 -49.92
C LYS A 188 -24.50 24.32 -48.83
N VAL A 189 -25.06 23.98 -47.67
CA VAL A 189 -24.28 23.34 -46.62
C VAL A 189 -23.70 22.03 -47.14
N VAL A 190 -24.56 21.23 -47.79
CA VAL A 190 -24.12 19.97 -48.38
C VAL A 190 -22.97 20.21 -49.34
N GLU A 191 -23.09 21.23 -50.18
CA GLU A 191 -22.02 21.54 -51.12
C GLU A 191 -20.76 22.03 -50.42
N GLU A 192 -20.91 22.79 -49.33
CA GLU A 192 -19.73 23.24 -48.58
C GLU A 192 -18.91 22.05 -48.08
N LEU A 193 -19.58 20.98 -47.64
CA LEU A 193 -18.82 19.87 -47.08
C LEU A 193 -18.32 18.92 -48.16
N HIS A 194 -19.07 18.77 -49.26
CA HIS A 194 -18.47 18.21 -50.47
C HIS A 194 -17.18 18.94 -50.81
N GLY A 195 -17.18 20.27 -50.69
CA GLY A 195 -16.00 21.03 -51.07
C GLY A 195 -14.86 20.82 -50.09
N ALA A 196 -15.16 20.89 -48.80
CA ALA A 196 -14.18 20.57 -47.77
C ALA A 196 -13.52 19.24 -48.06
N ALA A 197 -14.31 18.22 -48.34
CA ALA A 197 -13.74 16.90 -48.61
C ALA A 197 -12.80 16.96 -49.81
N ARG A 198 -13.23 17.60 -50.90
CA ARG A 198 -12.41 17.64 -52.11
C ARG A 198 -11.06 18.27 -51.84
N PHE A 199 -11.02 19.33 -51.06
CA PHE A 199 -9.76 20.02 -50.79
C PHE A 199 -8.70 19.05 -50.29
N TRP A 200 -9.07 18.13 -49.39
CA TRP A 200 -8.09 17.23 -48.81
C TRP A 200 -7.83 16.02 -49.70
N LEU A 201 -8.87 15.46 -50.31
CA LEU A 201 -8.66 14.32 -51.18
C LEU A 201 -7.88 14.73 -52.43
N ASP A 202 -7.94 16.01 -52.79
CA ASP A 202 -7.05 16.52 -53.84
C ASP A 202 -5.60 16.52 -53.41
N LEU A 203 -5.34 16.70 -52.11
CA LEU A 203 -3.98 16.70 -51.59
C LEU A 203 -3.41 15.30 -51.46
N GLY A 204 -4.16 14.28 -51.85
CA GLY A 204 -3.71 12.90 -51.80
C GLY A 204 -4.19 12.12 -50.60
N LEU A 205 -4.96 12.74 -49.70
CA LEU A 205 -5.43 12.04 -48.51
C LEU A 205 -6.26 10.83 -48.94
N ASP A 206 -6.14 9.74 -48.21
CA ASP A 206 -6.65 8.46 -48.70
C ASP A 206 -8.10 8.19 -48.29
N GLY A 207 -8.76 9.10 -47.61
CA GLY A 207 -10.15 8.95 -47.22
C GLY A 207 -10.37 9.58 -45.87
N PHE A 208 -11.57 9.38 -45.33
CA PHE A 208 -12.00 10.07 -44.13
C PHE A 208 -12.65 9.12 -43.14
N ARG A 209 -12.32 9.29 -41.87
CA ARG A 209 -13.28 8.94 -40.83
C ARG A 209 -14.30 10.05 -40.74
N VAL A 210 -15.57 9.71 -40.79
CA VAL A 210 -16.64 10.70 -40.76
C VAL A 210 -17.31 10.65 -39.41
N ASP A 211 -17.34 11.79 -38.76
CA ASP A 211 -17.74 11.91 -37.38
C ASP A 211 -19.25 12.03 -37.26
N ALA A 212 -19.84 11.30 -36.31
CA ALA A 212 -21.19 11.56 -35.81
C ALA A 212 -22.25 11.54 -36.93
N VAL A 213 -22.12 10.61 -37.85
CA VAL A 213 -23.01 10.57 -39.00
C VAL A 213 -24.48 10.32 -38.67
N PRO A 214 -24.87 9.70 -37.53
CA PRO A 214 -26.29 9.44 -37.34
C PRO A 214 -27.11 10.69 -37.04
N TYR A 215 -26.47 11.83 -36.74
CA TYR A 215 -27.15 13.02 -36.25
C TYR A 215 -27.31 14.14 -37.29
N LEU A 216 -27.13 13.86 -38.58
CA LEU A 216 -27.14 14.96 -39.55
C LEU A 216 -28.50 15.67 -39.64
N ILE A 217 -29.54 14.98 -40.11
CA ILE A 217 -30.88 15.57 -40.21
C ILE A 217 -31.67 15.30 -38.94
N GLU A 218 -32.54 16.25 -38.60
CA GLU A 218 -33.49 16.10 -37.51
C GLU A 218 -34.89 16.34 -38.05
N ARG A 219 -35.84 15.47 -37.68
CA ARG A 219 -37.24 15.62 -38.04
C ARG A 219 -38.10 15.56 -36.79
N GLU A 220 -39.13 16.40 -36.74
CA GLU A 220 -40.06 16.25 -35.62
C GLU A 220 -40.77 14.92 -35.73
N GLY A 221 -41.14 14.39 -34.57
CA GLY A 221 -41.75 13.08 -34.52
C GLY A 221 -40.79 11.92 -34.58
N THR A 222 -39.47 12.17 -34.53
CA THR A 222 -38.48 11.10 -34.60
C THR A 222 -37.45 11.25 -33.47
N SER A 223 -36.62 10.22 -33.33
CA SER A 223 -35.48 10.29 -32.42
C SER A 223 -34.43 11.28 -32.90
N CYS A 224 -34.48 11.66 -34.19
CA CYS A 224 -33.48 12.51 -34.84
C CYS A 224 -32.16 11.78 -34.99
N GLU A 225 -32.24 10.49 -35.32
CA GLU A 225 -31.12 9.56 -35.33
C GLU A 225 -31.36 8.57 -36.44
N ASN A 226 -30.35 8.34 -37.28
CA ASN A 226 -30.43 7.35 -38.37
C ASN A 226 -31.57 7.62 -39.35
N LEU A 227 -31.97 8.88 -39.48
CA LEU A 227 -33.10 9.20 -40.35
C LEU A 227 -32.79 8.79 -41.79
N PRO A 228 -33.77 8.24 -42.53
CA PRO A 228 -33.59 7.98 -43.95
C PRO A 228 -32.86 9.10 -44.69
N GLU A 229 -33.24 10.34 -44.35
CA GLU A 229 -32.72 11.50 -45.06
C GLU A 229 -31.23 11.73 -44.75
N THR A 230 -30.78 11.47 -43.52
CA THR A 230 -29.35 11.60 -43.28
C THR A 230 -28.59 10.55 -44.07
N HIS A 231 -29.17 9.35 -44.22
CA HIS A 231 -28.55 8.33 -45.07
C HIS A 231 -28.40 8.83 -46.50
N GLU A 232 -29.40 9.55 -47.00
CA GLU A 232 -29.36 10.04 -48.37
C GLU A 232 -28.16 10.96 -48.60
N ILE A 233 -27.93 11.91 -47.68
CA ILE A 233 -26.74 12.76 -47.76
C ILE A 233 -25.49 11.89 -47.81
N LEU A 234 -25.41 10.89 -46.94
CA LEU A 234 -24.22 10.05 -46.89
C LEU A 234 -24.04 9.29 -48.20
N LYS A 235 -25.15 8.84 -48.80
CA LYS A 235 -25.08 8.26 -50.15
C LYS A 235 -24.46 9.24 -51.13
N GLY A 236 -24.87 10.52 -51.08
CA GLY A 236 -24.27 11.52 -51.93
C GLY A 236 -22.76 11.63 -51.75
N PHE A 237 -22.31 11.68 -50.49
CA PHE A 237 -20.87 11.69 -50.22
C PHE A 237 -20.17 10.53 -50.91
N ARG A 238 -20.68 9.32 -50.72
CA ARG A 238 -20.08 8.15 -51.35
C ARG A 238 -20.07 8.28 -52.87
N ALA A 239 -21.22 8.68 -53.44
CA ALA A 239 -21.31 8.82 -54.89
C ALA A 239 -20.25 9.76 -55.42
N MET A 240 -19.92 10.78 -54.64
CA MET A 240 -18.97 11.80 -55.06
C MET A 240 -17.54 11.24 -55.09
N VAL A 241 -17.11 10.59 -54.01
CA VAL A 241 -15.78 9.99 -54.05
C VAL A 241 -15.74 8.76 -54.94
N ASP A 242 -16.88 8.13 -55.25
CA ASP A 242 -16.83 7.04 -56.22
C ASP A 242 -16.66 7.57 -57.64
N ARG A 243 -17.23 8.73 -57.94
CA ARG A 243 -17.06 9.28 -59.28
C ARG A 243 -15.75 10.06 -59.38
N GLU A 244 -15.37 10.78 -58.33
CA GLU A 244 -14.28 11.74 -58.43
C GLU A 244 -12.97 11.27 -57.82
N TYR A 245 -12.99 10.36 -56.83
CA TYR A 245 -11.79 9.87 -56.16
C TYR A 245 -11.88 8.36 -55.93
N PRO A 246 -11.84 7.57 -57.00
CA PRO A 246 -12.03 6.12 -56.83
C PRO A 246 -10.94 5.51 -56.00
N GLY A 247 -11.33 4.58 -55.13
CA GLY A 247 -10.40 3.92 -54.25
C GLY A 247 -10.19 4.59 -52.91
N ARG A 248 -10.77 5.77 -52.69
CA ARG A 248 -10.62 6.44 -51.41
C ARG A 248 -11.66 5.91 -50.43
N LEU A 249 -11.29 5.87 -49.15
CA LEU A 249 -12.06 5.20 -48.10
C LEU A 249 -12.99 6.15 -47.37
N LEU A 250 -14.22 5.73 -47.13
CA LEU A 250 -15.11 6.43 -46.21
C LEU A 250 -15.40 5.53 -45.03
N LEU A 251 -15.17 6.03 -43.82
CA LEU A 251 -15.26 5.24 -42.59
C LEU A 251 -16.17 5.96 -41.61
N ALA A 252 -17.23 5.31 -41.16
CA ALA A 252 -18.25 5.97 -40.34
C ALA A 252 -18.17 5.58 -38.87
N GLU A 253 -18.31 6.57 -38.00
CA GLU A 253 -18.57 6.34 -36.57
C GLU A 253 -20.07 6.40 -36.34
N ALA A 254 -20.72 5.25 -36.30
CA ALA A 254 -22.15 5.11 -35.99
C ALA A 254 -22.27 4.18 -34.79
N ASN A 255 -22.38 4.77 -33.59
CA ASN A 255 -22.53 4.01 -32.33
C ASN A 255 -24.03 3.79 -32.11
N GLN A 256 -24.54 2.76 -32.78
CA GLN A 256 -25.96 2.45 -32.76
C GLN A 256 -26.11 0.94 -32.60
N TRP A 257 -27.31 0.51 -32.24
CA TRP A 257 -27.60 -0.92 -32.18
C TRP A 257 -27.35 -1.57 -33.55
N PRO A 258 -27.07 -2.89 -33.58
CA PRO A 258 -26.66 -3.55 -34.85
C PRO A 258 -27.56 -3.36 -36.06
N GLU A 259 -28.88 -3.56 -35.91
CA GLU A 259 -29.78 -3.45 -37.04
C GLU A 259 -29.69 -2.07 -37.69
N GLU A 260 -29.32 -1.03 -36.93
CA GLU A 260 -29.20 0.32 -37.43
C GLU A 260 -27.82 0.62 -38.02
N VAL A 261 -26.75 0.06 -37.43
CA VAL A 261 -25.39 0.35 -37.90
C VAL A 261 -25.17 -0.19 -39.29
N VAL A 262 -25.67 -1.40 -39.55
CA VAL A 262 -25.37 -2.02 -40.85
C VAL A 262 -25.94 -1.18 -41.98
N GLU A 263 -27.02 -0.43 -41.71
CA GLU A 263 -27.59 0.43 -42.74
C GLU A 263 -26.62 1.53 -43.16
N TYR A 264 -25.59 1.82 -42.38
CA TYR A 264 -24.67 2.84 -42.84
C TYR A 264 -23.72 2.35 -43.93
N PHE A 265 -23.75 1.06 -44.25
CA PHE A 265 -23.10 0.55 -45.44
C PHE A 265 -23.90 0.80 -46.71
N GLY A 266 -25.17 1.16 -46.62
CA GLY A 266 -25.96 1.20 -47.84
C GLY A 266 -26.15 -0.18 -48.44
N THR A 267 -26.40 -0.21 -49.75
CA THR A 267 -26.69 -1.42 -50.53
C THR A 267 -25.73 -1.52 -51.71
N GLU A 268 -25.79 -2.66 -52.41
CA GLU A 268 -24.93 -2.84 -53.58
C GLU A 268 -25.28 -1.87 -54.70
N ALA A 269 -26.53 -1.43 -54.75
CA ALA A 269 -26.98 -0.51 -55.79
C ALA A 269 -26.92 0.94 -55.35
N GLU A 270 -26.93 1.21 -54.04
CA GLU A 270 -26.79 2.55 -53.48
C GLU A 270 -25.80 2.50 -52.31
N PRO A 271 -24.49 2.51 -52.61
CA PRO A 271 -23.51 2.37 -51.54
C PRO A 271 -23.44 3.60 -50.64
N GLU A 272 -23.18 3.35 -49.35
CA GLU A 272 -22.86 4.40 -48.38
C GLU A 272 -21.41 4.28 -47.92
N PHE A 273 -21.17 3.92 -46.67
CA PHE A 273 -19.79 3.84 -46.22
C PHE A 273 -19.15 2.54 -46.65
N HIS A 274 -17.83 2.62 -46.89
CA HIS A 274 -17.04 1.41 -47.08
C HIS A 274 -16.87 0.65 -45.77
N MET A 275 -16.78 1.35 -44.65
CA MET A 275 -16.45 0.74 -43.38
C MET A 275 -17.24 1.41 -42.27
N CYS A 276 -17.54 0.61 -41.24
CA CYS A 276 -18.19 1.10 -40.02
C CYS A 276 -17.47 0.52 -38.81
N PHE A 277 -17.41 1.33 -37.76
CA PHE A 277 -16.87 0.86 -36.50
C PHE A 277 -17.84 -0.14 -35.87
N ASN A 278 -17.32 -1.30 -35.44
CA ASN A 278 -18.15 -2.27 -34.72
C ASN A 278 -18.26 -1.84 -33.26
N PHE A 279 -19.11 -0.84 -33.03
CA PHE A 279 -19.47 -0.46 -31.67
C PHE A 279 -20.26 -1.54 -30.93
N PRO A 280 -21.13 -2.35 -31.55
CA PRO A 280 -21.87 -3.33 -30.74
C PRO A 280 -21.00 -4.36 -30.04
N VAL A 281 -19.91 -4.85 -30.65
CA VAL A 281 -19.13 -5.86 -29.92
C VAL A 281 -18.38 -5.27 -28.74
N MET A 282 -17.94 -4.02 -28.87
CA MET A 282 -16.89 -3.51 -28.00
C MET A 282 -17.27 -3.61 -26.52
N PRO A 283 -18.45 -3.19 -26.06
CA PRO A 283 -18.73 -3.34 -24.61
C PRO A 283 -18.99 -4.78 -24.19
N ARG A 284 -19.58 -5.65 -25.04
CA ARG A 284 -19.77 -7.04 -24.62
C ARG A 284 -18.44 -7.73 -24.38
N LEU A 285 -17.40 -7.35 -25.11
CA LEU A 285 -16.08 -7.93 -24.90
C LEU A 285 -15.65 -7.74 -23.46
N TYR A 286 -15.71 -6.50 -22.98
CA TYR A 286 -15.39 -6.20 -21.59
C TYR A 286 -16.37 -6.86 -20.63
N MET A 287 -17.66 -6.78 -20.94
CA MET A 287 -18.65 -7.39 -20.08
C MET A 287 -18.38 -8.89 -19.94
N SER A 288 -18.06 -9.53 -21.06
CA SER A 288 -17.85 -10.98 -21.06
C SER A 288 -16.62 -11.36 -20.25
N LEU A 289 -15.61 -10.48 -20.19
CA LEU A 289 -14.45 -10.74 -19.35
C LEU A 289 -14.84 -10.77 -17.87
N LYS A 290 -15.43 -9.69 -17.37
CA LYS A 290 -15.80 -9.65 -15.96
C LYS A 290 -16.80 -10.74 -15.60
N ARG A 291 -17.66 -11.12 -16.54
CA ARG A 291 -18.70 -12.10 -16.27
C ARG A 291 -18.23 -13.54 -16.51
N GLU A 292 -17.04 -13.72 -17.11
CA GLU A 292 -16.52 -15.04 -17.46
C GLU A 292 -17.54 -15.85 -18.29
N ASP A 293 -18.36 -15.11 -19.05
CA ASP A 293 -19.38 -15.69 -19.92
C ASP A 293 -19.43 -14.87 -21.20
N THR A 294 -19.31 -15.56 -22.34
CA THR A 294 -19.15 -14.93 -23.63
C THR A 294 -20.42 -14.93 -24.47
N SER A 295 -21.57 -15.26 -23.88
CA SER A 295 -22.77 -15.43 -24.69
C SER A 295 -23.17 -14.12 -25.36
N SER A 296 -22.98 -12.99 -24.68
CA SER A 296 -23.40 -11.71 -25.23
C SER A 296 -22.53 -11.26 -26.39
N ILE A 297 -21.31 -11.77 -26.51
CA ILE A 297 -20.56 -11.52 -27.74
C ILE A 297 -21.27 -12.20 -28.90
N ARG A 298 -21.61 -13.48 -28.72
CA ARG A 298 -22.25 -14.24 -29.80
C ARG A 298 -23.60 -13.65 -30.13
N GLU A 299 -24.40 -13.38 -29.09
CA GLU A 299 -25.73 -12.81 -29.30
C GLU A 299 -25.66 -11.51 -30.09
N ILE A 300 -24.70 -10.64 -29.78
CA ILE A 300 -24.66 -9.37 -30.48
C ILE A 300 -24.07 -9.55 -31.88
N MET A 301 -23.05 -10.40 -32.04
CA MET A 301 -22.59 -10.70 -33.38
C MET A 301 -23.72 -11.33 -34.20
N GLY A 302 -24.61 -12.08 -33.55
CA GLY A 302 -25.69 -12.73 -34.26
C GLY A 302 -26.77 -11.80 -34.77
N ARG A 303 -26.80 -10.56 -34.26
CA ARG A 303 -27.81 -9.59 -34.68
C ARG A 303 -27.33 -8.70 -35.80
N LEU A 304 -26.04 -8.69 -36.10
CA LEU A 304 -25.48 -7.97 -37.24
C LEU A 304 -25.87 -8.64 -38.55
N PRO A 305 -26.78 -8.07 -39.34
CA PRO A 305 -27.06 -8.63 -40.68
C PRO A 305 -25.82 -8.56 -41.55
N LYS A 306 -25.86 -9.34 -42.65
CA LYS A 306 -24.76 -9.36 -43.59
C LYS A 306 -24.49 -7.95 -44.13
N ILE A 307 -23.32 -7.77 -44.72
CA ILE A 307 -22.93 -6.45 -45.21
C ILE A 307 -22.64 -6.57 -46.69
N PRO A 308 -22.66 -5.46 -47.42
CA PRO A 308 -22.34 -5.50 -48.85
C PRO A 308 -20.93 -6.01 -49.11
N SER A 309 -20.71 -6.35 -50.38
CA SER A 309 -19.44 -6.93 -50.83
C SER A 309 -18.26 -6.01 -50.54
N PHE A 310 -18.46 -4.69 -50.62
CA PHE A 310 -17.37 -3.75 -50.36
C PHE A 310 -17.19 -3.49 -48.87
N GLY A 311 -18.19 -3.79 -48.05
CA GLY A 311 -18.16 -3.39 -46.67
C GLY A 311 -17.18 -4.20 -45.83
N GLN A 312 -16.66 -3.56 -44.79
CA GLN A 312 -15.72 -4.19 -43.87
C GLN A 312 -15.92 -3.58 -42.50
N TRP A 313 -16.05 -4.43 -41.48
CA TRP A 313 -16.08 -3.93 -40.12
C TRP A 313 -14.72 -3.38 -39.71
N CYS A 314 -14.75 -2.37 -38.87
CA CYS A 314 -13.57 -1.85 -38.20
C CYS A 314 -13.72 -2.22 -36.72
N ILE A 315 -12.86 -3.13 -36.23
CA ILE A 315 -12.87 -3.59 -34.84
C ILE A 315 -11.93 -2.72 -34.02
N PHE A 316 -12.33 -2.45 -32.79
CA PHE A 316 -11.49 -1.68 -31.87
C PHE A 316 -11.85 -2.08 -30.46
N LEU A 317 -10.94 -1.79 -29.54
CA LEU A 317 -11.15 -1.97 -28.12
C LEU A 317 -11.35 -0.66 -27.39
N ARG A 318 -10.52 0.34 -27.70
CA ARG A 318 -10.61 1.64 -27.08
C ARG A 318 -10.29 2.67 -28.17
N ASN A 319 -10.60 3.93 -27.87
CA ASN A 319 -10.40 5.04 -28.79
C ASN A 319 -10.23 6.30 -27.94
N HIS A 320 -10.28 7.47 -28.59
CA HIS A 320 -10.07 8.74 -27.90
C HIS A 320 -11.27 9.16 -27.07
N ASP A 321 -12.39 8.47 -27.20
CA ASP A 321 -13.57 8.81 -26.40
C ASP A 321 -13.64 7.89 -25.20
N GLU A 322 -14.60 8.18 -24.33
CA GLU A 322 -14.94 7.27 -23.25
C GLU A 322 -15.33 5.89 -23.82
N LEU A 323 -15.31 4.87 -22.96
CA LEU A 323 -15.90 3.57 -23.29
C LEU A 323 -17.42 3.74 -23.30
N THR A 324 -18.03 3.82 -24.48
CA THR A 324 -19.43 4.24 -24.55
C THR A 324 -20.36 3.11 -24.10
N LEU A 325 -21.28 3.45 -23.20
CA LEU A 325 -22.37 2.58 -22.77
C LEU A 325 -23.72 3.08 -23.28
N GLU A 326 -23.74 3.87 -24.36
CA GLU A 326 -25.00 4.39 -24.87
C GLU A 326 -25.88 3.28 -25.44
N MET A 327 -25.29 2.23 -26.01
CA MET A 327 -26.04 1.23 -26.77
C MET A 327 -25.99 -0.16 -26.12
N VAL A 328 -26.13 -0.20 -24.80
CA VAL A 328 -26.39 -1.42 -24.06
C VAL A 328 -27.67 -1.21 -23.26
N THR A 329 -28.21 -2.29 -22.71
CA THR A 329 -29.40 -2.19 -21.88
C THR A 329 -29.11 -1.47 -20.57
N ASP A 330 -30.18 -1.19 -19.83
CA ASP A 330 -30.09 -0.60 -18.51
C ASP A 330 -29.26 -1.47 -17.56
N ASP A 331 -29.52 -2.79 -17.56
CA ASP A 331 -28.82 -3.68 -16.66
C ASP A 331 -27.35 -3.83 -17.02
N GLU A 332 -27.03 -3.88 -18.32
CA GLU A 332 -25.64 -4.03 -18.74
C GLU A 332 -24.83 -2.79 -18.37
N ARG A 333 -25.41 -1.61 -18.60
CA ARG A 333 -24.77 -0.35 -18.24
C ARG A 333 -24.40 -0.34 -16.76
N ALA A 334 -25.36 -0.66 -15.90
CA ALA A 334 -25.11 -0.73 -14.46
C ALA A 334 -24.03 -1.76 -14.14
N PHE A 335 -24.14 -2.97 -14.73
CA PHE A 335 -23.09 -3.96 -14.60
C PHE A 335 -21.72 -3.39 -14.95
N MET A 336 -21.61 -2.78 -16.15
CA MET A 336 -20.35 -2.22 -16.62
C MET A 336 -19.81 -1.17 -15.66
N TYR A 337 -20.69 -0.32 -15.13
CA TYR A 337 -20.25 0.72 -14.21
C TYR A 337 -19.65 0.11 -12.96
N ALA A 338 -20.34 -0.84 -12.35
CA ALA A 338 -19.84 -1.44 -11.12
C ALA A 338 -18.57 -2.23 -11.38
N ALA A 339 -18.45 -2.85 -12.56
CA ALA A 339 -17.29 -3.67 -12.86
C ALA A 339 -16.07 -2.81 -13.20
N TYR A 340 -16.26 -1.73 -13.98
CA TYR A 340 -15.14 -1.03 -14.58
C TYR A 340 -15.05 0.42 -14.16
N ALA A 341 -15.96 0.91 -13.32
CA ALA A 341 -15.91 2.29 -12.86
C ALA A 341 -16.17 2.32 -11.36
N PRO A 342 -15.37 1.59 -10.59
CA PRO A 342 -15.58 1.60 -9.14
C PRO A 342 -15.64 3.02 -8.58
N ASP A 343 -14.87 3.96 -9.13
CA ASP A 343 -14.82 5.33 -8.63
C ASP A 343 -15.59 6.29 -9.54
N ALA A 344 -16.36 7.19 -8.91
CA ALA A 344 -17.29 8.06 -9.62
C ALA A 344 -16.61 8.85 -10.74
N ARG A 345 -15.44 9.42 -10.46
CA ARG A 345 -14.74 10.22 -11.46
C ARG A 345 -14.39 9.42 -12.73
N MET A 346 -14.47 8.09 -12.72
CA MET A 346 -14.17 7.37 -13.96
C MET A 346 -15.33 7.42 -14.96
N LYS A 347 -16.50 7.89 -14.56
CA LYS A 347 -17.65 7.99 -15.44
C LYS A 347 -17.65 9.34 -16.13
N ILE A 348 -18.09 9.35 -17.39
CA ILE A 348 -18.50 10.60 -18.03
C ILE A 348 -19.51 10.26 -19.14
N ASN A 349 -20.61 11.01 -19.18
CA ASN A 349 -21.64 10.91 -20.23
C ASN A 349 -21.97 9.48 -20.62
N VAL A 350 -22.53 8.72 -19.69
CA VAL A 350 -22.94 7.37 -20.03
C VAL A 350 -21.76 6.61 -20.62
N GLY A 351 -20.69 6.48 -19.85
CA GLY A 351 -19.48 5.85 -20.37
C GLY A 351 -18.34 6.00 -19.38
N ILE A 352 -17.27 5.28 -19.66
CA ILE A 352 -16.16 5.18 -18.73
C ILE A 352 -14.91 5.77 -19.39
N ARG A 353 -14.31 6.79 -18.77
CA ARG A 353 -13.15 7.45 -19.37
C ARG A 353 -11.83 6.83 -18.87
N ARG A 354 -11.57 5.58 -19.30
CA ARG A 354 -10.36 4.86 -18.90
C ARG A 354 -9.68 4.21 -20.10
N ARG A 355 -8.37 4.02 -19.99
CA ARG A 355 -7.58 3.32 -20.99
C ARG A 355 -7.68 1.79 -20.85
N LEU A 356 -7.24 1.11 -21.92
CA LEU A 356 -7.27 -0.35 -22.00
C LEU A 356 -6.60 -1.02 -20.80
N ALA A 357 -5.28 -0.81 -20.64
CA ALA A 357 -4.53 -1.44 -19.56
C ALA A 357 -5.15 -1.23 -18.18
N PRO A 358 -5.52 0.00 -17.75
CA PRO A 358 -6.16 0.14 -16.42
C PRO A 358 -7.49 -0.59 -16.30
N LEU A 359 -8.30 -0.61 -17.35
CA LEU A 359 -9.57 -1.33 -17.30
C LEU A 359 -9.35 -2.80 -17.01
N LEU A 360 -8.32 -3.37 -17.57
CA LEU A 360 -7.97 -4.76 -17.38
C LEU A 360 -7.04 -4.97 -16.18
N ASP A 361 -6.89 -3.96 -15.32
CA ASP A 361 -6.07 -4.04 -14.10
C ASP A 361 -4.61 -4.30 -14.44
N ASN A 362 -4.22 -3.83 -15.61
CA ASN A 362 -2.87 -3.95 -16.13
C ASN A 362 -2.45 -5.41 -16.30
N ASP A 363 -3.43 -6.33 -16.33
CA ASP A 363 -3.15 -7.76 -16.46
C ASP A 363 -2.77 -8.06 -17.92
N ARG A 364 -1.48 -8.34 -18.13
CA ARG A 364 -0.96 -8.64 -19.47
C ARG A 364 -1.72 -9.80 -20.13
N ARG A 365 -2.11 -10.81 -19.36
CA ARG A 365 -2.82 -11.92 -19.98
C ARG A 365 -4.22 -11.52 -20.41
N ARG A 366 -4.81 -10.52 -19.75
CA ARG A 366 -6.11 -10.05 -20.24
C ARG A 366 -5.95 -9.15 -21.45
N ILE A 367 -4.97 -8.25 -21.41
CA ILE A 367 -4.68 -7.38 -22.56
C ILE A 367 -4.39 -8.22 -23.79
N GLU A 368 -3.56 -9.25 -23.64
CA GLU A 368 -3.27 -10.12 -24.77
C GLU A 368 -4.52 -10.85 -25.23
N LEU A 369 -5.33 -11.34 -24.30
CA LEU A 369 -6.54 -12.06 -24.66
C LEU A 369 -7.45 -11.19 -25.49
N LEU A 370 -7.70 -9.94 -25.06
CA LEU A 370 -8.63 -9.07 -25.79
C LEU A 370 -8.06 -8.65 -27.13
N ASN A 371 -6.77 -8.35 -27.18
CA ASN A 371 -6.13 -8.00 -28.45
C ASN A 371 -6.27 -9.15 -29.46
N THR A 372 -5.99 -10.38 -29.04
CA THR A 372 -6.12 -11.50 -29.97
C THR A 372 -7.55 -11.67 -30.46
N VAL A 373 -8.55 -11.42 -29.60
CA VAL A 373 -9.93 -11.42 -30.06
C VAL A 373 -10.16 -10.29 -31.05
N LEU A 374 -9.62 -9.09 -30.75
CA LEU A 374 -9.64 -7.99 -31.69
C LEU A 374 -9.09 -8.43 -33.05
N LEU A 375 -7.93 -9.07 -33.05
CA LEU A 375 -7.25 -9.36 -34.29
C LEU A 375 -7.89 -10.50 -35.06
N ALA A 376 -8.79 -11.26 -34.44
CA ALA A 376 -9.30 -12.48 -35.04
C ALA A 376 -10.77 -12.41 -35.43
N LEU A 377 -11.50 -11.39 -35.00
CA LEU A 377 -12.87 -11.21 -35.43
C LEU A 377 -12.90 -10.69 -36.87
N PRO A 378 -14.03 -10.81 -37.58
CA PRO A 378 -14.07 -10.28 -38.95
C PRO A 378 -13.95 -8.77 -38.93
N GLY A 379 -13.21 -8.23 -39.89
CA GLY A 379 -13.01 -6.80 -40.02
C GLY A 379 -11.54 -6.45 -40.01
N SER A 380 -11.27 -5.11 -40.13
CA SER A 380 -9.92 -4.57 -40.02
C SER A 380 -9.74 -3.87 -38.68
N PRO A 381 -8.73 -4.24 -37.92
CA PRO A 381 -8.59 -3.71 -36.55
C PRO A 381 -7.99 -2.31 -36.55
N VAL A 382 -8.28 -1.56 -35.49
CA VAL A 382 -7.67 -0.25 -35.29
C VAL A 382 -7.11 -0.17 -33.86
N LEU A 383 -5.83 0.16 -33.76
CA LEU A 383 -5.15 0.29 -32.48
C LEU A 383 -5.19 1.73 -32.01
N TYR A 384 -5.40 1.92 -30.72
CA TYR A 384 -5.33 3.26 -30.18
C TYR A 384 -3.91 3.52 -29.69
N TYR A 385 -3.30 4.61 -30.14
CA TYR A 385 -1.90 4.89 -29.85
C TYR A 385 -1.59 4.72 -28.37
N GLY A 386 -0.48 4.05 -28.10
CA GLY A 386 -0.01 3.84 -26.76
C GLY A 386 -0.51 2.59 -26.09
N ASP A 387 -1.57 1.97 -26.63
CA ASP A 387 -2.04 0.70 -26.08
C ASP A 387 -1.08 -0.43 -26.40
N GLU A 388 -0.36 -0.32 -27.52
CA GLU A 388 0.64 -1.33 -27.85
C GLU A 388 1.79 -1.33 -26.84
N ILE A 389 1.97 -0.28 -26.05
CA ILE A 389 2.94 -0.30 -24.96
C ILE A 389 2.31 -0.34 -23.57
N GLY A 390 0.98 -0.22 -23.46
CA GLY A 390 0.26 -0.35 -22.21
C GLY A 390 0.04 0.95 -21.46
N MET A 391 -0.23 2.04 -22.15
CA MET A 391 -0.35 3.33 -21.47
C MET A 391 -1.53 3.33 -20.50
N GLY A 392 -1.40 4.15 -19.45
CA GLY A 392 -2.48 4.39 -18.52
C GLY A 392 -3.25 5.66 -18.88
N ASP A 393 -4.07 6.09 -17.93
CA ASP A 393 -4.88 7.28 -18.06
C ASP A 393 -4.52 8.29 -16.98
N ASP A 394 -4.90 9.55 -17.18
CA ASP A 394 -4.77 10.57 -16.14
C ASP A 394 -6.17 11.09 -15.85
N LEU A 395 -6.82 10.51 -14.84
CA LEU A 395 -8.20 10.88 -14.54
C LEU A 395 -8.33 12.20 -13.80
N GLY A 396 -7.23 12.88 -13.50
CA GLY A 396 -7.36 14.24 -13.03
C GLY A 396 -7.65 15.28 -14.09
N LEU A 397 -7.57 14.91 -15.35
CA LEU A 397 -7.81 15.84 -16.43
C LEU A 397 -9.31 15.86 -16.77
N PRO A 398 -9.82 16.97 -17.30
CA PRO A 398 -11.27 17.08 -17.51
C PRO A 398 -11.71 16.39 -18.79
N ASP A 399 -12.99 16.06 -18.81
CA ASP A 399 -13.67 15.47 -19.95
C ASP A 399 -12.98 14.17 -20.35
N ARG A 400 -12.60 13.99 -21.62
CA ARG A 400 -11.98 12.78 -22.09
C ARG A 400 -10.48 12.93 -22.29
N ASN A 401 -9.91 14.03 -21.80
CA ASN A 401 -8.48 14.27 -21.98
C ASN A 401 -7.61 13.22 -21.27
N GLY A 402 -8.14 12.56 -20.24
CA GLY A 402 -7.34 11.61 -19.49
C GLY A 402 -6.83 10.43 -20.28
N VAL A 403 -7.45 10.12 -21.41
CA VAL A 403 -6.95 9.06 -22.27
C VAL A 403 -6.16 9.59 -23.44
N ARG A 404 -5.80 10.88 -23.41
CA ARG A 404 -5.12 11.50 -24.55
C ARG A 404 -3.78 12.12 -24.15
N THR A 405 -3.10 11.56 -23.17
CA THR A 405 -1.81 12.12 -22.77
C THR A 405 -0.74 11.78 -23.83
N PRO A 406 0.40 12.46 -23.79
CA PRO A 406 1.43 12.23 -24.80
C PRO A 406 1.90 10.77 -24.90
N MET A 407 2.21 10.39 -26.14
CA MET A 407 2.93 9.15 -26.42
C MET A 407 4.19 9.09 -25.56
N GLN A 408 4.48 7.92 -24.99
CA GLN A 408 5.60 7.75 -24.07
C GLN A 408 6.72 7.05 -24.82
N TRP A 409 7.65 7.83 -25.36
CA TRP A 409 8.66 7.28 -26.24
C TRP A 409 9.91 6.81 -25.51
N ASN A 410 10.25 7.42 -24.37
CA ASN A 410 11.41 6.97 -23.61
C ASN A 410 11.30 7.52 -22.20
N ALA A 411 12.34 7.26 -21.38
CA ALA A 411 12.38 7.72 -19.99
C ALA A 411 12.94 9.13 -19.82
N GLY A 412 13.42 9.77 -20.89
CA GLY A 412 13.94 11.13 -20.82
C GLY A 412 12.84 12.16 -20.64
N THR A 413 13.20 13.43 -20.86
CA THR A 413 12.31 14.50 -20.46
C THR A 413 10.94 14.37 -21.15
N SER A 414 9.88 14.46 -20.35
CA SER A 414 8.49 14.42 -20.85
C SER A 414 8.21 13.14 -21.64
N GLY A 415 8.89 12.06 -21.28
CA GLY A 415 8.74 10.81 -21.99
C GLY A 415 9.25 10.80 -23.41
N GLY A 416 10.12 11.75 -23.80
CA GLY A 416 10.55 11.85 -25.18
C GLY A 416 9.58 12.56 -26.09
N PHE A 417 8.40 12.90 -25.60
CA PHE A 417 7.39 13.55 -26.44
C PHE A 417 7.81 14.96 -26.83
N SER A 418 8.63 15.59 -26.00
CA SER A 418 8.93 17.02 -26.08
C SER A 418 10.20 17.28 -25.30
N THR A 419 10.92 18.33 -25.68
CA THR A 419 12.04 18.79 -24.85
C THR A 419 11.60 19.75 -23.76
N ALA A 420 10.41 20.33 -23.90
CA ALA A 420 9.81 21.10 -22.83
C ALA A 420 9.49 20.21 -21.63
N GLN A 421 9.33 20.86 -20.47
CA GLN A 421 9.08 20.16 -19.20
C GLN A 421 7.65 19.64 -19.15
N PRO A 422 7.38 18.61 -18.35
CA PRO A 422 6.04 18.00 -18.38
C PRO A 422 4.92 18.97 -18.06
N SER A 423 5.17 19.95 -17.17
CA SER A 423 4.12 20.90 -16.84
C SER A 423 3.88 21.94 -17.93
N ASP A 424 4.71 21.99 -18.98
CA ASP A 424 4.50 22.88 -20.11
C ASP A 424 3.85 22.22 -21.34
N CYS A 425 3.63 20.90 -21.32
CA CYS A 425 3.04 20.21 -22.47
C CYS A 425 1.52 20.38 -22.49
N PHE A 426 0.94 20.29 -23.69
CA PHE A 426 -0.50 20.48 -23.85
C PHE A 426 -1.30 19.60 -22.88
N PHE A 427 -1.01 18.30 -22.83
CA PHE A 427 -1.45 17.52 -21.69
C PHE A 427 -0.23 16.94 -20.97
N PRO A 428 -0.23 16.86 -19.63
CA PRO A 428 1.00 16.42 -18.90
C PRO A 428 1.28 14.95 -19.10
N PRO A 429 2.49 14.61 -19.54
CA PRO A 429 2.89 13.20 -19.64
C PRO A 429 2.66 12.47 -18.32
N ILE A 430 2.21 11.22 -18.41
CA ILE A 430 1.84 10.46 -17.22
C ILE A 430 3.11 10.03 -16.48
N GLN A 431 3.15 10.26 -15.17
CA GLN A 431 4.37 9.95 -14.43
C GLN A 431 4.16 9.10 -13.19
N ASP A 432 3.01 8.40 -13.07
CA ASP A 432 2.76 7.66 -11.83
C ASP A 432 3.61 6.40 -11.78
N PRO A 433 3.70 5.74 -10.60
CA PRO A 433 4.57 4.56 -10.51
C PRO A 433 4.15 3.41 -11.40
N VAL A 434 2.87 3.26 -11.72
CA VAL A 434 2.46 2.08 -12.50
C VAL A 434 2.62 2.34 -14.00
N TYR A 435 2.12 3.49 -14.48
CA TYR A 435 2.06 3.75 -15.92
C TYR A 435 2.99 4.86 -16.38
N GLY A 436 3.73 5.53 -15.50
CA GLY A 436 4.60 6.62 -15.92
C GLY A 436 5.59 6.27 -17.04
N PHE A 437 6.02 7.28 -17.81
CA PHE A 437 7.00 7.01 -18.86
C PHE A 437 8.33 6.47 -18.31
N GLY A 438 8.55 6.52 -17.00
CA GLY A 438 9.71 5.84 -16.44
C GLY A 438 9.60 4.33 -16.50
N ARG A 439 8.37 3.82 -16.52
CA ARG A 439 8.09 2.39 -16.57
C ARG A 439 7.52 1.92 -17.90
N VAL A 440 6.75 2.77 -18.55
CA VAL A 440 6.00 2.40 -19.74
C VAL A 440 6.49 3.31 -20.86
N ASN A 441 7.38 2.82 -21.71
CA ASN A 441 7.88 3.68 -22.77
C ASN A 441 8.41 2.83 -23.89
N VAL A 442 8.47 3.43 -25.09
CA VAL A 442 8.77 2.65 -26.30
C VAL A 442 10.20 2.14 -26.27
N GLN A 443 11.15 2.99 -25.92
CA GLN A 443 12.55 2.58 -26.00
C GLN A 443 12.84 1.37 -25.10
N SER A 444 12.24 1.32 -23.90
CA SER A 444 12.49 0.17 -23.04
C SER A 444 11.84 -1.10 -23.59
N GLN A 445 10.71 -0.98 -24.29
CA GLN A 445 10.12 -2.17 -24.89
C GLN A 445 10.85 -2.61 -26.16
N LEU A 446 11.62 -1.71 -26.81
CA LEU A 446 12.40 -2.20 -27.94
C LEU A 446 13.60 -3.01 -27.49
N GLN A 447 13.97 -2.90 -26.22
CA GLN A 447 15.07 -3.69 -25.71
C GLN A 447 14.60 -4.86 -24.85
N ASP A 448 13.39 -4.78 -24.29
CA ASP A 448 12.83 -5.91 -23.56
C ASP A 448 12.48 -7.00 -24.56
N PRO A 449 13.16 -8.15 -24.55
CA PRO A 449 12.77 -9.25 -25.46
C PRO A 449 11.30 -9.65 -25.35
N SER A 450 10.67 -9.52 -24.19
CA SER A 450 9.29 -9.97 -23.99
C SER A 450 8.27 -8.84 -23.77
N SER A 451 8.51 -7.64 -24.32
CA SER A 451 7.63 -6.51 -24.04
C SER A 451 6.25 -6.74 -24.65
N LEU A 452 5.31 -5.87 -24.29
CA LEU A 452 4.01 -5.85 -24.93
C LEU A 452 4.09 -5.32 -26.36
N LEU A 453 5.04 -4.40 -26.59
CA LEU A 453 5.26 -3.89 -27.93
C LEU A 453 5.70 -5.01 -28.87
N LYS A 454 6.64 -5.83 -28.43
CA LYS A 454 7.10 -6.88 -29.33
C LYS A 454 6.05 -7.96 -29.49
N TRP A 455 5.29 -8.23 -28.43
CA TRP A 455 4.18 -9.16 -28.54
C TRP A 455 3.15 -8.66 -29.54
N THR A 456 2.84 -7.36 -29.50
CA THR A 456 1.84 -6.79 -30.39
C THR A 456 2.31 -6.84 -31.84
N ALA A 457 3.56 -6.43 -32.10
CA ALA A 457 4.07 -6.44 -33.47
C ALA A 457 4.13 -7.85 -34.02
N ARG A 458 4.53 -8.80 -33.18
CA ARG A 458 4.61 -10.18 -33.61
C ARG A 458 3.22 -10.77 -33.83
N GLN A 459 2.23 -10.37 -33.03
CA GLN A 459 0.89 -10.90 -33.18
C GLN A 459 0.22 -10.35 -34.43
N LEU A 460 0.52 -9.10 -34.80
CA LEU A 460 0.06 -8.56 -36.08
C LEU A 460 0.71 -9.28 -37.25
N GLU A 461 1.98 -9.65 -37.09
CA GLU A 461 2.69 -10.35 -38.16
C GLU A 461 2.10 -11.72 -38.38
N LEU A 462 1.83 -12.44 -37.28
CA LEU A 462 1.06 -13.66 -37.35
C LEU A 462 -0.26 -13.45 -38.10
N ARG A 463 -1.00 -12.40 -37.73
CA ARG A 463 -2.23 -12.08 -38.44
C ARG A 463 -1.97 -11.81 -39.93
N ARG A 464 -0.93 -11.03 -40.24
CA ARG A 464 -0.64 -10.69 -41.64
C ARG A 464 -0.34 -11.92 -42.49
N ALA A 465 0.17 -13.00 -41.88
CA ALA A 465 0.51 -14.17 -42.69
C ALA A 465 -0.67 -15.10 -42.93
N HIS A 466 -1.87 -14.73 -42.52
CA HIS A 466 -3.04 -15.61 -42.66
C HIS A 466 -4.22 -14.80 -43.16
N PRO A 467 -4.38 -14.68 -44.48
CA PRO A 467 -5.44 -13.83 -45.04
C PRO A 467 -6.85 -14.09 -44.49
N ALA A 468 -7.14 -15.30 -44.02
CA ALA A 468 -8.46 -15.61 -43.46
C ALA A 468 -8.87 -14.71 -42.28
N PHE A 469 -7.94 -14.06 -41.58
CA PHE A 469 -8.36 -13.16 -40.50
C PHE A 469 -9.03 -11.90 -41.06
N ALA A 470 -8.56 -11.42 -42.20
CA ALA A 470 -9.08 -10.21 -42.80
C ALA A 470 -10.26 -10.46 -43.73
N HIS A 471 -10.28 -11.59 -44.42
CA HIS A 471 -11.28 -11.80 -45.46
C HIS A 471 -12.25 -12.94 -45.19
N GLY A 472 -12.00 -13.77 -44.19
CA GLY A 472 -12.77 -14.99 -44.04
C GLY A 472 -14.11 -14.77 -43.35
N ASP A 473 -15.05 -15.65 -43.68
CA ASP A 473 -16.33 -15.74 -42.98
C ASP A 473 -16.12 -16.02 -41.49
N LEU A 474 -17.20 -16.06 -40.71
CA LEU A 474 -17.09 -16.40 -39.30
C LEU A 474 -18.23 -17.32 -38.92
N THR A 475 -17.91 -18.43 -38.24
CA THR A 475 -18.92 -19.31 -37.65
C THR A 475 -18.58 -19.62 -36.20
N PHE A 476 -19.46 -19.23 -35.28
CA PHE A 476 -19.25 -19.62 -33.88
C PHE A 476 -19.45 -21.13 -33.70
N ILE A 477 -18.74 -21.69 -32.71
CA ILE A 477 -18.71 -23.10 -32.34
C ILE A 477 -19.21 -23.24 -30.89
N GLU A 478 -19.88 -24.36 -30.58
CA GLU A 478 -20.72 -24.43 -29.39
C GLU A 478 -19.91 -24.47 -28.08
N THR A 479 -18.86 -25.31 -28.02
CA THR A 479 -17.97 -25.44 -26.86
C THR A 479 -18.59 -25.98 -25.58
N GLY A 480 -19.87 -25.73 -25.31
CA GLY A 480 -20.45 -26.27 -24.10
C GLY A 480 -20.01 -25.62 -22.79
N ASN A 481 -19.26 -24.50 -22.83
CA ASN A 481 -18.83 -23.76 -21.65
C ASN A 481 -18.87 -22.27 -21.96
N PRO A 482 -19.69 -21.49 -21.23
CA PRO A 482 -19.85 -20.08 -21.59
C PRO A 482 -18.55 -19.29 -21.48
N ALA A 483 -17.65 -19.71 -20.59
CA ALA A 483 -16.40 -18.98 -20.41
C ALA A 483 -15.49 -19.10 -21.63
N ILE A 484 -15.76 -20.05 -22.53
CA ILE A 484 -14.89 -20.36 -23.67
C ILE A 484 -15.58 -19.94 -24.95
N LEU A 485 -14.95 -19.07 -25.72
CA LEU A 485 -15.47 -18.67 -27.02
C LEU A 485 -14.69 -19.39 -28.10
N ALA A 486 -15.40 -19.84 -29.14
CA ALA A 486 -14.77 -20.56 -30.25
C ALA A 486 -15.49 -20.20 -31.54
N PHE A 487 -14.70 -19.90 -32.58
CA PHE A 487 -15.27 -19.68 -33.91
C PHE A 487 -14.23 -20.08 -34.95
N THR A 488 -14.69 -20.23 -36.18
CA THR A 488 -13.81 -20.52 -37.29
C THR A 488 -13.81 -19.34 -38.24
N ARG A 489 -12.68 -19.16 -38.90
CA ARG A 489 -12.54 -18.27 -40.05
C ARG A 489 -12.16 -19.12 -41.25
N GLN A 490 -12.90 -18.97 -42.35
CA GLN A 490 -12.69 -19.77 -43.55
C GLN A 490 -12.48 -18.81 -44.71
N TYR A 491 -11.33 -18.91 -45.38
CA TYR A 491 -11.13 -18.11 -46.57
C TYR A 491 -10.12 -18.79 -47.46
N ASP A 492 -10.37 -18.72 -48.76
CA ASP A 492 -9.57 -19.39 -49.78
C ASP A 492 -9.62 -20.88 -49.45
N GLY A 493 -8.50 -21.55 -49.18
CA GLY A 493 -8.59 -22.92 -48.74
C GLY A 493 -8.05 -23.17 -47.34
N GLU A 494 -8.15 -22.17 -46.46
CA GLU A 494 -7.68 -22.27 -45.08
C GLU A 494 -8.84 -22.08 -44.12
N THR A 495 -8.93 -22.98 -43.13
CA THR A 495 -9.91 -22.90 -42.05
C THR A 495 -9.16 -22.66 -40.75
N LEU A 496 -9.27 -21.46 -40.20
CA LEU A 496 -8.72 -21.16 -38.90
C LEU A 496 -9.76 -21.49 -37.84
N LEU A 497 -9.29 -22.01 -36.71
CA LEU A 497 -10.12 -22.26 -35.55
C LEU A 497 -9.50 -21.53 -34.37
N ILE A 498 -10.27 -20.64 -33.78
CA ILE A 498 -9.72 -19.81 -32.73
C ILE A 498 -10.62 -19.96 -31.51
N VAL A 499 -9.98 -20.23 -30.36
CA VAL A 499 -10.63 -20.62 -29.12
C VAL A 499 -10.09 -19.73 -28.01
N SER A 500 -10.97 -19.10 -27.24
CA SER A 500 -10.52 -18.15 -26.22
C SER A 500 -11.22 -18.35 -24.89
N ASN A 501 -10.44 -18.38 -23.83
CA ASN A 501 -10.90 -18.57 -22.46
C ASN A 501 -11.06 -17.22 -21.77
N PHE A 502 -12.29 -16.82 -21.48
CA PHE A 502 -12.54 -15.56 -20.80
C PHE A 502 -12.55 -15.69 -19.28
N ALA A 503 -12.29 -16.88 -18.73
CA ALA A 503 -12.25 -17.04 -17.29
C ALA A 503 -10.84 -16.89 -16.75
N GLY A 504 -10.73 -16.44 -15.51
CA GLY A 504 -9.43 -16.31 -14.87
C GLY A 504 -8.96 -17.57 -14.15
N ASN A 505 -9.50 -18.73 -14.52
CA ASN A 505 -8.90 -20.00 -14.12
C ASN A 505 -9.06 -20.98 -15.27
N ALA A 506 -8.55 -22.19 -15.06
CA ALA A 506 -8.59 -23.21 -16.10
C ALA A 506 -10.05 -23.61 -16.36
N GLN A 507 -10.35 -23.86 -17.62
CA GLN A 507 -11.71 -24.20 -18.04
C GLN A 507 -11.65 -25.36 -19.01
N ALA A 508 -12.73 -26.16 -19.03
CA ALA A 508 -12.84 -27.30 -19.93
C ALA A 508 -14.03 -27.11 -20.85
N GLY A 509 -13.85 -27.52 -22.12
CA GLY A 509 -14.90 -27.35 -23.10
C GLY A 509 -15.02 -28.58 -23.97
N LEU A 510 -16.13 -28.63 -24.69
CA LEU A 510 -16.41 -29.71 -25.64
C LEU A 510 -16.81 -29.02 -26.92
N LEU A 511 -15.82 -28.77 -27.77
CA LEU A 511 -16.06 -28.12 -29.04
C LEU A 511 -16.84 -29.03 -30.00
N ASP A 512 -17.82 -28.46 -30.68
CA ASP A 512 -18.58 -29.21 -31.67
C ASP A 512 -17.94 -28.99 -33.04
N LEU A 513 -17.01 -29.89 -33.36
CA LEU A 513 -16.32 -29.90 -34.64
C LEU A 513 -16.81 -31.05 -35.50
N ALA A 514 -18.12 -31.31 -35.48
CA ALA A 514 -18.68 -32.31 -36.39
C ALA A 514 -18.32 -32.09 -37.85
N PRO A 515 -18.37 -30.87 -38.42
CA PRO A 515 -17.97 -30.69 -39.83
C PRO A 515 -16.51 -30.98 -40.11
N PHE A 516 -15.73 -31.34 -39.10
CA PHE A 516 -14.28 -31.39 -39.26
C PHE A 516 -13.73 -32.76 -38.94
N VAL A 517 -14.54 -33.81 -39.04
CA VAL A 517 -14.08 -35.14 -38.67
C VAL A 517 -13.07 -35.61 -39.70
N GLY A 518 -11.86 -35.92 -39.25
CA GLY A 518 -10.75 -36.25 -40.12
C GLY A 518 -9.68 -35.17 -40.22
N ARG A 519 -10.00 -33.95 -39.82
CA ARG A 519 -9.10 -32.82 -39.97
C ARG A 519 -8.19 -32.74 -38.75
N ALA A 520 -6.94 -32.33 -38.99
CA ALA A 520 -5.95 -32.30 -37.93
C ALA A 520 -5.71 -30.87 -37.50
N PRO A 521 -6.19 -30.45 -36.32
CA PRO A 521 -5.85 -29.12 -35.83
C PRO A 521 -4.37 -29.04 -35.50
N VAL A 522 -3.72 -27.98 -35.99
CA VAL A 522 -2.34 -27.67 -35.66
C VAL A 522 -2.25 -26.20 -35.29
N THR A 523 -1.13 -25.83 -34.72
CA THR A 523 -0.97 -24.55 -34.05
C THR A 523 -0.38 -23.54 -35.03
N LEU A 524 -0.97 -22.36 -35.10
CA LEU A 524 -0.51 -21.35 -36.06
C LEU A 524 0.95 -20.97 -35.82
N SER A 525 1.40 -21.01 -34.58
CA SER A 525 2.78 -20.70 -34.22
C SER A 525 3.50 -22.02 -33.99
N GLY A 526 4.13 -22.55 -35.04
CA GLY A 526 4.95 -23.75 -34.92
C GLY A 526 4.28 -25.07 -35.26
N ALA A 527 3.01 -25.07 -35.65
CA ALA A 527 2.33 -26.28 -36.14
C ALA A 527 2.39 -27.44 -35.15
N SER A 528 2.43 -27.14 -33.85
CA SER A 528 2.27 -28.15 -32.82
C SER A 528 0.96 -28.93 -33.05
N PRO A 529 1.01 -30.26 -33.12
CA PRO A 529 -0.21 -31.02 -33.46
C PRO A 529 -1.14 -31.23 -32.28
N LEU A 530 -2.45 -31.11 -32.57
CA LEU A 530 -3.49 -31.57 -31.66
C LEU A 530 -4.12 -32.85 -32.18
N PRO A 531 -4.87 -33.57 -31.32
CA PRO A 531 -5.51 -34.81 -31.77
C PRO A 531 -6.47 -34.60 -32.94
N VAL A 532 -6.41 -35.52 -33.91
CA VAL A 532 -7.30 -35.46 -35.06
C VAL A 532 -8.74 -35.57 -34.60
N VAL A 533 -9.63 -34.80 -35.25
CA VAL A 533 -11.05 -34.88 -34.94
C VAL A 533 -11.59 -36.23 -35.41
N THR A 534 -12.29 -36.92 -34.52
CA THR A 534 -12.76 -38.29 -34.75
C THR A 534 -14.20 -38.44 -34.25
N GLY A 535 -14.78 -39.60 -34.55
CA GLY A 535 -16.05 -39.99 -33.97
C GLY A 535 -17.15 -38.99 -34.28
N ASN A 536 -17.89 -38.60 -33.24
CA ASN A 536 -18.92 -37.59 -33.41
C ASN A 536 -18.34 -36.18 -33.53
N GLY A 537 -17.04 -36.02 -33.46
CA GLY A 537 -16.45 -34.71 -33.62
C GLY A 537 -16.64 -33.77 -32.45
N GLN A 538 -17.08 -34.26 -31.30
CA GLN A 538 -17.15 -33.45 -30.08
C GLN A 538 -15.77 -33.51 -29.43
N TYR A 539 -15.07 -32.36 -29.41
CA TYR A 539 -13.63 -32.28 -29.21
C TYR A 539 -13.28 -31.71 -27.84
N PRO A 540 -12.76 -32.51 -26.90
CA PRO A 540 -12.46 -31.98 -25.57
C PRO A 540 -11.23 -31.07 -25.56
N VAL A 541 -11.36 -29.93 -24.89
CA VAL A 541 -10.26 -28.97 -24.72
C VAL A 541 -10.24 -28.54 -23.28
N VAL A 542 -9.04 -28.35 -22.76
CA VAL A 542 -8.82 -27.64 -21.51
C VAL A 542 -7.99 -26.42 -21.87
N MET A 543 -8.24 -25.32 -21.17
CA MET A 543 -7.51 -24.08 -21.39
C MET A 543 -7.23 -23.49 -20.02
N GLY A 544 -6.03 -22.95 -19.86
CA GLY A 544 -5.73 -22.17 -18.68
C GLY A 544 -6.31 -20.78 -18.77
N LYS A 545 -6.17 -20.03 -17.68
CA LYS A 545 -6.76 -18.70 -17.56
C LYS A 545 -6.39 -17.79 -18.73
N TYR A 546 -7.40 -17.16 -19.34
CA TYR A 546 -7.21 -16.18 -20.42
C TYR A 546 -6.35 -16.68 -21.58
N ASP A 547 -6.36 -17.98 -21.86
CA ASP A 547 -5.64 -18.52 -23.00
C ASP A 547 -6.35 -18.22 -24.32
N TYR A 548 -5.55 -18.17 -25.38
CA TYR A 548 -6.08 -18.15 -26.74
C TYR A 548 -5.35 -19.23 -27.53
N TYR A 549 -6.11 -20.01 -28.28
CA TYR A 549 -5.59 -21.05 -29.17
C TYR A 549 -5.87 -20.58 -30.58
N TRP A 550 -4.82 -20.23 -31.32
CA TRP A 550 -4.93 -19.90 -32.75
C TRP A 550 -4.47 -21.12 -33.56
N LEU A 551 -5.43 -21.79 -34.23
CA LEU A 551 -5.21 -23.09 -34.85
C LEU A 551 -5.68 -23.09 -36.29
N ARG A 552 -4.90 -23.74 -37.15
CA ARG A 552 -5.33 -24.09 -38.49
C ARG A 552 -5.88 -25.51 -38.46
N LEU A 553 -7.03 -25.74 -39.12
CA LEU A 553 -7.59 -27.10 -39.28
C LEU A 553 -7.17 -27.65 -40.64
N ASN A 554 -6.08 -28.43 -40.66
CA ASN A 554 -5.57 -29.05 -41.88
C ASN A 554 -6.58 -30.05 -42.43
N SER A 555 -6.60 -30.22 -43.75
CA SER A 555 -7.60 -31.09 -44.35
C SER A 555 -7.05 -32.47 -44.71
N PRO B 8 41.27 6.34 -5.59
CA PRO B 8 41.58 6.93 -6.90
C PRO B 8 40.56 7.99 -7.33
N GLU B 9 41.04 9.17 -7.74
CA GLU B 9 40.15 10.28 -8.09
C GLU B 9 39.28 9.91 -9.27
N TRP B 10 38.07 10.49 -9.30
CA TRP B 10 37.04 10.03 -10.22
C TRP B 10 37.53 10.01 -11.67
N TYR B 11 38.38 10.95 -12.06
CA TYR B 11 38.74 11.04 -13.47
C TYR B 11 39.62 9.88 -13.93
N LYS B 12 40.27 9.17 -13.00
CA LYS B 12 41.12 8.04 -13.40
C LYS B 12 40.30 6.82 -13.85
N SER B 13 39.07 6.64 -13.34
CA SER B 13 38.23 5.54 -13.81
C SER B 13 37.12 6.01 -14.73
N ALA B 14 37.20 7.24 -15.22
CA ALA B 14 36.14 7.75 -16.09
C ALA B 14 36.33 7.31 -17.53
N VAL B 15 35.21 7.20 -18.24
CA VAL B 15 35.16 7.12 -19.69
C VAL B 15 34.60 8.44 -20.20
N PHE B 16 35.33 9.10 -21.07
CA PHE B 16 34.93 10.43 -21.52
C PHE B 16 34.29 10.35 -22.90
N TYR B 17 33.43 11.32 -23.17
CA TYR B 17 32.67 11.38 -24.41
C TYR B 17 32.64 12.83 -24.86
N GLU B 18 33.27 13.11 -25.99
CA GLU B 18 33.35 14.45 -26.55
C GLU B 18 32.20 14.65 -27.53
N LEU B 19 31.45 15.75 -27.37
CA LEU B 19 30.33 16.09 -28.23
C LEU B 19 30.18 17.60 -28.33
N SER B 20 29.59 18.06 -29.44
CA SER B 20 29.29 19.46 -29.68
C SER B 20 27.79 19.69 -29.51
N VAL B 21 27.41 20.60 -28.62
CA VAL B 21 25.98 20.78 -28.36
C VAL B 21 25.25 21.11 -29.64
N ARG B 22 25.84 21.98 -30.49
CA ARG B 22 25.19 22.44 -31.71
C ARG B 22 24.93 21.30 -32.70
N THR B 23 25.47 20.13 -32.44
CA THR B 23 25.56 19.08 -33.43
C THR B 23 25.03 17.73 -32.93
N PHE B 24 24.59 17.66 -31.67
CA PHE B 24 24.19 16.39 -31.05
C PHE B 24 22.69 16.14 -31.18
N GLN B 25 21.85 16.97 -30.56
CA GLN B 25 20.39 16.83 -30.71
C GLN B 25 19.75 18.21 -30.79
N ASP B 26 19.01 18.46 -31.87
CA ASP B 26 18.15 19.65 -31.94
C ASP B 26 16.86 19.41 -31.15
N GLY B 27 16.57 20.27 -30.18
CA GLY B 27 15.36 20.10 -29.40
C GLY B 27 14.26 21.13 -29.62
N ASN B 28 14.30 21.87 -30.75
CA ASN B 28 13.30 22.90 -31.01
C ASN B 28 13.06 23.15 -32.50
N GLY B 29 13.56 22.31 -33.39
CA GLY B 29 13.20 22.38 -34.80
C GLY B 29 14.00 23.34 -35.66
N ASP B 30 14.96 24.09 -35.11
CA ASP B 30 15.58 25.12 -35.95
C ASP B 30 16.84 24.63 -36.67
N GLY B 31 17.17 23.35 -36.58
CA GLY B 31 18.34 22.79 -37.26
C GLY B 31 19.66 22.91 -36.52
N LYS B 32 19.63 23.37 -35.27
CA LYS B 32 20.83 23.59 -34.48
C LYS B 32 20.69 22.82 -33.17
N GLY B 33 21.71 22.04 -32.82
CA GLY B 33 21.69 21.36 -31.54
C GLY B 33 21.62 22.35 -30.39
N ASP B 34 20.94 21.95 -29.32
CA ASP B 34 20.74 22.83 -28.18
C ASP B 34 20.77 22.00 -26.90
N PHE B 35 20.79 22.70 -25.77
CA PHE B 35 20.94 22.05 -24.48
C PHE B 35 19.70 21.24 -24.08
N PRO B 36 18.47 21.72 -24.32
CA PRO B 36 17.33 20.83 -24.02
C PRO B 36 17.37 19.56 -24.85
N GLY B 37 17.76 19.66 -26.12
CA GLY B 37 17.95 18.48 -26.95
C GLY B 37 19.01 17.55 -26.40
N LEU B 38 20.14 18.10 -25.96
CA LEU B 38 21.14 17.25 -25.34
C LEU B 38 20.56 16.58 -24.11
N THR B 39 19.74 17.30 -23.34
CA THR B 39 19.26 16.74 -22.07
C THR B 39 18.40 15.51 -22.29
N SER B 40 17.62 15.48 -23.37
CA SER B 40 16.75 14.35 -23.68
C SER B 40 17.50 13.11 -24.17
N ARG B 41 18.80 13.20 -24.44
CA ARG B 41 19.60 12.05 -24.86
C ARG B 41 20.52 11.52 -23.75
N LEU B 42 20.43 12.07 -22.53
CA LEU B 42 21.37 11.67 -21.49
C LEU B 42 21.33 10.17 -21.21
N ASP B 43 20.15 9.54 -21.22
CA ASP B 43 20.14 8.13 -20.88
C ASP B 43 20.91 7.30 -21.91
N TYR B 44 20.93 7.75 -23.16
CA TYR B 44 21.76 7.13 -24.18
C TYR B 44 23.21 7.09 -23.77
N LEU B 45 23.72 8.22 -23.28
CA LEU B 45 25.12 8.27 -22.85
C LEU B 45 25.32 7.44 -21.58
N LYS B 46 24.42 7.58 -20.61
CA LYS B 46 24.47 6.74 -19.42
C LYS B 46 24.62 5.27 -19.81
N ASN B 47 23.74 4.77 -20.67
CA ASN B 47 23.72 3.35 -20.98
C ASN B 47 24.85 2.91 -21.89
N LEU B 48 25.47 3.83 -22.66
CA LEU B 48 26.59 3.44 -23.50
C LEU B 48 27.83 3.13 -22.66
N GLY B 49 27.85 3.56 -21.41
CA GLY B 49 28.97 3.33 -20.52
C GLY B 49 29.84 4.54 -20.25
N VAL B 50 29.42 5.73 -20.65
CA VAL B 50 30.28 6.88 -20.41
C VAL B 50 29.97 7.44 -19.03
N ASP B 51 30.97 8.08 -18.47
CA ASP B 51 30.95 8.67 -17.15
C ASP B 51 31.05 10.19 -17.21
N CYS B 52 31.81 10.71 -18.15
CA CYS B 52 32.06 12.15 -18.18
C CYS B 52 31.84 12.69 -19.59
N LEU B 53 31.09 13.77 -19.67
CA LEU B 53 30.81 14.46 -20.92
C LEU B 53 31.78 15.61 -21.05
N TRP B 54 32.46 15.69 -22.18
CA TRP B 54 33.23 16.86 -22.52
C TRP B 54 32.47 17.59 -23.65
N LEU B 55 32.01 18.79 -23.34
CA LEU B 55 31.24 19.63 -24.26
C LEU B 55 32.18 20.63 -24.91
N LEU B 56 32.12 20.73 -26.24
CA LEU B 56 32.83 21.78 -26.96
C LEU B 56 32.28 23.16 -26.55
N PRO B 57 33.03 24.25 -26.81
CA PRO B 57 32.59 25.56 -26.31
C PRO B 57 31.12 25.86 -26.65
N TRP B 58 30.41 26.41 -25.67
CA TRP B 58 28.98 26.63 -25.77
C TRP B 58 28.64 28.12 -25.68
N PHE B 59 29.74 29.06 -25.78
CA PHE B 59 29.71 30.47 -25.44
C PHE B 59 29.27 31.32 -26.61
N PRO B 60 28.61 32.44 -26.33
CA PRO B 60 28.28 33.38 -27.40
C PRO B 60 29.51 33.66 -28.24
N SER B 61 29.30 33.76 -29.53
CA SER B 61 30.39 33.62 -30.47
C SER B 61 29.90 33.86 -31.89
N PRO B 62 30.68 34.55 -32.72
CA PRO B 62 30.38 34.58 -34.15
C PRO B 62 30.72 33.28 -34.85
N LEU B 63 31.33 32.33 -34.14
CA LEU B 63 31.59 30.98 -34.64
C LEU B 63 32.48 30.97 -35.89
N ARG B 64 33.41 31.93 -36.02
CA ARG B 64 34.42 31.79 -37.06
C ARG B 64 35.43 30.68 -36.76
N ASP B 65 35.60 30.27 -35.51
CA ASP B 65 36.28 29.02 -35.17
C ASP B 65 35.31 28.10 -34.46
N ASP B 66 34.05 28.16 -34.86
CA ASP B 66 33.04 27.24 -34.33
C ASP B 66 32.93 27.32 -32.82
N GLY B 67 32.99 28.52 -32.25
CA GLY B 67 32.86 28.70 -30.83
C GLY B 67 34.16 28.74 -30.07
N TYR B 68 35.24 28.24 -30.66
CA TYR B 68 36.53 28.52 -30.04
C TYR B 68 36.95 29.97 -30.16
N ASP B 69 36.11 30.83 -30.75
CA ASP B 69 36.32 32.29 -30.79
C ASP B 69 35.26 32.92 -29.88
N VAL B 70 35.62 33.12 -28.61
CA VAL B 70 34.65 33.39 -27.55
C VAL B 70 34.38 34.89 -27.46
N ALA B 71 33.11 35.26 -27.40
CA ALA B 71 32.71 36.65 -27.27
C ALA B 71 32.12 36.99 -25.89
N ASP B 72 31.93 35.99 -25.02
CA ASP B 72 31.43 36.20 -23.67
C ASP B 72 31.67 34.92 -22.86
N TYR B 73 32.59 34.98 -21.90
CA TYR B 73 32.92 33.77 -21.16
C TYR B 73 31.85 33.37 -20.16
N ARG B 74 30.86 34.21 -19.90
CA ARG B 74 29.89 33.90 -18.86
C ARG B 74 28.49 33.70 -19.42
N GLY B 75 28.39 33.39 -20.71
CA GLY B 75 27.12 33.23 -21.38
C GLY B 75 27.00 31.91 -22.12
N ILE B 76 25.81 31.72 -22.67
CA ILE B 76 25.48 30.59 -23.52
C ILE B 76 25.01 31.14 -24.83
N HIS B 77 25.73 30.78 -25.87
CA HIS B 77 25.38 31.19 -27.21
C HIS B 77 23.89 30.98 -27.43
N PRO B 78 23.19 31.95 -28.02
CA PRO B 78 21.73 31.82 -28.16
C PRO B 78 21.29 30.63 -29.03
N ASP B 79 22.15 30.07 -29.88
CA ASP B 79 21.79 28.84 -30.59
C ASP B 79 21.43 27.73 -29.62
N LEU B 80 22.11 27.67 -28.50
CA LEU B 80 22.09 26.49 -27.66
C LEU B 80 21.04 26.56 -26.55
N GLY B 81 20.34 27.67 -26.42
CA GLY B 81 19.43 27.80 -25.30
C GLY B 81 19.88 28.90 -24.38
N THR B 82 19.47 28.83 -23.12
CA THR B 82 19.74 29.89 -22.17
C THR B 82 20.52 29.35 -20.97
N LEU B 83 20.90 30.26 -20.08
CA LEU B 83 21.56 29.82 -18.86
C LEU B 83 20.70 28.81 -18.12
N ASP B 84 19.38 29.06 -18.07
CA ASP B 84 18.51 28.14 -17.34
C ASP B 84 18.55 26.74 -17.96
N ASP B 85 18.50 26.65 -19.30
CA ASP B 85 18.63 25.37 -19.98
C ASP B 85 19.93 24.65 -19.61
N PHE B 86 21.04 25.39 -19.54
CA PHE B 86 22.31 24.78 -19.16
C PHE B 86 22.23 24.23 -17.74
N LYS B 87 21.59 24.99 -16.84
CA LYS B 87 21.48 24.56 -15.47
C LYS B 87 20.63 23.30 -15.35
N VAL B 88 19.57 23.20 -16.17
CA VAL B 88 18.79 21.98 -16.12
C VAL B 88 19.60 20.82 -16.66
N PHE B 89 20.34 21.05 -17.74
CA PHE B 89 21.18 20.00 -18.30
C PHE B 89 22.16 19.48 -17.26
N LEU B 90 22.83 20.42 -16.58
CA LEU B 90 23.83 20.03 -15.57
C LEU B 90 23.19 19.16 -14.52
N ARG B 91 22.02 19.60 -14.02
CA ARG B 91 21.34 18.89 -12.96
C ARG B 91 20.90 17.50 -13.42
N GLU B 92 20.43 17.40 -14.67
CA GLU B 92 19.97 16.12 -15.21
C GLU B 92 21.13 15.17 -15.50
N ALA B 93 22.30 15.70 -15.87
CA ALA B 93 23.48 14.87 -16.06
C ALA B 93 23.99 14.35 -14.73
N HIS B 94 24.04 15.23 -13.73
CA HIS B 94 24.49 14.82 -12.41
C HIS B 94 23.57 13.78 -11.78
N ALA B 95 22.25 13.93 -11.98
CA ALA B 95 21.32 12.93 -11.48
C ALA B 95 21.62 11.54 -12.03
N ARG B 96 22.24 11.45 -13.21
CA ARG B 96 22.54 10.18 -13.84
C ARG B 96 23.96 9.70 -13.56
N GLY B 97 24.68 10.37 -12.69
CA GLY B 97 26.05 9.94 -12.45
C GLY B 97 26.99 10.32 -13.55
N LEU B 98 26.64 11.36 -14.31
CA LEU B 98 27.50 11.87 -15.36
C LEU B 98 28.21 13.09 -14.81
N TRP B 99 29.55 13.08 -14.82
CA TRP B 99 30.26 14.34 -14.72
C TRP B 99 30.19 15.06 -16.08
N VAL B 100 30.37 16.39 -16.05
CA VAL B 100 30.55 17.12 -17.30
C VAL B 100 31.63 18.21 -17.12
N ILE B 101 32.53 18.27 -18.08
CA ILE B 101 33.54 19.32 -18.12
C ILE B 101 33.25 20.18 -19.33
N GLY B 102 33.73 21.43 -19.25
CA GLY B 102 33.61 22.38 -20.33
C GLY B 102 34.96 22.67 -20.96
N ASP B 103 34.91 23.48 -22.01
CA ASP B 103 36.10 23.87 -22.75
C ASP B 103 36.43 25.32 -22.37
N LEU B 104 37.54 25.51 -21.69
CA LEU B 104 38.01 26.83 -21.30
C LEU B 104 39.06 27.30 -22.32
N VAL B 105 38.76 28.42 -23.00
CA VAL B 105 39.60 28.93 -24.07
C VAL B 105 40.39 30.11 -23.51
N THR B 106 41.61 29.85 -23.10
CA THR B 106 42.42 30.81 -22.35
C THR B 106 43.34 31.64 -23.22
N ASN B 107 43.78 31.11 -24.36
CA ASN B 107 44.84 31.76 -25.13
C ASN B 107 44.35 32.97 -25.91
N HIS B 108 43.06 33.02 -26.22
CA HIS B 108 42.57 34.00 -27.18
C HIS B 108 41.07 34.20 -27.01
N THR B 109 40.57 35.29 -27.57
CA THR B 109 39.13 35.54 -27.62
C THR B 109 38.77 35.91 -29.04
N SER B 110 37.47 35.98 -29.28
CA SER B 110 37.00 36.45 -30.56
C SER B 110 37.32 37.93 -30.69
N SER B 111 37.45 38.39 -31.93
CA SER B 111 37.65 39.82 -32.13
C SER B 111 36.37 40.60 -31.85
N ASP B 112 35.21 39.94 -31.80
CA ASP B 112 33.99 40.62 -31.38
C ASP B 112 33.83 40.68 -29.86
N HIS B 113 34.71 40.04 -29.09
CA HIS B 113 34.61 40.12 -27.64
C HIS B 113 34.66 41.58 -27.22
N PRO B 114 33.90 41.98 -26.19
CA PRO B 114 33.97 43.39 -25.76
C PRO B 114 35.37 43.87 -25.39
N TRP B 115 36.20 42.99 -24.80
CA TRP B 115 37.55 43.40 -24.41
C TRP B 115 38.34 43.88 -25.60
N PHE B 116 38.26 43.17 -26.73
CA PHE B 116 39.03 43.53 -27.91
C PHE B 116 38.46 44.75 -28.60
N GLN B 117 37.14 44.86 -28.66
CA GLN B 117 36.50 46.07 -29.17
C GLN B 117 37.02 47.30 -28.44
N ALA B 118 37.13 47.22 -27.12
CA ALA B 118 37.75 48.29 -26.36
C ALA B 118 39.23 48.44 -26.68
N ALA B 119 39.95 47.32 -26.76
CA ALA B 119 41.40 47.39 -26.96
C ALA B 119 41.77 48.08 -28.27
N ARG B 120 40.97 47.88 -29.31
CA ARG B 120 41.38 48.44 -30.59
C ARG B 120 41.18 49.96 -30.66
N ARG B 121 40.55 50.56 -29.65
CA ARG B 121 40.45 52.01 -29.64
C ARG B 121 41.82 52.67 -29.46
N GLY B 122 42.78 51.98 -28.84
CA GLY B 122 44.12 52.51 -28.69
C GLY B 122 44.59 52.60 -27.25
N PRO B 123 45.84 53.03 -27.05
CA PRO B 123 46.37 53.12 -25.67
C PRO B 123 45.73 54.22 -24.83
N THR B 124 45.29 55.31 -25.46
CA THR B 124 44.75 56.47 -24.76
C THR B 124 43.30 56.68 -25.16
N LEU B 125 42.48 57.05 -24.18
CA LEU B 125 41.06 57.32 -24.37
C LEU B 125 40.88 58.73 -24.92
N PRO B 126 39.63 59.12 -25.22
CA PRO B 126 39.39 60.55 -25.50
C PRO B 126 39.91 61.49 -24.43
N ASP B 127 39.59 61.24 -23.14
CA ASP B 127 39.91 62.22 -22.11
C ASP B 127 41.39 62.32 -21.81
N GLY B 128 42.19 61.33 -22.19
CA GLY B 128 43.62 61.33 -21.94
C GLY B 128 44.08 60.27 -20.96
N SER B 129 43.17 59.65 -20.21
CA SER B 129 43.50 58.57 -19.31
C SER B 129 43.89 57.32 -20.08
N PRO B 130 44.65 56.41 -19.45
CA PRO B 130 44.94 55.14 -20.10
C PRO B 130 43.67 54.34 -20.39
N ASN B 131 43.73 53.57 -21.50
CA ASN B 131 42.71 52.58 -21.84
C ASN B 131 43.11 51.22 -21.26
N GLU B 132 42.40 50.80 -20.21
CA GLU B 132 42.77 49.61 -19.45
C GLU B 132 42.82 48.36 -20.33
N TYR B 133 41.85 48.22 -21.26
CA TYR B 133 41.71 47.02 -22.08
C TYR B 133 42.73 46.93 -23.21
N HIS B 134 43.37 48.04 -23.58
CA HIS B 134 44.37 47.96 -24.63
C HIS B 134 45.40 46.87 -24.34
N ASP B 135 45.80 46.73 -23.08
CA ASP B 135 46.83 45.79 -22.69
C ASP B 135 46.29 44.39 -22.43
N TYR B 136 45.01 44.15 -22.72
CA TYR B 136 44.56 42.77 -22.67
C TYR B 136 45.09 41.96 -23.84
N TYR B 137 45.67 42.61 -24.84
CA TYR B 137 46.09 41.94 -26.06
C TYR B 137 47.55 42.29 -26.33
N VAL B 138 48.09 41.74 -27.42
CA VAL B 138 49.52 41.78 -27.68
C VAL B 138 49.76 42.62 -28.95
N TRP B 139 50.22 43.85 -28.77
CA TRP B 139 50.36 44.79 -29.87
C TRP B 139 51.80 44.95 -30.31
N SER B 140 51.97 45.44 -31.53
CA SER B 140 53.29 45.67 -32.09
C SER B 140 53.18 46.73 -33.15
N ASP B 141 54.17 47.62 -33.19
CA ASP B 141 54.13 48.70 -34.18
C ASP B 141 54.32 48.16 -35.58
N GLU B 142 55.10 47.11 -35.75
CA GLU B 142 55.40 46.66 -37.10
C GLU B 142 55.30 45.16 -37.31
N GLY B 143 55.10 44.35 -36.29
CA GLY B 143 54.90 42.92 -36.48
C GLY B 143 56.14 42.14 -36.88
N LYS B 144 57.31 42.53 -36.36
CA LYS B 144 58.57 41.84 -36.65
C LYS B 144 59.06 40.98 -35.49
N GLU B 145 58.36 40.97 -34.36
CA GLU B 145 58.75 40.21 -33.18
C GLU B 145 58.26 38.77 -33.29
N TYR B 146 58.89 37.89 -32.49
CA TYR B 146 58.55 36.46 -32.47
C TYR B 146 58.55 35.86 -33.88
N ALA B 147 59.57 36.23 -34.67
CA ALA B 147 59.58 35.87 -36.08
C ALA B 147 59.84 34.38 -36.33
N ASP B 148 60.59 33.72 -35.44
CA ASP B 148 60.83 32.28 -35.61
C ASP B 148 59.53 31.46 -35.62
N THR B 149 58.46 32.00 -35.04
CA THR B 149 57.35 31.20 -34.57
C THR B 149 56.53 30.61 -35.71
N ALA B 150 56.13 29.36 -35.52
CA ALA B 150 55.39 28.61 -36.53
C ALA B 150 53.99 29.19 -36.70
N ILE B 151 53.42 28.97 -37.87
CA ILE B 151 52.04 29.30 -38.12
C ILE B 151 51.22 28.02 -38.03
N ILE B 152 50.17 28.02 -37.21
CA ILE B 152 49.42 26.80 -36.98
C ILE B 152 48.41 26.56 -38.09
N PHE B 153 47.55 27.55 -38.35
CA PHE B 153 46.53 27.44 -39.40
C PHE B 153 47.13 27.80 -40.76
N THR B 154 48.03 26.95 -41.25
CA THR B 154 48.88 27.30 -42.39
C THR B 154 48.12 27.43 -43.71
N ASP B 155 46.89 26.93 -43.79
CA ASP B 155 46.11 27.01 -45.01
C ASP B 155 45.28 28.28 -45.09
N THR B 156 45.34 29.12 -44.07
CA THR B 156 44.52 30.32 -43.97
C THR B 156 45.40 31.52 -43.63
N GLU B 157 46.20 31.38 -42.59
CA GLU B 157 47.01 32.47 -42.09
C GLU B 157 48.37 32.47 -42.79
N VAL B 158 48.88 33.66 -43.05
CA VAL B 158 50.24 33.82 -43.54
C VAL B 158 51.13 34.48 -42.51
N SER B 159 50.57 35.08 -41.47
CA SER B 159 51.38 35.64 -40.39
C SER B 159 50.64 35.49 -39.08
N ASN B 160 51.41 35.46 -38.00
CA ASN B 160 50.85 35.53 -36.65
C ASN B 160 50.54 36.96 -36.22
N TRP B 161 50.84 37.97 -37.06
CA TRP B 161 50.47 39.36 -36.79
C TRP B 161 49.44 39.83 -37.84
N THR B 162 48.45 40.59 -37.40
CA THR B 162 47.50 41.18 -38.32
C THR B 162 47.31 42.64 -37.97
N LEU B 163 47.31 43.49 -38.98
CA LEU B 163 47.08 44.91 -38.80
C LEU B 163 45.60 45.15 -38.49
N ASP B 164 45.31 45.80 -37.35
CA ASP B 164 43.98 46.28 -37.05
C ASP B 164 43.85 47.69 -37.61
N GLU B 165 42.88 47.89 -38.51
CA GLU B 165 42.76 49.17 -39.20
C GLU B 165 42.48 50.31 -38.21
N GLN B 166 41.66 50.04 -37.19
CA GLN B 166 41.24 51.11 -36.27
C GLN B 166 42.36 51.53 -35.33
N ALA B 167 43.20 50.58 -34.94
CA ALA B 167 44.24 50.87 -33.98
C ALA B 167 45.56 51.21 -34.63
N GLY B 168 45.73 50.89 -35.92
CA GLY B 168 46.98 51.16 -36.58
C GLY B 168 48.16 50.39 -36.02
N LYS B 169 47.91 49.30 -35.32
CA LYS B 169 48.98 48.46 -34.80
C LYS B 169 48.68 47.00 -35.15
N TYR B 170 49.72 46.18 -35.13
CA TYR B 170 49.55 44.76 -35.36
C TYR B 170 49.23 44.06 -34.04
N TYR B 171 48.42 43.00 -34.11
CA TYR B 171 48.05 42.21 -32.95
C TYR B 171 48.37 40.74 -33.21
N TRP B 172 48.66 40.01 -32.14
CA TRP B 172 49.19 38.66 -32.21
C TRP B 172 48.07 37.62 -32.13
N HIS B 173 48.14 36.61 -32.98
CA HIS B 173 47.14 35.56 -32.95
C HIS B 173 47.75 34.26 -33.46
N ARG B 174 47.78 33.25 -32.59
CA ARG B 174 48.33 31.97 -33.00
C ARG B 174 47.38 31.18 -33.88
N PHE B 175 46.12 31.60 -33.95
CA PHE B 175 45.10 30.91 -34.71
C PHE B 175 44.53 31.88 -35.75
N PHE B 176 43.20 31.98 -35.95
CA PHE B 176 42.72 32.86 -37.01
C PHE B 176 42.93 34.32 -36.60
N ALA B 177 42.98 35.20 -37.62
CA ALA B 177 43.08 36.64 -37.37
C ALA B 177 41.97 37.14 -36.46
N SER B 178 40.79 36.55 -36.56
CA SER B 178 39.66 36.90 -35.69
C SER B 178 39.75 36.27 -34.30
N GLN B 179 40.88 35.66 -33.92
CA GLN B 179 41.11 35.19 -32.56
C GLN B 179 42.37 35.85 -31.98
N PRO B 180 42.29 37.13 -31.60
CA PRO B 180 43.47 37.79 -31.00
C PRO B 180 43.90 37.12 -29.71
N ASP B 181 45.22 36.89 -29.58
CA ASP B 181 45.79 36.31 -28.36
C ASP B 181 45.72 37.28 -27.19
N LEU B 182 45.42 36.75 -26.00
CA LEU B 182 45.38 37.53 -24.77
C LEU B 182 46.77 37.70 -24.17
N ASN B 183 46.96 38.80 -23.45
CA ASN B 183 48.28 39.20 -22.95
C ASN B 183 48.42 38.69 -21.51
N TYR B 184 49.09 37.55 -21.33
CA TYR B 184 49.21 36.93 -20.02
C TYR B 184 50.33 37.51 -19.18
N ASP B 185 51.09 38.45 -19.71
CA ASP B 185 51.91 39.28 -18.82
C ASP B 185 51.08 40.36 -18.14
N ASN B 186 49.81 40.48 -18.51
CA ASN B 186 48.93 41.40 -17.81
C ASN B 186 48.25 40.66 -16.66
N PRO B 187 48.50 41.03 -15.40
CA PRO B 187 47.84 40.31 -14.29
C PRO B 187 46.35 40.48 -14.28
N LYS B 188 45.82 41.55 -14.90
CA LYS B 188 44.38 41.63 -15.03
C LYS B 188 43.83 40.55 -15.94
N VAL B 189 44.57 40.18 -16.99
CA VAL B 189 44.12 39.11 -17.87
C VAL B 189 44.08 37.78 -17.09
N VAL B 190 45.16 37.50 -16.33
CA VAL B 190 45.18 36.29 -15.51
C VAL B 190 43.97 36.27 -14.58
N GLU B 191 43.62 37.44 -14.03
CA GLU B 191 42.48 37.55 -13.13
C GLU B 191 41.16 37.25 -13.86
N GLU B 192 41.04 37.69 -15.11
CA GLU B 192 39.76 37.55 -15.81
C GLU B 192 39.46 36.10 -16.16
N LEU B 193 40.48 35.34 -16.56
CA LEU B 193 40.24 33.93 -16.83
C LEU B 193 39.98 33.15 -15.55
N HIS B 194 40.71 33.48 -14.47
CA HIS B 194 40.30 33.02 -13.14
C HIS B 194 38.82 33.28 -12.90
N GLY B 195 38.37 34.49 -13.23
CA GLY B 195 36.97 34.84 -13.00
C GLY B 195 36.00 34.02 -13.83
N ALA B 196 36.35 33.78 -15.10
CA ALA B 196 35.48 32.97 -15.95
C ALA B 196 35.37 31.55 -15.41
N ALA B 197 36.45 31.00 -14.88
CA ALA B 197 36.41 29.62 -14.43
C ALA B 197 35.59 29.48 -13.14
N ARG B 198 35.71 30.46 -12.24
CA ARG B 198 34.89 30.46 -11.03
C ARG B 198 33.41 30.44 -11.37
N PHE B 199 32.98 31.37 -12.22
CA PHE B 199 31.61 31.40 -12.71
C PHE B 199 31.06 30.00 -13.00
N TRP B 200 31.72 29.25 -13.90
CA TRP B 200 31.18 27.96 -14.27
C TRP B 200 31.33 26.94 -13.14
N LEU B 201 32.45 26.96 -12.43
CA LEU B 201 32.62 26.05 -11.31
C LEU B 201 31.61 26.31 -10.19
N ASP B 202 31.19 27.57 -9.99
CA ASP B 202 30.14 27.88 -9.01
C ASP B 202 28.82 27.20 -9.39
N LEU B 203 28.54 27.07 -10.69
CA LEU B 203 27.34 26.38 -11.15
C LEU B 203 27.45 24.87 -11.01
N GLY B 204 28.58 24.35 -10.58
CA GLY B 204 28.74 22.93 -10.39
C GLY B 204 29.40 22.18 -11.53
N LEU B 205 29.88 22.87 -12.56
CA LEU B 205 30.62 22.18 -13.61
C LEU B 205 31.81 21.47 -13.00
N ASP B 206 32.16 20.31 -13.54
CA ASP B 206 33.09 19.40 -12.89
C ASP B 206 34.54 19.63 -13.31
N GLY B 207 34.80 20.64 -14.11
CA GLY B 207 36.14 20.93 -14.55
C GLY B 207 36.15 21.41 -15.98
N PHE B 208 37.35 21.46 -16.55
CA PHE B 208 37.58 22.12 -17.82
C PHE B 208 38.59 21.36 -18.65
N ARG B 209 38.30 21.22 -19.94
CA ARG B 209 39.37 21.05 -20.91
C ARG B 209 39.91 22.44 -21.21
N VAL B 210 41.19 22.68 -20.93
CA VAL B 210 41.81 23.98 -21.19
C VAL B 210 42.52 23.90 -22.53
N ASP B 211 42.21 24.84 -23.38
CA ASP B 211 42.50 24.76 -24.80
C ASP B 211 43.78 25.54 -25.11
N ALA B 212 44.64 24.94 -25.95
CA ALA B 212 45.78 25.65 -26.57
C ALA B 212 46.80 26.15 -25.54
N VAL B 213 47.02 25.41 -24.45
CA VAL B 213 47.80 25.94 -23.33
C VAL B 213 49.30 26.05 -23.57
N PRO B 214 49.92 25.41 -24.58
CA PRO B 214 51.36 25.70 -24.79
C PRO B 214 51.62 27.10 -25.28
N TYR B 215 50.59 27.86 -25.71
CA TYR B 215 50.81 29.10 -26.45
C TYR B 215 50.49 30.36 -25.67
N LEU B 216 50.28 30.27 -24.35
CA LEU B 216 49.87 31.45 -23.58
C LEU B 216 50.87 32.59 -23.74
N ILE B 217 52.13 32.37 -23.28
CA ILE B 217 53.17 33.40 -23.27
C ILE B 217 54.06 33.32 -24.50
N GLU B 218 54.52 34.48 -24.94
CA GLU B 218 55.46 34.62 -26.04
C GLU B 218 56.73 35.32 -25.51
N ARG B 219 57.89 34.87 -25.99
CA ARG B 219 59.17 35.52 -25.66
C ARG B 219 60.05 35.60 -26.90
N GLU B 220 60.66 36.78 -27.12
CA GLU B 220 61.57 36.91 -28.26
C GLU B 220 62.68 35.87 -28.16
N GLY B 221 63.07 35.34 -29.31
CA GLY B 221 64.14 34.35 -29.30
C GLY B 221 63.76 33.01 -28.71
N THR B 222 62.48 32.74 -28.52
CA THR B 222 62.02 31.41 -28.16
C THR B 222 61.01 30.93 -29.19
N SER B 223 60.68 29.64 -29.10
CA SER B 223 59.66 29.09 -29.97
C SER B 223 58.25 29.58 -29.62
N CYS B 224 58.09 30.25 -28.48
CA CYS B 224 56.78 30.71 -27.98
C CYS B 224 55.83 29.55 -27.69
N GLU B 225 56.41 28.41 -27.31
CA GLU B 225 55.71 27.17 -26.95
C GLU B 225 56.29 26.67 -25.63
N ASN B 226 55.42 26.19 -24.74
CA ASN B 226 55.85 25.52 -23.49
C ASN B 226 56.79 26.38 -22.66
N LEU B 227 56.64 27.71 -22.71
CA LEU B 227 57.57 28.56 -21.98
C LEU B 227 57.40 28.36 -20.48
N PRO B 228 58.49 28.42 -19.70
CA PRO B 228 58.36 28.31 -18.24
C PRO B 228 57.29 29.23 -17.68
N GLU B 229 57.12 30.41 -18.28
CA GLU B 229 56.12 31.35 -17.79
C GLU B 229 54.70 30.83 -17.99
N THR B 230 54.41 30.15 -19.11
CA THR B 230 53.03 29.70 -19.27
C THR B 230 52.72 28.61 -18.26
N HIS B 231 53.69 27.71 -18.01
CA HIS B 231 53.52 26.71 -16.95
C HIS B 231 53.25 27.36 -15.61
N GLU B 232 53.83 28.55 -15.37
CA GLU B 232 53.58 29.26 -14.13
C GLU B 232 52.14 29.71 -14.03
N ILE B 233 51.61 30.28 -15.12
CA ILE B 233 50.23 30.69 -15.13
C ILE B 233 49.31 29.48 -14.87
N LEU B 234 49.61 28.37 -15.53
CA LEU B 234 48.77 27.19 -15.40
C LEU B 234 48.82 26.61 -13.99
N LYS B 235 50.01 26.63 -13.36
CA LYS B 235 50.11 26.28 -11.94
C LYS B 235 49.15 27.11 -11.11
N GLY B 236 49.10 28.42 -11.36
CA GLY B 236 48.14 29.27 -10.66
C GLY B 236 46.70 28.83 -10.86
N PHE B 237 46.37 28.37 -12.07
CA PHE B 237 45.04 27.83 -12.31
C PHE B 237 44.79 26.61 -11.46
N ARG B 238 45.75 25.68 -11.44
CA ARG B 238 45.63 24.49 -10.60
C ARG B 238 45.51 24.86 -9.13
N ALA B 239 46.36 25.77 -8.66
CA ALA B 239 46.35 26.11 -7.24
C ALA B 239 45.03 26.76 -6.84
N MET B 240 44.53 27.67 -7.67
CA MET B 240 43.22 28.27 -7.44
C MET B 240 42.14 27.21 -7.35
N VAL B 241 42.20 26.21 -8.23
CA VAL B 241 41.19 25.15 -8.24
C VAL B 241 41.36 24.22 -7.04
N ASP B 242 42.62 23.95 -6.64
CA ASP B 242 42.86 23.08 -5.49
C ASP B 242 42.30 23.68 -4.20
N ARG B 243 42.30 25.01 -4.08
CA ARG B 243 41.91 25.67 -2.83
C ARG B 243 40.41 25.91 -2.78
N GLU B 244 39.83 26.37 -3.89
CA GLU B 244 38.44 26.82 -3.93
C GLU B 244 37.48 25.76 -4.42
N TYR B 245 37.95 24.81 -5.22
CA TYR B 245 37.07 23.81 -5.85
C TYR B 245 37.71 22.42 -5.80
N PRO B 246 37.97 21.91 -4.61
CA PRO B 246 38.59 20.58 -4.53
C PRO B 246 37.76 19.51 -5.24
N GLY B 247 38.45 18.66 -5.98
CA GLY B 247 37.84 17.61 -6.76
C GLY B 247 37.53 17.95 -8.21
N ARG B 248 37.66 19.22 -8.62
CA ARG B 248 37.40 19.58 -10.01
C ARG B 248 38.60 19.26 -10.90
N LEU B 249 38.32 18.91 -12.15
CA LEU B 249 39.33 18.42 -13.08
C LEU B 249 39.86 19.51 -14.00
N LEU B 250 41.16 19.51 -14.21
CA LEU B 250 41.82 20.36 -15.20
C LEU B 250 42.47 19.47 -16.25
N LEU B 251 42.11 19.69 -17.51
CA LEU B 251 42.48 18.77 -18.60
C LEU B 251 43.12 19.57 -19.74
N ALA B 252 44.36 19.26 -20.07
CA ALA B 252 45.15 20.06 -21.00
C ALA B 252 45.11 19.45 -22.40
N GLU B 253 44.90 20.30 -23.41
CA GLU B 253 45.20 19.97 -24.80
C GLU B 253 46.59 20.53 -25.09
N ALA B 254 47.60 19.67 -25.04
CA ALA B 254 48.98 20.07 -25.30
C ALA B 254 49.52 19.07 -26.30
N ASN B 255 49.40 19.39 -27.56
CA ASN B 255 49.88 18.53 -28.63
C ASN B 255 51.36 18.85 -28.83
N GLN B 256 52.22 18.14 -28.10
CA GLN B 256 53.65 18.39 -28.12
C GLN B 256 54.40 17.06 -28.04
N TRP B 257 55.70 17.11 -28.34
CA TRP B 257 56.47 15.89 -28.24
C TRP B 257 56.48 15.43 -26.78
N PRO B 258 56.67 14.12 -26.55
CA PRO B 258 56.53 13.57 -25.18
C PRO B 258 57.26 14.32 -24.09
N GLU B 259 58.54 14.62 -24.30
CA GLU B 259 59.31 15.29 -23.26
C GLU B 259 58.59 16.56 -22.81
N GLU B 260 57.99 17.28 -23.74
CA GLU B 260 57.35 18.55 -23.41
C GLU B 260 55.95 18.33 -22.82
N VAL B 261 55.22 17.33 -23.30
CA VAL B 261 53.85 17.10 -22.84
C VAL B 261 53.81 16.82 -21.34
N VAL B 262 54.72 15.98 -20.87
CA VAL B 262 54.63 15.51 -19.48
C VAL B 262 54.78 16.66 -18.50
N GLU B 263 55.50 17.71 -18.89
CA GLU B 263 55.65 18.85 -18.01
C GLU B 263 54.32 19.52 -17.67
N TYR B 264 53.30 19.35 -18.50
CA TYR B 264 52.03 20.01 -18.17
C TYR B 264 51.30 19.37 -16.98
N PHE B 265 51.78 18.23 -16.47
CA PHE B 265 51.32 17.75 -15.18
C PHE B 265 51.95 18.53 -14.04
N GLY B 266 53.05 19.23 -14.29
CA GLY B 266 53.81 19.78 -13.19
C GLY B 266 54.42 18.67 -12.35
N THR B 267 54.63 18.96 -11.07
CA THR B 267 55.27 18.03 -10.12
C THR B 267 54.37 17.86 -8.90
N GLU B 268 54.79 16.94 -8.01
CA GLU B 268 54.05 16.71 -6.78
C GLU B 268 53.91 17.97 -5.96
N ALA B 269 55.00 18.75 -5.84
CA ALA B 269 55.01 19.94 -5.01
C ALA B 269 54.47 21.18 -5.71
N GLU B 270 54.37 21.15 -7.04
CA GLU B 270 53.88 22.29 -7.82
C GLU B 270 52.98 21.75 -8.94
N PRO B 271 51.77 21.28 -8.59
CA PRO B 271 50.97 20.54 -9.57
C PRO B 271 50.42 21.46 -10.66
N GLU B 272 50.27 20.93 -11.87
CA GLU B 272 49.57 21.66 -12.93
C GLU B 272 48.31 20.90 -13.28
N PHE B 273 48.27 20.16 -14.38
CA PHE B 273 47.02 19.54 -14.81
C PHE B 273 46.85 18.16 -14.18
N HIS B 274 45.60 17.83 -13.85
CA HIS B 274 45.27 16.45 -13.50
C HIS B 274 45.45 15.52 -14.69
N MET B 275 45.11 15.98 -15.89
CA MET B 275 45.12 15.12 -17.06
C MET B 275 45.70 15.83 -18.28
N CYS B 276 46.24 15.03 -19.18
CA CYS B 276 46.70 15.48 -20.47
C CYS B 276 46.25 14.48 -21.52
N PHE B 277 45.91 14.99 -22.70
CA PHE B 277 45.71 14.15 -23.87
C PHE B 277 47.02 13.54 -24.33
N ASN B 278 47.01 12.22 -24.57
CA ASN B 278 48.18 11.53 -25.10
C ASN B 278 48.26 11.72 -26.61
N PHE B 279 48.53 12.96 -27.01
CA PHE B 279 48.76 13.24 -28.42
C PHE B 279 49.89 12.43 -29.01
N PRO B 280 51.01 12.17 -28.32
CA PRO B 280 52.10 11.44 -29.00
C PRO B 280 51.72 10.06 -29.50
N VAL B 281 50.95 9.26 -28.74
CA VAL B 281 50.71 7.87 -29.16
C VAL B 281 49.72 7.79 -30.32
N MET B 282 48.89 8.81 -30.49
CA MET B 282 47.73 8.66 -31.37
C MET B 282 48.13 8.50 -32.84
N PRO B 283 48.99 9.34 -33.43
CA PRO B 283 49.35 9.13 -34.85
C PRO B 283 50.08 7.83 -35.14
N ARG B 284 50.86 7.26 -34.21
CA ARG B 284 51.57 6.05 -34.60
C ARG B 284 50.72 4.78 -34.48
N LEU B 285 49.61 4.80 -33.75
CA LEU B 285 48.67 3.69 -33.84
C LEU B 285 48.23 3.49 -35.29
N TYR B 286 47.88 4.59 -35.96
CA TYR B 286 47.51 4.54 -37.37
C TYR B 286 48.70 4.20 -38.23
N MET B 287 49.85 4.82 -37.96
CA MET B 287 51.03 4.54 -38.75
C MET B 287 51.41 3.07 -38.67
N SER B 288 51.27 2.51 -37.46
CA SER B 288 51.58 1.10 -37.22
C SER B 288 50.64 0.18 -37.98
N LEU B 289 49.42 0.64 -38.20
CA LEU B 289 48.46 -0.20 -38.88
C LEU B 289 48.79 -0.31 -40.36
N LYS B 290 49.13 0.82 -40.98
CA LYS B 290 49.47 0.76 -42.40
C LYS B 290 50.80 0.06 -42.62
N ARG B 291 51.70 0.14 -41.64
CA ARG B 291 53.02 -0.42 -41.78
C ARG B 291 53.11 -1.86 -41.29
N GLU B 292 52.10 -2.34 -40.57
CA GLU B 292 52.06 -3.67 -39.97
C GLU B 292 53.28 -3.92 -39.07
N ASP B 293 53.68 -2.87 -38.35
CA ASP B 293 54.83 -2.85 -37.44
C ASP B 293 54.46 -1.93 -36.27
N THR B 294 54.55 -2.43 -35.03
CA THR B 294 54.15 -1.63 -33.88
C THR B 294 55.31 -0.97 -33.16
N SER B 295 56.53 -1.04 -33.72
CA SER B 295 57.69 -0.51 -33.00
C SER B 295 57.53 0.96 -32.67
N SER B 296 56.89 1.74 -33.55
CA SER B 296 56.75 3.17 -33.26
C SER B 296 55.82 3.41 -32.07
N ILE B 297 54.85 2.54 -31.83
CA ILE B 297 54.03 2.70 -30.64
C ILE B 297 54.89 2.52 -29.39
N ARG B 298 55.70 1.44 -29.37
CA ARG B 298 56.61 1.20 -28.25
C ARG B 298 57.65 2.29 -28.10
N GLU B 299 58.19 2.80 -29.21
CA GLU B 299 59.21 3.85 -29.13
C GLU B 299 58.62 5.11 -28.51
N ILE B 300 57.47 5.54 -29.02
CA ILE B 300 56.87 6.77 -28.54
C ILE B 300 56.32 6.61 -27.11
N MET B 301 55.72 5.45 -26.81
CA MET B 301 55.32 5.18 -25.44
C MET B 301 56.52 5.20 -24.51
N GLY B 302 57.69 4.78 -24.99
CA GLY B 302 58.86 4.73 -24.14
C GLY B 302 59.37 6.10 -23.74
N ARG B 303 59.12 7.11 -24.58
CA ARG B 303 59.60 8.46 -24.30
C ARG B 303 58.70 9.22 -23.36
N LEU B 304 57.67 8.61 -22.82
CA LEU B 304 56.82 9.27 -21.87
C LEU B 304 57.31 8.92 -20.47
N PRO B 305 57.79 9.88 -19.70
CA PRO B 305 58.21 9.61 -18.33
C PRO B 305 57.03 9.27 -17.46
N LYS B 306 57.37 8.85 -16.24
CA LYS B 306 56.42 8.67 -15.15
C LYS B 306 55.73 9.99 -14.83
N ILE B 307 54.44 9.93 -14.52
CA ILE B 307 53.67 11.12 -14.22
C ILE B 307 53.41 11.17 -12.73
N PRO B 308 53.05 12.33 -12.17
CA PRO B 308 52.76 12.41 -10.73
C PRO B 308 51.63 11.48 -10.33
N SER B 309 51.55 11.27 -9.01
CA SER B 309 50.58 10.36 -8.39
C SER B 309 49.15 10.66 -8.83
N PHE B 310 48.77 11.95 -8.89
CA PHE B 310 47.46 12.40 -9.30
C PHE B 310 47.26 12.40 -10.82
N GLY B 311 48.28 12.10 -11.62
CA GLY B 311 48.16 12.28 -13.06
C GLY B 311 47.46 11.11 -13.74
N GLN B 312 46.82 11.42 -14.88
CA GLN B 312 46.21 10.42 -15.76
C GLN B 312 46.30 10.89 -17.20
N TRP B 313 46.75 10.01 -18.07
CA TRP B 313 46.65 10.27 -19.49
C TRP B 313 45.20 10.19 -19.95
N CYS B 314 44.90 10.96 -20.98
CA CYS B 314 43.67 10.83 -21.74
C CYS B 314 44.01 10.24 -23.11
N ILE B 315 43.48 9.07 -23.41
CA ILE B 315 43.75 8.35 -24.65
C ILE B 315 42.58 8.59 -25.60
N PHE B 316 42.90 8.88 -26.86
CA PHE B 316 41.87 9.13 -27.87
C PHE B 316 42.36 8.68 -29.23
N LEU B 317 41.44 8.25 -30.07
CA LEU B 317 41.75 7.98 -31.47
C LEU B 317 41.47 9.18 -32.36
N ARG B 318 40.30 9.79 -32.25
CA ARG B 318 39.92 10.92 -33.06
C ARG B 318 39.22 11.93 -32.18
N ASN B 319 39.12 13.17 -32.68
CA ASN B 319 38.43 14.25 -31.98
C ASN B 319 37.83 15.18 -33.02
N HIS B 320 37.39 16.36 -32.57
CA HIS B 320 36.69 17.29 -33.43
C HIS B 320 37.61 18.03 -34.39
N ASP B 321 38.92 17.87 -34.24
CA ASP B 321 39.89 18.55 -35.08
C ASP B 321 40.36 17.60 -36.17
N GLU B 322 41.25 18.08 -37.04
CA GLU B 322 41.98 17.20 -37.95
C GLU B 322 42.80 16.18 -37.15
N LEU B 323 43.23 15.10 -37.82
CA LEU B 323 44.25 14.20 -37.25
C LEU B 323 45.61 14.88 -37.39
N THR B 324 46.12 15.46 -36.31
CA THR B 324 47.32 16.31 -36.39
C THR B 324 48.58 15.52 -36.71
N LEU B 325 49.35 16.03 -37.68
CA LEU B 325 50.66 15.49 -38.05
C LEU B 325 51.79 16.44 -37.66
N GLU B 326 51.53 17.34 -36.72
CA GLU B 326 52.52 18.35 -36.38
C GLU B 326 53.65 17.80 -35.52
N MET B 327 53.40 16.77 -34.71
CA MET B 327 54.45 16.25 -33.83
C MET B 327 54.87 14.83 -34.21
N VAL B 328 55.02 14.60 -35.51
CA VAL B 328 55.75 13.47 -36.04
C VAL B 328 56.87 14.02 -36.91
N THR B 329 57.80 13.14 -37.28
CA THR B 329 58.90 13.52 -38.15
C THR B 329 58.40 13.79 -39.57
N ASP B 330 59.26 14.41 -40.37
CA ASP B 330 58.92 14.71 -41.76
C ASP B 330 58.68 13.43 -42.57
N ASP B 331 59.52 12.41 -42.36
CA ASP B 331 59.26 11.13 -43.01
C ASP B 331 57.90 10.57 -42.60
N GLU B 332 57.66 10.48 -41.28
CA GLU B 332 56.39 9.98 -40.79
C GLU B 332 55.23 10.75 -41.39
N ARG B 333 55.35 12.08 -41.43
CA ARG B 333 54.25 12.90 -41.94
C ARG B 333 53.94 12.55 -43.39
N ALA B 334 54.96 12.52 -44.24
CA ALA B 334 54.76 12.20 -45.66
C ALA B 334 54.20 10.79 -45.82
N PHE B 335 54.59 9.87 -44.93
CA PHE B 335 54.04 8.52 -44.95
C PHE B 335 52.54 8.55 -44.62
N MET B 336 52.17 9.28 -43.56
CA MET B 336 50.77 9.33 -43.16
C MET B 336 49.91 9.91 -44.27
N TYR B 337 50.39 10.97 -44.94
CA TYR B 337 49.62 11.58 -46.04
C TYR B 337 49.45 10.60 -47.17
N ALA B 338 50.52 9.85 -47.48
CA ALA B 338 50.45 8.84 -48.52
C ALA B 338 49.47 7.74 -48.13
N ALA B 339 49.47 7.35 -46.85
CA ALA B 339 48.64 6.25 -46.40
C ALA B 339 47.17 6.63 -46.22
N TYR B 340 46.89 7.83 -45.71
CA TYR B 340 45.55 8.16 -45.23
C TYR B 340 44.96 9.41 -45.88
N ALA B 341 45.70 10.05 -46.78
CA ALA B 341 45.20 11.21 -47.52
C ALA B 341 45.49 11.05 -49.02
N PRO B 342 44.95 10.00 -49.66
CA PRO B 342 45.16 9.85 -51.12
C PRO B 342 44.65 11.02 -51.95
N ASP B 343 43.70 11.79 -51.42
CA ASP B 343 42.99 12.84 -52.15
C ASP B 343 43.27 14.15 -51.43
N ALA B 344 43.81 15.13 -52.17
CA ALA B 344 44.36 16.34 -51.55
C ALA B 344 43.32 17.10 -50.71
N ARG B 345 42.03 16.97 -51.03
CA ARG B 345 40.99 17.55 -50.19
C ARG B 345 41.00 16.97 -48.77
N MET B 346 41.65 15.83 -48.53
CA MET B 346 41.67 15.27 -47.18
C MET B 346 42.66 15.95 -46.25
N LYS B 347 43.54 16.82 -46.73
CA LYS B 347 44.52 17.44 -45.86
C LYS B 347 44.02 18.80 -45.40
N ILE B 348 44.41 19.20 -44.19
CA ILE B 348 44.13 20.55 -43.67
C ILE B 348 45.18 20.85 -42.61
N ASN B 349 45.92 21.97 -42.78
CA ASN B 349 46.98 22.43 -41.88
C ASN B 349 47.79 21.33 -41.21
N VAL B 350 48.66 20.64 -41.95
CA VAL B 350 49.54 19.66 -41.30
C VAL B 350 48.70 18.59 -40.58
N GLY B 351 47.71 18.04 -41.27
CA GLY B 351 46.89 16.98 -40.71
C GLY B 351 45.85 16.49 -41.69
N ILE B 352 45.01 15.58 -41.22
CA ILE B 352 44.07 14.86 -42.08
C ILE B 352 42.67 14.98 -41.46
N ARG B 353 41.74 15.58 -42.21
CA ARG B 353 40.40 15.85 -41.68
C ARG B 353 39.43 14.73 -42.08
N ARG B 354 39.68 13.54 -41.53
CA ARG B 354 38.80 12.41 -41.76
C ARG B 354 38.40 11.83 -40.41
N ARG B 355 37.20 11.26 -40.36
CA ARG B 355 36.76 10.47 -39.22
C ARG B 355 37.42 9.09 -39.22
N LEU B 356 37.29 8.43 -38.05
CA LEU B 356 37.89 7.12 -37.74
C LEU B 356 37.53 6.04 -38.76
N ALA B 357 36.24 5.73 -38.87
CA ALA B 357 35.82 4.66 -39.76
C ALA B 357 36.28 4.87 -41.21
N PRO B 358 36.18 6.06 -41.81
CA PRO B 358 36.74 6.19 -43.17
C PRO B 358 38.26 6.02 -43.22
N LEU B 359 38.99 6.42 -42.18
CA LEU B 359 40.44 6.26 -42.23
C LEU B 359 40.80 4.79 -42.32
N LEU B 360 40.05 3.94 -41.61
CA LEU B 360 40.24 2.50 -41.60
C LEU B 360 39.37 1.79 -42.64
N ASP B 361 39.03 2.47 -43.73
CA ASP B 361 38.29 1.90 -44.86
C ASP B 361 36.99 1.25 -44.42
N ASN B 362 36.43 1.76 -43.33
CA ASN B 362 35.19 1.25 -42.79
C ASN B 362 35.30 -0.21 -42.42
N ASP B 363 36.52 -0.67 -42.13
CA ASP B 363 36.78 -2.08 -41.81
C ASP B 363 36.53 -2.30 -40.33
N ARG B 364 35.49 -3.09 -40.02
CA ARG B 364 35.10 -3.28 -38.62
C ARG B 364 36.20 -4.00 -37.81
N ARG B 365 37.01 -4.85 -38.46
CA ARG B 365 38.08 -5.51 -37.72
C ARG B 365 39.11 -4.51 -37.26
N ARG B 366 39.41 -3.51 -38.10
CA ARG B 366 40.39 -2.52 -37.73
C ARG B 366 39.84 -1.50 -36.74
N ILE B 367 38.55 -1.17 -36.84
CA ILE B 367 37.96 -0.22 -35.89
C ILE B 367 37.92 -0.85 -34.51
N GLU B 368 37.52 -2.12 -34.42
CA GLU B 368 37.55 -2.82 -33.14
C GLU B 368 38.96 -2.88 -32.58
N LEU B 369 39.96 -3.19 -33.42
CA LEU B 369 41.31 -3.39 -32.92
C LEU B 369 41.85 -2.12 -32.32
N LEU B 370 41.69 -0.98 -33.01
CA LEU B 370 42.18 0.26 -32.41
C LEU B 370 41.35 0.67 -31.23
N ASN B 371 40.05 0.36 -31.22
CA ASN B 371 39.26 0.68 -30.04
C ASN B 371 39.71 -0.16 -28.85
N THR B 372 40.09 -1.42 -29.08
CA THR B 372 40.54 -2.21 -27.94
C THR B 372 41.89 -1.71 -27.43
N VAL B 373 42.75 -1.22 -28.32
CA VAL B 373 44.02 -0.65 -27.89
C VAL B 373 43.78 0.66 -27.14
N LEU B 374 42.88 1.50 -27.65
CA LEU B 374 42.42 2.68 -26.91
C LEU B 374 42.00 2.31 -25.49
N LEU B 375 41.22 1.23 -25.35
CA LEU B 375 40.68 0.89 -24.04
C LEU B 375 41.71 0.22 -23.13
N ALA B 376 42.81 -0.29 -23.68
CA ALA B 376 43.76 -1.08 -22.89
C ALA B 376 45.06 -0.36 -22.57
N LEU B 377 45.38 0.75 -23.24
CA LEU B 377 46.57 1.50 -22.86
C LEU B 377 46.31 2.25 -21.55
N PRO B 378 47.36 2.70 -20.85
CA PRO B 378 47.12 3.34 -19.56
C PRO B 378 46.54 4.73 -19.77
N GLY B 379 45.43 5.00 -19.10
CA GLY B 379 44.79 6.29 -19.12
C GLY B 379 43.29 6.13 -19.03
N SER B 380 42.59 7.25 -19.24
CA SER B 380 41.16 7.28 -19.39
C SER B 380 40.81 7.59 -20.83
N PRO B 381 40.06 6.72 -21.50
CA PRO B 381 39.76 6.95 -22.92
C PRO B 381 38.68 7.98 -23.05
N VAL B 382 38.71 8.72 -24.16
CA VAL B 382 37.59 9.56 -24.56
C VAL B 382 37.13 9.15 -25.95
N LEU B 383 35.83 8.99 -26.11
CA LEU B 383 35.20 8.62 -27.37
C LEU B 383 34.64 9.88 -28.04
N TYR B 384 34.82 9.95 -29.35
CA TYR B 384 34.29 11.07 -30.10
C TYR B 384 32.92 10.68 -30.60
N TYR B 385 31.94 11.56 -30.36
CA TYR B 385 30.55 11.23 -30.61
C TYR B 385 30.37 10.70 -32.02
N GLY B 386 29.62 9.65 -32.12
CA GLY B 386 29.34 9.06 -33.39
C GLY B 386 30.27 7.94 -33.76
N ASP B 387 31.47 7.90 -33.18
CA ASP B 387 32.39 6.86 -33.62
C ASP B 387 31.92 5.51 -33.13
N GLU B 388 31.17 5.49 -32.04
CA GLU B 388 30.59 4.26 -31.52
C GLU B 388 29.55 3.66 -32.47
N ILE B 389 29.06 4.40 -33.46
CA ILE B 389 28.20 3.80 -34.47
C ILE B 389 28.84 3.72 -35.84
N GLY B 390 30.05 4.27 -36.01
CA GLY B 390 30.73 4.23 -37.29
C GLY B 390 30.41 5.37 -38.25
N MET B 391 30.23 6.59 -37.74
CA MET B 391 29.95 7.72 -38.60
C MET B 391 31.12 8.01 -39.54
N GLY B 392 30.78 8.58 -40.71
CA GLY B 392 31.76 9.05 -41.67
C GLY B 392 31.96 10.56 -41.59
N ASP B 393 32.61 11.08 -42.63
CA ASP B 393 32.96 12.48 -42.71
C ASP B 393 32.26 13.10 -43.93
N ASP B 394 32.25 14.43 -44.00
CA ASP B 394 31.75 15.15 -45.18
C ASP B 394 32.84 16.12 -45.62
N LEU B 395 33.67 15.67 -46.54
CA LEU B 395 34.78 16.46 -47.03
C LEU B 395 34.35 17.64 -47.87
N GLY B 396 33.07 17.72 -48.25
CA GLY B 396 32.56 18.92 -48.87
C GLY B 396 32.52 20.13 -47.96
N LEU B 397 32.46 19.93 -46.65
CA LEU B 397 32.39 21.05 -45.73
C LEU B 397 33.77 21.70 -45.58
N PRO B 398 33.81 22.96 -45.16
CA PRO B 398 35.10 23.66 -45.04
C PRO B 398 35.78 23.44 -43.70
N ASP B 399 37.10 23.60 -43.73
CA ASP B 399 37.97 23.50 -42.55
C ASP B 399 37.75 22.13 -41.93
N ARG B 400 37.31 22.03 -40.68
CA ARG B 400 37.19 20.74 -40.01
C ARG B 400 35.75 20.37 -39.72
N ASN B 401 34.78 21.08 -40.30
CA ASN B 401 33.38 20.77 -40.04
C ASN B 401 32.97 19.40 -40.60
N GLY B 402 33.70 18.88 -41.59
CA GLY B 402 33.40 17.59 -42.15
C GLY B 402 33.42 16.45 -41.13
N VAL B 403 34.11 16.62 -40.02
CA VAL B 403 34.05 15.60 -38.98
C VAL B 403 33.05 15.96 -37.88
N ARG B 404 32.25 17.01 -38.08
CA ARG B 404 31.37 17.56 -37.05
C ARG B 404 29.90 17.53 -37.47
N THR B 405 29.54 16.64 -38.38
CA THR B 405 28.17 16.60 -38.88
C THR B 405 27.24 16.05 -37.79
N PRO B 406 25.93 16.26 -37.92
CA PRO B 406 25.04 15.94 -36.80
C PRO B 406 24.99 14.45 -36.49
N MET B 407 24.81 14.15 -35.20
CA MET B 407 24.70 12.77 -34.73
C MET B 407 23.52 12.07 -35.41
N GLN B 408 23.72 10.80 -35.79
CA GLN B 408 22.74 10.05 -36.59
C GLN B 408 22.02 9.07 -35.69
N TRP B 409 20.84 9.47 -35.22
CA TRP B 409 20.07 8.76 -34.21
C TRP B 409 19.16 7.71 -34.81
N ASN B 410 18.59 7.98 -35.98
CA ASN B 410 17.70 7.02 -36.62
C ASN B 410 17.64 7.37 -38.09
N ALA B 411 16.82 6.63 -38.83
CA ALA B 411 16.69 6.83 -40.26
C ALA B 411 15.60 7.81 -40.64
N GLY B 412 14.92 8.43 -39.67
CA GLY B 412 13.95 9.47 -39.96
C GLY B 412 14.59 10.78 -40.43
N THR B 413 13.78 11.84 -40.40
CA THR B 413 14.18 13.11 -40.99
C THR B 413 15.46 13.63 -40.34
N SER B 414 16.47 13.94 -41.19
CA SER B 414 17.81 14.39 -40.78
C SER B 414 18.48 13.42 -39.82
N GLY B 415 18.15 12.14 -39.93
CA GLY B 415 18.78 11.16 -39.08
C GLY B 415 18.38 11.24 -37.63
N GLY B 416 17.19 11.78 -37.33
CA GLY B 416 16.75 12.03 -35.96
C GLY B 416 17.33 13.28 -35.32
N PHE B 417 18.26 13.95 -35.96
CA PHE B 417 18.90 15.10 -35.34
C PHE B 417 17.91 16.25 -35.09
N SER B 418 16.95 16.43 -35.99
CA SER B 418 16.07 17.59 -36.05
C SER B 418 14.85 17.23 -36.88
N THR B 419 13.75 17.94 -36.61
CA THR B 419 12.61 17.87 -37.51
C THR B 419 12.79 18.75 -38.73
N ALA B 420 13.73 19.68 -38.67
CA ALA B 420 14.04 20.48 -39.84
C ALA B 420 14.67 19.59 -40.90
N GLN B 421 14.44 19.95 -42.16
CA GLN B 421 14.99 19.22 -43.28
C GLN B 421 16.51 19.34 -43.32
N PRO B 422 17.20 18.34 -43.89
CA PRO B 422 18.66 18.33 -43.85
C PRO B 422 19.30 19.62 -44.31
N SER B 423 18.80 20.22 -45.39
CA SER B 423 19.40 21.45 -45.90
C SER B 423 19.25 22.63 -44.95
N ASP B 424 18.48 22.47 -43.87
CA ASP B 424 18.32 23.52 -42.87
C ASP B 424 19.14 23.27 -41.62
N CYS B 425 19.76 22.11 -41.47
CA CYS B 425 20.55 21.86 -40.27
C CYS B 425 21.84 22.68 -40.30
N PHE B 426 22.44 22.86 -39.12
CA PHE B 426 23.61 23.71 -39.02
C PHE B 426 24.74 23.20 -39.92
N PHE B 427 25.08 21.93 -39.80
CA PHE B 427 25.81 21.22 -40.84
C PHE B 427 24.91 20.12 -41.35
N PRO B 428 25.01 19.75 -42.63
CA PRO B 428 24.05 18.79 -43.20
C PRO B 428 24.35 17.38 -42.75
N PRO B 429 23.34 16.62 -42.30
CA PRO B 429 23.57 15.22 -41.96
C PRO B 429 24.06 14.43 -43.17
N ILE B 430 25.00 13.52 -42.90
CA ILE B 430 25.59 12.74 -43.97
C ILE B 430 24.54 11.81 -44.56
N GLN B 431 24.47 11.76 -45.88
CA GLN B 431 23.46 10.92 -46.51
C GLN B 431 24.04 10.01 -47.59
N ASP B 432 25.35 9.83 -47.62
CA ASP B 432 25.93 9.04 -48.69
C ASP B 432 25.58 7.57 -48.47
N PRO B 433 25.79 6.73 -49.50
CA PRO B 433 25.37 5.32 -49.39
C PRO B 433 26.17 4.50 -48.39
N VAL B 434 27.39 4.90 -48.01
CA VAL B 434 28.16 4.07 -47.07
C VAL B 434 27.96 4.53 -45.64
N TYR B 435 27.97 5.83 -45.40
CA TYR B 435 27.91 6.37 -44.05
C TYR B 435 26.62 7.14 -43.74
N GLY B 436 25.68 7.26 -44.67
CA GLY B 436 24.47 8.02 -44.42
C GLY B 436 23.63 7.46 -43.27
N PHE B 437 22.70 8.30 -42.78
CA PHE B 437 21.89 7.91 -41.64
C PHE B 437 20.87 6.82 -41.97
N GLY B 438 20.50 6.65 -43.24
CA GLY B 438 19.75 5.45 -43.61
C GLY B 438 20.49 4.15 -43.32
N ARG B 439 21.81 4.19 -43.27
CA ARG B 439 22.59 2.99 -43.06
C ARG B 439 23.29 2.97 -41.73
N VAL B 440 23.66 4.13 -41.22
CA VAL B 440 24.39 4.27 -39.97
C VAL B 440 23.57 5.16 -39.03
N ASN B 441 22.95 4.55 -38.03
CA ASN B 441 22.22 5.32 -37.04
C ASN B 441 22.05 4.49 -35.77
N VAL B 442 21.83 5.21 -34.66
CA VAL B 442 21.75 4.59 -33.35
C VAL B 442 20.62 3.56 -33.29
N GLN B 443 19.41 3.97 -33.68
CA GLN B 443 18.24 3.10 -33.53
C GLN B 443 18.44 1.73 -34.18
N SER B 444 19.03 1.68 -35.38
CA SER B 444 19.19 0.36 -36.02
C SER B 444 20.24 -0.48 -35.31
N GLN B 445 21.32 0.16 -34.82
CA GLN B 445 22.32 -0.59 -34.06
C GLN B 445 21.83 -1.00 -32.70
N LEU B 446 20.80 -0.32 -32.16
CA LEU B 446 20.17 -0.76 -30.93
C LEU B 446 19.40 -2.06 -31.10
N GLN B 447 18.96 -2.37 -32.32
CA GLN B 447 18.23 -3.59 -32.62
C GLN B 447 19.07 -4.68 -33.28
N ASP B 448 20.22 -4.32 -33.82
CA ASP B 448 21.13 -5.28 -34.45
C ASP B 448 21.95 -5.97 -33.37
N PRO B 449 21.84 -7.29 -33.22
CA PRO B 449 22.60 -7.98 -32.14
C PRO B 449 24.12 -7.85 -32.26
N SER B 450 24.66 -7.47 -33.44
CA SER B 450 26.10 -7.46 -33.63
C SER B 450 26.63 -6.10 -34.05
N SER B 451 25.92 -5.04 -33.68
CA SER B 451 26.28 -3.70 -34.11
C SER B 451 27.57 -3.22 -33.45
N LEU B 452 28.19 -2.23 -34.09
CA LEU B 452 29.34 -1.58 -33.49
C LEU B 452 28.95 -0.89 -32.18
N LEU B 453 27.72 -0.39 -32.11
CA LEU B 453 27.25 0.23 -30.88
C LEU B 453 27.20 -0.77 -29.75
N LYS B 454 26.64 -1.95 -30.01
CA LYS B 454 26.58 -2.95 -28.95
C LYS B 454 27.97 -3.49 -28.63
N TRP B 455 28.81 -3.65 -29.66
CA TRP B 455 30.16 -4.10 -29.43
C TRP B 455 30.91 -3.13 -28.53
N THR B 456 30.78 -1.82 -28.81
CA THR B 456 31.47 -0.80 -28.03
C THR B 456 31.01 -0.78 -26.58
N ALA B 457 29.70 -0.83 -26.34
CA ALA B 457 29.21 -0.88 -24.96
C ALA B 457 29.66 -2.15 -24.24
N ARG B 458 29.59 -3.30 -24.91
CA ARG B 458 30.09 -4.54 -24.30
C ARG B 458 31.57 -4.43 -23.94
N GLN B 459 32.38 -3.87 -24.84
CA GLN B 459 33.82 -3.82 -24.59
C GLN B 459 34.13 -2.90 -23.42
N LEU B 460 33.37 -1.78 -23.32
CA LEU B 460 33.48 -0.87 -22.18
C LEU B 460 33.06 -1.55 -20.87
N GLU B 461 32.01 -2.36 -20.91
CA GLU B 461 31.66 -3.13 -19.74
C GLU B 461 32.79 -4.07 -19.33
N LEU B 462 33.47 -4.65 -20.31
CA LEU B 462 34.55 -5.57 -20.00
C LEU B 462 35.72 -4.83 -19.38
N ARG B 463 36.05 -3.67 -19.92
CA ARG B 463 37.10 -2.84 -19.34
C ARG B 463 36.76 -2.41 -17.92
N ARG B 464 35.49 -2.09 -17.67
CA ARG B 464 35.05 -1.68 -16.33
C ARG B 464 35.16 -2.81 -15.31
N ALA B 465 34.92 -4.05 -15.73
CA ALA B 465 35.03 -5.18 -14.80
C ALA B 465 36.48 -5.52 -14.38
N HIS B 466 37.49 -4.77 -14.82
CA HIS B 466 38.88 -5.07 -14.51
C HIS B 466 39.62 -3.75 -14.28
N PRO B 467 39.69 -3.29 -13.02
CA PRO B 467 40.30 -1.98 -12.72
C PRO B 467 41.72 -1.79 -13.20
N ALA B 468 42.44 -2.86 -13.55
CA ALA B 468 43.83 -2.71 -13.97
C ALA B 468 43.96 -2.00 -15.32
N PHE B 469 42.90 -1.95 -16.10
CA PHE B 469 42.92 -1.13 -17.32
C PHE B 469 43.04 0.35 -16.97
N ALA B 470 42.35 0.78 -15.93
CA ALA B 470 42.30 2.20 -15.59
C ALA B 470 43.48 2.61 -14.73
N HIS B 471 43.96 1.72 -13.86
CA HIS B 471 44.95 2.04 -12.84
C HIS B 471 46.22 1.24 -12.95
N GLY B 472 46.34 0.35 -13.92
CA GLY B 472 47.47 -0.56 -13.94
C GLY B 472 48.73 0.06 -14.50
N ASP B 473 49.87 -0.49 -14.10
CA ASP B 473 51.13 -0.11 -14.71
C ASP B 473 51.16 -0.61 -16.16
N LEU B 474 52.24 -0.35 -16.86
CA LEU B 474 52.36 -0.88 -18.21
C LEU B 474 53.75 -1.39 -18.48
N THR B 475 53.86 -2.60 -19.02
CA THR B 475 55.13 -3.13 -19.48
C THR B 475 54.94 -3.79 -20.83
N PHE B 476 55.73 -3.35 -21.80
CA PHE B 476 55.75 -4.00 -23.11
C PHE B 476 56.51 -5.31 -23.04
N ILE B 477 55.97 -6.36 -23.67
CA ILE B 477 56.70 -7.61 -23.77
C ILE B 477 56.95 -7.93 -25.26
N GLU B 478 57.90 -8.84 -25.51
CA GLU B 478 58.74 -8.70 -26.70
C GLU B 478 58.22 -9.36 -27.99
N THR B 479 57.55 -10.52 -27.94
CA THR B 479 56.85 -11.09 -29.11
C THR B 479 57.72 -11.53 -30.30
N GLY B 480 58.79 -10.80 -30.64
CA GLY B 480 59.65 -11.19 -31.76
C GLY B 480 59.05 -11.03 -33.13
N ASN B 481 57.93 -10.33 -33.25
CA ASN B 481 57.26 -10.06 -34.51
C ASN B 481 56.69 -8.65 -34.42
N PRO B 482 57.20 -7.70 -35.21
CA PRO B 482 56.79 -6.29 -35.01
C PRO B 482 55.32 -6.04 -35.32
N ALA B 483 54.65 -6.92 -36.07
CA ALA B 483 53.21 -6.77 -36.29
C ALA B 483 52.39 -7.07 -35.04
N ILE B 484 53.00 -7.71 -34.05
CA ILE B 484 52.31 -8.03 -32.80
C ILE B 484 52.80 -7.09 -31.70
N LEU B 485 51.85 -6.54 -30.95
CA LEU B 485 52.14 -5.70 -29.79
C LEU B 485 51.61 -6.43 -28.57
N ALA B 486 52.47 -6.62 -27.58
CA ALA B 486 52.04 -7.22 -26.32
C ALA B 486 52.50 -6.36 -25.15
N PHE B 487 51.64 -6.28 -24.13
CA PHE B 487 52.01 -5.60 -22.90
C PHE B 487 51.14 -6.12 -21.78
N THR B 488 51.65 -6.03 -20.55
CA THR B 488 50.88 -6.41 -19.36
C THR B 488 50.40 -5.15 -18.66
N ARG B 489 49.27 -5.30 -17.97
CA ARG B 489 48.77 -4.28 -17.05
C ARG B 489 48.58 -4.95 -15.70
N GLN B 490 49.06 -4.31 -14.65
CA GLN B 490 49.13 -4.91 -13.32
C GLN B 490 48.65 -3.91 -12.27
N TYR B 491 47.79 -4.38 -11.36
CA TYR B 491 47.24 -3.56 -10.28
C TYR B 491 46.46 -4.46 -9.33
N ASP B 492 46.62 -4.22 -8.02
CA ASP B 492 46.00 -5.04 -6.99
C ASP B 492 46.16 -6.53 -7.29
N GLY B 493 45.05 -7.25 -7.42
CA GLY B 493 45.16 -8.69 -7.59
C GLY B 493 45.81 -9.11 -8.90
N GLU B 494 45.36 -8.53 -10.02
CA GLU B 494 45.44 -9.18 -11.32
C GLU B 494 46.52 -8.59 -12.23
N THR B 495 47.01 -9.46 -13.11
CA THR B 495 47.90 -9.13 -14.21
C THR B 495 47.17 -9.43 -15.51
N LEU B 496 46.95 -8.40 -16.32
CA LEU B 496 46.33 -8.57 -17.62
C LEU B 496 47.45 -8.70 -18.64
N LEU B 497 47.25 -9.59 -19.62
CA LEU B 497 48.13 -9.69 -20.77
C LEU B 497 47.31 -9.41 -22.02
N ILE B 498 47.67 -8.36 -22.75
CA ILE B 498 46.90 -8.02 -23.93
C ILE B 498 47.84 -7.96 -25.14
N VAL B 499 47.43 -8.65 -26.19
CA VAL B 499 48.23 -8.94 -27.38
C VAL B 499 47.40 -8.52 -28.58
N SER B 500 48.02 -7.82 -29.51
CA SER B 500 47.25 -7.25 -30.60
C SER B 500 48.00 -7.44 -31.91
N ASN B 501 47.28 -7.83 -32.96
CA ASN B 501 47.85 -8.07 -34.28
C ASN B 501 47.55 -6.88 -35.17
N PHE B 502 48.57 -6.12 -35.54
CA PHE B 502 48.38 -4.99 -36.44
C PHE B 502 48.52 -5.36 -37.91
N ALA B 503 48.74 -6.63 -38.22
CA ALA B 503 48.78 -7.11 -39.59
C ALA B 503 47.40 -7.59 -40.06
N GLY B 504 47.16 -7.48 -41.36
CA GLY B 504 45.91 -7.90 -41.96
C GLY B 504 45.93 -9.31 -42.55
N ASN B 505 46.76 -10.18 -41.97
CA ASN B 505 46.66 -11.62 -42.18
C ASN B 505 47.22 -12.30 -40.93
N ALA B 506 47.19 -13.63 -40.93
CA ALA B 506 47.62 -14.35 -39.74
C ALA B 506 49.09 -14.09 -39.47
N GLN B 507 49.43 -14.02 -38.18
CA GLN B 507 50.79 -13.75 -37.77
C GLN B 507 51.14 -14.66 -36.60
N ALA B 508 52.42 -14.95 -36.48
CA ALA B 508 52.90 -15.81 -35.42
C ALA B 508 53.93 -15.06 -34.58
N GLY B 509 53.92 -15.31 -33.28
CA GLY B 509 54.83 -14.62 -32.39
C GLY B 509 55.42 -15.56 -31.36
N LEU B 510 56.35 -15.01 -30.59
CA LEU B 510 57.01 -15.74 -29.51
C LEU B 510 57.07 -14.77 -28.33
N LEU B 511 56.14 -14.93 -27.41
CA LEU B 511 56.03 -14.03 -26.27
C LEU B 511 57.07 -14.36 -25.22
N ASP B 512 57.71 -13.31 -24.70
CA ASP B 512 58.69 -13.46 -23.64
C ASP B 512 57.96 -13.34 -22.29
N LEU B 513 57.51 -14.47 -21.79
CA LEU B 513 56.78 -14.48 -20.53
C LEU B 513 57.61 -15.14 -19.42
N ALA B 514 58.94 -14.95 -19.48
CA ALA B 514 59.81 -15.49 -18.42
C ALA B 514 59.42 -15.05 -17.01
N PRO B 515 58.96 -13.80 -16.77
CA PRO B 515 58.53 -13.46 -15.40
C PRO B 515 57.26 -14.14 -14.94
N PHE B 516 56.56 -14.89 -15.80
CA PHE B 516 55.26 -15.44 -15.48
C PHE B 516 55.22 -16.95 -15.69
N VAL B 517 56.37 -17.60 -15.60
CA VAL B 517 56.44 -19.06 -15.69
C VAL B 517 55.54 -19.66 -14.62
N GLY B 518 54.82 -20.72 -14.99
CA GLY B 518 53.91 -21.35 -14.06
C GLY B 518 52.56 -20.71 -13.96
N ARG B 519 52.28 -19.68 -14.74
CA ARG B 519 51.00 -19.01 -14.67
C ARG B 519 50.11 -19.45 -15.83
N ALA B 520 48.79 -19.44 -15.59
CA ALA B 520 47.81 -19.89 -16.57
C ALA B 520 47.17 -18.68 -17.25
N PRO B 521 47.45 -18.42 -18.53
CA PRO B 521 46.70 -17.38 -19.25
C PRO B 521 45.27 -17.86 -19.50
N VAL B 522 44.29 -17.03 -19.12
CA VAL B 522 42.91 -17.30 -19.51
C VAL B 522 42.29 -16.04 -20.13
N THR B 523 41.31 -16.28 -20.99
CA THR B 523 40.65 -15.21 -21.71
C THR B 523 39.76 -14.40 -20.75
N LEU B 524 39.84 -13.06 -20.84
CA LEU B 524 38.97 -12.22 -20.00
C LEU B 524 37.50 -12.52 -20.21
N SER B 525 37.10 -12.84 -21.42
CA SER B 525 35.70 -13.08 -21.75
C SER B 525 35.51 -14.61 -21.81
N GLY B 526 35.12 -15.20 -20.68
CA GLY B 526 34.78 -16.60 -20.61
C GLY B 526 35.84 -17.51 -19.99
N ALA B 527 37.01 -16.97 -19.67
CA ALA B 527 38.12 -17.73 -19.08
C ALA B 527 38.43 -19.02 -19.86
N SER B 528 38.50 -18.89 -21.16
CA SER B 528 39.04 -19.93 -22.03
C SER B 528 40.52 -20.11 -21.70
N PRO B 529 40.95 -21.32 -21.34
CA PRO B 529 42.34 -21.50 -20.90
C PRO B 529 43.33 -21.71 -22.03
N LEU B 530 44.43 -20.97 -22.00
CA LEU B 530 45.58 -21.17 -22.87
C LEU B 530 46.65 -22.01 -22.16
N PRO B 531 47.64 -22.57 -22.89
CA PRO B 531 48.62 -23.45 -22.24
C PRO B 531 49.38 -22.73 -21.13
N VAL B 532 49.66 -23.45 -20.05
CA VAL B 532 50.41 -22.85 -18.94
C VAL B 532 51.81 -22.50 -19.39
N VAL B 533 52.33 -21.37 -18.90
CA VAL B 533 53.66 -20.89 -19.27
C VAL B 533 54.73 -21.75 -18.58
N THR B 534 55.51 -22.48 -19.37
CA THR B 534 56.51 -23.43 -18.90
C THR B 534 57.90 -23.07 -19.40
N GLY B 535 58.91 -23.78 -18.89
CA GLY B 535 60.26 -23.71 -19.45
C GLY B 535 60.91 -22.32 -19.34
N ASN B 536 61.44 -21.85 -20.47
CA ASN B 536 62.05 -20.54 -20.56
C ASN B 536 61.03 -19.41 -20.73
N GLY B 537 59.73 -19.70 -20.67
CA GLY B 537 58.72 -18.67 -20.78
C GLY B 537 58.57 -18.04 -22.14
N GLN B 538 59.41 -18.39 -23.12
CA GLN B 538 59.16 -18.05 -24.51
C GLN B 538 57.90 -18.78 -24.96
N TYR B 539 56.87 -18.02 -25.35
CA TYR B 539 55.51 -18.55 -25.47
C TYR B 539 54.98 -18.37 -26.90
N PRO B 540 54.71 -19.44 -27.64
CA PRO B 540 54.26 -19.29 -29.03
C PRO B 540 52.81 -18.81 -29.09
N VAL B 541 52.53 -17.88 -29.99
CA VAL B 541 51.15 -17.52 -30.34
C VAL B 541 51.01 -17.43 -31.86
N VAL B 542 49.83 -17.78 -32.34
CA VAL B 542 49.38 -17.41 -33.68
C VAL B 542 48.16 -16.52 -33.48
N MET B 543 47.92 -15.63 -34.43
CA MET B 543 46.80 -14.69 -34.37
C MET B 543 46.36 -14.34 -35.78
N GLY B 544 45.04 -14.32 -36.00
CA GLY B 544 44.50 -13.89 -37.27
C GLY B 544 44.51 -12.38 -37.44
N LYS B 545 44.20 -11.95 -38.65
CA LYS B 545 44.23 -10.53 -39.00
C LYS B 545 43.52 -9.69 -37.94
N TYR B 546 44.20 -8.65 -37.47
CA TYR B 546 43.63 -7.65 -36.57
C TYR B 546 43.07 -8.24 -35.28
N ASP B 547 43.53 -9.41 -34.85
CA ASP B 547 43.00 -9.94 -33.59
C ASP B 547 43.51 -9.15 -32.37
N TYR B 548 42.71 -9.20 -31.31
CA TYR B 548 43.04 -8.70 -29.99
C TYR B 548 42.76 -9.81 -29.01
N TYR B 549 43.73 -10.14 -28.18
CA TYR B 549 43.58 -11.15 -27.14
C TYR B 549 43.63 -10.41 -25.81
N TRP B 550 42.49 -10.32 -25.11
CA TRP B 550 42.49 -9.80 -23.74
C TRP B 550 42.53 -10.98 -22.77
N LEU B 551 43.65 -11.12 -22.06
CA LEU B 551 43.96 -12.27 -21.23
C LEU B 551 44.27 -11.85 -19.79
N ARG B 552 43.93 -12.71 -18.84
CA ARG B 552 44.40 -12.60 -17.46
C ARG B 552 45.36 -13.76 -17.21
N LEU B 553 46.43 -13.49 -16.49
CA LEU B 553 47.43 -14.52 -16.19
C LEU B 553 47.29 -14.89 -14.73
N ASN B 554 46.60 -16.01 -14.47
CA ASN B 554 46.27 -16.42 -13.11
C ASN B 554 47.50 -16.89 -12.32
N SER B 555 47.61 -16.45 -11.06
CA SER B 555 48.78 -16.75 -10.23
C SER B 555 48.82 -18.20 -9.73
N PRO C 8 -49.74 -6.73 21.66
CA PRO C 8 -48.88 -7.34 20.64
C PRO C 8 -47.95 -8.42 21.22
N GLU C 9 -47.90 -9.57 20.53
CA GLU C 9 -47.02 -10.67 20.92
C GLU C 9 -45.58 -10.19 21.04
N TRP C 10 -44.86 -10.76 22.03
CA TRP C 10 -43.53 -10.24 22.37
C TRP C 10 -42.59 -10.20 21.17
N TYR C 11 -42.68 -11.20 20.26
CA TYR C 11 -41.72 -11.24 19.15
C TYR C 11 -41.86 -10.04 18.21
N LYS C 12 -43.01 -9.35 18.23
CA LYS C 12 -43.20 -8.17 17.38
C LYS C 12 -42.35 -6.99 17.85
N SER C 13 -42.24 -6.76 19.16
CA SER C 13 -41.46 -5.64 19.68
C SER C 13 -40.01 -5.98 19.99
N ALA C 14 -39.59 -7.24 19.78
CA ALA C 14 -38.26 -7.71 20.14
C ALA C 14 -37.18 -7.31 19.13
N VAL C 15 -35.95 -7.21 19.63
CA VAL C 15 -34.74 -7.17 18.83
C VAL C 15 -34.02 -8.49 18.99
N PHE C 16 -33.71 -9.12 17.88
CA PHE C 16 -33.07 -10.43 17.90
C PHE C 16 -31.58 -10.29 17.65
N TYR C 17 -30.83 -11.21 18.23
CA TYR C 17 -29.37 -11.22 18.18
C TYR C 17 -28.94 -12.67 17.93
N GLU C 18 -28.25 -12.90 16.81
CA GLU C 18 -27.88 -14.23 16.37
C GLU C 18 -26.43 -14.50 16.74
N LEU C 19 -26.17 -15.67 17.35
CA LEU C 19 -24.83 -15.99 17.82
C LEU C 19 -24.65 -17.51 17.84
N SER C 20 -23.39 -17.93 17.77
CA SER C 20 -22.97 -19.32 17.92
C SER C 20 -22.31 -19.50 19.28
N VAL C 21 -22.85 -20.41 20.10
CA VAL C 21 -22.24 -20.66 21.40
C VAL C 21 -20.76 -20.95 21.25
N ARG C 22 -20.37 -21.67 20.18
CA ARG C 22 -18.99 -22.11 20.07
C ARG C 22 -18.00 -20.97 19.78
N THR C 23 -18.48 -19.82 19.28
CA THR C 23 -17.57 -18.74 18.91
C THR C 23 -17.91 -17.44 19.64
N PHE C 24 -18.72 -17.49 20.70
CA PHE C 24 -19.08 -16.29 21.44
C PHE C 24 -18.16 -16.03 22.61
N GLN C 25 -18.12 -16.94 23.60
CA GLN C 25 -17.21 -16.80 24.74
C GLN C 25 -16.77 -18.16 25.27
N ASP C 26 -15.46 -18.39 25.32
CA ASP C 26 -14.89 -19.58 25.95
C ASP C 26 -14.92 -19.42 27.47
N GLY C 27 -15.52 -20.37 28.16
CA GLY C 27 -15.57 -20.25 29.61
C GLY C 27 -14.51 -21.03 30.33
N ASN C 28 -13.83 -21.97 29.64
CA ASN C 28 -13.03 -22.98 30.31
C ASN C 28 -11.66 -23.19 29.69
N GLY C 29 -11.25 -22.33 28.76
CA GLY C 29 -9.88 -22.30 28.29
C GLY C 29 -9.53 -23.26 27.17
N ASP C 30 -10.47 -24.03 26.65
CA ASP C 30 -10.13 -25.05 25.67
C ASP C 30 -10.13 -24.53 24.22
N GLY C 31 -10.30 -23.22 24.01
CA GLY C 31 -10.41 -22.61 22.71
C GLY C 31 -11.78 -22.70 22.06
N LYS C 32 -12.80 -23.14 22.79
CA LYS C 32 -14.12 -23.41 22.23
C LYS C 32 -15.18 -22.70 23.05
N GLY C 33 -16.14 -22.07 22.38
CA GLY C 33 -17.18 -21.36 23.10
C GLY C 33 -18.11 -22.33 23.81
N ASP C 34 -18.62 -21.90 24.97
CA ASP C 34 -19.48 -22.78 25.76
C ASP C 34 -20.53 -21.95 26.48
N PHE C 35 -21.50 -22.66 27.06
CA PHE C 35 -22.65 -22.04 27.71
C PHE C 35 -22.25 -21.28 28.97
N PRO C 36 -21.34 -21.78 29.82
CA PRO C 36 -20.84 -20.94 30.91
C PRO C 36 -20.26 -19.62 30.43
N GLY C 37 -19.48 -19.65 29.35
CA GLY C 37 -18.95 -18.41 28.78
C GLY C 37 -20.05 -17.51 28.24
N LEU C 38 -21.05 -18.10 27.58
CA LEU C 38 -22.16 -17.29 27.10
C LEU C 38 -22.83 -16.61 28.26
N THR C 39 -23.08 -17.39 29.32
CA THR C 39 -23.80 -16.91 30.49
C THR C 39 -23.11 -15.71 31.11
N SER C 40 -21.78 -15.71 31.12
CA SER C 40 -21.01 -14.61 31.70
C SER C 40 -21.07 -13.32 30.89
N ARG C 41 -21.58 -13.35 29.64
CA ARG C 41 -21.70 -12.16 28.80
C ARG C 41 -23.14 -11.67 28.65
N LEU C 42 -24.08 -12.22 29.40
CA LEU C 42 -25.48 -11.89 29.16
C LEU C 42 -25.76 -10.42 29.44
N ASP C 43 -25.02 -9.79 30.35
CA ASP C 43 -25.25 -8.37 30.61
C ASP C 43 -24.84 -7.52 29.42
N TYR C 44 -23.84 -7.97 28.66
CA TYR C 44 -23.50 -7.29 27.42
C TYR C 44 -24.69 -7.26 26.46
N LEU C 45 -25.33 -8.41 26.28
CA LEU C 45 -26.45 -8.46 25.34
C LEU C 45 -27.61 -7.61 25.84
N LYS C 46 -27.87 -7.65 27.15
CA LYS C 46 -29.02 -6.94 27.69
C LYS C 46 -28.86 -5.44 27.56
N ASN C 47 -27.64 -4.94 27.78
CA ASN C 47 -27.32 -3.51 27.70
C ASN C 47 -27.13 -3.03 26.28
N LEU C 48 -26.95 -3.93 25.31
CA LEU C 48 -26.87 -3.48 23.93
C LEU C 48 -28.26 -3.13 23.42
N GLY C 49 -29.29 -3.77 23.95
CA GLY C 49 -30.66 -3.47 23.58
C GLY C 49 -31.35 -4.64 22.92
N VAL C 50 -30.78 -5.82 23.02
CA VAL C 50 -31.39 -6.99 22.41
C VAL C 50 -32.33 -7.63 23.41
N ASP C 51 -33.39 -8.25 22.89
CA ASP C 51 -34.42 -8.86 23.70
C ASP C 51 -34.45 -10.37 23.56
N CYS C 52 -33.96 -10.92 22.45
CA CYS C 52 -34.13 -12.33 22.18
C CYS C 52 -32.87 -12.88 21.53
N LEU C 53 -32.33 -13.94 22.11
CA LEU C 53 -31.13 -14.58 21.59
C LEU C 53 -31.56 -15.69 20.64
N TRP C 54 -30.95 -15.75 19.47
CA TRP C 54 -31.14 -16.88 18.57
C TRP C 54 -29.82 -17.61 18.53
N LEU C 55 -29.79 -18.79 19.12
CA LEU C 55 -28.56 -19.57 19.19
C LEU C 55 -28.53 -20.52 18.00
N LEU C 56 -27.38 -20.63 17.36
CA LEU C 56 -27.20 -21.64 16.33
C LEU C 56 -27.19 -23.04 16.96
N PRO C 57 -27.29 -24.12 16.15
CA PRO C 57 -27.43 -25.45 16.75
C PRO C 57 -26.37 -25.76 17.80
N TRP C 58 -26.83 -26.32 18.91
CA TRP C 58 -25.98 -26.61 20.06
C TRP C 58 -25.89 -28.11 20.34
N PHE C 59 -26.35 -28.96 19.41
CA PHE C 59 -26.60 -30.39 19.57
C PHE C 59 -25.36 -31.21 19.27
N PRO C 60 -25.26 -32.38 19.89
CA PRO C 60 -24.20 -33.32 19.51
C PRO C 60 -24.19 -33.52 18.01
N SER C 61 -23.01 -33.59 17.45
CA SER C 61 -22.81 -33.39 16.02
C SER C 61 -21.35 -33.65 15.70
N PRO C 62 -21.03 -34.17 14.52
CA PRO C 62 -19.63 -34.22 14.08
C PRO C 62 -19.19 -32.94 13.37
N LEU C 63 -20.12 -32.00 13.16
CA LEU C 63 -19.82 -30.64 12.71
C LEU C 63 -19.33 -30.57 11.28
N ARG C 64 -19.65 -31.55 10.44
CA ARG C 64 -19.31 -31.38 9.04
C ARG C 64 -20.10 -30.24 8.39
N ASP C 65 -21.21 -29.81 9.00
CA ASP C 65 -21.89 -28.56 8.67
C ASP C 65 -22.14 -27.76 9.95
N ASP C 66 -21.12 -27.69 10.82
CA ASP C 66 -21.07 -26.75 11.95
C ASP C 66 -22.24 -26.91 12.92
N GLY C 67 -22.80 -28.11 13.03
CA GLY C 67 -23.90 -28.34 13.96
C GLY C 67 -25.26 -28.46 13.31
N TYR C 68 -25.39 -28.06 12.06
CA TYR C 68 -26.63 -28.31 11.34
C TYR C 68 -26.74 -29.76 10.87
N ASP C 69 -25.73 -30.58 11.16
CA ASP C 69 -25.76 -32.04 11.01
C ASP C 69 -25.89 -32.64 12.40
N VAL C 70 -27.13 -32.73 12.88
CA VAL C 70 -27.34 -33.12 14.28
C VAL C 70 -27.34 -34.65 14.40
N ALA C 71 -26.75 -35.13 15.50
CA ALA C 71 -26.67 -36.55 15.84
C ALA C 71 -27.46 -36.92 17.09
N ASP C 72 -28.08 -35.94 17.76
CA ASP C 72 -28.96 -36.18 18.90
C ASP C 72 -29.74 -34.90 19.22
N TYR C 73 -31.06 -34.97 19.13
CA TYR C 73 -31.89 -33.77 19.26
C TYR C 73 -32.19 -33.44 20.69
N ARG C 74 -31.69 -34.22 21.63
CA ARG C 74 -32.13 -34.03 23.00
C ARG C 74 -30.92 -33.85 23.90
N GLY C 75 -29.74 -33.62 23.32
CA GLY C 75 -28.53 -33.37 24.07
C GLY C 75 -27.91 -32.04 23.69
N ILE C 76 -26.78 -31.76 24.32
CA ILE C 76 -25.96 -30.63 23.89
C ILE C 76 -24.55 -31.13 23.61
N HIS C 77 -23.94 -30.57 22.58
CA HIS C 77 -22.65 -31.02 22.12
C HIS C 77 -21.64 -30.91 23.27
N PRO C 78 -20.78 -31.92 23.46
CA PRO C 78 -19.86 -31.89 24.60
C PRO C 78 -18.90 -30.69 24.62
N ASP C 79 -18.66 -30.03 23.49
CA ASP C 79 -17.89 -28.79 23.51
C ASP C 79 -18.57 -27.71 24.32
N LEU C 80 -19.88 -27.72 24.37
CA LEU C 80 -20.59 -26.54 24.80
C LEU C 80 -20.98 -26.62 26.27
N GLY C 81 -20.78 -27.77 26.91
CA GLY C 81 -21.13 -27.93 28.29
C GLY C 81 -22.10 -29.08 28.49
N THR C 82 -22.85 -29.01 29.59
CA THR C 82 -23.82 -30.03 29.92
C THR C 82 -25.23 -29.50 29.75
N LEU C 83 -26.16 -30.44 29.75
CA LEU C 83 -27.55 -30.07 29.85
C LEU C 83 -27.81 -29.20 31.09
N ASP C 84 -27.06 -29.40 32.18
CA ASP C 84 -27.23 -28.51 33.33
C ASP C 84 -26.70 -27.11 33.05
N ASP C 85 -25.64 -27.00 32.25
CA ASP C 85 -25.11 -25.70 31.85
C ASP C 85 -26.09 -24.94 30.97
N PHE C 86 -26.77 -25.66 30.07
CA PHE C 86 -27.82 -25.03 29.30
C PHE C 86 -28.91 -24.48 30.21
N LYS C 87 -29.29 -25.27 31.23
CA LYS C 87 -30.36 -24.85 32.13
C LYS C 87 -29.99 -23.59 32.91
N VAL C 88 -28.76 -23.49 33.40
CA VAL C 88 -28.43 -22.26 34.11
C VAL C 88 -28.43 -21.09 33.13
N PHE C 89 -27.94 -21.31 31.90
CA PHE C 89 -27.95 -20.25 30.89
C PHE C 89 -29.37 -19.76 30.63
N LEU C 90 -30.31 -20.70 30.43
CA LEU C 90 -31.71 -20.34 30.16
C LEU C 90 -32.31 -19.53 31.29
N ARG C 91 -32.01 -19.92 32.52
CA ARG C 91 -32.56 -19.23 33.69
C ARG C 91 -31.93 -17.85 33.85
N GLU C 92 -30.61 -17.75 33.61
CA GLU C 92 -29.94 -16.46 33.71
C GLU C 92 -30.32 -15.54 32.57
N ALA C 93 -30.64 -16.08 31.40
CA ALA C 93 -31.14 -15.24 30.32
C ALA C 93 -32.53 -14.70 30.62
N HIS C 94 -33.40 -15.53 31.23
CA HIS C 94 -34.76 -15.08 31.56
C HIS C 94 -34.76 -14.12 32.73
N ALA C 95 -33.90 -14.34 33.72
CA ALA C 95 -33.75 -13.39 34.81
C ALA C 95 -33.43 -11.97 34.30
N ARG C 96 -32.91 -11.83 33.08
CA ARG C 96 -32.52 -10.54 32.53
C ARG C 96 -33.51 -10.03 31.49
N GLY C 97 -34.62 -10.71 31.29
CA GLY C 97 -35.59 -10.25 30.33
C GLY C 97 -35.23 -10.56 28.90
N LEU C 98 -34.37 -11.54 28.67
CA LEU C 98 -34.01 -11.98 27.32
C LEU C 98 -34.80 -13.25 27.01
N TRP C 99 -35.54 -13.25 25.91
CA TRP C 99 -36.03 -14.50 25.37
C TRP C 99 -34.87 -15.24 24.72
N VAL C 100 -35.01 -16.55 24.54
CA VAL C 100 -34.03 -17.30 23.78
C VAL C 100 -34.71 -18.38 22.95
N ILE C 101 -34.35 -18.44 21.67
CA ILE C 101 -34.90 -19.42 20.75
C ILE C 101 -33.74 -20.26 20.21
N GLY C 102 -34.05 -21.50 19.85
CA GLY C 102 -33.06 -22.41 19.31
C GLY C 102 -33.24 -22.61 17.81
N ASP C 103 -32.33 -23.38 17.26
CA ASP C 103 -32.35 -23.75 15.85
C ASP C 103 -32.80 -25.21 15.75
N LEU C 104 -33.96 -25.45 15.19
CA LEU C 104 -34.50 -26.79 15.02
C LEU C 104 -34.28 -27.24 13.57
N VAL C 105 -33.55 -28.34 13.39
CA VAL C 105 -33.16 -28.76 12.05
C VAL C 105 -34.01 -29.93 11.57
N THR C 106 -35.10 -29.63 10.87
CA THR C 106 -36.13 -30.61 10.55
C THR C 106 -35.90 -31.38 9.26
N ASN C 107 -35.22 -30.77 8.29
CA ASN C 107 -35.14 -31.38 6.98
C ASN C 107 -34.25 -32.62 6.99
N HIS C 108 -33.29 -32.71 7.91
CA HIS C 108 -32.21 -33.70 7.78
C HIS C 108 -31.49 -33.90 9.11
N THR C 109 -30.61 -34.91 9.13
CA THR C 109 -29.78 -35.18 10.30
C THR C 109 -28.38 -35.51 9.82
N SER C 110 -27.49 -35.76 10.77
CA SER C 110 -26.15 -36.22 10.45
C SER C 110 -26.21 -37.66 9.96
N SER C 111 -25.25 -38.05 9.12
CA SER C 111 -25.14 -39.48 8.84
C SER C 111 -24.74 -40.25 10.09
N ASP C 112 -24.26 -39.57 11.13
CA ASP C 112 -23.91 -40.17 12.41
C ASP C 112 -25.08 -40.25 13.38
N HIS C 113 -26.28 -39.82 13.01
CA HIS C 113 -27.40 -39.98 13.91
C HIS C 113 -27.70 -41.46 14.11
N PRO C 114 -28.09 -41.88 15.33
CA PRO C 114 -28.54 -43.27 15.52
C PRO C 114 -29.56 -43.73 14.50
N TRP C 115 -30.56 -42.90 14.18
CA TRP C 115 -31.56 -43.29 13.20
C TRP C 115 -30.93 -43.69 11.86
N PHE C 116 -29.97 -42.90 11.38
CA PHE C 116 -29.39 -43.24 10.07
C PHE C 116 -28.44 -44.42 10.16
N GLN C 117 -27.64 -44.53 11.23
CA GLN C 117 -26.77 -45.69 11.39
C GLN C 117 -27.58 -46.98 11.32
N ALA C 118 -28.83 -46.93 11.79
CA ALA C 118 -29.75 -48.05 11.73
C ALA C 118 -30.39 -48.19 10.35
N ALA C 119 -30.84 -47.07 9.78
CA ALA C 119 -31.53 -47.11 8.49
C ALA C 119 -30.68 -47.75 7.42
N ARG C 120 -29.37 -47.47 7.40
CA ARG C 120 -28.54 -47.94 6.31
C ARG C 120 -28.20 -49.43 6.41
N ARG C 121 -28.66 -50.15 7.45
CA ARG C 121 -28.53 -51.60 7.47
C ARG C 121 -29.49 -52.26 6.48
N GLY C 122 -30.54 -51.55 6.08
CA GLY C 122 -31.38 -52.00 5.01
C GLY C 122 -32.83 -52.07 5.39
N PRO C 123 -33.68 -52.54 4.46
CA PRO C 123 -35.13 -52.61 4.75
C PRO C 123 -35.50 -53.65 5.80
N THR C 124 -34.69 -54.67 6.06
CA THR C 124 -35.01 -55.67 7.07
C THR C 124 -33.81 -55.94 7.96
N LEU C 125 -34.07 -56.17 9.25
CA LEU C 125 -33.06 -56.76 10.11
C LEU C 125 -32.72 -58.15 9.57
N PRO C 126 -31.48 -58.60 9.73
CA PRO C 126 -31.18 -60.02 9.43
C PRO C 126 -32.10 -61.00 10.17
N ASP C 127 -32.73 -60.55 11.27
CA ASP C 127 -33.78 -61.33 11.92
C ASP C 127 -34.92 -61.68 10.95
N GLY C 128 -35.19 -60.82 9.98
CA GLY C 128 -36.25 -61.06 9.02
C GLY C 128 -37.35 -60.02 9.04
N SER C 129 -37.71 -59.53 10.23
CA SER C 129 -38.73 -58.52 10.37
C SER C 129 -38.22 -57.20 9.77
N PRO C 130 -39.11 -56.23 9.54
CA PRO C 130 -38.67 -54.96 8.92
C PRO C 130 -37.92 -54.04 9.88
N ASN C 131 -36.88 -53.41 9.35
CA ASN C 131 -36.14 -52.33 10.01
C ASN C 131 -36.98 -51.07 9.93
N GLU C 132 -37.66 -50.75 11.03
CA GLU C 132 -38.48 -49.54 11.12
C GLU C 132 -37.70 -48.29 10.73
N TYR C 133 -36.42 -48.22 11.11
CA TYR C 133 -35.63 -47.02 10.88
C TYR C 133 -35.27 -46.78 9.43
N HIS C 134 -35.41 -47.80 8.56
CA HIS C 134 -35.04 -47.62 7.17
C HIS C 134 -35.87 -46.53 6.51
N ASP C 135 -37.19 -46.53 6.73
CA ASP C 135 -38.04 -45.55 6.09
C ASP C 135 -38.08 -44.22 6.84
N TYR C 136 -37.17 -44.03 7.79
CA TYR C 136 -36.95 -42.68 8.30
C TYR C 136 -36.27 -41.81 7.25
N TYR C 137 -35.68 -42.40 6.23
CA TYR C 137 -34.94 -41.65 5.22
C TYR C 137 -35.52 -41.93 3.83
N VAL C 138 -34.81 -41.49 2.79
CA VAL C 138 -35.36 -41.44 1.45
C VAL C 138 -34.43 -42.20 0.51
N TRP C 139 -34.85 -43.38 0.09
CA TRP C 139 -34.00 -44.28 -0.67
C TRP C 139 -34.50 -44.43 -2.11
N SER C 140 -33.55 -44.64 -3.02
CA SER C 140 -33.86 -44.94 -4.42
C SER C 140 -32.85 -45.95 -4.94
N ASP C 141 -33.32 -46.83 -5.84
CA ASP C 141 -32.47 -47.91 -6.32
C ASP C 141 -31.29 -47.38 -7.14
N GLU C 142 -31.53 -46.40 -8.01
CA GLU C 142 -30.48 -45.87 -8.89
C GLU C 142 -30.40 -44.34 -8.91
N GLY C 143 -31.08 -43.65 -7.98
CA GLY C 143 -30.97 -42.19 -7.90
C GLY C 143 -31.39 -41.44 -9.14
N LYS C 144 -32.50 -41.85 -9.75
CA LYS C 144 -32.95 -41.19 -10.97
C LYS C 144 -34.15 -40.28 -10.73
N GLU C 145 -34.76 -40.34 -9.55
CA GLU C 145 -35.97 -39.57 -9.27
C GLU C 145 -35.62 -38.15 -8.85
N TYR C 146 -36.63 -37.28 -8.93
CA TYR C 146 -36.49 -35.86 -8.61
C TYR C 146 -35.33 -35.22 -9.37
N ALA C 147 -35.17 -35.61 -10.63
CA ALA C 147 -34.05 -35.06 -11.40
C ALA C 147 -34.20 -33.56 -11.64
N ASP C 148 -35.42 -33.07 -11.74
CA ASP C 148 -35.65 -31.66 -12.08
C ASP C 148 -35.38 -30.70 -10.92
N THR C 149 -34.28 -30.90 -10.18
CA THR C 149 -34.15 -30.32 -8.85
C THR C 149 -32.77 -29.71 -8.65
N ALA C 150 -32.76 -28.52 -8.07
CA ALA C 150 -31.53 -27.74 -7.90
C ALA C 150 -30.62 -28.39 -6.87
N ILE C 151 -29.33 -28.09 -6.99
CA ILE C 151 -28.34 -28.40 -5.98
C ILE C 151 -27.97 -27.12 -5.25
N ILE C 152 -28.07 -27.14 -3.92
CA ILE C 152 -27.80 -25.93 -3.14
C ILE C 152 -26.30 -25.70 -2.98
N PHE C 153 -25.60 -26.64 -2.33
CA PHE C 153 -24.15 -26.53 -2.13
C PHE C 153 -23.42 -26.91 -3.41
N THR C 154 -23.48 -26.00 -4.40
CA THR C 154 -22.99 -26.33 -5.72
C THR C 154 -21.48 -26.51 -5.77
N ASP C 155 -20.74 -25.96 -4.81
CA ASP C 155 -19.29 -26.13 -4.82
C ASP C 155 -18.81 -27.45 -4.21
N THR C 156 -19.69 -28.25 -3.60
CA THR C 156 -19.31 -29.54 -3.03
C THR C 156 -20.05 -30.72 -3.65
N GLU C 157 -21.35 -30.59 -3.86
CA GLU C 157 -22.19 -31.71 -4.25
C GLU C 157 -22.42 -31.73 -5.76
N VAL C 158 -22.27 -32.91 -6.36
CA VAL C 158 -22.68 -33.11 -7.75
C VAL C 158 -24.10 -33.63 -7.87
N SER C 159 -24.73 -34.08 -6.77
CA SER C 159 -26.02 -34.76 -6.84
C SER C 159 -26.67 -34.71 -5.48
N ASN C 160 -28.00 -34.81 -5.48
CA ASN C 160 -28.76 -34.91 -4.24
C ASN C 160 -28.98 -36.35 -3.81
N TRP C 161 -28.55 -37.30 -4.64
CA TRP C 161 -28.50 -38.73 -4.33
C TRP C 161 -27.05 -39.14 -4.10
N THR C 162 -26.78 -39.86 -3.01
CA THR C 162 -25.46 -40.42 -2.78
C THR C 162 -25.59 -41.89 -2.43
N LEU C 163 -24.71 -42.71 -2.98
CA LEU C 163 -24.72 -44.14 -2.74
C LEU C 163 -24.16 -44.43 -1.36
N ASP C 164 -24.87 -45.20 -0.55
CA ASP C 164 -24.35 -45.66 0.73
C ASP C 164 -23.81 -47.08 0.56
N GLU C 165 -22.55 -47.28 0.94
CA GLU C 165 -21.90 -48.56 0.71
C GLU C 165 -22.63 -49.69 1.40
N GLN C 166 -22.97 -49.49 2.67
CA GLN C 166 -23.63 -50.53 3.46
C GLN C 166 -24.97 -50.91 2.83
N ALA C 167 -25.83 -49.92 2.60
CA ALA C 167 -27.17 -50.21 2.09
C ALA C 167 -27.14 -50.60 0.61
N GLY C 168 -26.14 -50.14 -0.13
CA GLY C 168 -26.15 -50.36 -1.56
C GLY C 168 -27.31 -49.70 -2.27
N LYS C 169 -27.89 -48.66 -1.68
CA LYS C 169 -28.92 -47.85 -2.28
C LYS C 169 -28.50 -46.40 -2.26
N TYR C 170 -29.14 -45.59 -3.10
CA TYR C 170 -28.96 -44.15 -3.05
C TYR C 170 -29.86 -43.56 -1.96
N TYR C 171 -29.37 -42.51 -1.31
CA TYR C 171 -30.18 -41.73 -0.37
C TYR C 171 -30.13 -40.25 -0.74
N TRP C 172 -31.20 -39.54 -0.36
CA TRP C 172 -31.46 -38.16 -0.77
C TRP C 172 -30.92 -37.19 0.26
N HIS C 173 -30.28 -36.12 -0.21
CA HIS C 173 -29.80 -35.07 0.70
C HIS C 173 -29.86 -33.74 -0.02
N ARG C 174 -30.56 -32.77 0.57
CA ARG C 174 -30.54 -31.46 -0.06
C ARG C 174 -29.24 -30.71 0.23
N PHE C 175 -28.54 -31.07 1.31
CA PHE C 175 -27.26 -30.41 1.58
C PHE C 175 -26.11 -31.38 1.43
N PHE C 176 -25.15 -31.40 2.35
CA PHE C 176 -24.00 -32.28 2.18
C PHE C 176 -24.44 -33.75 2.18
N ALA C 177 -23.60 -34.61 1.63
CA ALA C 177 -23.89 -36.04 1.65
C ALA C 177 -23.96 -36.59 3.07
N SER C 178 -23.23 -35.97 4.00
CA SER C 178 -23.35 -36.37 5.38
C SER C 178 -24.59 -35.79 6.07
N GLN C 179 -25.58 -35.29 5.33
CA GLN C 179 -26.82 -34.79 5.92
C GLN C 179 -28.01 -35.42 5.20
N PRO C 180 -28.30 -36.68 5.49
CA PRO C 180 -29.44 -37.36 4.84
C PRO C 180 -30.78 -36.72 5.18
N ASP C 181 -31.55 -36.41 4.14
CA ASP C 181 -32.89 -35.87 4.32
C ASP C 181 -33.78 -36.87 5.04
N LEU C 182 -34.52 -36.38 6.04
CA LEU C 182 -35.56 -37.19 6.67
C LEU C 182 -36.78 -37.29 5.76
N ASN C 183 -37.55 -38.38 5.92
CA ASN C 183 -38.67 -38.74 5.06
C ASN C 183 -39.99 -38.39 5.74
N TYR C 184 -40.52 -37.20 5.44
CA TYR C 184 -41.73 -36.73 6.11
C TYR C 184 -43.00 -37.33 5.56
N ASP C 185 -42.90 -38.21 4.57
CA ASP C 185 -44.02 -39.06 4.22
C ASP C 185 -44.19 -40.20 5.20
N ASN C 186 -43.31 -40.29 6.20
CA ASN C 186 -43.45 -41.27 7.27
C ASN C 186 -44.01 -40.56 8.48
N PRO C 187 -45.27 -40.82 8.89
CA PRO C 187 -45.81 -40.12 10.07
C PRO C 187 -45.00 -40.35 11.33
N LYS C 188 -44.12 -41.35 11.34
CA LYS C 188 -43.25 -41.57 12.49
C LYS C 188 -42.18 -40.50 12.58
N VAL C 189 -41.60 -40.12 11.44
CA VAL C 189 -40.67 -38.99 11.41
C VAL C 189 -41.33 -37.75 12.02
N VAL C 190 -42.59 -37.50 11.64
CA VAL C 190 -43.30 -36.31 12.10
C VAL C 190 -43.45 -36.32 13.61
N GLU C 191 -43.78 -37.48 14.20
CA GLU C 191 -43.86 -37.55 15.65
C GLU C 191 -42.50 -37.30 16.31
N GLU C 192 -41.41 -37.74 15.67
CA GLU C 192 -40.09 -37.65 16.31
C GLU C 192 -39.60 -36.22 16.41
N LEU C 193 -39.76 -35.45 15.33
CA LEU C 193 -39.47 -34.02 15.37
C LEU C 193 -40.45 -33.29 16.29
N HIS C 194 -41.71 -33.72 16.30
CA HIS C 194 -42.67 -33.25 17.29
C HIS C 194 -42.10 -33.40 18.69
N GLY C 195 -41.59 -34.59 19.01
CA GLY C 195 -41.14 -34.87 20.36
C GLY C 195 -39.82 -34.21 20.69
N ALA C 196 -38.99 -33.95 19.67
CA ALA C 196 -37.80 -33.14 19.92
C ALA C 196 -38.18 -31.72 20.29
N ALA C 197 -39.15 -31.15 19.60
CA ALA C 197 -39.62 -29.82 19.94
C ALA C 197 -40.00 -29.73 21.42
N ARG C 198 -40.80 -30.69 21.91
CA ARG C 198 -41.34 -30.62 23.27
C ARG C 198 -40.22 -30.68 24.30
N PHE C 199 -39.32 -31.65 24.16
CA PHE C 199 -38.14 -31.74 25.04
C PHE C 199 -37.57 -30.36 25.34
N TRP C 200 -37.34 -29.56 24.31
CA TRP C 200 -36.74 -28.24 24.51
C TRP C 200 -37.74 -27.24 25.05
N LEU C 201 -38.95 -27.19 24.47
CA LEU C 201 -39.98 -26.27 24.96
C LEU C 201 -40.35 -26.55 26.42
N ASP C 202 -40.32 -27.82 26.85
CA ASP C 202 -40.60 -28.12 28.25
C ASP C 202 -39.58 -27.48 29.16
N LEU C 203 -38.34 -27.34 28.69
CA LEU C 203 -37.31 -26.68 29.47
C LEU C 203 -37.45 -25.17 29.49
N GLY C 204 -38.45 -24.60 28.81
CA GLY C 204 -38.69 -23.18 28.87
C GLY C 204 -38.13 -22.38 27.72
N LEU C 205 -37.48 -23.03 26.76
CA LEU C 205 -37.05 -22.36 25.54
C LEU C 205 -38.24 -21.67 24.88
N ASP C 206 -38.02 -20.45 24.40
CA ASP C 206 -39.14 -19.61 24.00
C ASP C 206 -39.59 -19.82 22.55
N GLY C 207 -38.95 -20.73 21.82
CA GLY C 207 -39.27 -20.91 20.42
C GLY C 207 -38.09 -21.51 19.67
N PHE C 208 -38.32 -21.71 18.38
CA PHE C 208 -37.32 -22.27 17.49
C PHE C 208 -37.21 -21.45 16.23
N ARG C 209 -35.99 -21.25 15.76
CA ARG C 209 -35.81 -21.01 14.34
C ARG C 209 -35.86 -22.37 13.66
N VAL C 210 -36.79 -22.56 12.73
CA VAL C 210 -36.87 -23.82 12.02
C VAL C 210 -36.08 -23.71 10.72
N ASP C 211 -35.24 -24.71 10.48
CA ASP C 211 -34.22 -24.66 9.45
C ASP C 211 -34.71 -25.33 8.16
N ALA C 212 -34.57 -24.60 7.03
CA ALA C 212 -34.73 -25.16 5.69
C ALA C 212 -36.13 -25.74 5.45
N VAL C 213 -37.15 -24.98 5.82
CA VAL C 213 -38.52 -25.50 5.77
C VAL C 213 -39.07 -25.72 4.36
N PRO C 214 -38.55 -25.12 3.28
CA PRO C 214 -39.18 -25.37 1.98
C PRO C 214 -38.92 -26.76 1.47
N TYR C 215 -37.92 -27.46 2.00
CA TYR C 215 -37.36 -28.63 1.35
C TYR C 215 -37.84 -29.96 1.94
N LEU C 216 -38.89 -29.93 2.77
CA LEU C 216 -39.34 -31.12 3.48
C LEU C 216 -39.79 -32.24 2.55
N ILE C 217 -40.91 -32.04 1.83
CA ILE C 217 -41.45 -33.05 0.93
C ILE C 217 -40.84 -32.90 -0.46
N GLU C 218 -40.64 -34.02 -1.13
CA GLU C 218 -40.26 -34.05 -2.54
C GLU C 218 -41.31 -34.83 -3.34
N ARG C 219 -41.64 -34.34 -4.54
CA ARG C 219 -42.59 -34.99 -5.45
C ARG C 219 -42.03 -34.93 -6.86
N GLU C 220 -42.20 -36.02 -7.62
CA GLU C 220 -41.60 -36.09 -8.93
C GLU C 220 -42.10 -34.96 -9.84
N GLY C 221 -41.26 -34.59 -10.81
CA GLY C 221 -41.59 -33.53 -11.74
C GLY C 221 -41.94 -32.19 -11.12
N THR C 222 -41.50 -31.93 -9.88
CA THR C 222 -41.67 -30.63 -9.23
C THR C 222 -40.30 -30.08 -8.83
N SER C 223 -40.29 -28.85 -8.33
CA SER C 223 -39.05 -28.28 -7.80
C SER C 223 -38.66 -28.85 -6.44
N CYS C 224 -39.57 -29.60 -5.79
CA CYS C 224 -39.34 -30.15 -4.44
C CYS C 224 -39.03 -29.02 -3.45
N GLU C 225 -39.87 -28.00 -3.52
CA GLU C 225 -39.65 -26.69 -2.92
C GLU C 225 -41.03 -26.08 -2.71
N ASN C 226 -41.39 -25.76 -1.46
CA ASN C 226 -42.63 -25.08 -1.10
C ASN C 226 -43.88 -25.93 -1.35
N LEU C 227 -43.72 -27.24 -1.41
CA LEU C 227 -44.81 -28.11 -1.80
C LEU C 227 -45.96 -28.06 -0.79
N PRO C 228 -47.20 -28.11 -1.25
CA PRO C 228 -48.34 -28.07 -0.29
C PRO C 228 -48.19 -29.04 0.88
N GLU C 229 -47.64 -30.22 0.65
CA GLU C 229 -47.50 -31.17 1.76
C GLU C 229 -46.53 -30.67 2.82
N THR C 230 -45.46 -29.97 2.42
CA THR C 230 -44.55 -29.48 3.45
C THR C 230 -45.22 -28.38 4.27
N HIS C 231 -46.01 -27.51 3.61
CA HIS C 231 -46.80 -26.53 4.35
C HIS C 231 -47.75 -27.19 5.33
N GLU C 232 -48.31 -28.35 4.95
CA GLU C 232 -49.23 -29.06 5.84
C GLU C 232 -48.51 -29.55 7.10
N ILE C 233 -47.37 -30.23 6.94
CA ILE C 233 -46.60 -30.68 8.10
C ILE C 233 -46.29 -29.51 9.04
N LEU C 234 -45.94 -28.37 8.46
CA LEU C 234 -45.56 -27.21 9.25
C LEU C 234 -46.75 -26.66 10.03
N LYS C 235 -47.95 -26.66 9.43
CA LYS C 235 -49.17 -26.33 10.17
C LYS C 235 -49.34 -27.23 11.38
N GLY C 236 -49.03 -28.53 11.23
CA GLY C 236 -49.01 -29.42 12.38
C GLY C 236 -48.11 -28.94 13.50
N PHE C 237 -46.95 -28.41 13.14
CA PHE C 237 -46.02 -27.91 14.14
C PHE C 237 -46.59 -26.70 14.86
N ARG C 238 -47.21 -25.79 14.11
CA ARG C 238 -47.88 -24.65 14.72
C ARG C 238 -49.02 -25.11 15.61
N ALA C 239 -49.84 -26.04 15.10
CA ALA C 239 -50.98 -26.50 15.88
C ALA C 239 -50.54 -27.09 17.20
N MET C 240 -49.40 -27.79 17.22
CA MET C 240 -48.91 -28.37 18.46
C MET C 240 -48.54 -27.29 19.46
N VAL C 241 -47.72 -26.32 19.05
CA VAL C 241 -47.29 -25.33 20.02
C VAL C 241 -48.45 -24.42 20.42
N ASP C 242 -49.38 -24.14 19.50
CA ASP C 242 -50.52 -23.29 19.83
C ASP C 242 -51.37 -23.92 20.91
N ARG C 243 -51.43 -25.25 20.94
CA ARG C 243 -52.23 -25.99 21.92
C ARG C 243 -51.43 -26.36 23.16
N GLU C 244 -50.16 -26.72 22.99
CA GLU C 244 -49.36 -27.22 24.11
C GLU C 244 -48.44 -26.16 24.73
N TYR C 245 -47.96 -25.19 23.97
CA TYR C 245 -47.05 -24.18 24.51
C TYR C 245 -47.46 -22.80 24.03
N PRO C 246 -48.57 -22.27 24.55
CA PRO C 246 -49.04 -20.95 24.11
C PRO C 246 -47.99 -19.85 24.28
N GLY C 247 -47.84 -19.03 23.24
CA GLY C 247 -46.93 -17.92 23.24
C GLY C 247 -45.51 -18.22 22.74
N ARG C 248 -45.17 -19.48 22.51
CA ARG C 248 -43.84 -19.80 22.01
C ARG C 248 -43.72 -19.52 20.51
N LEU C 249 -42.54 -19.09 20.09
CA LEU C 249 -42.35 -18.53 18.76
C LEU C 249 -41.89 -19.58 17.75
N LEU C 250 -42.46 -19.53 16.55
CA LEU C 250 -42.01 -20.36 15.43
C LEU C 250 -41.50 -19.43 14.33
N LEU C 251 -40.24 -19.57 13.98
CA LEU C 251 -39.56 -18.63 13.10
C LEU C 251 -38.97 -19.41 11.93
N ALA C 252 -39.32 -19.00 10.71
CA ALA C 252 -38.99 -19.78 9.51
C ALA C 252 -37.81 -19.18 8.75
N GLU C 253 -36.85 -20.03 8.41
CA GLU C 253 -35.83 -19.74 7.40
C GLU C 253 -36.37 -20.19 6.04
N ALA C 254 -36.92 -19.27 5.26
CA ALA C 254 -37.47 -19.59 3.94
C ALA C 254 -36.91 -18.56 2.97
N ASN C 255 -35.82 -18.91 2.29
CA ASN C 255 -35.22 -18.03 1.30
C ASN C 255 -35.84 -18.34 -0.05
N GLN C 256 -36.95 -17.68 -0.36
CA GLN C 256 -37.73 -17.94 -1.58
C GLN C 256 -38.25 -16.61 -2.12
N TRP C 257 -38.78 -16.63 -3.33
CA TRP C 257 -39.29 -15.39 -3.91
C TRP C 257 -40.49 -14.92 -3.08
N PRO C 258 -40.81 -13.61 -3.14
CA PRO C 258 -41.86 -13.05 -2.27
C PRO C 258 -43.19 -13.79 -2.30
N GLU C 259 -43.68 -14.17 -3.49
CA GLU C 259 -44.96 -14.86 -3.52
C GLU C 259 -44.92 -16.15 -2.71
N GLU C 260 -43.81 -16.88 -2.79
CA GLU C 260 -43.67 -18.13 -2.05
C GLU C 260 -43.38 -17.92 -0.56
N VAL C 261 -42.71 -16.83 -0.19
CA VAL C 261 -42.32 -16.68 1.22
C VAL C 261 -43.53 -16.42 2.10
N VAL C 262 -44.51 -15.65 1.62
CA VAL C 262 -45.62 -15.26 2.49
C VAL C 262 -46.44 -16.48 2.88
N GLU C 263 -46.49 -17.48 1.99
CA GLU C 263 -47.20 -18.73 2.29
C GLU C 263 -46.85 -19.30 3.67
N TYR C 264 -45.58 -19.23 4.07
CA TYR C 264 -45.17 -19.86 5.32
C TYR C 264 -45.76 -19.19 6.55
N PHE C 265 -46.50 -18.08 6.43
CA PHE C 265 -47.33 -17.64 7.54
C PHE C 265 -48.62 -18.43 7.65
N GLY C 266 -48.99 -19.16 6.59
CA GLY C 266 -50.33 -19.71 6.55
C GLY C 266 -51.35 -18.59 6.49
N THR C 267 -52.53 -18.86 7.02
CA THR C 267 -53.63 -17.91 7.11
C THR C 267 -54.19 -17.90 8.53
N GLU C 268 -55.21 -17.07 8.75
CA GLU C 268 -55.80 -16.97 10.07
C GLU C 268 -56.47 -18.27 10.50
N ALA C 269 -57.11 -18.97 9.56
CA ALA C 269 -57.78 -20.23 9.89
C ALA C 269 -56.81 -21.40 9.98
N GLU C 270 -55.68 -21.32 9.28
CA GLU C 270 -54.73 -22.42 9.16
C GLU C 270 -53.30 -21.89 9.35
N PRO C 271 -53.00 -21.33 10.53
CA PRO C 271 -51.71 -20.64 10.73
C PRO C 271 -50.51 -21.58 10.56
N GLU C 272 -49.38 -20.99 10.18
CA GLU C 272 -48.12 -21.70 10.12
C GLU C 272 -47.12 -20.95 11.00
N PHE C 273 -46.19 -20.21 10.43
CA PHE C 273 -45.13 -19.62 11.24
C PHE C 273 -45.57 -18.25 11.75
N HIS C 274 -45.06 -17.88 12.93
CA HIS C 274 -45.29 -16.52 13.39
C HIS C 274 -44.46 -15.52 12.61
N MET C 275 -43.27 -15.92 12.15
CA MET C 275 -42.31 -15.01 11.54
C MET C 275 -41.59 -15.71 10.40
N CYS C 276 -41.29 -14.94 9.37
CA CYS C 276 -40.33 -15.37 8.37
C CYS C 276 -39.24 -14.32 8.25
N PHE C 277 -38.04 -14.79 7.92
CA PHE C 277 -36.95 -13.90 7.54
C PHE C 277 -37.28 -13.26 6.21
N ASN C 278 -37.05 -11.95 6.11
CA ASN C 278 -37.31 -11.23 4.86
C ASN C 278 -36.08 -11.35 3.96
N PHE C 279 -35.93 -12.56 3.40
CA PHE C 279 -34.85 -12.81 2.46
C PHE C 279 -34.95 -11.99 1.18
N PRO C 280 -36.14 -11.68 0.65
CA PRO C 280 -36.20 -10.88 -0.59
C PRO C 280 -35.66 -9.47 -0.50
N VAL C 281 -35.79 -8.76 0.63
CA VAL C 281 -35.28 -7.38 0.63
C VAL C 281 -33.77 -7.34 0.76
N MET C 282 -33.19 -8.32 1.44
CA MET C 282 -31.79 -8.24 1.83
C MET C 282 -30.85 -7.98 0.65
N PRO C 283 -30.84 -8.76 -0.43
CA PRO C 283 -29.88 -8.46 -1.50
C PRO C 283 -30.14 -7.13 -2.20
N ARG C 284 -31.40 -6.67 -2.27
CA ARG C 284 -31.70 -5.42 -2.95
C ARG C 284 -31.17 -4.20 -2.18
N LEU C 285 -31.04 -4.28 -0.86
CA LEU C 285 -30.36 -3.21 -0.13
C LEU C 285 -28.95 -3.01 -0.65
N TYR C 286 -28.22 -4.12 -0.81
CA TYR C 286 -26.84 -4.04 -1.27
C TYR C 286 -26.78 -3.63 -2.74
N MET C 287 -27.69 -4.16 -3.56
CA MET C 287 -27.76 -3.76 -4.95
C MET C 287 -27.97 -2.27 -5.07
N SER C 288 -28.97 -1.75 -4.37
CA SER C 288 -29.32 -0.34 -4.45
C SER C 288 -28.15 0.54 -4.03
N LEU C 289 -27.37 0.07 -3.08
CA LEU C 289 -26.27 0.87 -2.58
C LEU C 289 -25.22 1.07 -3.67
N LYS C 290 -24.82 -0.03 -4.32
CA LYS C 290 -23.82 0.06 -5.38
C LYS C 290 -24.40 0.71 -6.64
N ARG C 291 -25.69 0.60 -6.82
CA ARG C 291 -26.31 1.14 -8.01
C ARG C 291 -26.80 2.57 -7.80
N GLU C 292 -26.87 3.03 -6.55
CA GLU C 292 -27.31 4.39 -6.22
C GLU C 292 -28.75 4.61 -6.71
N ASP C 293 -29.55 3.56 -6.64
CA ASP C 293 -30.91 3.53 -7.17
C ASP C 293 -31.69 2.54 -6.31
N THR C 294 -32.75 3.01 -5.65
CA THR C 294 -33.51 2.16 -4.74
C THR C 294 -34.76 1.56 -5.35
N SER C 295 -34.96 1.69 -6.67
CA SER C 295 -36.19 1.17 -7.27
C SER C 295 -36.40 -0.29 -6.86
N SER C 296 -35.33 -1.08 -6.87
CA SER C 296 -35.45 -2.52 -6.64
C SER C 296 -35.88 -2.85 -5.23
N ILE C 297 -35.59 -1.96 -4.25
CA ILE C 297 -36.11 -2.17 -2.91
C ILE C 297 -37.62 -2.06 -2.91
N ARG C 298 -38.14 -0.97 -3.48
CA ARG C 298 -39.59 -0.77 -3.55
C ARG C 298 -40.26 -1.89 -4.33
N GLU C 299 -39.75 -2.20 -5.52
CA GLU C 299 -40.34 -3.26 -6.35
C GLU C 299 -40.50 -4.53 -5.54
N ILE C 300 -39.42 -5.00 -4.93
CA ILE C 300 -39.48 -6.28 -4.24
C ILE C 300 -40.31 -6.18 -2.95
N MET C 301 -40.28 -5.03 -2.27
CA MET C 301 -41.18 -4.82 -1.14
C MET C 301 -42.64 -4.85 -1.60
N GLY C 302 -42.91 -4.29 -2.78
CA GLY C 302 -44.27 -4.28 -3.29
C GLY C 302 -44.81 -5.65 -3.65
N ARG C 303 -43.95 -6.64 -3.86
CA ARG C 303 -44.40 -7.98 -4.20
C ARG C 303 -44.70 -8.83 -2.98
N LEU C 304 -44.49 -8.29 -1.78
CA LEU C 304 -44.91 -8.95 -0.57
C LEU C 304 -46.35 -8.54 -0.28
N PRO C 305 -47.31 -9.45 -0.27
CA PRO C 305 -48.69 -9.11 0.07
C PRO C 305 -48.87 -8.97 1.58
N LYS C 306 -50.10 -8.66 1.99
CA LYS C 306 -50.44 -8.62 3.41
C LYS C 306 -50.05 -9.93 4.08
N ILE C 307 -49.74 -9.86 5.36
CA ILE C 307 -49.52 -11.07 6.15
C ILE C 307 -50.59 -11.10 7.23
N PRO C 308 -50.79 -12.25 7.88
CA PRO C 308 -51.82 -12.31 8.93
C PRO C 308 -51.52 -11.40 10.09
N SER C 309 -52.56 -11.22 10.91
CA SER C 309 -52.50 -10.39 12.11
C SER C 309 -51.38 -10.82 13.06
N PHE C 310 -51.12 -12.13 13.14
CA PHE C 310 -50.07 -12.57 14.05
C PHE C 310 -48.69 -12.45 13.43
N GLY C 311 -48.61 -12.27 12.11
CA GLY C 311 -47.34 -12.34 11.41
C GLY C 311 -46.43 -11.16 11.69
N GLN C 312 -45.13 -11.39 11.52
CA GLN C 312 -44.13 -10.34 11.65
C GLN C 312 -42.93 -10.71 10.82
N TRP C 313 -42.49 -9.79 9.98
CA TRP C 313 -41.25 -10.00 9.25
C TRP C 313 -40.05 -9.94 10.19
N CYS C 314 -39.02 -10.69 9.84
CA CYS C 314 -37.73 -10.63 10.51
C CYS C 314 -36.72 -10.02 9.54
N ILE C 315 -36.20 -8.86 9.87
CA ILE C 315 -35.30 -8.13 9.00
C ILE C 315 -33.86 -8.43 9.42
N PHE C 316 -33.00 -8.61 8.43
CA PHE C 316 -31.59 -8.86 8.70
C PHE C 316 -30.77 -8.33 7.54
N LEU C 317 -29.50 -8.04 7.84
CA LEU C 317 -28.50 -7.70 6.83
C LEU C 317 -27.54 -8.84 6.56
N ARG C 318 -26.98 -9.46 7.59
CA ARG C 318 -26.13 -10.61 7.35
C ARG C 318 -26.43 -11.64 8.42
N ASN C 319 -25.94 -12.85 8.18
CA ASN C 319 -26.13 -13.96 9.11
C ASN C 319 -24.89 -14.85 9.04
N HIS C 320 -25.00 -16.05 9.61
CA HIS C 320 -23.90 -17.00 9.67
C HIS C 320 -23.63 -17.67 8.33
N ASP C 321 -24.40 -17.36 7.29
CA ASP C 321 -24.24 -17.96 5.98
C ASP C 321 -23.65 -16.96 5.01
N GLU C 322 -23.34 -17.44 3.81
CA GLU C 322 -23.02 -16.54 2.71
C GLU C 322 -24.20 -15.60 2.44
N LEU C 323 -23.92 -14.42 1.89
CA LEU C 323 -24.98 -13.56 1.38
C LEU C 323 -25.62 -14.26 0.17
N THR C 324 -26.83 -14.79 0.33
CA THR C 324 -27.41 -15.63 -0.72
C THR C 324 -27.84 -14.84 -1.95
N LEU C 325 -27.59 -15.44 -3.11
CA LEU C 325 -27.98 -14.93 -4.41
C LEU C 325 -28.86 -15.93 -5.14
N GLU C 326 -29.44 -16.86 -4.40
CA GLU C 326 -30.35 -17.84 -4.99
C GLU C 326 -31.59 -17.16 -5.58
N MET C 327 -32.18 -16.22 -4.85
CA MET C 327 -33.51 -15.71 -5.23
C MET C 327 -33.45 -14.30 -5.84
N VAL C 328 -32.50 -14.11 -6.76
CA VAL C 328 -32.40 -12.92 -7.59
C VAL C 328 -32.28 -13.38 -9.03
N THR C 329 -32.34 -12.43 -9.97
CA THR C 329 -32.28 -12.86 -11.36
C THR C 329 -30.85 -13.16 -11.75
N ASP C 330 -30.69 -13.69 -12.97
CA ASP C 330 -29.38 -13.89 -13.58
C ASP C 330 -28.62 -12.57 -13.69
N ASP C 331 -29.30 -11.52 -14.16
CA ASP C 331 -28.67 -10.20 -14.27
C ASP C 331 -28.20 -9.69 -12.91
N GLU C 332 -29.10 -9.69 -11.92
CA GLU C 332 -28.76 -9.20 -10.58
C GLU C 332 -27.66 -10.03 -9.94
N ARG C 333 -27.68 -11.34 -10.15
CA ARG C 333 -26.65 -12.18 -9.54
C ARG C 333 -25.26 -11.83 -10.07
N ALA C 334 -25.15 -11.54 -11.37
CA ALA C 334 -23.86 -11.19 -11.93
C ALA C 334 -23.44 -9.78 -11.52
N PHE C 335 -24.39 -8.84 -11.46
CA PHE C 335 -24.13 -7.52 -10.91
C PHE C 335 -23.55 -7.62 -9.50
N MET C 336 -24.14 -8.47 -8.66
CA MET C 336 -23.73 -8.52 -7.27
C MET C 336 -22.32 -9.09 -7.12
N TYR C 337 -21.99 -10.15 -7.88
CA TYR C 337 -20.63 -10.65 -7.92
C TYR C 337 -19.65 -9.56 -8.34
N ALA C 338 -19.97 -8.84 -9.43
CA ALA C 338 -19.07 -7.78 -9.88
C ALA C 338 -18.93 -6.67 -8.83
N ALA C 339 -20.00 -6.38 -8.08
CA ALA C 339 -19.95 -5.29 -7.13
C ALA C 339 -19.31 -5.70 -5.80
N TYR C 340 -19.54 -6.92 -5.36
CA TYR C 340 -19.20 -7.31 -3.99
C TYR C 340 -18.33 -8.56 -3.93
N ALA C 341 -17.96 -9.11 -5.06
CA ALA C 341 -17.15 -10.30 -5.01
C ALA C 341 -16.02 -10.20 -6.03
N PRO C 342 -15.26 -9.09 -6.05
CA PRO C 342 -14.22 -8.95 -7.10
C PRO C 342 -13.21 -10.09 -7.13
N ASP C 343 -12.84 -10.60 -5.96
CA ASP C 343 -11.89 -11.71 -5.82
C ASP C 343 -12.66 -13.03 -5.78
N ALA C 344 -12.21 -14.00 -6.59
CA ALA C 344 -13.00 -15.21 -6.80
C ALA C 344 -13.22 -15.99 -5.51
N ARG C 345 -12.29 -15.88 -4.55
CA ARG C 345 -12.44 -16.57 -3.28
C ARG C 345 -13.61 -16.03 -2.44
N MET C 346 -14.15 -14.85 -2.75
CA MET C 346 -15.26 -14.34 -1.95
C MET C 346 -16.61 -15.02 -2.24
N LYS C 347 -16.69 -15.88 -3.25
CA LYS C 347 -17.93 -16.55 -3.64
C LYS C 347 -18.00 -17.95 -3.03
N ILE C 348 -19.22 -18.40 -2.75
CA ILE C 348 -19.44 -19.83 -2.50
C ILE C 348 -20.92 -20.17 -2.65
N ASN C 349 -21.21 -21.29 -3.36
CA ASN C 349 -22.56 -21.89 -3.43
C ASN C 349 -23.64 -20.93 -3.95
N VAL C 350 -23.34 -20.04 -4.89
CA VAL C 350 -24.31 -19.05 -5.34
C VAL C 350 -24.51 -17.99 -4.25
N GLY C 351 -23.42 -17.36 -3.84
CA GLY C 351 -23.47 -16.36 -2.79
C GLY C 351 -22.08 -15.84 -2.50
N ILE C 352 -22.02 -14.98 -1.48
CA ILE C 352 -20.83 -14.20 -1.17
C ILE C 352 -20.56 -14.35 0.33
N ARG C 353 -19.36 -14.86 0.68
CA ARG C 353 -19.09 -15.23 2.07
C ARG C 353 -18.28 -14.14 2.77
N ARG C 354 -18.93 -12.98 2.95
CA ARG C 354 -18.27 -11.82 3.52
C ARG C 354 -19.15 -11.21 4.60
N ARG C 355 -18.51 -10.68 5.63
CA ARG C 355 -19.22 -9.96 6.67
C ARG C 355 -19.69 -8.60 6.17
N LEU C 356 -20.55 -7.97 6.97
CA LEU C 356 -21.16 -6.70 6.58
C LEU C 356 -20.13 -5.59 6.39
N ALA C 357 -19.27 -5.37 7.40
CA ALA C 357 -18.31 -4.27 7.28
C ALA C 357 -17.44 -4.40 6.03
N PRO C 358 -16.77 -5.53 5.76
CA PRO C 358 -16.01 -5.63 4.50
C PRO C 358 -16.83 -5.34 3.26
N LEU C 359 -18.07 -5.84 3.19
CA LEU C 359 -18.89 -5.63 2.00
C LEU C 359 -19.00 -4.14 1.68
N LEU C 360 -19.15 -3.31 2.71
CA LEU C 360 -19.31 -1.88 2.55
C LEU C 360 -17.99 -1.12 2.69
N ASP C 361 -16.86 -1.78 2.40
CA ASP C 361 -15.53 -1.14 2.39
C ASP C 361 -15.21 -0.46 3.72
N ASN C 362 -15.75 -1.06 4.78
CA ASN C 362 -15.64 -0.65 6.17
C ASN C 362 -16.15 0.77 6.37
N ASP C 363 -17.06 1.22 5.49
CA ASP C 363 -17.48 2.61 5.52
C ASP C 363 -18.57 2.79 6.55
N ARG C 364 -18.25 3.58 7.56
CA ARG C 364 -19.16 3.75 8.67
C ARG C 364 -20.45 4.45 8.24
N ARG C 365 -20.37 5.39 7.30
CA ARG C 365 -21.61 6.03 6.83
C ARG C 365 -22.54 5.00 6.19
N ARG C 366 -21.99 4.11 5.35
CA ARG C 366 -22.80 3.07 4.72
C ARG C 366 -23.31 2.07 5.74
N ILE C 367 -22.45 1.65 6.68
CA ILE C 367 -22.89 0.73 7.71
C ILE C 367 -24.04 1.32 8.48
N GLU C 368 -23.89 2.56 8.92
CA GLU C 368 -24.97 3.22 9.65
C GLU C 368 -26.22 3.33 8.78
N LEU C 369 -26.05 3.69 7.51
CA LEU C 369 -27.20 3.85 6.64
C LEU C 369 -27.98 2.55 6.53
N LEU C 370 -27.27 1.42 6.33
CA LEU C 370 -28.01 0.18 6.16
C LEU C 370 -28.58 -0.33 7.46
N ASN C 371 -27.91 -0.05 8.59
CA ASN C 371 -28.50 -0.43 9.86
C ASN C 371 -29.77 0.35 10.12
N THR C 372 -29.82 1.65 9.78
CA THR C 372 -31.02 2.43 10.07
C THR C 372 -32.20 1.96 9.22
N VAL C 373 -31.94 1.52 7.99
CA VAL C 373 -32.98 0.88 7.20
C VAL C 373 -33.38 -0.45 7.82
N LEU C 374 -32.40 -1.19 8.37
CA LEU C 374 -32.71 -2.45 9.05
C LEU C 374 -33.69 -2.21 10.18
N LEU C 375 -33.49 -1.12 10.92
CA LEU C 375 -34.31 -0.77 12.07
C LEU C 375 -35.62 -0.11 11.70
N ALA C 376 -35.81 0.31 10.44
CA ALA C 376 -36.96 1.14 10.05
C ALA C 376 -37.98 0.44 9.16
N LEU C 377 -37.60 -0.63 8.45
CA LEU C 377 -38.57 -1.41 7.70
C LEU C 377 -39.49 -2.16 8.66
N PRO C 378 -40.68 -2.58 8.20
CA PRO C 378 -41.60 -3.26 9.12
C PRO C 378 -41.09 -4.64 9.48
N GLY C 379 -40.99 -4.91 10.77
CA GLY C 379 -40.59 -6.21 11.23
C GLY C 379 -39.77 -6.09 12.49
N SER C 380 -39.16 -7.22 12.85
CA SER C 380 -38.28 -7.27 14.00
C SER C 380 -36.87 -7.51 13.49
N PRO C 381 -35.93 -6.63 13.81
CA PRO C 381 -34.57 -6.74 13.23
C PRO C 381 -33.77 -7.77 14.00
N VAL C 382 -32.86 -8.44 13.31
CA VAL C 382 -31.89 -9.32 13.99
C VAL C 382 -30.48 -8.87 13.65
N LEU C 383 -29.65 -8.77 14.69
CA LEU C 383 -28.25 -8.41 14.55
C LEU C 383 -27.40 -9.68 14.58
N TYR C 384 -26.44 -9.75 13.68
CA TYR C 384 -25.47 -10.83 13.68
C TYR C 384 -24.31 -10.45 14.58
N TYR C 385 -24.02 -11.29 15.56
CA TYR C 385 -22.99 -10.99 16.55
C TYR C 385 -21.73 -10.43 15.90
N GLY C 386 -21.22 -9.36 16.49
CA GLY C 386 -20.00 -8.76 16.03
C GLY C 386 -20.19 -7.70 14.97
N ASP C 387 -21.37 -7.61 14.36
CA ASP C 387 -21.56 -6.51 13.41
C ASP C 387 -21.73 -5.18 14.14
N GLU C 388 -22.25 -5.18 15.37
CA GLU C 388 -22.37 -3.95 16.14
C GLU C 388 -21.01 -3.38 16.56
N ILE C 389 -19.91 -4.09 16.36
CA ILE C 389 -18.59 -3.50 16.52
C ILE C 389 -17.84 -3.39 15.20
N GLY C 390 -18.41 -3.83 14.09
CA GLY C 390 -17.70 -3.79 12.82
C GLY C 390 -16.71 -4.91 12.56
N MET C 391 -17.01 -6.14 13.01
CA MET C 391 -16.11 -7.27 12.72
C MET C 391 -15.95 -7.52 11.22
N GLY C 392 -14.81 -8.13 10.88
CA GLY C 392 -14.48 -8.48 9.52
C GLY C 392 -14.68 -9.96 9.27
N ASP C 393 -14.01 -10.47 8.23
CA ASP C 393 -14.10 -11.87 7.84
C ASP C 393 -12.70 -12.48 7.73
N ASP C 394 -12.64 -13.79 7.53
CA ASP C 394 -11.39 -14.50 7.26
C ASP C 394 -11.66 -15.48 6.13
N LEU C 395 -11.34 -15.03 4.90
CA LEU C 395 -11.55 -15.79 3.68
C LEU C 395 -10.59 -16.96 3.51
N GLY C 396 -9.55 -17.05 4.34
CA GLY C 396 -8.75 -18.27 4.34
C GLY C 396 -9.48 -19.48 4.90
N LEU C 397 -10.53 -19.27 5.69
CA LEU C 397 -11.21 -20.41 6.28
C LEU C 397 -12.19 -21.06 5.28
N PRO C 398 -12.41 -22.36 5.40
CA PRO C 398 -13.24 -23.05 4.39
C PRO C 398 -14.72 -22.76 4.58
N ASP C 399 -15.44 -22.90 3.47
CA ASP C 399 -16.92 -22.89 3.46
C ASP C 399 -17.38 -21.54 4.01
N ARG C 400 -18.29 -21.50 4.99
CA ARG C 400 -18.83 -20.27 5.50
C ARG C 400 -18.23 -19.89 6.86
N ASN C 401 -17.15 -20.55 7.26
CA ASN C 401 -16.57 -20.28 8.57
C ASN C 401 -15.92 -18.91 8.64
N GLY C 402 -15.55 -18.33 7.50
CA GLY C 402 -14.87 -17.05 7.51
C GLY C 402 -15.69 -15.95 8.15
N VAL C 403 -17.01 -16.10 8.20
CA VAL C 403 -17.85 -15.10 8.85
C VAL C 403 -18.20 -15.49 10.28
N ARG C 404 -17.57 -16.53 10.82
CA ARG C 404 -17.99 -17.11 12.08
C ARG C 404 -16.86 -17.16 13.10
N THR C 405 -15.91 -16.24 12.98
CA THR C 405 -14.78 -16.23 13.92
C THR C 405 -15.22 -15.73 15.29
N PRO C 406 -14.41 -15.95 16.33
CA PRO C 406 -14.80 -15.53 17.68
C PRO C 406 -15.12 -14.04 17.80
N MET C 407 -16.18 -13.75 18.57
CA MET C 407 -16.45 -12.42 19.11
C MET C 407 -15.17 -11.83 19.67
N GLN C 408 -14.98 -10.53 19.43
CA GLN C 408 -13.76 -9.81 19.82
C GLN C 408 -14.13 -8.85 20.95
N TRP C 409 -13.88 -9.28 22.20
CA TRP C 409 -14.27 -8.55 23.40
C TRP C 409 -13.23 -7.53 23.87
N ASN C 410 -11.95 -7.82 23.68
CA ASN C 410 -10.92 -6.86 24.08
C ASN C 410 -9.68 -7.12 23.25
N ALA C 411 -8.63 -6.33 23.52
CA ALA C 411 -7.36 -6.43 22.79
C ALA C 411 -6.42 -7.48 23.37
N GLY C 412 -6.79 -8.11 24.49
CA GLY C 412 -5.98 -9.13 25.14
C GLY C 412 -5.94 -10.43 24.35
N THR C 413 -5.48 -11.50 24.99
CA THR C 413 -5.20 -12.70 24.24
C THR C 413 -6.47 -13.24 23.58
N SER C 414 -6.33 -13.65 22.31
CA SER C 414 -7.44 -14.16 21.48
C SER C 414 -8.65 -13.22 21.44
N GLY C 415 -8.40 -11.92 21.62
CA GLY C 415 -9.48 -10.96 21.66
C GLY C 415 -10.42 -11.10 22.85
N GLY C 416 -9.92 -11.65 23.97
CA GLY C 416 -10.74 -11.92 25.13
C GLY C 416 -11.76 -13.04 24.95
N PHE C 417 -11.77 -13.70 23.80
CA PHE C 417 -12.65 -14.84 23.58
C PHE C 417 -12.23 -16.06 24.40
N SER C 418 -10.94 -16.21 24.67
CA SER C 418 -10.42 -17.40 25.30
C SER C 418 -9.05 -17.06 25.87
N THR C 419 -8.67 -17.76 26.94
CA THR C 419 -7.31 -17.65 27.45
C THR C 419 -6.35 -18.58 26.72
N ALA C 420 -6.86 -19.49 25.89
CA ALA C 420 -6.07 -20.23 24.93
C ALA C 420 -5.53 -19.30 23.84
N GLN C 421 -4.41 -19.72 23.23
CA GLN C 421 -3.77 -18.95 22.16
C GLN C 421 -4.60 -18.95 20.89
N PRO C 422 -4.49 -17.90 20.09
CA PRO C 422 -5.29 -17.82 18.86
C PRO C 422 -5.29 -19.07 18.03
N SER C 423 -4.16 -19.80 17.99
CA SER C 423 -4.05 -20.97 17.12
C SER C 423 -4.59 -22.25 17.76
N ASP C 424 -5.14 -22.16 18.98
CA ASP C 424 -5.85 -23.25 19.64
C ASP C 424 -7.37 -23.11 19.61
N CYS C 425 -7.89 -21.95 19.21
CA CYS C 425 -9.32 -21.70 19.20
C CYS C 425 -9.98 -22.44 18.05
N PHE C 426 -11.28 -22.73 18.23
CA PHE C 426 -12.04 -23.46 17.21
C PHE C 426 -11.83 -22.85 15.82
N PHE C 427 -12.20 -21.60 15.66
CA PHE C 427 -11.80 -20.80 14.52
C PHE C 427 -10.85 -19.72 15.04
N PRO C 428 -9.84 -19.34 14.27
CA PRO C 428 -8.86 -18.37 14.78
C PRO C 428 -9.49 -17.00 14.88
N PRO C 429 -9.24 -16.27 15.97
CA PRO C 429 -9.68 -14.86 16.02
C PRO C 429 -8.98 -14.05 14.94
N ILE C 430 -9.66 -13.02 14.45
CA ILE C 430 -9.11 -12.22 13.37
C ILE C 430 -8.09 -11.23 13.92
N GLN C 431 -6.92 -11.14 13.24
CA GLN C 431 -5.78 -10.36 13.70
C GLN C 431 -5.25 -9.40 12.65
N ASP C 432 -5.93 -9.23 11.52
CA ASP C 432 -5.42 -8.39 10.45
C ASP C 432 -5.48 -6.90 10.85
N PRO C 433 -4.71 -6.05 10.16
CA PRO C 433 -4.56 -4.66 10.62
C PRO C 433 -5.84 -3.83 10.61
N VAL C 434 -6.87 -4.22 9.86
CA VAL C 434 -8.10 -3.44 9.73
C VAL C 434 -9.18 -3.93 10.65
N TYR C 435 -9.41 -5.25 10.68
CA TYR C 435 -10.48 -5.83 11.47
C TYR C 435 -10.02 -6.63 12.68
N GLY C 436 -8.72 -6.76 12.93
CA GLY C 436 -8.27 -7.54 14.06
C GLY C 436 -8.77 -7.03 15.40
N PHE C 437 -8.74 -7.92 16.40
CA PHE C 437 -9.15 -7.53 17.74
C PHE C 437 -8.21 -6.52 18.39
N GLY C 438 -7.06 -6.24 17.78
CA GLY C 438 -6.30 -5.10 18.23
C GLY C 438 -7.02 -3.81 17.92
N ARG C 439 -7.82 -3.80 16.87
CA ARG C 439 -8.43 -2.59 16.36
C ARG C 439 -9.92 -2.56 16.63
N VAL C 440 -10.56 -3.72 16.56
CA VAL C 440 -12.00 -3.87 16.64
C VAL C 440 -12.29 -4.77 17.84
N ASN C 441 -12.71 -4.19 18.97
CA ASN C 441 -13.11 -4.99 20.12
C ASN C 441 -14.09 -4.21 20.96
N VAL C 442 -14.87 -4.96 21.75
CA VAL C 442 -15.96 -4.36 22.52
C VAL C 442 -15.42 -3.40 23.57
N GLN C 443 -14.35 -3.80 24.25
CA GLN C 443 -13.85 -2.98 25.36
C GLN C 443 -13.47 -1.56 24.91
N SER C 444 -12.86 -1.40 23.73
CA SER C 444 -12.49 -0.05 23.31
C SER C 444 -13.67 0.74 22.78
N GLN C 445 -14.67 0.06 22.24
CA GLN C 445 -15.85 0.78 21.79
C GLN C 445 -16.67 1.22 22.98
N LEU C 446 -16.58 0.49 24.10
CA LEU C 446 -17.18 0.97 25.35
C LEU C 446 -16.48 2.24 25.85
N GLN C 447 -15.20 2.38 25.61
CA GLN C 447 -14.56 3.59 26.06
C GLN C 447 -14.62 4.71 25.02
N ASP C 448 -14.75 4.38 23.74
CA ASP C 448 -14.77 5.38 22.69
C ASP C 448 -16.14 6.06 22.65
N PRO C 449 -16.24 7.36 22.92
CA PRO C 449 -17.57 8.03 22.91
C PRO C 449 -18.30 7.99 21.56
N SER C 450 -17.61 7.71 20.44
CA SER C 450 -18.26 7.66 19.13
C SER C 450 -18.17 6.31 18.45
N SER C 451 -18.01 5.23 19.20
CA SER C 451 -17.83 3.93 18.60
C SER C 451 -19.10 3.46 17.91
N LEU C 452 -18.96 2.44 17.05
CA LEU C 452 -20.12 1.86 16.40
C LEU C 452 -20.98 1.10 17.38
N LEU C 453 -20.35 0.49 18.37
CA LEU C 453 -21.12 -0.17 19.41
C LEU C 453 -22.08 0.83 20.05
N LYS C 454 -21.60 2.03 20.34
CA LYS C 454 -22.44 3.00 21.02
C LYS C 454 -23.48 3.57 20.07
N TRP C 455 -23.11 3.76 18.80
CA TRP C 455 -24.09 4.18 17.83
C TRP C 455 -25.23 3.17 17.75
N THR C 456 -24.88 1.87 17.68
CA THR C 456 -25.91 0.86 17.55
C THR C 456 -26.84 0.86 18.76
N ALA C 457 -26.26 0.86 19.97
CA ALA C 457 -27.07 0.90 21.20
C ALA C 457 -28.04 2.07 21.20
N ARG C 458 -27.53 3.27 20.88
CA ARG C 458 -28.38 4.45 20.86
C ARG C 458 -29.44 4.36 19.76
N GLN C 459 -29.07 3.85 18.60
CA GLN C 459 -30.03 3.79 17.50
C GLN C 459 -31.15 2.80 17.82
N LEU C 460 -30.85 1.76 18.61
CA LEU C 460 -31.87 0.83 19.10
C LEU C 460 -32.74 1.49 20.16
N GLU C 461 -32.13 2.33 20.99
CA GLU C 461 -32.88 3.08 21.98
C GLU C 461 -33.83 4.07 21.33
N LEU C 462 -33.37 4.73 20.27
CA LEU C 462 -34.26 5.60 19.52
C LEU C 462 -35.42 4.81 18.90
N ARG C 463 -35.12 3.64 18.32
CA ARG C 463 -36.17 2.81 17.74
C ARG C 463 -37.15 2.35 18.80
N ARG C 464 -36.66 1.98 19.98
CA ARG C 464 -37.52 1.51 21.07
C ARG C 464 -38.50 2.59 21.54
N ALA C 465 -38.06 3.84 21.58
CA ALA C 465 -38.93 4.93 22.01
C ALA C 465 -40.11 5.20 21.05
N HIS C 466 -40.11 4.67 19.83
CA HIS C 466 -41.14 4.93 18.82
C HIS C 466 -41.77 3.65 18.30
N PRO C 467 -42.86 3.17 18.93
CA PRO C 467 -43.52 1.92 18.52
C PRO C 467 -43.92 1.76 17.06
N ALA C 468 -43.96 2.82 16.26
CA ALA C 468 -44.37 2.65 14.88
C ALA C 468 -43.36 1.81 14.10
N PHE C 469 -42.09 1.90 14.48
CA PHE C 469 -41.08 1.10 13.81
C PHE C 469 -41.43 -0.40 13.88
N ALA C 470 -41.83 -0.86 15.06
CA ALA C 470 -42.10 -2.27 15.25
C ALA C 470 -43.49 -2.68 14.79
N HIS C 471 -44.45 -1.75 14.74
CA HIS C 471 -45.85 -2.09 14.54
C HIS C 471 -46.57 -1.31 13.45
N GLY C 472 -45.92 -0.36 12.78
CA GLY C 472 -46.63 0.54 11.89
C GLY C 472 -46.75 0.01 10.46
N ASP C 473 -47.77 0.48 9.75
CA ASP C 473 -47.87 0.20 8.32
C ASP C 473 -46.64 0.78 7.60
N LEU C 474 -46.52 0.47 6.31
CA LEU C 474 -45.49 1.07 5.47
C LEU C 474 -46.16 1.65 4.24
N THR C 475 -45.87 2.91 3.95
CA THR C 475 -46.24 3.52 2.68
C THR C 475 -45.01 4.16 2.07
N PHE C 476 -44.54 3.62 0.95
CA PHE C 476 -43.51 4.35 0.22
C PHE C 476 -44.09 5.65 -0.30
N ILE C 477 -43.26 6.67 -0.32
CA ILE C 477 -43.66 7.95 -0.89
C ILE C 477 -42.64 8.31 -1.97
N GLU C 478 -43.12 8.90 -3.07
CA GLU C 478 -42.28 9.17 -4.22
C GLU C 478 -41.37 10.36 -3.94
N THR C 479 -40.25 10.39 -4.64
CA THR C 479 -39.18 11.34 -4.38
C THR C 479 -38.62 12.03 -5.59
N GLY C 480 -38.90 11.55 -6.82
CA GLY C 480 -38.32 12.10 -8.03
C GLY C 480 -36.85 11.81 -8.24
N ASN C 481 -36.23 11.01 -7.36
CA ASN C 481 -34.81 10.67 -7.42
C ASN C 481 -34.62 9.26 -6.85
N PRO C 482 -34.33 8.28 -7.70
CA PRO C 482 -34.22 6.89 -7.21
C PRO C 482 -33.06 6.67 -6.25
N ALA C 483 -32.10 7.59 -6.16
CA ALA C 483 -31.09 7.47 -5.13
C ALA C 483 -31.70 7.56 -3.74
N ILE C 484 -32.85 8.21 -3.62
CA ILE C 484 -33.47 8.49 -2.34
C ILE C 484 -34.64 7.55 -2.13
N LEU C 485 -34.65 6.87 -0.98
CA LEU C 485 -35.77 6.05 -0.53
C LEU C 485 -36.56 6.81 0.55
N ALA C 486 -37.87 6.92 0.38
CA ALA C 486 -38.66 7.55 1.44
C ALA C 486 -39.94 6.75 1.71
N PHE C 487 -40.32 6.69 2.99
CA PHE C 487 -41.57 6.02 3.37
C PHE C 487 -42.02 6.47 4.75
N THR C 488 -43.29 6.19 5.03
CA THR C 488 -43.91 6.51 6.30
C THR C 488 -44.24 5.21 7.05
N ARG C 489 -44.28 5.35 8.38
CA ARG C 489 -44.73 4.30 9.29
C ARG C 489 -45.75 4.95 10.20
N GLN C 490 -46.96 4.36 10.26
CA GLN C 490 -48.08 4.95 10.99
C GLN C 490 -48.60 3.95 12.00
N TYR C 491 -48.74 4.38 13.26
CA TYR C 491 -49.23 3.49 14.30
C TYR C 491 -49.66 4.31 15.51
N ASP C 492 -50.74 3.86 16.15
CA ASP C 492 -51.41 4.62 17.20
C ASP C 492 -51.66 6.03 16.68
N GLY C 493 -51.03 7.03 17.29
CA GLY C 493 -51.18 8.37 16.78
C GLY C 493 -49.83 8.97 16.42
N GLU C 494 -49.01 8.20 15.73
CA GLU C 494 -47.68 8.67 15.36
C GLU C 494 -47.46 8.32 13.90
N THR C 495 -47.07 9.31 13.09
CA THR C 495 -46.65 9.07 11.71
C THR C 495 -45.18 9.41 11.58
N LEU C 496 -44.37 8.41 11.25
CA LEU C 496 -42.95 8.61 11.03
C LEU C 496 -42.69 8.78 9.54
N LEU C 497 -41.72 9.60 9.21
CA LEU C 497 -41.25 9.76 7.83
C LEU C 497 -39.77 9.49 7.83
N ILE C 498 -39.35 8.52 7.04
CA ILE C 498 -37.93 8.19 7.07
C ILE C 498 -37.39 8.23 5.65
N VAL C 499 -36.35 9.03 5.48
CA VAL C 499 -35.78 9.37 4.17
C VAL C 499 -34.31 8.96 4.21
N SER C 500 -33.87 8.28 3.16
CA SER C 500 -32.51 7.73 3.13
C SER C 500 -31.91 7.93 1.75
N ASN C 501 -30.64 8.38 1.70
CA ASN C 501 -29.93 8.63 0.44
C ASN C 501 -28.95 7.50 0.22
N PHE C 502 -29.16 6.71 -0.83
CA PHE C 502 -28.29 5.59 -1.14
C PHE C 502 -27.10 5.97 -2.03
N ALA C 503 -26.98 7.23 -2.41
CA ALA C 503 -25.86 7.65 -3.21
C ALA C 503 -24.74 8.19 -2.33
N GLY C 504 -23.51 8.14 -2.85
CA GLY C 504 -22.34 8.61 -2.11
C GLY C 504 -22.00 10.06 -2.40
N ASN C 505 -22.97 10.85 -2.82
CA ASN C 505 -22.81 12.31 -2.89
C ASN C 505 -24.15 12.94 -2.58
N ALA C 506 -24.11 14.27 -2.40
CA ALA C 506 -25.32 15.03 -2.12
C ALA C 506 -26.38 14.79 -3.19
N GLN C 507 -27.63 14.65 -2.75
CA GLN C 507 -28.72 14.33 -3.65
C GLN C 507 -29.92 15.18 -3.31
N ALA C 508 -30.69 15.54 -4.34
CA ALA C 508 -31.88 16.37 -4.21
C ALA C 508 -33.12 15.54 -4.50
N GLY C 509 -34.19 15.78 -3.73
CA GLY C 509 -35.44 15.07 -3.92
C GLY C 509 -36.63 16.00 -3.86
N LEU C 510 -37.80 15.46 -4.26
CA LEU C 510 -39.07 16.19 -4.23
C LEU C 510 -40.15 15.25 -3.69
N LEU C 511 -40.50 15.39 -2.43
CA LEU C 511 -41.30 14.40 -1.75
C LEU C 511 -42.79 14.69 -1.93
N ASP C 512 -43.54 13.68 -2.37
CA ASP C 512 -45.00 13.80 -2.45
C ASP C 512 -45.61 13.59 -1.06
N LEU C 513 -45.74 14.68 -0.32
CA LEU C 513 -46.42 14.68 0.96
C LEU C 513 -47.79 15.38 0.85
N ALA C 514 -48.50 15.13 -0.26
CA ALA C 514 -49.83 15.71 -0.39
C ALA C 514 -50.77 15.32 0.75
N PRO C 515 -50.81 14.07 1.22
CA PRO C 515 -51.69 13.76 2.36
C PRO C 515 -51.31 14.46 3.66
N PHE C 516 -50.19 15.17 3.70
CA PHE C 516 -49.65 15.73 4.94
C PHE C 516 -49.58 17.26 4.89
N VAL C 517 -50.44 17.89 4.09
CA VAL C 517 -50.40 19.34 4.01
C VAL C 517 -50.68 19.90 5.39
N GLY C 518 -49.86 20.88 5.80
CA GLY C 518 -50.03 21.50 7.10
C GLY C 518 -49.47 20.72 8.27
N ARG C 519 -48.73 19.65 8.03
CA ARG C 519 -48.04 18.98 9.12
C ARG C 519 -46.60 19.48 9.22
N ALA C 520 -46.08 19.48 10.45
CA ALA C 520 -44.76 20.02 10.77
C ALA C 520 -43.79 18.88 11.05
N PRO C 521 -42.79 18.66 10.19
CA PRO C 521 -41.86 17.54 10.39
C PRO C 521 -40.73 17.93 11.33
N VAL C 522 -40.47 17.08 12.32
CA VAL C 522 -39.39 17.29 13.29
C VAL C 522 -38.54 16.03 13.41
N THR C 523 -37.26 16.21 13.75
CA THR C 523 -36.34 15.09 13.87
C THR C 523 -36.75 14.26 15.09
N LEU C 524 -36.64 12.93 14.99
CA LEU C 524 -36.82 12.12 16.19
C LEU C 524 -35.73 12.39 17.21
N SER C 525 -34.54 12.81 16.78
CA SER C 525 -33.48 13.18 17.70
C SER C 525 -33.48 14.70 17.89
N GLY C 526 -34.11 15.17 18.96
CA GLY C 526 -34.06 16.56 19.36
C GLY C 526 -35.14 17.45 18.79
N ALA C 527 -36.05 16.92 17.97
CA ALA C 527 -37.18 17.66 17.42
C ALA C 527 -36.75 18.96 16.71
N SER C 528 -35.65 18.89 15.98
CA SER C 528 -35.25 20.00 15.12
C SER C 528 -36.29 20.20 14.02
N PRO C 529 -36.82 21.42 13.83
CA PRO C 529 -38.00 21.59 12.96
C PRO C 529 -37.71 21.93 11.49
N LEU C 530 -38.32 21.16 10.61
CA LEU C 530 -38.33 21.37 9.17
C LEU C 530 -39.54 22.21 8.77
N PRO C 531 -39.51 22.80 7.56
CA PRO C 531 -40.66 23.58 7.09
C PRO C 531 -41.96 22.79 7.14
N VAL C 532 -43.03 23.46 7.56
CA VAL C 532 -44.34 22.83 7.50
C VAL C 532 -44.71 22.57 6.04
N VAL C 533 -45.45 21.48 5.80
CA VAL C 533 -45.87 21.11 4.45
C VAL C 533 -46.98 22.04 4.00
N THR C 534 -46.85 22.57 2.77
CA THR C 534 -47.81 23.55 2.25
C THR C 534 -48.16 23.22 0.81
N GLY C 535 -49.01 24.07 0.21
CA GLY C 535 -49.44 23.97 -1.17
C GLY C 535 -49.79 22.58 -1.65
N ASN C 536 -49.17 22.16 -2.76
CA ASN C 536 -49.47 20.86 -3.33
C ASN C 536 -48.86 19.73 -2.50
N GLY C 537 -48.03 20.04 -1.52
CA GLY C 537 -47.34 19.02 -0.75
C GLY C 537 -46.12 18.40 -1.42
N GLN C 538 -45.56 19.01 -2.45
CA GLN C 538 -44.32 18.52 -3.06
C GLN C 538 -43.15 19.14 -2.30
N TYR C 539 -42.47 18.33 -1.47
CA TYR C 539 -41.55 18.81 -0.45
C TYR C 539 -40.10 18.67 -0.90
N PRO C 540 -39.39 19.77 -1.18
CA PRO C 540 -37.98 19.65 -1.61
C PRO C 540 -37.10 19.20 -0.46
N VAL C 541 -36.18 18.28 -0.75
CA VAL C 541 -35.16 17.87 0.20
C VAL C 541 -33.80 17.87 -0.48
N VAL C 542 -32.77 18.13 0.33
CA VAL C 542 -31.39 17.88 -0.05
C VAL C 542 -30.83 16.93 1.02
N MET C 543 -29.86 16.11 0.64
CA MET C 543 -29.37 15.08 1.53
C MET C 543 -27.89 14.84 1.24
N GLY C 544 -27.07 14.78 2.28
CA GLY C 544 -25.68 14.40 2.08
C GLY C 544 -25.54 12.92 1.75
N LYS C 545 -24.33 12.54 1.39
CA LYS C 545 -24.06 11.15 1.04
C LYS C 545 -24.49 10.23 2.17
N TYR C 546 -25.20 9.16 1.83
CA TYR C 546 -25.59 8.15 2.81
C TYR C 546 -26.37 8.74 4.01
N ASP C 547 -27.00 9.89 3.86
CA ASP C 547 -27.78 10.41 4.98
C ASP C 547 -29.03 9.60 5.23
N TYR C 548 -29.50 9.67 6.48
CA TYR C 548 -30.80 9.16 6.89
C TYR C 548 -31.48 10.22 7.75
N TYR C 549 -32.71 10.56 7.39
CA TYR C 549 -33.53 11.51 8.13
C TYR C 549 -34.61 10.69 8.80
N TRP C 550 -34.58 10.60 10.13
CA TRP C 550 -35.66 9.97 10.90
C TRP C 550 -36.52 11.08 11.48
N LEU C 551 -37.74 11.21 10.94
CA LEU C 551 -38.65 12.32 11.17
C LEU C 551 -39.99 11.84 11.71
N ARG C 552 -40.62 12.69 12.51
CA ARG C 552 -42.03 12.57 12.86
C ARG C 552 -42.78 13.70 12.19
N LEU C 553 -44.00 13.43 11.73
CA LEU C 553 -44.90 14.44 11.14
C LEU C 553 -45.98 14.76 12.17
N ASN C 554 -45.80 15.87 12.87
CA ASN C 554 -46.74 16.27 13.92
C ASN C 554 -48.06 16.70 13.30
N SER C 555 -49.16 16.21 13.87
CA SER C 555 -50.52 16.54 13.38
C SER C 555 -51.03 17.90 13.91
N PRO D 8 18.11 7.85 36.89
CA PRO D 8 17.50 7.23 38.08
C PRO D 8 16.93 5.84 37.79
N GLU D 9 17.02 4.94 38.77
CA GLU D 9 16.66 3.54 38.57
C GLU D 9 15.16 3.37 38.49
N TRP D 10 14.73 2.38 37.71
CA TRP D 10 13.33 2.31 37.33
C TRP D 10 12.41 2.28 38.56
N TYR D 11 12.81 1.58 39.61
CA TYR D 11 11.88 1.35 40.72
C TYR D 11 11.53 2.63 41.48
N LYS D 12 12.18 3.76 41.19
CA LYS D 12 11.84 5.00 41.85
C LYS D 12 10.71 5.74 41.13
N SER D 13 10.50 5.48 39.85
CA SER D 13 9.36 6.05 39.14
C SER D 13 8.21 5.08 39.05
N ALA D 14 8.37 3.90 39.61
CA ALA D 14 7.40 2.83 39.41
C ALA D 14 6.21 3.01 40.34
N VAL D 15 5.07 2.51 39.88
CA VAL D 15 3.88 2.34 40.70
C VAL D 15 3.61 0.86 40.76
N PHE D 16 3.58 0.32 41.96
CA PHE D 16 3.48 -1.12 42.14
C PHE D 16 2.04 -1.52 42.41
N TYR D 17 1.72 -2.74 42.01
CA TYR D 17 0.39 -3.31 42.16
C TYR D 17 0.58 -4.71 42.71
N GLU D 18 -0.02 -4.99 43.87
CA GLU D 18 0.09 -6.28 44.54
C GLU D 18 -1.18 -7.10 44.29
N LEU D 19 -1.01 -8.33 43.78
CA LEU D 19 -2.14 -9.21 43.46
C LEU D 19 -1.75 -10.67 43.66
N SER D 20 -2.76 -11.52 43.83
CA SER D 20 -2.57 -12.96 43.99
C SER D 20 -3.13 -13.69 42.77
N VAL D 21 -2.27 -14.45 42.10
CA VAL D 21 -2.69 -15.10 40.86
C VAL D 21 -3.92 -15.98 41.10
N ARG D 22 -3.95 -16.70 42.23
CA ARG D 22 -5.11 -17.56 42.51
C ARG D 22 -6.40 -16.77 42.58
N THR D 23 -6.31 -15.47 42.80
CA THR D 23 -7.46 -14.68 43.14
C THR D 23 -7.73 -13.53 42.15
N PHE D 24 -6.92 -13.37 41.09
CA PHE D 24 -7.15 -12.28 40.16
C PHE D 24 -8.14 -12.65 39.08
N GLN D 25 -7.83 -13.64 38.25
CA GLN D 25 -8.72 -14.01 37.14
C GLN D 25 -8.63 -15.50 36.85
N ASP D 26 -9.77 -16.19 36.84
CA ASP D 26 -9.82 -17.61 36.48
C ASP D 26 -10.00 -17.73 34.97
N GLY D 27 -9.01 -18.30 34.31
CA GLY D 27 -9.03 -18.46 32.87
C GLY D 27 -9.39 -19.82 32.33
N ASN D 28 -9.73 -20.80 33.19
CA ASN D 28 -10.07 -22.13 32.69
C ASN D 28 -11.29 -22.75 33.35
N GLY D 29 -12.01 -22.02 34.21
CA GLY D 29 -13.28 -22.49 34.71
C GLY D 29 -13.26 -23.25 36.02
N ASP D 30 -12.10 -23.46 36.65
CA ASP D 30 -12.07 -24.29 37.86
C ASP D 30 -12.23 -23.49 39.15
N GLY D 31 -12.51 -22.18 39.07
CA GLY D 31 -12.69 -21.34 40.23
C GLY D 31 -11.40 -20.90 40.90
N LYS D 32 -10.26 -21.18 40.29
CA LYS D 32 -8.96 -20.74 40.80
C LYS D 32 -8.38 -19.80 39.77
N GLY D 33 -7.81 -18.69 40.24
CA GLY D 33 -7.11 -17.83 39.32
C GLY D 33 -5.83 -18.50 38.84
N ASP D 34 -5.48 -18.25 37.58
CA ASP D 34 -4.32 -18.89 36.98
C ASP D 34 -3.56 -17.87 36.16
N PHE D 35 -2.42 -18.28 35.62
CA PHE D 35 -1.57 -17.35 34.88
C PHE D 35 -2.18 -16.95 33.54
N PRO D 36 -2.87 -17.82 32.80
CA PRO D 36 -3.47 -17.34 31.54
C PRO D 36 -4.57 -16.30 31.77
N GLY D 37 -5.37 -16.44 32.83
CA GLY D 37 -6.32 -15.42 33.26
C GLY D 37 -5.67 -14.09 33.60
N LEU D 38 -4.69 -14.11 34.50
CA LEU D 38 -3.91 -12.91 34.75
C LEU D 38 -3.39 -12.30 33.46
N THR D 39 -2.85 -13.14 32.56
CA THR D 39 -2.30 -12.62 31.29
C THR D 39 -3.36 -11.90 30.49
N SER D 40 -4.60 -12.38 30.53
CA SER D 40 -5.67 -11.78 29.76
C SER D 40 -6.18 -10.46 30.35
N ARG D 41 -5.65 -10.01 31.50
CA ARG D 41 -6.06 -8.75 32.11
C ARG D 41 -4.91 -7.76 32.20
N LEU D 42 -3.87 -7.92 31.39
CA LEU D 42 -2.72 -7.04 31.57
C LEU D 42 -3.01 -5.64 31.04
N ASP D 43 -3.82 -5.53 29.99
CA ASP D 43 -4.19 -4.19 29.50
C ASP D 43 -4.92 -3.38 30.56
N TYR D 44 -5.69 -4.05 31.44
CA TYR D 44 -6.34 -3.32 32.53
C TYR D 44 -5.31 -2.74 33.48
N LEU D 45 -4.23 -3.48 33.78
CA LEU D 45 -3.23 -2.99 34.72
C LEU D 45 -2.44 -1.85 34.11
N LYS D 46 -2.06 -1.97 32.83
CA LYS D 46 -1.28 -0.93 32.18
C LYS D 46 -2.09 0.35 32.02
N ASN D 47 -3.40 0.24 31.76
CA ASN D 47 -4.22 1.43 31.60
C ASN D 47 -4.61 2.07 32.93
N LEU D 48 -4.60 1.30 34.01
CA LEU D 48 -4.73 1.88 35.34
C LEU D 48 -3.55 2.79 35.66
N GLY D 49 -2.40 2.55 35.04
CA GLY D 49 -1.19 3.32 35.30
C GLY D 49 -0.17 2.66 36.19
N VAL D 50 -0.23 1.35 36.36
CA VAL D 50 0.76 0.68 37.20
C VAL D 50 1.89 0.19 36.32
N ASP D 51 3.09 0.14 36.91
CA ASP D 51 4.37 -0.12 36.25
C ASP D 51 4.99 -1.44 36.63
N CYS D 52 4.79 -1.90 37.85
CA CYS D 52 5.37 -3.16 38.28
C CYS D 52 4.33 -3.99 39.01
N LEU D 53 4.27 -5.27 38.66
CA LEU D 53 3.36 -6.24 39.26
C LEU D 53 4.12 -6.97 40.36
N TRP D 54 3.58 -6.97 41.57
CA TRP D 54 4.14 -7.82 42.60
C TRP D 54 3.14 -8.95 42.82
N LEU D 55 3.58 -10.18 42.53
CA LEU D 55 2.73 -11.36 42.64
C LEU D 55 3.06 -12.07 43.94
N LEU D 56 2.04 -12.35 44.73
CA LEU D 56 2.20 -13.18 45.91
C LEU D 56 2.73 -14.55 45.49
N PRO D 57 3.26 -15.34 46.44
CA PRO D 57 3.89 -16.62 46.07
C PRO D 57 3.04 -17.50 45.14
N TRP D 58 3.67 -18.00 44.09
CA TRP D 58 3.02 -18.75 43.03
C TRP D 58 3.48 -20.20 42.94
N PHE D 59 4.13 -20.74 43.99
CA PHE D 59 4.88 -21.98 43.98
C PHE D 59 4.06 -23.16 44.47
N PRO D 60 4.43 -24.37 44.05
CA PRO D 60 3.81 -25.57 44.64
C PRO D 60 3.86 -25.49 46.15
N SER D 61 2.76 -25.89 46.77
CA SER D 61 2.53 -25.56 48.16
C SER D 61 1.23 -26.23 48.59
N PRO D 62 1.16 -26.74 49.82
CA PRO D 62 -0.14 -27.16 50.37
C PRO D 62 -1.02 -26.01 50.88
N LEU D 63 -0.52 -24.78 50.87
CA LEU D 63 -1.34 -23.58 51.13
C LEU D 63 -2.00 -23.64 52.51
N ARG D 64 -1.22 -24.02 53.51
CA ARG D 64 -1.63 -23.78 54.89
C ARG D 64 -1.41 -22.33 55.29
N ASP D 65 -0.53 -21.62 54.59
CA ASP D 65 -0.42 -20.17 54.69
C ASP D 65 -0.53 -19.54 53.30
N ASP D 66 -1.38 -20.12 52.46
CA ASP D 66 -1.73 -19.57 51.15
C ASP D 66 -0.50 -19.29 50.27
N GLY D 67 0.43 -20.25 50.25
CA GLY D 67 1.59 -20.14 49.40
C GLY D 67 2.83 -19.59 50.07
N TYR D 68 2.68 -18.89 51.19
CA TYR D 68 3.97 -18.60 51.83
C TYR D 68 4.58 -19.86 52.56
N ASP D 69 4.05 -21.07 52.34
CA ASP D 69 4.61 -22.35 52.78
C ASP D 69 4.98 -23.16 51.54
N VAL D 70 6.16 -22.92 50.99
CA VAL D 70 6.51 -23.45 49.68
C VAL D 70 7.14 -24.82 49.81
N ALA D 71 6.77 -25.71 48.88
CA ALA D 71 7.29 -27.06 48.78
C ALA D 71 8.17 -27.27 47.53
N ASP D 72 8.45 -26.21 46.76
CA ASP D 72 9.21 -26.28 45.52
C ASP D 72 9.54 -24.88 45.01
N TYR D 73 10.76 -24.39 45.26
CA TYR D 73 11.07 -23.03 44.84
C TYR D 73 11.20 -22.86 43.34
N ARG D 74 11.20 -23.92 42.56
CA ARG D 74 11.55 -23.78 41.15
C ARG D 74 10.44 -24.29 40.24
N GLY D 75 9.22 -24.34 40.75
CA GLY D 75 8.06 -24.66 39.93
C GLY D 75 6.96 -23.64 40.15
N ILE D 76 5.89 -23.81 39.42
CA ILE D 76 4.70 -23.01 39.66
C ILE D 76 3.60 -23.97 40.07
N HIS D 77 2.87 -23.58 41.09
CA HIS D 77 1.78 -24.40 41.62
C HIS D 77 0.88 -24.88 40.49
N PRO D 78 0.44 -26.14 40.49
CA PRO D 78 -0.48 -26.59 39.42
C PRO D 78 -1.79 -25.80 39.36
N ASP D 79 -2.27 -25.23 40.48
CA ASP D 79 -3.46 -24.38 40.40
C ASP D 79 -3.35 -23.35 39.29
N LEU D 80 -2.18 -22.76 39.14
CA LEU D 80 -2.05 -21.53 38.38
C LEU D 80 -1.59 -21.78 36.96
N GLY D 81 -1.61 -23.02 36.50
CA GLY D 81 -1.07 -23.37 35.21
C GLY D 81 0.32 -23.97 35.28
N THR D 82 1.02 -23.87 34.18
CA THR D 82 2.30 -24.53 33.98
C THR D 82 3.43 -23.51 33.95
N LEU D 83 4.65 -24.02 33.94
CA LEU D 83 5.78 -23.11 33.79
C LEU D 83 5.73 -22.41 32.43
N ASP D 84 5.24 -23.07 31.39
CA ASP D 84 5.11 -22.36 30.12
C ASP D 84 4.13 -21.19 30.24
N ASP D 85 2.98 -21.39 30.91
CA ASP D 85 2.05 -20.28 31.16
C ASP D 85 2.77 -19.11 31.81
N PHE D 86 3.57 -19.39 32.85
CA PHE D 86 4.34 -18.33 33.48
C PHE D 86 5.20 -17.60 32.48
N LYS D 87 5.94 -18.34 31.64
CA LYS D 87 6.81 -17.71 30.65
C LYS D 87 6.02 -16.85 29.68
N VAL D 88 4.77 -17.24 29.36
CA VAL D 88 3.96 -16.42 28.47
C VAL D 88 3.55 -15.13 29.17
N PHE D 89 3.09 -15.24 30.42
CA PHE D 89 2.67 -14.06 31.16
C PHE D 89 3.80 -13.04 31.25
N LEU D 90 5.02 -13.51 31.53
CA LEU D 90 6.15 -12.60 31.68
C LEU D 90 6.43 -11.88 30.38
N ARG D 91 6.45 -12.64 29.27
CA ARG D 91 6.59 -12.06 27.94
C ARG D 91 5.53 -10.99 27.69
N GLU D 92 4.27 -11.32 27.99
CA GLU D 92 3.21 -10.37 27.70
C GLU D 92 3.27 -9.17 28.63
N ALA D 93 3.74 -9.35 29.87
CA ALA D 93 3.84 -8.20 30.76
C ALA D 93 4.97 -7.24 30.33
N HIS D 94 6.13 -7.79 29.93
CA HIS D 94 7.22 -6.95 29.44
C HIS D 94 6.85 -6.27 28.13
N ALA D 95 6.21 -7.01 27.23
CA ALA D 95 5.70 -6.43 25.99
C ALA D 95 4.81 -5.21 26.24
N ARG D 96 4.14 -5.16 27.40
CA ARG D 96 3.35 -3.99 27.77
C ARG D 96 4.11 -3.03 28.69
N GLY D 97 5.40 -3.22 28.84
CA GLY D 97 6.16 -2.27 29.64
C GLY D 97 5.92 -2.38 31.11
N LEU D 98 5.52 -3.57 31.57
CA LEU D 98 5.29 -3.85 32.97
C LEU D 98 6.47 -4.65 33.50
N TRP D 99 7.12 -4.13 34.54
CA TRP D 99 8.02 -4.95 35.33
C TRP D 99 7.19 -5.92 36.16
N VAL D 100 7.76 -7.07 36.49
CA VAL D 100 7.12 -7.94 37.46
C VAL D 100 8.17 -8.48 38.42
N ILE D 101 7.81 -8.53 39.69
CA ILE D 101 8.66 -9.07 40.74
C ILE D 101 7.92 -10.19 41.43
N GLY D 102 8.67 -11.14 41.98
CA GLY D 102 8.10 -12.26 42.69
C GLY D 102 8.19 -12.09 44.19
N ASP D 103 7.68 -13.08 44.90
CA ASP D 103 7.79 -13.11 46.35
C ASP D 103 8.69 -14.29 46.75
N LEU D 104 9.92 -13.99 47.19
CA LEU D 104 10.88 -15.00 47.59
C LEU D 104 10.75 -15.28 49.09
N VAL D 105 10.29 -16.48 49.45
CA VAL D 105 10.06 -16.86 50.85
C VAL D 105 11.37 -17.47 51.36
N THR D 106 12.16 -16.65 52.06
CA THR D 106 13.50 -17.07 52.43
C THR D 106 13.59 -17.67 53.83
N ASN D 107 12.75 -17.25 54.77
CA ASN D 107 12.95 -17.64 56.15
C ASN D 107 12.51 -19.07 56.45
N HIS D 108 11.63 -19.65 55.64
CA HIS D 108 11.05 -20.94 55.98
C HIS D 108 10.54 -21.62 54.72
N THR D 109 10.08 -22.86 54.90
CA THR D 109 9.49 -23.67 53.83
C THR D 109 8.29 -24.38 54.41
N SER D 110 7.47 -24.96 53.54
CA SER D 110 6.42 -25.84 54.02
C SER D 110 7.05 -27.08 54.64
N SER D 111 6.34 -27.64 55.60
CA SER D 111 6.71 -28.94 56.14
C SER D 111 6.59 -30.05 55.10
N ASP D 112 6.01 -29.77 53.92
CA ASP D 112 5.90 -30.75 52.85
C ASP D 112 7.02 -30.65 51.84
N HIS D 113 7.85 -29.63 51.95
CA HIS D 113 9.00 -29.48 51.09
C HIS D 113 9.91 -30.71 51.19
N PRO D 114 10.47 -31.19 50.06
CA PRO D 114 11.37 -32.36 50.13
C PRO D 114 12.48 -32.25 51.16
N TRP D 115 13.05 -31.05 51.33
CA TRP D 115 14.13 -30.87 52.29
C TRP D 115 13.68 -31.22 53.69
N PHE D 116 12.52 -30.70 54.10
CA PHE D 116 12.07 -30.97 55.46
C PHE D 116 11.67 -32.42 55.63
N GLN D 117 11.02 -33.01 54.61
CA GLN D 117 10.72 -34.44 54.65
C GLN D 117 11.98 -35.27 54.86
N ALA D 118 13.09 -34.88 54.24
CA ALA D 118 14.34 -35.56 54.46
C ALA D 118 14.91 -35.22 55.83
N ALA D 119 14.89 -33.95 56.22
CA ALA D 119 15.53 -33.55 57.47
C ALA D 119 14.88 -34.21 58.68
N ARG D 120 13.57 -34.46 58.62
CA ARG D 120 12.93 -35.00 59.81
C ARG D 120 13.25 -36.45 60.04
N ARG D 121 14.01 -37.07 59.12
CA ARG D 121 14.47 -38.43 59.29
C ARG D 121 15.50 -38.56 60.42
N GLY D 122 16.18 -37.48 60.77
CA GLY D 122 17.17 -37.51 61.82
C GLY D 122 18.55 -37.10 61.32
N PRO D 123 19.53 -37.10 62.21
CA PRO D 123 20.88 -36.70 61.79
C PRO D 123 21.52 -37.69 60.85
N THR D 124 21.16 -38.97 60.93
CA THR D 124 21.73 -39.99 60.06
C THR D 124 20.61 -40.85 59.48
N LEU D 125 20.86 -41.32 58.25
CA LEU D 125 19.95 -42.23 57.56
C LEU D 125 20.00 -43.61 58.21
N PRO D 126 18.98 -44.46 58.01
CA PRO D 126 19.01 -45.79 58.64
C PRO D 126 20.32 -46.53 58.40
N ASP D 127 20.87 -46.45 57.19
CA ASP D 127 22.17 -47.08 56.94
C ASP D 127 23.34 -46.34 57.65
N GLY D 128 23.10 -45.45 58.61
CA GLY D 128 24.16 -44.85 59.40
C GLY D 128 24.92 -43.72 58.74
N SER D 129 24.84 -43.57 57.42
CA SER D 129 25.45 -42.43 56.78
C SER D 129 24.71 -41.15 57.17
N PRO D 130 25.38 -40.00 57.20
CA PRO D 130 24.73 -38.76 57.64
C PRO D 130 23.65 -38.30 56.66
N ASN D 131 22.83 -37.39 57.15
CA ASN D 131 21.69 -36.82 56.43
C ASN D 131 22.03 -35.39 56.04
N GLU D 132 22.41 -35.18 54.77
CA GLU D 132 22.79 -33.84 54.31
C GLU D 132 21.76 -32.78 54.67
N TYR D 133 20.51 -33.19 54.92
CA TYR D 133 19.38 -32.30 54.99
C TYR D 133 18.92 -32.00 56.42
N HIS D 134 19.43 -32.72 57.43
CA HIS D 134 19.00 -32.42 58.79
C HIS D 134 19.36 -31.00 59.18
N ASP D 135 20.55 -30.54 58.79
CA ASP D 135 20.97 -29.19 59.14
C ASP D 135 20.42 -28.12 58.21
N TYR D 136 19.45 -28.47 57.35
CA TYR D 136 18.74 -27.43 56.63
C TYR D 136 17.81 -26.66 57.58
N TYR D 137 17.39 -27.30 58.68
CA TYR D 137 16.45 -26.73 59.62
C TYR D 137 17.12 -26.53 60.98
N VAL D 138 16.37 -25.95 61.93
CA VAL D 138 16.89 -25.56 63.24
C VAL D 138 16.31 -26.51 64.28
N TRP D 139 17.17 -27.33 64.91
CA TRP D 139 16.71 -28.34 65.86
C TRP D 139 17.14 -28.08 67.30
N SER D 140 16.29 -28.52 68.23
CA SER D 140 16.54 -28.43 69.66
C SER D 140 16.09 -29.71 70.33
N ASP D 141 16.74 -30.04 71.43
CA ASP D 141 16.35 -31.24 72.15
C ASP D 141 15.14 -30.99 73.03
N GLU D 142 15.10 -29.85 73.71
CA GLU D 142 14.02 -29.56 74.66
C GLU D 142 13.27 -28.27 74.36
N GLY D 143 13.71 -27.49 73.38
CA GLY D 143 12.96 -26.30 73.04
C GLY D 143 13.05 -25.21 74.09
N LYS D 144 14.10 -25.23 74.90
CA LYS D 144 14.35 -24.18 75.87
C LYS D 144 15.10 -22.98 75.27
N GLU D 145 15.62 -23.09 74.05
CA GLU D 145 16.52 -22.08 73.48
C GLU D 145 15.76 -20.92 72.84
N TYR D 146 16.38 -19.75 72.84
CA TYR D 146 15.81 -18.54 72.22
C TYR D 146 14.51 -18.10 72.89
N ALA D 147 14.44 -18.20 74.21
CA ALA D 147 13.14 -18.05 74.86
C ALA D 147 12.71 -16.60 75.05
N ASP D 148 13.56 -15.62 74.74
CA ASP D 148 13.18 -14.21 74.82
C ASP D 148 12.49 -13.72 73.54
N THR D 149 11.68 -14.56 72.91
CA THR D 149 11.24 -14.31 71.55
C THR D 149 9.73 -14.36 71.44
N ALA D 150 9.17 -13.33 70.80
CA ALA D 150 7.74 -13.20 70.61
C ALA D 150 7.20 -14.28 69.66
N ILE D 151 5.91 -14.61 69.84
CA ILE D 151 5.15 -15.37 68.84
C ILE D 151 4.40 -14.38 67.96
N ILE D 152 4.62 -14.45 66.64
CA ILE D 152 3.91 -13.57 65.73
C ILE D 152 2.44 -13.97 65.63
N PHE D 153 2.18 -15.22 65.26
CA PHE D 153 0.80 -15.70 65.07
C PHE D 153 0.19 -16.09 66.42
N THR D 154 -0.16 -15.06 67.21
CA THR D 154 -0.59 -15.25 68.59
C THR D 154 -1.88 -16.05 68.71
N ASP D 155 -2.75 -15.98 67.71
CA ASP D 155 -4.01 -16.70 67.83
C ASP D 155 -3.89 -18.17 67.45
N THR D 156 -2.79 -18.58 66.85
CA THR D 156 -2.58 -19.96 66.42
C THR D 156 -1.49 -20.69 67.18
N GLU D 157 -0.33 -20.06 67.41
CA GLU D 157 0.87 -20.73 67.90
C GLU D 157 1.12 -20.38 69.36
N VAL D 158 1.23 -21.40 70.23
CA VAL D 158 1.64 -21.12 71.60
C VAL D 158 3.15 -21.00 71.75
N SER D 159 3.93 -21.59 70.85
CA SER D 159 5.38 -21.59 70.96
C SER D 159 6.01 -21.56 69.58
N ASN D 160 7.26 -21.09 69.53
CA ASN D 160 8.05 -21.11 68.32
C ASN D 160 8.84 -22.42 68.13
N TRP D 161 8.75 -23.36 69.06
CA TRP D 161 9.24 -24.72 68.89
C TRP D 161 8.07 -25.68 68.78
N THR D 162 8.15 -26.64 67.87
CA THR D 162 7.20 -27.74 67.84
C THR D 162 7.96 -29.06 67.77
N LEU D 163 7.40 -30.08 68.39
CA LEU D 163 7.99 -31.40 68.36
C LEU D 163 7.57 -32.10 67.08
N ASP D 164 8.55 -32.69 66.38
CA ASP D 164 8.31 -33.47 65.17
C ASP D 164 8.26 -34.94 65.54
N GLU D 165 7.11 -35.58 65.32
CA GLU D 165 6.87 -36.93 65.83
C GLU D 165 7.96 -37.90 65.37
N GLN D 166 8.45 -37.73 64.14
CA GLN D 166 9.45 -38.64 63.62
C GLN D 166 10.82 -38.35 64.21
N ALA D 167 11.33 -37.14 63.96
CA ALA D 167 12.68 -36.79 64.41
C ALA D 167 12.81 -36.86 65.94
N GLY D 168 11.71 -36.80 66.67
CA GLY D 168 11.81 -36.81 68.12
C GLY D 168 12.61 -35.67 68.69
N LYS D 169 12.59 -34.52 68.03
CA LYS D 169 13.27 -33.31 68.47
C LYS D 169 12.38 -32.13 68.13
N TYR D 170 12.79 -30.94 68.54
CA TYR D 170 12.01 -29.75 68.27
C TYR D 170 12.61 -28.98 67.09
N TYR D 171 11.74 -28.29 66.36
CA TYR D 171 12.16 -27.48 65.22
C TYR D 171 11.61 -26.06 65.36
N TRP D 172 12.44 -25.08 64.98
CA TRP D 172 12.11 -23.68 65.11
C TRP D 172 11.13 -23.23 64.02
N HIS D 173 10.24 -22.30 64.37
CA HIS D 173 9.39 -21.65 63.37
C HIS D 173 8.86 -20.33 63.93
N ARG D 174 9.03 -19.25 63.17
CA ARG D 174 8.44 -17.97 63.55
C ARG D 174 6.95 -17.90 63.21
N PHE D 175 6.52 -18.67 62.22
CA PHE D 175 5.15 -18.61 61.75
C PHE D 175 4.47 -19.93 62.05
N PHE D 176 3.71 -20.52 61.13
CA PHE D 176 2.94 -21.67 61.53
C PHE D 176 3.84 -22.89 61.75
N ALA D 177 3.31 -23.84 62.54
CA ALA D 177 4.00 -25.10 62.75
C ALA D 177 4.33 -25.80 61.44
N SER D 178 3.50 -25.61 60.40
CA SER D 178 3.83 -26.17 59.10
C SER D 178 4.84 -25.33 58.30
N GLN D 179 5.51 -24.36 58.91
CA GLN D 179 6.51 -23.53 58.23
C GLN D 179 7.81 -23.52 59.02
N PRO D 180 8.55 -24.64 58.99
CA PRO D 180 9.80 -24.72 59.75
C PRO D 180 10.85 -23.75 59.20
N ASP D 181 11.52 -23.04 60.12
CA ASP D 181 12.55 -22.09 59.73
C ASP D 181 13.75 -22.77 59.10
N LEU D 182 14.33 -22.13 58.09
CA LEU D 182 15.57 -22.60 57.48
C LEU D 182 16.78 -22.15 58.30
N ASN D 183 17.83 -22.98 58.32
CA ASN D 183 19.02 -22.74 59.15
C ASN D 183 20.07 -22.01 58.33
N TYR D 184 20.11 -20.68 58.46
CA TYR D 184 21.01 -19.86 57.67
C TYR D 184 22.43 -19.82 58.22
N ASP D 185 22.68 -20.49 59.34
CA ASP D 185 24.06 -20.77 59.75
C ASP D 185 24.61 -22.00 59.03
N ASN D 186 23.85 -22.55 58.08
CA ASN D 186 24.33 -23.62 57.20
C ASN D 186 24.58 -23.00 55.84
N PRO D 187 25.84 -22.80 55.43
CA PRO D 187 26.14 -22.20 54.12
C PRO D 187 25.48 -22.91 52.94
N LYS D 188 25.09 -24.17 53.09
CA LYS D 188 24.40 -24.82 51.97
C LYS D 188 23.01 -24.23 51.79
N VAL D 189 22.31 -23.94 52.90
CA VAL D 189 21.03 -23.24 52.83
C VAL D 189 21.17 -21.93 52.04
N VAL D 190 22.16 -21.11 52.42
CA VAL D 190 22.35 -19.82 51.74
C VAL D 190 22.47 -20.01 50.23
N GLU D 191 23.24 -21.02 49.82
CA GLU D 191 23.39 -21.28 48.39
C GLU D 191 22.14 -21.88 47.78
N GLU D 192 21.26 -22.49 48.58
CA GLU D 192 20.02 -23.01 47.99
C GLU D 192 19.12 -21.90 47.53
N LEU D 193 19.12 -20.79 48.26
CA LEU D 193 18.24 -19.67 47.94
C LEU D 193 18.87 -18.73 46.96
N HIS D 194 20.19 -18.58 47.02
CA HIS D 194 20.92 -18.02 45.89
C HIS D 194 20.50 -18.70 44.58
N GLY D 195 20.44 -20.04 44.58
CA GLY D 195 20.11 -20.76 43.37
C GLY D 195 18.65 -20.63 42.99
N ALA D 196 17.77 -20.64 43.98
CA ALA D 196 16.36 -20.38 43.68
C ALA D 196 16.18 -18.99 43.07
N ALA D 197 16.78 -17.96 43.67
CA ALA D 197 16.68 -16.63 43.09
C ALA D 197 17.22 -16.63 41.66
N ARG D 198 18.32 -17.35 41.40
CA ARG D 198 18.89 -17.41 40.06
C ARG D 198 17.89 -17.96 39.06
N PHE D 199 17.21 -19.04 39.41
CA PHE D 199 16.31 -19.72 38.49
C PHE D 199 15.17 -18.82 37.99
N TRP D 200 14.77 -17.81 38.77
CA TRP D 200 13.72 -16.92 38.30
C TRP D 200 14.28 -15.67 37.64
N LEU D 201 15.38 -15.12 38.17
CA LEU D 201 16.02 -14.02 37.49
C LEU D 201 16.59 -14.43 36.14
N ASP D 202 16.82 -15.74 35.95
CA ASP D 202 17.25 -16.27 34.66
C ASP D 202 16.10 -16.30 33.67
N LEU D 203 14.87 -16.42 34.16
CA LEU D 203 13.73 -16.35 33.26
C LEU D 203 13.34 -14.91 32.93
N GLY D 204 14.02 -13.92 33.49
CA GLY D 204 13.74 -12.51 33.26
C GLY D 204 12.89 -11.81 34.33
N LEU D 205 12.69 -12.43 35.48
CA LEU D 205 11.92 -11.80 36.54
C LEU D 205 12.64 -10.54 36.98
N ASP D 206 11.90 -9.49 37.29
CA ASP D 206 12.55 -8.20 37.46
C ASP D 206 12.99 -7.94 38.89
N GLY D 207 12.74 -8.88 39.80
CA GLY D 207 13.23 -8.75 41.14
C GLY D 207 12.36 -9.55 42.10
N PHE D 208 12.51 -9.25 43.37
CA PHE D 208 11.88 -10.04 44.41
C PHE D 208 11.40 -9.14 45.53
N ARG D 209 10.20 -9.42 46.02
CA ARG D 209 9.86 -9.04 47.37
C ARG D 209 10.33 -10.17 48.27
N VAL D 210 11.12 -9.86 49.28
CA VAL D 210 11.68 -10.89 50.13
C VAL D 210 10.89 -10.91 51.43
N ASP D 211 10.26 -12.05 51.68
CA ASP D 211 9.40 -12.23 52.82
C ASP D 211 10.21 -12.33 54.11
N ALA D 212 9.77 -11.62 55.16
CA ALA D 212 10.15 -11.92 56.54
C ALA D 212 11.65 -11.82 56.79
N VAL D 213 12.29 -10.77 56.26
CA VAL D 213 13.74 -10.66 56.28
C VAL D 213 14.34 -10.44 57.67
N PRO D 214 13.67 -9.81 58.65
CA PRO D 214 14.33 -9.63 59.96
C PRO D 214 14.57 -10.93 60.71
N TYR D 215 13.99 -12.05 60.28
CA TYR D 215 13.90 -13.25 61.09
C TYR D 215 14.86 -14.37 60.68
N LEU D 216 15.86 -14.09 59.85
CA LEU D 216 16.68 -15.17 59.30
C LEU D 216 17.47 -15.88 60.41
N ILE D 217 18.37 -15.15 61.10
CA ILE D 217 19.32 -15.73 62.06
C ILE D 217 18.81 -15.54 63.48
N GLU D 218 19.01 -16.56 64.32
CA GLU D 218 18.59 -16.54 65.71
C GLU D 218 19.82 -16.73 66.60
N ARG D 219 20.01 -15.83 67.58
CA ARG D 219 21.05 -15.96 68.59
C ARG D 219 20.44 -15.94 69.99
N GLU D 220 21.08 -16.65 70.92
CA GLU D 220 20.56 -16.73 72.28
C GLU D 220 20.70 -15.40 72.98
N GLY D 221 19.79 -15.13 73.92
CA GLY D 221 19.81 -13.88 74.65
C GLY D 221 19.64 -12.66 73.77
N THR D 222 18.90 -12.79 72.67
CA THR D 222 18.50 -11.66 71.83
C THR D 222 17.03 -11.81 71.45
N SER D 223 16.51 -10.78 70.79
CA SER D 223 15.14 -10.81 70.28
C SER D 223 15.02 -11.70 69.06
N CYS D 224 16.13 -11.91 68.34
CA CYS D 224 16.21 -12.72 67.13
C CYS D 224 15.52 -12.01 65.97
N GLU D 225 15.89 -10.74 65.78
CA GLU D 225 15.31 -9.83 64.83
C GLU D 225 16.39 -8.83 64.49
N ASN D 226 16.58 -8.55 63.21
CA ASN D 226 17.55 -7.53 62.78
C ASN D 226 18.96 -7.83 63.27
N LEU D 227 19.24 -9.10 63.58
CA LEU D 227 20.59 -9.49 63.98
C LEU D 227 21.58 -9.05 62.91
N PRO D 228 22.75 -8.51 63.31
CA PRO D 228 23.78 -8.12 62.33
C PRO D 228 24.14 -9.22 61.35
N GLU D 229 24.04 -10.48 61.79
CA GLU D 229 24.32 -11.62 60.93
C GLU D 229 23.26 -11.77 59.84
N THR D 230 21.98 -11.56 60.16
CA THR D 230 20.97 -11.64 59.10
C THR D 230 21.12 -10.49 58.11
N HIS D 231 21.42 -9.27 58.60
CA HIS D 231 21.78 -8.19 57.69
C HIS D 231 22.93 -8.62 56.78
N GLU D 232 23.89 -9.38 57.32
CA GLU D 232 25.05 -9.81 56.54
C GLU D 232 24.64 -10.73 55.39
N ILE D 233 23.72 -11.66 55.64
CA ILE D 233 23.24 -12.53 54.57
C ILE D 233 22.55 -11.72 53.49
N LEU D 234 21.69 -10.78 53.91
CA LEU D 234 20.96 -9.96 52.94
C LEU D 234 21.93 -9.20 52.03
N LYS D 235 23.05 -8.73 52.58
CA LYS D 235 24.06 -8.08 51.75
C LYS D 235 24.56 -9.03 50.67
N GLY D 236 24.72 -10.30 51.02
CA GLY D 236 25.15 -11.29 50.03
C GLY D 236 24.21 -11.40 48.86
N PHE D 237 22.90 -11.48 49.12
CA PHE D 237 21.91 -11.46 48.04
C PHE D 237 22.11 -10.23 47.16
N ARG D 238 22.22 -9.06 47.78
CA ARG D 238 22.40 -7.84 47.01
C ARG D 238 23.64 -7.92 46.14
N ALA D 239 24.78 -8.33 46.70
CA ALA D 239 26.02 -8.40 45.93
C ALA D 239 25.87 -9.34 44.75
N MET D 240 25.22 -10.48 44.97
CA MET D 240 24.96 -11.41 43.89
C MET D 240 24.18 -10.78 42.74
N VAL D 241 23.10 -10.05 43.05
CA VAL D 241 22.33 -9.50 41.93
C VAL D 241 23.08 -8.33 41.29
N ASP D 242 23.86 -7.57 42.06
CA ASP D 242 24.64 -6.49 41.45
C ASP D 242 25.69 -7.03 40.48
N ARG D 243 26.27 -8.20 40.79
CA ARG D 243 27.26 -8.82 39.92
C ARG D 243 26.63 -9.49 38.71
N GLU D 244 25.58 -10.31 38.93
CA GLU D 244 25.05 -11.19 37.89
C GLU D 244 23.78 -10.69 37.21
N TYR D 245 23.07 -9.73 37.80
CA TYR D 245 21.77 -9.28 37.28
C TYR D 245 21.58 -7.81 37.60
N PRO D 246 22.42 -6.94 37.04
CA PRO D 246 22.24 -5.51 37.29
C PRO D 246 20.89 -5.07 36.74
N GLY D 247 20.25 -4.16 37.48
CA GLY D 247 18.93 -3.70 37.18
C GLY D 247 17.84 -4.35 38.02
N ARG D 248 18.02 -5.59 38.45
CA ARG D 248 16.95 -6.21 39.18
C ARG D 248 16.79 -5.58 40.55
N LEU D 249 15.61 -5.77 41.12
CA LEU D 249 15.19 -5.08 42.32
C LEU D 249 15.11 -6.06 43.48
N LEU D 250 15.53 -5.61 44.65
CA LEU D 250 15.28 -6.35 45.88
C LEU D 250 14.44 -5.47 46.79
N LEU D 251 13.32 -5.99 47.24
CA LEU D 251 12.35 -5.22 48.01
C LEU D 251 12.03 -5.97 49.29
N ALA D 252 12.15 -5.30 50.43
CA ALA D 252 12.14 -5.94 51.75
C ALA D 252 10.86 -5.68 52.55
N GLU D 253 10.23 -6.76 53.02
CA GLU D 253 9.17 -6.68 54.02
C GLU D 253 9.80 -6.75 55.39
N ALA D 254 10.08 -5.58 55.99
CA ALA D 254 10.65 -5.47 57.34
C ALA D 254 9.76 -4.53 58.13
N ASN D 255 8.85 -5.11 58.92
CA ASN D 255 7.93 -4.34 59.76
C ASN D 255 8.65 -4.17 61.08
N GLN D 256 9.38 -3.07 61.23
CA GLN D 256 10.13 -2.80 62.45
C GLN D 256 10.06 -1.30 62.74
N TRP D 257 10.60 -0.89 63.88
CA TRP D 257 10.60 0.52 64.19
C TRP D 257 11.57 1.27 63.26
N PRO D 258 11.35 2.60 63.07
CA PRO D 258 12.13 3.36 62.07
C PRO D 258 13.63 3.19 62.15
N GLU D 259 14.21 3.16 63.35
CA GLU D 259 15.66 3.04 63.43
C GLU D 259 16.12 1.67 62.92
N GLU D 260 15.36 0.61 63.21
CA GLU D 260 15.72 -0.71 62.69
C GLU D 260 15.49 -0.80 61.18
N VAL D 261 14.43 -0.18 60.68
CA VAL D 261 14.00 -0.41 59.30
C VAL D 261 15.00 0.13 58.31
N VAL D 262 15.52 1.33 58.55
CA VAL D 262 16.43 1.96 57.60
C VAL D 262 17.69 1.12 57.40
N GLU D 263 18.06 0.30 58.38
CA GLU D 263 19.22 -0.57 58.21
C GLU D 263 19.08 -1.56 57.06
N TYR D 264 17.86 -1.91 56.67
CA TYR D 264 17.77 -2.90 55.61
C TYR D 264 18.12 -2.34 54.23
N PHE D 265 18.44 -1.06 54.14
CA PHE D 265 19.07 -0.49 52.95
C PHE D 265 20.57 -0.76 52.90
N GLY D 266 21.20 -1.10 54.03
CA GLY D 266 22.64 -1.09 54.07
C GLY D 266 23.18 0.33 53.96
N THR D 267 24.43 0.43 53.49
CA THR D 267 25.10 1.71 53.26
C THR D 267 25.55 1.82 51.81
N GLU D 268 26.15 2.97 51.50
CA GLU D 268 26.70 3.18 50.16
C GLU D 268 27.85 2.22 49.86
N ALA D 269 28.62 1.83 50.88
CA ALA D 269 29.71 0.87 50.70
C ALA D 269 29.26 -0.57 50.83
N GLU D 270 28.25 -0.82 51.66
CA GLU D 270 27.69 -2.16 51.88
C GLU D 270 26.19 -2.13 51.60
N PRO D 271 25.78 -2.26 50.34
CA PRO D 271 24.35 -2.18 50.01
C PRO D 271 23.55 -3.43 50.37
N GLU D 272 22.36 -3.21 50.94
CA GLU D 272 21.41 -4.30 51.15
C GLU D 272 20.25 -4.16 50.17
N PHE D 273 19.06 -3.80 50.66
CA PHE D 273 17.88 -3.78 49.80
C PHE D 273 17.80 -2.46 49.04
N HIS D 274 17.31 -2.54 47.79
CA HIS D 274 16.99 -1.33 47.04
C HIS D 274 15.81 -0.59 47.64
N MET D 275 14.85 -1.33 48.21
CA MET D 275 13.58 -0.79 48.61
C MET D 275 13.11 -1.45 49.90
N CYS D 276 12.46 -0.66 50.76
CA CYS D 276 11.79 -1.15 51.96
C CYS D 276 10.37 -0.63 52.04
N PHE D 277 9.48 -1.48 52.55
CA PHE D 277 8.13 -1.03 52.86
C PHE D 277 8.15 -0.05 54.02
N ASN D 278 7.54 1.11 53.82
CA ASN D 278 7.34 2.04 54.92
C ASN D 278 6.26 1.55 55.88
N PHE D 279 6.56 0.51 56.64
CA PHE D 279 5.64 0.10 57.69
C PHE D 279 5.41 1.17 58.74
N PRO D 280 6.40 1.96 59.18
CA PRO D 280 6.13 2.88 60.30
C PRO D 280 5.05 3.89 60.03
N VAL D 281 4.95 4.44 58.81
CA VAL D 281 3.96 5.51 58.61
C VAL D 281 2.56 4.95 58.51
N MET D 282 2.42 3.76 57.97
CA MET D 282 1.12 3.20 57.62
C MET D 282 0.10 3.29 58.76
N PRO D 283 0.36 2.76 59.97
CA PRO D 283 -0.70 2.77 60.99
C PRO D 283 -0.97 4.15 61.53
N ARG D 284 0.00 5.07 61.48
CA ARG D 284 -0.24 6.41 61.98
C ARG D 284 -1.24 7.16 61.09
N LEU D 285 -1.35 6.79 59.81
CA LEU D 285 -2.28 7.47 58.92
C LEU D 285 -3.71 7.20 59.35
N TYR D 286 -4.04 5.93 59.59
CA TYR D 286 -5.36 5.61 60.09
C TYR D 286 -5.57 6.24 61.46
N MET D 287 -4.54 6.20 62.28
CA MET D 287 -4.60 6.78 63.61
C MET D 287 -4.87 8.26 63.53
N SER D 288 -4.12 8.97 62.70
CA SER D 288 -4.29 10.40 62.59
C SER D 288 -5.70 10.74 62.16
N LEU D 289 -6.29 9.89 61.34
CA LEU D 289 -7.60 10.19 60.78
C LEU D 289 -8.67 10.16 61.86
N LYS D 290 -8.70 9.09 62.66
CA LYS D 290 -9.68 8.98 63.75
C LYS D 290 -9.47 10.05 64.82
N ARG D 291 -8.23 10.47 65.04
CA ARG D 291 -7.90 11.49 66.02
C ARG D 291 -8.02 12.91 65.47
N GLU D 292 -8.07 13.07 64.15
CA GLU D 292 -8.10 14.39 63.51
C GLU D 292 -6.91 15.24 63.97
N ASP D 293 -5.75 14.58 64.04
CA ASP D 293 -4.51 15.12 64.58
C ASP D 293 -3.38 14.38 63.86
N THR D 294 -2.44 15.11 63.26
CA THR D 294 -1.47 14.46 62.39
C THR D 294 -0.06 14.50 62.95
N SER D 295 0.11 14.83 64.23
CA SER D 295 1.46 14.90 64.77
C SER D 295 2.19 13.56 64.64
N SER D 296 1.47 12.46 64.82
CA SER D 296 2.11 11.14 64.81
C SER D 296 2.70 10.79 63.45
N ILE D 297 2.14 11.31 62.37
CA ILE D 297 2.77 11.08 61.06
C ILE D 297 4.10 11.82 61.00
N ARG D 298 4.11 13.09 61.43
CA ARG D 298 5.34 13.88 61.43
C ARG D 298 6.36 13.28 62.37
N GLU D 299 5.92 12.86 63.55
CA GLU D 299 6.85 12.30 64.52
C GLU D 299 7.51 11.04 63.98
N ILE D 300 6.70 10.15 63.39
CA ILE D 300 7.28 8.88 62.92
C ILE D 300 8.18 9.13 61.72
N MET D 301 7.79 10.07 60.84
CA MET D 301 8.65 10.40 59.71
C MET D 301 9.92 11.10 60.17
N GLY D 302 9.86 11.82 61.30
CA GLY D 302 11.06 12.45 61.82
C GLY D 302 12.11 11.45 62.26
N ARG D 303 11.68 10.30 62.78
CA ARG D 303 12.56 9.27 63.29
C ARG D 303 13.18 8.41 62.21
N LEU D 304 12.94 8.69 60.93
CA LEU D 304 13.52 7.89 59.87
C LEU D 304 14.85 8.48 59.44
N PRO D 305 15.96 7.77 59.59
CA PRO D 305 17.25 8.28 59.09
C PRO D 305 17.19 8.52 57.58
N LYS D 306 18.17 9.28 57.10
CA LYS D 306 18.36 9.38 55.66
C LYS D 306 18.63 8.01 55.09
N ILE D 307 18.37 7.85 53.79
CA ILE D 307 18.57 6.56 53.15
C ILE D 307 19.58 6.75 52.03
N PRO D 308 20.25 5.66 51.63
CA PRO D 308 21.25 5.74 50.58
C PRO D 308 20.70 6.28 49.28
N SER D 309 21.62 6.79 48.46
CA SER D 309 21.30 7.38 47.18
C SER D 309 20.45 6.45 46.32
N PHE D 310 20.64 5.14 46.46
CA PHE D 310 19.91 4.19 45.65
C PHE D 310 18.59 3.78 46.28
N GLY D 311 18.38 4.08 47.56
CA GLY D 311 17.18 3.59 48.24
C GLY D 311 15.93 4.33 47.81
N GLN D 312 14.80 3.65 47.95
CA GLN D 312 13.48 4.22 47.72
C GLN D 312 12.48 3.58 48.68
N TRP D 313 11.68 4.41 49.36
CA TRP D 313 10.63 3.83 50.20
C TRP D 313 9.53 3.25 49.34
N CYS D 314 8.84 2.25 49.88
CA CYS D 314 7.62 1.76 49.27
C CYS D 314 6.44 2.07 50.20
N ILE D 315 5.53 2.92 49.74
CA ILE D 315 4.37 3.34 50.52
C ILE D 315 3.17 2.46 50.18
N PHE D 316 2.38 2.12 51.19
CA PHE D 316 1.17 1.34 51.00
C PHE D 316 0.15 1.74 52.06
N LEU D 317 -1.11 1.37 51.83
CA LEU D 317 -2.16 1.55 52.81
C LEU D 317 -2.70 0.24 53.34
N ARG D 318 -2.94 -0.72 52.45
CA ARG D 318 -3.25 -2.08 52.86
C ARG D 318 -2.43 -3.05 52.01
N ASN D 319 -2.48 -4.31 52.40
CA ASN D 319 -1.79 -5.39 51.72
C ASN D 319 -2.60 -6.65 52.01
N HIS D 320 -2.04 -7.80 51.68
CA HIS D 320 -2.75 -9.07 51.83
C HIS D 320 -2.78 -9.57 53.26
N ASP D 321 -2.07 -8.89 54.16
CA ASP D 321 -2.07 -9.26 55.56
C ASP D 321 -3.01 -8.33 56.32
N GLU D 322 -3.24 -8.67 57.59
CA GLU D 322 -3.94 -7.80 58.53
C GLU D 322 -3.25 -6.43 58.56
N LEU D 323 -3.98 -5.39 58.93
CA LEU D 323 -3.36 -4.11 59.26
C LEU D 323 -2.53 -4.32 60.52
N THR D 324 -1.21 -4.26 60.40
CA THR D 324 -0.37 -4.73 61.50
C THR D 324 -0.21 -3.65 62.58
N LEU D 325 -0.38 -4.06 63.84
CA LEU D 325 -0.24 -3.19 64.99
C LEU D 325 0.95 -3.59 65.88
N GLU D 326 1.94 -4.26 65.32
CA GLU D 326 3.02 -4.81 66.14
C GLU D 326 4.00 -3.71 66.56
N MET D 327 4.26 -2.75 65.68
CA MET D 327 5.24 -1.68 65.87
C MET D 327 4.60 -0.32 66.18
N VAL D 328 3.57 -0.33 67.02
CA VAL D 328 3.04 0.84 67.71
C VAL D 328 3.07 0.53 69.20
N THR D 329 2.91 1.57 70.02
CA THR D 329 2.89 1.39 71.47
C THR D 329 1.60 0.69 71.92
N ASP D 330 1.60 0.35 73.22
CA ASP D 330 0.44 -0.27 73.85
C ASP D 330 -0.80 0.61 73.75
N ASP D 331 -0.62 1.93 73.90
CA ASP D 331 -1.77 2.81 73.90
C ASP D 331 -2.27 3.06 72.48
N GLU D 332 -1.36 3.19 71.51
CA GLU D 332 -1.77 3.28 70.11
C GLU D 332 -2.52 2.03 69.66
N ARG D 333 -1.99 0.85 69.99
CA ARG D 333 -2.66 -0.39 69.60
C ARG D 333 -4.08 -0.43 70.15
N ALA D 334 -4.23 -0.12 71.45
CA ALA D 334 -5.53 -0.13 72.09
C ALA D 334 -6.47 0.87 71.42
N PHE D 335 -5.96 2.08 71.16
CA PHE D 335 -6.72 3.07 70.38
C PHE D 335 -7.19 2.49 69.06
N MET D 336 -6.25 1.94 68.28
CA MET D 336 -6.58 1.45 66.94
C MET D 336 -7.64 0.36 66.99
N TYR D 337 -7.58 -0.52 68.01
CA TYR D 337 -8.59 -1.57 68.15
C TYR D 337 -9.95 -0.96 68.42
N ALA D 338 -10.01 0.04 69.30
CA ALA D 338 -11.29 0.67 69.57
C ALA D 338 -11.81 1.41 68.34
N ALA D 339 -10.90 2.02 67.57
CA ALA D 339 -11.29 2.86 66.46
C ALA D 339 -11.75 2.03 65.27
N TYR D 340 -11.06 0.92 65.00
CA TYR D 340 -11.15 0.23 63.73
C TYR D 340 -11.47 -1.26 63.87
N ALA D 341 -11.57 -1.77 65.09
CA ALA D 341 -11.97 -3.15 65.33
C ALA D 341 -13.10 -3.17 66.35
N PRO D 342 -14.21 -2.50 66.07
CA PRO D 342 -15.30 -2.52 67.07
C PRO D 342 -15.79 -3.93 67.37
N ASP D 343 -15.63 -4.84 66.40
CA ASP D 343 -16.04 -6.23 66.51
C ASP D 343 -14.81 -7.12 66.71
N ALA D 344 -14.93 -8.10 67.60
CA ALA D 344 -13.79 -8.97 67.95
C ALA D 344 -13.32 -9.81 66.78
N ARG D 345 -14.22 -10.26 65.92
CA ARG D 345 -13.78 -11.00 64.75
C ARG D 345 -12.84 -10.17 63.86
N MET D 346 -12.87 -8.84 63.95
CA MET D 346 -12.02 -8.03 63.08
C MET D 346 -10.55 -8.04 63.48
N LYS D 347 -10.20 -8.64 64.61
CA LYS D 347 -8.82 -8.71 65.06
C LYS D 347 -8.24 -10.06 64.67
N ILE D 348 -6.97 -10.07 64.27
CA ILE D 348 -6.23 -11.33 64.17
C ILE D 348 -4.77 -11.07 64.50
N ASN D 349 -4.21 -11.95 65.32
CA ASN D 349 -2.91 -11.76 65.95
C ASN D 349 -2.81 -10.33 66.47
N VAL D 350 -1.83 -9.57 66.00
CA VAL D 350 -1.67 -8.21 66.50
C VAL D 350 -2.06 -7.24 65.39
N GLY D 351 -3.31 -7.31 64.95
CA GLY D 351 -3.77 -6.40 63.93
C GLY D 351 -5.22 -6.59 63.58
N ILE D 352 -5.62 -5.93 62.51
CA ILE D 352 -7.02 -5.76 62.12
C ILE D 352 -7.16 -6.31 60.71
N ARG D 353 -8.06 -7.27 60.52
CA ARG D 353 -8.11 -7.95 59.22
C ARG D 353 -9.23 -7.38 58.34
N ARG D 354 -9.03 -6.14 57.90
CA ARG D 354 -10.05 -5.43 57.13
C ARG D 354 -9.46 -4.75 55.89
N ARG D 355 -10.28 -4.63 54.85
CA ARG D 355 -9.85 -3.88 53.68
C ARG D 355 -9.95 -2.37 53.93
N LEU D 356 -9.35 -1.62 52.99
CA LEU D 356 -9.23 -0.18 53.12
C LEU D 356 -10.60 0.51 53.23
N ALA D 357 -11.50 0.21 52.29
CA ALA D 357 -12.78 0.90 52.24
C ALA D 357 -13.63 0.60 53.46
N PRO D 358 -13.79 -0.65 53.90
CA PRO D 358 -14.51 -0.88 55.17
C PRO D 358 -13.88 -0.18 56.37
N LEU D 359 -12.54 -0.18 56.47
CA LEU D 359 -11.87 0.57 57.53
C LEU D 359 -12.27 2.03 57.54
N LEU D 360 -12.46 2.63 56.37
CA LEU D 360 -12.85 4.02 56.27
C LEU D 360 -14.36 4.21 56.12
N ASP D 361 -15.18 3.24 56.52
CA ASP D 361 -16.65 3.36 56.49
C ASP D 361 -17.19 3.64 55.10
N ASN D 362 -16.42 3.23 54.09
CA ASN D 362 -16.75 3.36 52.68
C ASN D 362 -16.85 4.82 52.25
N ASP D 363 -16.20 5.71 53.00
CA ASP D 363 -16.26 7.15 52.76
C ASP D 363 -15.30 7.52 51.64
N ARG D 364 -15.84 7.79 50.45
CA ARG D 364 -15.03 8.17 49.31
C ARG D 364 -14.10 9.33 49.64
N ARG D 365 -14.56 10.27 50.47
CA ARG D 365 -13.72 11.41 50.83
C ARG D 365 -12.50 10.97 51.63
N ARG D 366 -12.66 10.02 52.55
CA ARG D 366 -11.53 9.54 53.34
C ARG D 366 -10.61 8.67 52.50
N ILE D 367 -11.18 7.81 51.65
CA ILE D 367 -10.36 6.97 50.77
C ILE D 367 -9.52 7.84 49.86
N GLU D 368 -10.11 8.91 49.36
CA GLU D 368 -9.38 9.77 48.46
C GLU D 368 -8.29 10.53 49.20
N LEU D 369 -8.59 11.00 50.41
CA LEU D 369 -7.57 11.62 51.25
C LEU D 369 -6.38 10.70 51.41
N LEU D 370 -6.61 9.49 51.92
CA LEU D 370 -5.47 8.63 52.20
C LEU D 370 -4.75 8.24 50.92
N ASN D 371 -5.49 8.13 49.81
CA ASN D 371 -4.81 7.77 48.56
C ASN D 371 -3.91 8.91 48.06
N THR D 372 -4.35 10.17 48.18
CA THR D 372 -3.48 11.27 47.77
C THR D 372 -2.24 11.34 48.65
N VAL D 373 -2.40 11.14 49.96
CA VAL D 373 -1.24 11.16 50.85
C VAL D 373 -0.29 10.02 50.49
N LEU D 374 -0.84 8.84 50.17
CA LEU D 374 -0.02 7.71 49.72
C LEU D 374 0.75 8.04 48.46
N LEU D 375 0.13 8.75 47.52
CA LEU D 375 0.82 9.13 46.30
C LEU D 375 1.77 10.29 46.48
N ALA D 376 1.71 11.03 47.60
CA ALA D 376 2.51 12.25 47.73
C ALA D 376 3.63 12.15 48.74
N LEU D 377 3.65 11.12 49.60
CA LEU D 377 4.81 10.90 50.46
C LEU D 377 5.98 10.40 49.61
N PRO D 378 7.21 10.52 50.12
CA PRO D 378 8.38 10.10 49.32
C PRO D 378 8.47 8.58 49.26
N GLY D 379 8.49 8.04 48.06
CA GLY D 379 8.61 6.60 47.87
C GLY D 379 7.87 6.20 46.61
N SER D 380 7.67 4.89 46.49
CA SER D 380 6.97 4.39 45.35
C SER D 380 5.73 3.69 45.89
N PRO D 381 4.54 4.07 45.46
CA PRO D 381 3.33 3.52 46.06
C PRO D 381 3.01 2.16 45.48
N VAL D 382 2.46 1.31 46.33
CA VAL D 382 1.92 0.02 45.90
C VAL D 382 0.43 -0.01 46.23
N LEU D 383 -0.36 -0.39 45.23
CA LEU D 383 -1.80 -0.49 45.31
C LEU D 383 -2.14 -1.94 45.60
N TYR D 384 -3.06 -2.16 46.53
CA TYR D 384 -3.54 -3.51 46.74
C TYR D 384 -4.71 -3.78 45.79
N TYR D 385 -4.70 -4.95 45.17
CA TYR D 385 -5.64 -5.23 44.09
C TYR D 385 -7.06 -5.09 44.60
N GLY D 386 -7.90 -4.41 43.82
CA GLY D 386 -9.28 -4.18 44.19
C GLY D 386 -9.53 -2.90 44.96
N ASP D 387 -8.51 -2.25 45.50
CA ASP D 387 -8.78 -1.03 46.26
C ASP D 387 -9.10 0.10 45.32
N GLU D 388 -8.56 0.02 44.11
CA GLU D 388 -8.90 1.00 43.10
C GLU D 388 -10.40 0.96 42.74
N ILE D 389 -11.13 -0.13 43.03
CA ILE D 389 -12.59 -0.10 42.87
C ILE D 389 -13.33 -0.10 44.21
N GLY D 390 -12.63 -0.08 45.34
CA GLY D 390 -13.27 -0.01 46.64
C GLY D 390 -13.81 -1.33 47.18
N MET D 391 -13.04 -2.41 47.05
CA MET D 391 -13.50 -3.71 47.51
C MET D 391 -13.63 -3.73 49.04
N GLY D 392 -14.51 -4.60 49.53
CA GLY D 392 -14.64 -4.86 50.94
C GLY D 392 -14.00 -6.19 51.33
N ASP D 393 -14.41 -6.73 52.48
CA ASP D 393 -13.85 -7.96 53.00
C ASP D 393 -14.93 -9.01 53.26
N ASP D 394 -14.51 -10.24 53.52
CA ASP D 394 -15.44 -11.27 54.00
C ASP D 394 -14.91 -11.80 55.33
N LEU D 395 -15.37 -11.20 56.44
CA LEU D 395 -14.91 -11.57 57.78
C LEU D 395 -15.27 -13.00 58.16
N GLY D 396 -16.19 -13.62 57.46
CA GLY D 396 -16.46 -15.01 57.73
C GLY D 396 -15.39 -15.97 57.27
N LEU D 397 -14.36 -15.48 56.58
CA LEU D 397 -13.30 -16.37 56.16
C LEU D 397 -12.18 -16.38 57.20
N PRO D 398 -11.47 -17.50 57.35
CA PRO D 398 -10.44 -17.59 58.38
C PRO D 398 -9.12 -16.90 58.00
N ASP D 399 -8.32 -16.64 59.03
CA ASP D 399 -6.96 -16.08 58.88
C ASP D 399 -7.07 -14.70 58.21
N ARG D 400 -6.22 -14.40 57.25
CA ARG D 400 -6.29 -13.15 56.52
C ARG D 400 -6.94 -13.31 55.14
N ASN D 401 -7.75 -14.37 54.98
CA ASN D 401 -8.39 -14.64 53.70
C ASN D 401 -9.49 -13.62 53.36
N GLY D 402 -10.05 -12.92 54.35
CA GLY D 402 -11.17 -12.04 54.05
C GLY D 402 -10.82 -10.80 53.24
N VAL D 403 -9.55 -10.42 53.19
CA VAL D 403 -9.10 -9.34 52.33
C VAL D 403 -8.54 -9.86 51.01
N ARG D 404 -8.78 -11.14 50.72
CA ARG D 404 -8.18 -11.81 49.58
C ARG D 404 -9.23 -12.49 48.72
N THR D 405 -10.42 -11.89 48.62
CA THR D 405 -11.48 -12.49 47.80
C THR D 405 -11.29 -12.14 46.33
N PRO D 406 -11.89 -12.90 45.42
CA PRO D 406 -11.67 -12.65 43.99
C PRO D 406 -11.93 -11.20 43.60
N MET D 407 -11.09 -10.71 42.67
CA MET D 407 -11.31 -9.49 41.92
C MET D 407 -12.73 -9.42 41.37
N GLN D 408 -13.32 -8.23 41.40
CA GLN D 408 -14.71 -8.04 40.97
C GLN D 408 -14.68 -7.28 39.64
N TRP D 409 -14.69 -8.04 38.53
CA TRP D 409 -14.55 -7.49 37.19
C TRP D 409 -15.87 -6.96 36.62
N ASN D 410 -16.99 -7.60 36.92
CA ASN D 410 -18.28 -7.15 36.41
C ASN D 410 -19.38 -7.74 37.28
N ALA D 411 -20.64 -7.53 36.89
CA ALA D 411 -21.81 -7.99 37.63
C ALA D 411 -22.25 -9.39 37.21
N GLY D 412 -21.57 -10.01 36.26
CA GLY D 412 -21.87 -11.36 35.83
C GLY D 412 -21.37 -12.41 36.81
N THR D 413 -21.43 -13.66 36.37
CA THR D 413 -21.31 -14.75 37.34
C THR D 413 -19.96 -14.68 38.05
N SER D 414 -20.02 -14.71 39.37
CA SER D 414 -18.86 -14.68 40.25
C SER D 414 -18.08 -13.38 40.13
N GLY D 415 -18.73 -12.33 39.65
CA GLY D 415 -18.07 -11.07 39.48
C GLY D 415 -17.19 -11.00 38.26
N GLY D 416 -17.32 -11.95 37.33
CA GLY D 416 -16.41 -12.02 36.21
C GLY D 416 -15.09 -12.70 36.52
N PHE D 417 -14.89 -13.13 37.76
CA PHE D 417 -13.63 -13.77 38.10
C PHE D 417 -13.51 -15.14 37.45
N SER D 418 -14.64 -15.82 37.25
CA SER D 418 -14.66 -17.20 36.78
C SER D 418 -16.05 -17.53 36.28
N THR D 419 -16.14 -18.44 35.30
CA THR D 419 -17.43 -18.96 34.87
C THR D 419 -17.99 -19.99 35.83
N ALA D 420 -17.21 -20.40 36.83
CA ALA D 420 -17.73 -21.25 37.89
C ALA D 420 -18.63 -20.44 38.82
N GLN D 421 -19.52 -21.15 39.52
CA GLN D 421 -20.44 -20.50 40.46
C GLN D 421 -19.71 -20.01 41.71
N PRO D 422 -20.25 -19.00 42.39
CA PRO D 422 -19.51 -18.37 43.51
C PRO D 422 -19.10 -19.33 44.60
N SER D 423 -19.90 -20.36 44.86
CA SER D 423 -19.57 -21.34 45.87
C SER D 423 -18.52 -22.34 45.42
N ASP D 424 -18.07 -22.28 44.17
CA ASP D 424 -17.06 -23.22 43.70
C ASP D 424 -15.68 -22.58 43.54
N CYS D 425 -15.61 -21.25 43.64
CA CYS D 425 -14.37 -20.51 43.58
C CYS D 425 -13.51 -20.75 44.82
N PHE D 426 -12.19 -20.61 44.67
CA PHE D 426 -11.27 -20.88 45.76
C PHE D 426 -11.67 -20.13 47.04
N PHE D 427 -11.85 -18.78 46.95
CA PHE D 427 -12.53 -17.97 47.96
C PHE D 427 -13.81 -17.40 47.35
N PRO D 428 -14.91 -17.33 48.09
CA PRO D 428 -16.17 -16.87 47.48
C PRO D 428 -16.12 -15.39 47.18
N PRO D 429 -16.52 -14.99 45.96
CA PRO D 429 -16.65 -13.56 45.67
C PRO D 429 -17.66 -12.93 46.62
N ILE D 430 -17.37 -11.68 46.99
CA ILE D 430 -18.23 -10.95 47.93
C ILE D 430 -19.52 -10.59 47.22
N GLN D 431 -20.66 -10.94 47.82
CA GLN D 431 -21.95 -10.67 47.20
C GLN D 431 -22.86 -9.81 48.06
N ASP D 432 -22.33 -9.11 49.07
CA ASP D 432 -23.21 -8.40 50.01
C ASP D 432 -23.65 -7.06 49.39
N PRO D 433 -24.68 -6.42 49.99
CA PRO D 433 -25.31 -5.27 49.31
C PRO D 433 -24.43 -4.03 49.20
N VAL D 434 -23.49 -3.81 50.11
CA VAL D 434 -22.61 -2.66 50.01
C VAL D 434 -21.43 -2.94 49.09
N TYR D 435 -20.75 -4.07 49.28
CA TYR D 435 -19.48 -4.30 48.62
C TYR D 435 -19.54 -5.39 47.56
N GLY D 436 -20.66 -6.11 47.43
CA GLY D 436 -20.73 -7.22 46.49
C GLY D 436 -20.50 -6.80 45.05
N PHE D 437 -20.23 -7.78 44.19
CA PHE D 437 -19.86 -7.47 42.81
C PHE D 437 -21.01 -6.89 41.99
N GLY D 438 -22.25 -6.97 42.46
CA GLY D 438 -23.33 -6.27 41.75
C GLY D 438 -23.25 -4.76 41.88
N ARG D 439 -22.58 -4.25 42.92
CA ARG D 439 -22.40 -2.84 43.18
C ARG D 439 -21.00 -2.35 42.85
N VAL D 440 -19.99 -3.17 43.08
CA VAL D 440 -18.60 -2.77 43.07
C VAL D 440 -17.90 -3.64 42.03
N ASN D 441 -17.62 -3.09 40.85
CA ASN D 441 -16.99 -3.92 39.84
C ASN D 441 -16.35 -3.01 38.81
N VAL D 442 -15.33 -3.54 38.12
CA VAL D 442 -14.52 -2.73 37.21
C VAL D 442 -15.38 -2.21 36.07
N GLN D 443 -16.22 -3.07 35.49
CA GLN D 443 -16.97 -2.67 34.30
C GLN D 443 -17.84 -1.45 34.57
N SER D 444 -18.63 -1.49 35.64
CA SER D 444 -19.49 -0.35 35.95
C SER D 444 -18.67 0.91 36.17
N GLN D 445 -17.50 0.76 36.79
CA GLN D 445 -16.69 1.92 37.05
C GLN D 445 -15.99 2.41 35.80
N LEU D 446 -15.85 1.58 34.79
CA LEU D 446 -15.35 2.05 33.51
C LEU D 446 -16.38 2.88 32.75
N GLN D 447 -17.68 2.69 33.04
CA GLN D 447 -18.72 3.48 32.40
C GLN D 447 -19.20 4.65 33.24
N ASP D 448 -18.94 4.63 34.54
CA ASP D 448 -19.34 5.71 35.42
C ASP D 448 -18.30 6.83 35.34
N PRO D 449 -18.69 8.05 34.98
CA PRO D 449 -17.69 9.13 34.82
C PRO D 449 -16.97 9.53 36.10
N SER D 450 -17.57 9.33 37.29
CA SER D 450 -16.96 9.76 38.55
C SER D 450 -16.63 8.58 39.45
N SER D 451 -16.27 7.44 38.86
CA SER D 451 -15.99 6.26 39.64
C SER D 451 -14.67 6.42 40.38
N LEU D 452 -14.52 5.67 41.46
CA LEU D 452 -13.25 5.62 42.17
C LEU D 452 -12.15 5.07 41.29
N LEU D 453 -12.49 4.22 40.34
CA LEU D 453 -11.49 3.71 39.42
C LEU D 453 -10.95 4.82 38.53
N LYS D 454 -11.83 5.63 37.95
CA LYS D 454 -11.31 6.71 37.12
C LYS D 454 -10.60 7.76 37.98
N TRP D 455 -11.11 8.00 39.19
CA TRP D 455 -10.38 8.87 40.11
C TRP D 455 -8.96 8.37 40.36
N THR D 456 -8.81 7.07 40.58
CA THR D 456 -7.47 6.58 40.88
C THR D 456 -6.58 6.71 39.66
N ALA D 457 -7.09 6.30 38.48
CA ALA D 457 -6.33 6.42 37.24
C ALA D 457 -5.84 7.84 37.02
N ARG D 458 -6.74 8.80 37.15
CA ARG D 458 -6.39 10.20 36.92
C ARG D 458 -5.40 10.71 37.96
N GLN D 459 -5.57 10.32 39.22
CA GLN D 459 -4.65 10.76 40.26
C GLN D 459 -3.24 10.22 40.02
N LEU D 460 -3.14 8.99 39.48
CA LEU D 460 -1.84 8.47 39.09
C LEU D 460 -1.23 9.28 37.93
N GLU D 461 -2.05 9.61 36.93
CA GLU D 461 -1.57 10.39 35.80
C GLU D 461 -1.11 11.77 36.25
N LEU D 462 -1.91 12.41 37.11
CA LEU D 462 -1.48 13.64 37.79
C LEU D 462 -0.14 13.48 38.49
N ARG D 463 0.03 12.40 39.27
CA ARG D 463 1.29 12.17 39.96
C ARG D 463 2.42 11.96 38.98
N ARG D 464 2.14 11.31 37.84
CA ARG D 464 3.14 11.00 36.84
C ARG D 464 3.61 12.25 36.09
N ALA D 465 2.81 13.31 36.06
CA ALA D 465 3.23 14.53 35.39
C ALA D 465 4.22 15.34 36.22
N HIS D 466 4.49 14.94 37.47
CA HIS D 466 5.35 15.75 38.35
C HIS D 466 6.37 14.88 39.04
N PRO D 467 7.59 14.81 38.50
CA PRO D 467 8.60 13.89 39.06
C PRO D 467 8.99 14.18 40.51
N ALA D 468 8.64 15.34 41.07
CA ALA D 468 8.98 15.56 42.47
C ALA D 468 8.22 14.64 43.44
N PHE D 469 7.08 14.08 43.04
CA PHE D 469 6.43 13.12 43.95
C PHE D 469 7.27 11.87 44.15
N ALA D 470 7.95 11.41 43.09
CA ALA D 470 8.71 10.19 43.13
C ALA D 470 10.14 10.40 43.59
N HIS D 471 10.68 11.61 43.42
CA HIS D 471 12.09 11.85 43.65
C HIS D 471 12.40 13.04 44.54
N GLY D 472 11.43 13.85 44.91
CA GLY D 472 11.75 15.08 45.61
C GLY D 472 12.13 14.87 47.07
N ASP D 473 12.80 15.88 47.65
CA ASP D 473 12.96 15.91 49.10
C ASP D 473 11.60 16.04 49.76
N LEU D 474 11.58 16.04 51.09
CA LEU D 474 10.37 16.21 51.86
C LEU D 474 10.66 17.05 53.10
N THR D 475 9.98 18.19 53.22
CA THR D 475 10.06 19.05 54.41
C THR D 475 8.66 19.27 54.95
N PHE D 476 8.44 18.97 56.23
CA PHE D 476 7.15 19.27 56.82
C PHE D 476 7.10 20.76 57.15
N ILE D 477 5.87 21.31 57.18
CA ILE D 477 5.68 22.71 57.54
C ILE D 477 4.49 22.80 58.49
N GLU D 478 4.46 23.88 59.30
CA GLU D 478 3.90 23.80 60.66
C GLU D 478 2.37 23.91 60.75
N THR D 479 1.73 24.76 59.93
CA THR D 479 0.26 24.89 59.85
C THR D 479 -0.48 25.45 61.08
N GLY D 480 -0.07 25.09 62.30
CA GLY D 480 -0.78 25.61 63.46
C GLY D 480 -2.16 25.01 63.74
N ASN D 481 -2.40 23.77 63.30
CA ASN D 481 -3.63 23.02 63.50
C ASN D 481 -3.27 21.57 63.24
N PRO D 482 -3.26 20.71 64.26
CA PRO D 482 -2.81 19.34 64.05
C PRO D 482 -3.65 18.58 63.03
N ALA D 483 -4.91 18.98 62.84
CA ALA D 483 -5.73 18.32 61.83
C ALA D 483 -5.20 18.52 60.41
N ILE D 484 -4.29 19.46 60.21
CA ILE D 484 -3.84 19.86 58.89
C ILE D 484 -2.37 19.51 58.72
N LEU D 485 -2.10 18.56 57.82
CA LEU D 485 -0.75 18.16 57.46
C LEU D 485 -0.35 18.90 56.19
N ALA D 486 0.83 19.51 56.20
CA ALA D 486 1.34 20.21 55.03
C ALA D 486 2.82 19.95 54.90
N PHE D 487 3.26 19.74 53.65
CA PHE D 487 4.69 19.54 53.41
C PHE D 487 5.01 19.94 51.97
N THR D 488 6.30 20.10 51.71
CA THR D 488 6.78 20.40 50.38
C THR D 488 7.56 19.22 49.83
N ARG D 489 7.53 19.06 48.51
CA ARG D 489 8.47 18.22 47.77
C ARG D 489 9.20 19.08 46.74
N GLN D 490 10.53 19.01 46.73
CA GLN D 490 11.35 19.76 45.79
C GLN D 490 12.19 18.78 44.98
N TYR D 491 12.20 18.96 43.66
CA TYR D 491 13.07 18.16 42.80
C TYR D 491 13.24 18.88 41.47
N ASP D 492 14.47 18.80 40.91
CA ASP D 492 14.88 19.60 39.76
C ASP D 492 14.44 21.05 40.04
N GLY D 493 13.64 21.63 39.16
CA GLY D 493 13.21 22.99 39.43
C GLY D 493 11.80 23.11 39.99
N GLU D 494 11.22 22.05 40.53
CA GLU D 494 9.82 22.06 40.95
C GLU D 494 9.72 21.98 42.47
N THR D 495 8.86 22.82 43.05
CA THR D 495 8.49 22.78 44.46
C THR D 495 6.98 22.54 44.55
N LEU D 496 6.58 21.34 44.96
CA LEU D 496 5.19 21.09 45.26
C LEU D 496 4.91 21.38 46.73
N LEU D 497 3.74 21.91 47.01
CA LEU D 497 3.26 22.09 48.37
C LEU D 497 1.96 21.34 48.50
N ILE D 498 1.89 20.41 49.44
CA ILE D 498 0.70 19.61 49.54
C ILE D 498 0.16 19.70 50.96
N VAL D 499 -1.14 19.98 51.06
CA VAL D 499 -1.83 20.29 52.31
C VAL D 499 -2.99 19.32 52.44
N SER D 500 -3.15 18.75 53.63
CA SER D 500 -4.20 17.75 53.79
C SER D 500 -4.92 17.96 55.11
N ASN D 501 -6.24 17.85 55.07
CA ASN D 501 -7.09 18.03 56.24
C ASN D 501 -7.59 16.69 56.72
N PHE D 502 -7.06 16.21 57.85
CA PHE D 502 -7.50 14.94 58.39
C PHE D 502 -8.78 15.06 59.22
N ALA D 503 -9.34 16.25 59.39
CA ALA D 503 -10.55 16.42 60.16
C ALA D 503 -11.78 16.28 59.27
N GLY D 504 -12.87 15.78 59.88
CA GLY D 504 -14.17 15.60 59.27
C GLY D 504 -15.03 16.83 59.17
N ASN D 505 -14.51 18.00 59.52
CA ASN D 505 -15.19 19.24 59.20
C ASN D 505 -14.15 20.24 58.73
N ALA D 506 -14.65 21.41 58.31
CA ALA D 506 -13.79 22.48 57.84
C ALA D 506 -12.82 22.92 58.94
N GLN D 507 -11.61 23.31 58.52
CA GLN D 507 -10.52 23.60 59.43
C GLN D 507 -9.72 24.76 58.89
N ALA D 508 -9.20 25.57 59.81
CA ALA D 508 -8.36 26.71 59.46
C ALA D 508 -6.92 26.40 59.85
N GLY D 509 -5.98 26.95 59.07
CA GLY D 509 -4.58 26.78 59.37
C GLY D 509 -3.80 28.06 59.10
N LEU D 510 -2.55 28.07 59.57
CA LEU D 510 -1.64 29.19 59.33
C LEU D 510 -0.29 28.61 58.94
N LEU D 511 -0.07 28.51 57.63
CA LEU D 511 1.09 27.82 57.07
C LEU D 511 2.35 28.69 57.10
N ASP D 512 3.43 28.15 57.67
CA ASP D 512 4.72 28.83 57.74
C ASP D 512 5.44 28.75 56.40
N LEU D 513 5.05 29.62 55.48
CA LEU D 513 5.62 29.64 54.15
C LEU D 513 6.78 30.64 54.04
N ALA D 514 7.42 30.93 55.19
CA ALA D 514 8.48 31.95 55.23
C ALA D 514 9.54 31.79 54.15
N PRO D 515 10.11 30.61 53.88
CA PRO D 515 11.14 30.53 52.82
C PRO D 515 10.59 30.74 51.41
N PHE D 516 9.30 31.00 51.25
CA PHE D 516 8.69 31.11 49.94
C PHE D 516 8.01 32.44 49.72
N VAL D 517 8.38 33.45 50.51
CA VAL D 517 7.77 34.77 50.34
C VAL D 517 7.97 35.22 48.91
N GLY D 518 6.89 35.65 48.27
CA GLY D 518 6.95 36.10 46.89
C GLY D 518 6.56 35.05 45.87
N ARG D 519 6.43 33.79 46.29
CA ARG D 519 6.05 32.72 45.36
C ARG D 519 4.54 32.62 45.25
N ALA D 520 4.07 32.37 44.05
CA ALA D 520 2.64 32.30 43.77
C ALA D 520 2.20 30.85 43.81
N PRO D 521 1.47 30.41 44.83
CA PRO D 521 0.93 29.06 44.78
C PRO D 521 -0.10 28.94 43.67
N VAL D 522 0.04 27.90 42.86
CA VAL D 522 -1.02 27.57 41.92
C VAL D 522 -1.35 26.08 42.06
N THR D 523 -2.60 25.78 41.75
CA THR D 523 -3.16 24.45 41.88
C THR D 523 -2.59 23.51 40.78
N LEU D 524 -2.25 22.26 41.14
CA LEU D 524 -1.66 21.35 40.14
C LEU D 524 -2.62 21.03 39.01
N SER D 525 -3.87 20.90 39.32
CA SER D 525 -4.84 20.57 38.30
C SER D 525 -5.51 21.89 37.97
N GLY D 526 -5.05 22.55 36.92
CA GLY D 526 -5.70 23.72 36.38
C GLY D 526 -5.06 25.05 36.69
N ALA D 527 -4.00 25.08 37.52
CA ALA D 527 -3.26 26.31 37.83
C ALA D 527 -4.17 27.44 38.32
N SER D 528 -5.20 27.09 39.06
CA SER D 528 -6.02 28.08 39.75
C SER D 528 -5.14 28.81 40.75
N PRO D 529 -5.13 30.15 40.76
CA PRO D 529 -4.15 30.87 41.59
C PRO D 529 -4.64 31.17 43.00
N LEU D 530 -3.78 30.89 43.95
CA LEU D 530 -3.96 31.31 45.32
C LEU D 530 -3.22 32.63 45.52
N PRO D 531 -3.45 33.32 46.64
CA PRO D 531 -2.71 34.58 46.86
C PRO D 531 -1.21 34.35 46.91
N VAL D 532 -0.47 35.33 46.37
CA VAL D 532 0.99 35.31 46.48
C VAL D 532 1.41 35.40 47.94
N VAL D 533 2.49 34.70 48.27
CA VAL D 533 3.00 34.71 49.64
C VAL D 533 3.68 36.04 49.93
N THR D 534 3.26 36.71 51.01
CA THR D 534 3.77 38.03 51.41
C THR D 534 4.15 38.11 52.89
N GLY D 535 4.44 39.33 53.37
CA GLY D 535 4.70 39.55 54.79
C GLY D 535 5.78 38.64 55.32
N ASN D 536 5.51 38.03 56.47
CA ASN D 536 6.37 37.02 57.07
C ASN D 536 6.14 35.63 56.47
N GLY D 537 5.32 35.54 55.43
CA GLY D 537 5.04 34.23 54.88
C GLY D 537 4.22 33.33 55.77
N GLN D 538 3.57 33.87 56.79
CA GLN D 538 2.57 33.10 57.51
C GLN D 538 1.30 33.18 56.68
N TYR D 539 0.81 32.02 56.23
CA TYR D 539 -0.14 31.95 55.13
C TYR D 539 -1.44 31.29 55.56
N PRO D 540 -2.53 32.02 55.65
CA PRO D 540 -3.78 31.41 56.15
C PRO D 540 -4.43 30.55 55.08
N VAL D 541 -5.04 29.45 55.53
CA VAL D 541 -5.79 28.53 54.67
C VAL D 541 -7.06 28.14 55.38
N VAL D 542 -8.08 27.81 54.60
CA VAL D 542 -9.23 27.08 55.09
C VAL D 542 -9.41 25.89 54.16
N MET D 543 -9.85 24.78 54.73
CA MET D 543 -10.06 23.56 53.97
C MET D 543 -11.37 22.94 54.42
N GLY D 544 -12.13 22.39 53.46
CA GLY D 544 -13.28 21.59 53.81
C GLY D 544 -12.86 20.23 54.30
N LYS D 545 -13.83 19.45 54.78
CA LYS D 545 -13.54 18.14 55.36
C LYS D 545 -12.75 17.27 54.39
N TYR D 546 -11.68 16.66 54.91
CA TYR D 546 -10.90 15.66 54.17
C TYR D 546 -10.36 16.20 52.85
N ASP D 547 -10.20 17.50 52.71
CA ASP D 547 -9.65 18.05 51.47
C ASP D 547 -8.16 17.77 51.33
N TYR D 548 -7.73 17.71 50.07
CA TYR D 548 -6.32 17.69 49.72
C TYR D 548 -6.07 18.82 48.74
N TYR D 549 -5.01 19.60 48.99
CA TYR D 549 -4.54 20.65 48.09
C TYR D 549 -3.20 20.18 47.55
N TRP D 550 -3.15 19.91 46.26
CA TRP D 550 -1.91 19.67 45.55
C TRP D 550 -1.53 20.95 44.80
N LEU D 551 -0.46 21.60 45.25
CA LEU D 551 -0.08 22.92 44.74
C LEU D 551 1.35 22.91 44.24
N ARG D 552 1.63 23.85 43.36
CA ARG D 552 2.98 24.18 42.96
C ARG D 552 3.26 25.63 43.37
N LEU D 553 4.42 25.88 43.96
CA LEU D 553 4.84 27.25 44.30
C LEU D 553 5.71 27.77 43.18
N ASN D 554 5.11 28.50 42.25
CA ASN D 554 5.86 29.08 41.13
C ASN D 554 6.89 30.08 41.63
N SER D 555 8.10 29.98 41.11
CA SER D 555 9.11 31.01 41.37
C SER D 555 9.04 32.12 40.33
N PRO E 8 -45.06 30.58 62.97
CA PRO E 8 -44.72 30.25 61.58
C PRO E 8 -45.58 29.11 61.01
N GLU E 9 -46.15 29.33 59.82
CA GLU E 9 -47.05 28.35 59.21
C GLU E 9 -46.29 27.06 58.92
N TRP E 10 -47.02 25.95 58.87
CA TRP E 10 -46.33 24.66 58.85
C TRP E 10 -45.48 24.53 57.59
N TYR E 11 -46.02 24.94 56.44
CA TYR E 11 -45.34 24.82 55.16
C TYR E 11 -44.06 25.66 55.07
N LYS E 12 -43.82 26.59 55.99
CA LYS E 12 -42.56 27.32 55.96
C LYS E 12 -41.40 26.47 56.45
N SER E 13 -41.64 25.50 57.31
CA SER E 13 -40.55 24.72 57.89
C SER E 13 -40.62 23.26 57.46
N ALA E 14 -41.37 22.95 56.41
CA ALA E 14 -41.50 21.59 55.93
C ALA E 14 -40.41 21.28 54.90
N VAL E 15 -40.10 20.00 54.80
CA VAL E 15 -39.33 19.44 53.70
C VAL E 15 -40.30 18.61 52.87
N PHE E 16 -40.36 18.90 51.58
CA PHE E 16 -41.29 18.21 50.71
C PHE E 16 -40.57 17.14 49.89
N TYR E 17 -41.37 16.19 49.42
CA TYR E 17 -40.87 15.04 48.69
C TYR E 17 -41.91 14.74 47.62
N GLU E 18 -41.47 14.81 46.37
CA GLU E 18 -42.33 14.60 45.21
C GLU E 18 -42.26 13.14 44.82
N LEU E 19 -43.41 12.50 44.72
CA LEU E 19 -43.40 11.11 44.30
C LEU E 19 -44.66 10.78 43.52
N SER E 20 -44.56 9.75 42.71
CA SER E 20 -45.64 9.31 41.84
C SER E 20 -46.10 7.94 42.35
N VAL E 21 -47.39 7.85 42.71
CA VAL E 21 -47.89 6.63 43.33
C VAL E 21 -47.73 5.43 42.39
N ARG E 22 -47.95 5.63 41.09
CA ARG E 22 -47.89 4.51 40.15
C ARG E 22 -46.49 3.92 40.06
N THR E 23 -45.51 4.66 40.56
CA THR E 23 -44.12 4.44 40.27
C THR E 23 -43.27 4.27 41.54
N PHE E 24 -43.88 4.26 42.73
CA PHE E 24 -43.13 4.25 43.98
C PHE E 24 -43.02 2.86 44.58
N GLN E 25 -44.16 2.26 44.95
CA GLN E 25 -44.14 0.90 45.51
C GLN E 25 -45.39 0.15 45.05
N ASP E 26 -45.19 -0.96 44.33
CA ASP E 26 -46.31 -1.85 43.98
C ASP E 26 -46.62 -2.73 45.18
N GLY E 27 -47.87 -2.72 45.60
CA GLY E 27 -48.28 -3.49 46.75
C GLY E 27 -48.63 -4.93 46.39
N ASN E 28 -49.32 -5.13 45.26
CA ASN E 28 -49.96 -6.41 44.96
C ASN E 28 -49.33 -7.20 43.83
N GLY E 29 -48.23 -6.73 43.24
CA GLY E 29 -47.56 -7.48 42.21
C GLY E 29 -48.06 -7.37 40.78
N ASP E 30 -48.88 -6.37 40.46
CA ASP E 30 -49.40 -6.22 39.11
C ASP E 30 -48.53 -5.33 38.22
N GLY E 31 -47.44 -4.76 38.76
CA GLY E 31 -46.54 -3.86 38.04
C GLY E 31 -46.83 -2.38 38.21
N LYS E 32 -47.89 -2.03 38.94
CA LYS E 32 -48.26 -0.65 39.13
C LYS E 32 -48.14 -0.30 40.61
N GLY E 33 -47.49 0.82 40.90
CA GLY E 33 -47.44 1.30 42.26
C GLY E 33 -48.84 1.69 42.71
N ASP E 34 -49.07 1.57 44.01
CA ASP E 34 -50.41 1.75 44.56
C ASP E 34 -50.29 2.30 45.96
N PHE E 35 -51.44 2.69 46.52
CA PHE E 35 -51.52 3.37 47.79
C PHE E 35 -51.21 2.46 48.97
N PRO E 36 -51.60 1.18 48.97
CA PRO E 36 -51.11 0.30 50.06
C PRO E 36 -49.59 0.15 50.08
N GLY E 37 -48.98 0.08 48.89
CA GLY E 37 -47.53 0.00 48.81
C GLY E 37 -46.89 1.26 49.35
N LEU E 38 -47.41 2.41 48.93
CA LEU E 38 -46.91 3.68 49.41
C LEU E 38 -47.01 3.75 50.93
N THR E 39 -48.14 3.30 51.48
CA THR E 39 -48.34 3.29 52.92
C THR E 39 -47.28 2.47 53.64
N SER E 40 -46.78 1.40 53.01
CA SER E 40 -45.74 0.64 53.69
C SER E 40 -44.36 1.30 53.58
N ARG E 41 -44.22 2.41 52.86
CA ARG E 41 -42.95 3.12 52.75
C ARG E 41 -42.94 4.44 53.50
N LEU E 42 -43.92 4.67 54.38
CA LEU E 42 -44.01 5.97 55.03
C LEU E 42 -42.92 6.14 56.07
N ASP E 43 -42.52 5.06 56.75
CA ASP E 43 -41.44 5.17 57.72
C ASP E 43 -40.13 5.54 57.04
N TYR E 44 -39.89 4.98 55.86
CA TYR E 44 -38.74 5.40 55.07
C TYR E 44 -38.74 6.90 54.89
N LEU E 45 -39.88 7.48 54.53
CA LEU E 45 -39.87 8.90 54.22
C LEU E 45 -39.75 9.71 55.49
N LYS E 46 -40.44 9.29 56.54
CA LYS E 46 -40.30 9.94 57.84
C LYS E 46 -38.85 9.88 58.33
N ASN E 47 -38.23 8.70 58.25
CA ASN E 47 -36.84 8.55 58.70
C ASN E 47 -35.88 9.39 57.86
N LEU E 48 -36.20 9.57 56.58
CA LEU E 48 -35.34 10.40 55.76
C LEU E 48 -35.38 11.85 56.23
N GLY E 49 -36.49 12.27 56.81
CA GLY E 49 -36.59 13.61 57.35
C GLY E 49 -37.44 14.51 56.49
N VAL E 50 -38.38 13.92 55.77
CA VAL E 50 -39.32 14.72 54.99
C VAL E 50 -40.60 14.89 55.80
N ASP E 51 -41.30 15.98 55.54
CA ASP E 51 -42.46 16.40 56.31
C ASP E 51 -43.76 16.27 55.55
N CYS E 52 -43.72 16.53 54.25
CA CYS E 52 -44.94 16.61 53.47
C CYS E 52 -44.72 15.89 52.14
N LEU E 53 -45.65 15.03 51.80
CA LEU E 53 -45.63 14.34 50.53
C LEU E 53 -46.40 15.16 49.51
N TRP E 54 -45.83 15.30 48.32
CA TRP E 54 -46.55 15.86 47.19
C TRP E 54 -46.80 14.71 46.23
N LEU E 55 -48.07 14.34 46.06
CA LEU E 55 -48.44 13.21 45.24
C LEU E 55 -48.87 13.72 43.86
N LEU E 56 -48.22 13.22 42.81
CA LEU E 56 -48.64 13.51 41.45
C LEU E 56 -50.08 13.04 41.21
N PRO E 57 -50.74 13.46 40.11
CA PRO E 57 -52.15 13.08 39.90
C PRO E 57 -52.46 11.61 40.16
N TRP E 58 -53.35 11.33 41.12
CA TRP E 58 -53.83 9.98 41.42
C TRP E 58 -55.22 9.67 40.84
N PHE E 59 -55.78 10.55 39.90
CA PHE E 59 -57.16 10.46 39.41
C PHE E 59 -57.31 9.55 38.18
N PRO E 60 -58.50 8.98 38.00
CA PRO E 60 -58.83 8.34 36.71
C PRO E 60 -58.43 9.20 35.52
N SER E 61 -57.96 8.52 34.47
CA SER E 61 -57.15 9.15 33.44
C SER E 61 -56.73 8.09 32.44
N PRO E 62 -56.77 8.36 31.14
CA PRO E 62 -56.17 7.42 30.17
C PRO E 62 -54.65 7.51 30.13
N LEU E 63 -54.07 8.49 30.84
CA LEU E 63 -52.64 8.55 31.11
C LEU E 63 -51.82 8.94 29.87
N ARG E 64 -52.41 9.74 28.96
CA ARG E 64 -51.65 10.24 27.81
C ARG E 64 -50.70 11.36 28.22
N ASP E 65 -50.96 12.04 29.32
CA ASP E 65 -49.96 12.88 29.99
C ASP E 65 -49.79 12.42 31.42
N ASP E 66 -49.77 11.10 31.62
CA ASP E 66 -49.34 10.49 32.88
C ASP E 66 -50.15 10.99 34.08
N GLY E 67 -51.47 10.96 33.92
CA GLY E 67 -52.37 11.33 34.96
C GLY E 67 -52.75 12.80 34.99
N TYR E 68 -51.94 13.66 34.36
CA TYR E 68 -52.28 15.08 34.26
C TYR E 68 -53.45 15.36 33.31
N ASP E 69 -53.94 14.35 32.58
CA ASP E 69 -55.16 14.40 31.77
C ASP E 69 -56.27 13.69 32.56
N VAL E 70 -57.04 14.45 33.31
CA VAL E 70 -57.90 13.85 34.32
C VAL E 70 -59.30 13.61 33.74
N ALA E 71 -59.80 12.39 33.91
CA ALA E 71 -61.14 12.05 33.47
C ALA E 71 -62.15 12.02 34.62
N ASP E 72 -61.72 12.34 35.86
CA ASP E 72 -62.58 12.30 37.05
C ASP E 72 -61.91 12.88 38.29
N TYR E 73 -62.32 14.06 38.71
CA TYR E 73 -61.67 14.73 39.83
C TYR E 73 -61.99 14.14 41.21
N ARG E 74 -62.86 13.14 41.32
CA ARG E 74 -63.35 12.75 42.65
C ARG E 74 -63.21 11.24 42.89
N GLY E 75 -62.28 10.58 42.20
CA GLY E 75 -62.02 9.18 42.41
C GLY E 75 -60.52 8.94 42.39
N ILE E 76 -60.13 7.70 42.59
CA ILE E 76 -58.72 7.38 42.44
C ILE E 76 -58.59 6.36 41.33
N HIS E 77 -57.59 6.58 40.49
CA HIS E 77 -57.32 5.73 39.35
C HIS E 77 -57.24 4.25 39.77
N PRO E 78 -57.92 3.34 39.06
CA PRO E 78 -58.00 1.96 39.55
C PRO E 78 -56.64 1.28 39.74
N ASP E 79 -55.61 1.72 39.01
CA ASP E 79 -54.24 1.22 39.18
C ASP E 79 -53.76 1.39 40.62
N LEU E 80 -54.15 2.48 41.25
CA LEU E 80 -53.53 2.90 42.48
C LEU E 80 -54.27 2.37 43.70
N GLY E 81 -55.38 1.67 43.49
CA GLY E 81 -56.14 1.21 44.63
C GLY E 81 -57.52 1.82 44.66
N THR E 82 -58.19 1.79 45.81
CA THR E 82 -59.53 2.36 45.97
C THR E 82 -59.46 3.64 46.78
N LEU E 83 -60.61 4.30 46.90
CA LEU E 83 -60.72 5.46 47.76
C LEU E 83 -60.53 5.08 49.22
N ASP E 84 -60.83 3.82 49.56
CA ASP E 84 -60.55 3.34 50.91
C ASP E 84 -59.04 3.26 51.17
N ASP E 85 -58.29 2.69 50.19
CA ASP E 85 -56.83 2.67 50.22
C ASP E 85 -56.24 4.07 50.41
N PHE E 86 -56.72 5.04 49.62
CA PHE E 86 -56.32 6.43 49.80
C PHE E 86 -56.61 6.89 51.23
N LYS E 87 -57.83 6.60 51.73
CA LYS E 87 -58.22 7.06 53.06
C LYS E 87 -57.30 6.49 54.13
N VAL E 88 -56.93 5.21 54.04
CA VAL E 88 -56.09 4.75 55.15
C VAL E 88 -54.68 5.26 54.97
N PHE E 89 -54.23 5.40 53.70
CA PHE E 89 -52.95 6.04 53.41
C PHE E 89 -52.88 7.41 54.06
N LEU E 90 -53.95 8.19 53.95
CA LEU E 90 -53.98 9.51 54.54
C LEU E 90 -53.97 9.42 56.07
N ARG E 91 -54.81 8.57 56.63
CA ARG E 91 -54.76 8.36 58.06
C ARG E 91 -53.36 7.93 58.51
N GLU E 92 -52.81 6.91 57.86
CA GLU E 92 -51.46 6.43 58.21
C GLU E 92 -50.40 7.53 58.09
N ALA E 93 -50.54 8.42 57.11
CA ALA E 93 -49.55 9.48 56.93
C ALA E 93 -49.64 10.51 58.04
N HIS E 94 -50.86 10.91 58.43
CA HIS E 94 -51.03 11.90 59.48
C HIS E 94 -50.63 11.33 60.83
N ALA E 95 -50.94 10.06 61.06
CA ALA E 95 -50.49 9.40 62.28
C ALA E 95 -49.00 9.54 62.47
N ARG E 96 -48.24 9.65 61.38
CA ARG E 96 -46.80 9.83 61.44
C ARG E 96 -46.37 11.29 61.45
N GLY E 97 -47.32 12.22 61.49
CA GLY E 97 -46.89 13.61 61.43
C GLY E 97 -46.47 14.06 60.06
N LEU E 98 -46.91 13.37 59.01
CA LEU E 98 -46.63 13.82 57.66
C LEU E 98 -47.82 14.60 57.11
N TRP E 99 -47.54 15.73 56.48
CA TRP E 99 -48.55 16.39 55.67
C TRP E 99 -48.55 15.76 54.30
N VAL E 100 -49.66 15.90 53.57
CA VAL E 100 -49.67 15.46 52.17
C VAL E 100 -50.57 16.38 51.37
N ILE E 101 -50.03 16.88 50.27
CA ILE E 101 -50.77 17.68 49.31
C ILE E 101 -50.93 16.86 48.05
N GLY E 102 -52.06 17.06 47.38
CA GLY E 102 -52.31 16.47 46.09
C GLY E 102 -52.04 17.46 44.97
N ASP E 103 -52.37 17.02 43.76
CA ASP E 103 -52.12 17.79 42.56
C ASP E 103 -53.45 18.08 41.89
N LEU E 104 -53.76 19.36 41.72
CA LEU E 104 -55.07 19.78 41.24
C LEU E 104 -54.94 20.37 39.84
N VAL E 105 -55.43 19.65 38.84
CA VAL E 105 -55.29 20.04 37.43
C VAL E 105 -56.51 20.90 37.09
N THR E 106 -56.30 22.21 37.01
CA THR E 106 -57.38 23.17 36.83
C THR E 106 -57.46 23.74 35.41
N ASN E 107 -56.33 23.82 34.70
CA ASN E 107 -56.36 24.41 33.36
C ASN E 107 -57.20 23.60 32.39
N HIS E 108 -57.15 22.27 32.51
CA HIS E 108 -57.59 21.42 31.40
C HIS E 108 -58.00 20.07 31.97
N THR E 109 -58.68 19.28 31.13
CA THR E 109 -59.10 17.94 31.51
C THR E 109 -58.68 17.00 30.40
N SER E 110 -58.84 15.70 30.65
CA SER E 110 -58.72 14.72 29.60
C SER E 110 -59.86 14.85 28.60
N SER E 111 -59.56 14.55 27.33
CA SER E 111 -60.65 14.46 26.35
C SER E 111 -61.57 13.28 26.64
N ASP E 112 -61.19 12.38 27.56
CA ASP E 112 -62.10 11.36 28.06
C ASP E 112 -62.97 11.82 29.21
N HIS E 113 -62.75 13.01 29.78
CA HIS E 113 -63.61 13.44 30.87
C HIS E 113 -65.05 13.50 30.36
N PRO E 114 -66.03 13.04 31.14
CA PRO E 114 -67.43 13.08 30.68
C PRO E 114 -67.91 14.47 30.31
N TRP E 115 -67.36 15.54 30.92
CA TRP E 115 -67.76 16.87 30.49
C TRP E 115 -67.43 17.10 29.02
N PHE E 116 -66.20 16.74 28.61
CA PHE E 116 -65.82 16.97 27.23
C PHE E 116 -66.54 16.02 26.29
N GLN E 117 -66.71 14.76 26.68
CA GLN E 117 -67.56 13.86 25.90
C GLN E 117 -68.96 14.45 25.72
N ALA E 118 -69.47 15.14 26.73
CA ALA E 118 -70.77 15.81 26.61
C ALA E 118 -70.66 17.04 25.73
N ALA E 119 -69.65 17.89 26.00
CA ALA E 119 -69.48 19.12 25.25
C ALA E 119 -69.35 18.89 23.75
N ARG E 120 -68.60 17.86 23.35
CA ARG E 120 -68.29 17.68 21.94
C ARG E 120 -69.53 17.30 21.10
N ARG E 121 -70.68 17.10 21.75
CA ARG E 121 -71.91 16.88 21.00
C ARG E 121 -72.44 18.15 20.35
N GLY E 122 -72.03 19.33 20.81
CA GLY E 122 -72.51 20.57 20.25
C GLY E 122 -73.30 21.36 21.26
N PRO E 123 -73.82 22.53 20.87
CA PRO E 123 -74.59 23.35 21.81
C PRO E 123 -75.93 22.73 22.20
N THR E 124 -76.48 21.81 21.42
CA THR E 124 -77.78 21.25 21.72
C THR E 124 -77.72 19.72 21.64
N LEU E 125 -78.55 19.06 22.48
CA LEU E 125 -78.66 17.60 22.62
C LEU E 125 -79.68 17.04 21.63
N PRO E 126 -79.62 15.73 21.36
CA PRO E 126 -80.58 15.14 20.40
C PRO E 126 -82.03 15.34 20.80
N ASP E 127 -82.33 15.45 22.09
CA ASP E 127 -83.69 15.73 22.51
C ASP E 127 -84.04 17.23 22.42
N GLY E 128 -83.24 18.04 21.72
CA GLY E 128 -83.50 19.44 21.49
C GLY E 128 -83.09 20.40 22.59
N SER E 129 -82.90 19.91 23.82
CA SER E 129 -82.56 20.76 24.95
C SER E 129 -81.10 21.18 24.89
N PRO E 130 -80.73 22.30 25.53
CA PRO E 130 -79.38 22.82 25.39
C PRO E 130 -78.37 22.01 26.19
N ASN E 131 -77.14 21.97 25.66
CA ASN E 131 -76.02 21.22 26.23
C ASN E 131 -75.23 22.12 27.19
N GLU E 132 -75.56 22.02 28.47
CA GLU E 132 -74.91 22.82 29.50
C GLU E 132 -73.40 22.60 29.54
N TYR E 133 -72.94 21.42 29.11
CA TYR E 133 -71.53 21.05 29.12
C TYR E 133 -70.74 21.62 27.96
N HIS E 134 -71.41 22.09 26.90
CA HIS E 134 -70.68 22.63 25.76
C HIS E 134 -69.76 23.77 26.18
N ASP E 135 -70.25 24.66 27.04
CA ASP E 135 -69.54 25.88 27.41
C ASP E 135 -68.50 25.67 28.49
N TYR E 136 -68.28 24.42 28.93
CA TYR E 136 -67.17 24.15 29.83
C TYR E 136 -65.82 24.26 29.15
N TYR E 137 -65.78 24.16 27.82
CA TYR E 137 -64.53 24.24 27.08
C TYR E 137 -64.55 25.45 26.16
N VAL E 138 -63.39 25.74 25.59
CA VAL E 138 -63.16 26.94 24.79
C VAL E 138 -63.23 26.52 23.32
N TRP E 139 -64.29 26.94 22.63
CA TRP E 139 -64.58 26.55 21.27
C TRP E 139 -64.40 27.72 20.31
N SER E 140 -63.91 27.43 19.11
CA SER E 140 -63.86 28.41 18.04
C SER E 140 -64.31 27.76 16.73
N ASP E 141 -64.89 28.58 15.85
CA ASP E 141 -65.37 28.08 14.57
C ASP E 141 -64.22 27.92 13.57
N GLU E 142 -63.23 28.82 13.61
CA GLU E 142 -62.16 28.82 12.64
C GLU E 142 -60.77 28.65 13.24
N GLY E 143 -60.60 28.88 14.54
CA GLY E 143 -59.30 28.69 15.16
C GLY E 143 -58.30 29.78 14.87
N LYS E 144 -58.77 31.02 14.71
CA LYS E 144 -57.90 32.15 14.38
C LYS E 144 -57.61 33.06 15.57
N GLU E 145 -58.26 32.84 16.71
CA GLU E 145 -58.07 33.73 17.84
C GLU E 145 -56.83 33.34 18.65
N TYR E 146 -56.38 34.29 19.47
CA TYR E 146 -55.22 34.10 20.33
C TYR E 146 -53.99 33.71 19.53
N ALA E 147 -53.80 34.37 18.40
CA ALA E 147 -52.86 33.88 17.39
C ALA E 147 -51.40 33.99 17.85
N ASP E 148 -51.00 35.10 18.48
CA ASP E 148 -49.61 35.22 18.92
C ASP E 148 -49.51 34.66 20.34
N THR E 149 -49.47 33.33 20.40
CA THR E 149 -49.35 32.61 21.66
C THR E 149 -48.38 31.46 21.44
N ALA E 150 -47.47 31.28 22.38
CA ALA E 150 -46.46 30.24 22.26
C ALA E 150 -47.10 28.85 22.37
N ILE E 151 -46.52 27.88 21.68
CA ILE E 151 -46.89 26.48 21.81
C ILE E 151 -45.97 25.88 22.87
N ILE E 152 -46.52 25.39 23.97
CA ILE E 152 -45.66 24.91 25.07
C ILE E 152 -45.02 23.58 24.71
N PHE E 153 -45.81 22.62 24.23
CA PHE E 153 -45.27 21.31 23.81
C PHE E 153 -44.81 21.37 22.35
N THR E 154 -43.81 22.24 22.13
CA THR E 154 -43.29 22.54 20.80
C THR E 154 -42.95 21.28 20.03
N ASP E 155 -42.45 20.24 20.72
CA ASP E 155 -41.99 19.04 20.02
C ASP E 155 -43.13 18.24 19.39
N THR E 156 -44.37 18.43 19.85
CA THR E 156 -45.46 17.57 19.42
C THR E 156 -46.61 18.32 18.78
N GLU E 157 -46.94 19.50 19.27
CA GLU E 157 -48.19 20.19 18.95
C GLU E 157 -47.90 21.37 18.03
N VAL E 158 -48.59 21.39 16.88
CA VAL E 158 -48.38 22.43 15.87
C VAL E 158 -49.23 23.66 16.11
N SER E 159 -50.16 23.62 17.05
CA SER E 159 -51.18 24.64 17.19
C SER E 159 -51.80 24.49 18.56
N ASN E 160 -52.24 25.59 19.14
CA ASN E 160 -53.07 25.46 20.33
C ASN E 160 -54.54 25.22 20.02
N TRP E 161 -54.94 25.15 18.74
CA TRP E 161 -56.32 24.85 18.35
C TRP E 161 -56.41 23.49 17.65
N THR E 162 -57.47 22.74 17.93
CA THR E 162 -57.62 21.43 17.32
C THR E 162 -59.08 21.15 16.95
N LEU E 163 -59.28 20.72 15.71
CA LEU E 163 -60.62 20.46 15.20
C LEU E 163 -61.17 19.18 15.82
N ASP E 164 -62.27 19.30 16.57
CA ASP E 164 -62.97 18.12 17.05
C ASP E 164 -63.94 17.65 15.97
N GLU E 165 -63.74 16.43 15.46
CA GLU E 165 -64.54 15.95 14.33
C GLU E 165 -66.03 16.00 14.63
N GLN E 166 -66.45 15.51 15.80
CA GLN E 166 -67.86 15.45 16.15
C GLN E 166 -68.47 16.85 16.27
N ALA E 167 -67.88 17.69 17.12
CA ALA E 167 -68.41 19.04 17.31
C ALA E 167 -68.26 19.90 16.06
N GLY E 168 -67.48 19.45 15.08
CA GLY E 168 -67.24 20.24 13.87
C GLY E 168 -66.58 21.57 14.11
N LYS E 169 -65.96 21.74 15.28
CA LYS E 169 -65.40 23.03 15.66
C LYS E 169 -64.04 22.82 16.32
N TYR E 170 -63.30 23.92 16.42
CA TYR E 170 -61.99 23.89 17.04
C TYR E 170 -62.10 24.11 18.54
N TYR E 171 -61.20 23.49 19.28
CA TYR E 171 -61.18 23.67 20.72
C TYR E 171 -59.77 23.99 21.18
N TRP E 172 -59.67 24.62 22.34
CA TRP E 172 -58.41 25.23 22.75
C TRP E 172 -57.67 24.28 23.68
N HIS E 173 -56.35 24.29 23.61
CA HIS E 173 -55.56 23.50 24.54
C HIS E 173 -54.14 24.04 24.60
N ARG E 174 -53.67 24.34 25.79
CA ARG E 174 -52.28 24.73 26.00
C ARG E 174 -51.32 23.55 25.95
N PHE E 175 -51.83 22.33 26.13
CA PHE E 175 -50.97 21.17 26.18
C PHE E 175 -51.41 20.24 25.07
N PHE E 176 -51.45 18.94 25.29
CA PHE E 176 -51.77 18.05 24.20
C PHE E 176 -53.23 18.22 23.77
N ALA E 177 -53.53 17.81 22.54
CA ALA E 177 -54.91 17.89 22.09
C ALA E 177 -55.82 17.07 22.98
N SER E 178 -55.32 15.98 23.57
CA SER E 178 -56.07 15.16 24.52
C SER E 178 -56.33 15.87 25.85
N GLN E 179 -55.92 17.14 25.98
CA GLN E 179 -56.10 17.89 27.22
C GLN E 179 -56.79 19.21 26.91
N PRO E 180 -58.08 19.18 26.56
CA PRO E 180 -58.79 20.43 26.24
C PRO E 180 -58.87 21.38 27.43
N ASP E 181 -58.59 22.66 27.20
CA ASP E 181 -58.64 23.68 28.25
C ASP E 181 -60.04 23.91 28.80
N LEU E 182 -60.13 24.12 30.12
CA LEU E 182 -61.41 24.50 30.70
C LEU E 182 -61.69 25.98 30.47
N ASN E 183 -62.98 26.31 30.31
CA ASN E 183 -63.44 27.67 30.01
C ASN E 183 -63.68 28.41 31.31
N TYR E 184 -62.71 29.22 31.75
CA TYR E 184 -62.94 29.87 33.03
C TYR E 184 -63.76 31.15 32.92
N ASP E 185 -64.10 31.59 31.70
CA ASP E 185 -65.11 32.63 31.60
C ASP E 185 -66.51 32.09 31.88
N ASN E 186 -66.65 30.77 32.03
CA ASN E 186 -67.91 30.17 32.44
C ASN E 186 -67.88 30.02 33.95
N PRO E 187 -68.66 30.78 34.71
CA PRO E 187 -68.59 30.70 36.18
C PRO E 187 -68.99 29.35 36.75
N LYS E 188 -69.59 28.47 35.94
CA LYS E 188 -69.91 27.13 36.40
C LYS E 188 -68.68 26.21 36.37
N VAL E 189 -67.65 26.56 35.60
CA VAL E 189 -66.40 25.81 35.69
C VAL E 189 -65.67 26.16 36.98
N VAL E 190 -65.71 27.43 37.38
CA VAL E 190 -65.16 27.83 38.68
C VAL E 190 -65.75 26.99 39.80
N GLU E 191 -67.09 26.84 39.83
CA GLU E 191 -67.73 26.09 40.92
C GLU E 191 -67.26 24.64 40.94
N GLU E 192 -67.23 24.01 39.77
CA GLU E 192 -66.89 22.60 39.69
C GLU E 192 -65.50 22.34 40.24
N LEU E 193 -64.61 23.32 40.14
CA LEU E 193 -63.27 23.13 40.65
C LEU E 193 -63.16 23.51 42.12
N HIS E 194 -63.84 24.57 42.55
CA HIS E 194 -64.05 24.75 43.98
C HIS E 194 -64.56 23.44 44.57
N GLY E 195 -65.54 22.82 43.92
CA GLY E 195 -66.14 21.61 44.46
C GLY E 195 -65.21 20.40 44.43
N ALA E 196 -64.44 20.24 43.35
CA ALA E 196 -63.47 19.15 43.32
C ALA E 196 -62.45 19.32 44.44
N ALA E 197 -61.99 20.55 44.69
CA ALA E 197 -61.02 20.80 45.77
C ALA E 197 -61.63 20.54 47.13
N ARG E 198 -62.86 21.01 47.37
CA ARG E 198 -63.56 20.73 48.62
C ARG E 198 -63.66 19.24 48.90
N PHE E 199 -63.84 18.44 47.85
CA PHE E 199 -64.02 17.01 48.06
C PHE E 199 -62.78 16.38 48.70
N TRP E 200 -61.59 16.78 48.26
CA TRP E 200 -60.37 16.21 48.84
C TRP E 200 -60.04 16.85 50.17
N LEU E 201 -60.24 18.17 50.28
CA LEU E 201 -60.00 18.82 51.56
C LEU E 201 -60.91 18.26 52.66
N ASP E 202 -62.17 17.97 52.33
CA ASP E 202 -63.05 17.34 53.31
C ASP E 202 -62.52 15.99 53.76
N LEU E 203 -61.80 15.28 52.90
CA LEU E 203 -61.19 14.03 53.34
C LEU E 203 -59.99 14.27 54.24
N GLY E 204 -59.44 15.48 54.25
CA GLY E 204 -58.35 15.83 55.15
C GLY E 204 -57.04 16.15 54.47
N LEU E 205 -56.97 16.08 53.14
CA LEU E 205 -55.77 16.51 52.41
C LEU E 205 -55.31 17.88 52.87
N ASP E 206 -54.00 18.08 52.95
CA ASP E 206 -53.46 19.28 53.58
C ASP E 206 -53.27 20.44 52.60
N GLY E 207 -53.62 20.27 51.34
CA GLY E 207 -53.42 21.30 50.34
C GLY E 207 -53.20 20.70 48.96
N PHE E 208 -52.93 21.60 48.02
CA PHE E 208 -52.79 21.25 46.62
C PHE E 208 -51.60 21.98 46.01
N ARG E 209 -50.80 21.26 45.23
CA ARG E 209 -50.05 21.92 44.17
C ARG E 209 -51.01 22.11 42.99
N VAL E 210 -51.07 23.33 42.46
CA VAL E 210 -52.03 23.68 41.42
C VAL E 210 -51.28 23.80 40.10
N ASP E 211 -51.65 22.96 39.15
CA ASP E 211 -50.91 22.81 37.91
C ASP E 211 -51.23 23.95 36.95
N ALA E 212 -50.19 24.41 36.24
CA ALA E 212 -50.34 25.25 35.05
C ALA E 212 -51.12 26.53 35.31
N VAL E 213 -50.91 27.14 36.48
CA VAL E 213 -51.73 28.29 36.87
C VAL E 213 -51.63 29.49 35.91
N PRO E 214 -50.52 29.73 35.18
CA PRO E 214 -50.48 30.94 34.35
C PRO E 214 -51.43 30.94 33.16
N TYR E 215 -52.01 29.80 32.75
CA TYR E 215 -52.69 29.71 31.47
C TYR E 215 -54.21 29.59 31.55
N LEU E 216 -54.84 29.87 32.70
CA LEU E 216 -56.28 29.68 32.84
C LEU E 216 -57.07 30.45 31.79
N ILE E 217 -56.92 31.78 31.78
CA ILE E 217 -57.73 32.70 30.97
C ILE E 217 -56.93 33.15 29.76
N GLU E 218 -57.60 33.23 28.62
CA GLU E 218 -57.03 33.69 27.36
C GLU E 218 -57.82 34.90 26.86
N ARG E 219 -57.11 35.93 26.36
CA ARG E 219 -57.72 37.19 25.93
C ARG E 219 -57.03 37.67 24.67
N GLU E 220 -57.83 38.15 23.70
CA GLU E 220 -57.27 38.56 22.40
C GLU E 220 -56.25 39.67 22.56
N GLY E 221 -55.21 39.62 21.73
CA GLY E 221 -54.16 40.60 21.81
C GLY E 221 -53.25 40.50 23.01
N THR E 222 -53.36 39.43 23.80
CA THR E 222 -52.43 39.21 24.89
C THR E 222 -51.61 37.95 24.60
N SER E 223 -50.79 37.57 25.56
CA SER E 223 -50.05 36.32 25.48
C SER E 223 -50.86 35.16 26.04
N CYS E 224 -52.01 35.46 26.66
CA CYS E 224 -52.84 34.47 27.34
C CYS E 224 -52.06 33.84 28.49
N GLU E 225 -51.25 34.69 29.13
CA GLU E 225 -50.24 34.27 30.09
C GLU E 225 -50.18 35.32 31.18
N ASN E 226 -50.37 34.89 32.44
CA ASN E 226 -50.28 35.76 33.61
C ASN E 226 -51.37 36.84 33.63
N LEU E 227 -52.51 36.61 32.97
CA LEU E 227 -53.54 37.64 32.86
C LEU E 227 -54.16 37.97 34.23
N PRO E 228 -54.56 39.23 34.43
CA PRO E 228 -55.20 39.60 35.72
C PRO E 228 -56.42 38.78 36.03
N GLU E 229 -57.19 38.41 35.00
CA GLU E 229 -58.41 37.62 35.22
C GLU E 229 -58.10 36.23 35.76
N THR E 230 -56.92 35.66 35.44
CA THR E 230 -56.61 34.38 36.05
C THR E 230 -56.06 34.58 37.46
N HIS E 231 -55.44 35.72 37.74
CA HIS E 231 -55.10 36.07 39.12
C HIS E 231 -56.34 36.20 39.97
N GLU E 232 -57.37 36.89 39.47
CA GLU E 232 -58.63 37.01 40.20
C GLU E 232 -59.20 35.63 40.51
N ILE E 233 -59.22 34.73 39.52
CA ILE E 233 -59.74 33.38 39.78
C ILE E 233 -58.93 32.72 40.87
N LEU E 234 -57.60 32.86 40.83
CA LEU E 234 -56.76 32.16 41.79
C LEU E 234 -56.95 32.75 43.18
N LYS E 235 -57.12 34.08 43.28
CA LYS E 235 -57.54 34.70 44.53
C LYS E 235 -58.84 34.10 45.04
N GLY E 236 -59.73 33.68 44.13
CA GLY E 236 -60.96 33.03 44.55
C GLY E 236 -60.71 31.72 45.27
N PHE E 237 -59.89 30.85 44.67
CA PHE E 237 -59.49 29.61 45.35
C PHE E 237 -58.88 29.91 46.72
N ARG E 238 -57.91 30.83 46.79
CA ARG E 238 -57.32 31.21 48.07
C ARG E 238 -58.40 31.66 49.06
N ALA E 239 -59.29 32.55 48.60
CA ALA E 239 -60.36 33.02 49.48
C ALA E 239 -61.18 31.86 50.03
N MET E 240 -61.49 30.87 49.17
CA MET E 240 -62.31 29.74 49.60
C MET E 240 -61.61 28.88 50.63
N VAL E 241 -60.31 28.61 50.45
CA VAL E 241 -59.61 27.75 51.41
C VAL E 241 -59.33 28.52 52.69
N ASP E 242 -59.03 29.81 52.59
CA ASP E 242 -58.86 30.59 53.81
C ASP E 242 -60.15 30.58 54.62
N ARG E 243 -61.30 30.72 53.97
CA ARG E 243 -62.56 30.82 54.69
C ARG E 243 -62.98 29.45 55.25
N GLU E 244 -62.91 28.40 54.43
CA GLU E 244 -63.54 27.13 54.77
C GLU E 244 -62.58 26.04 55.23
N TYR E 245 -61.27 26.18 55.01
CA TYR E 245 -60.28 25.17 55.40
C TYR E 245 -59.03 25.90 55.86
N PRO E 246 -59.09 26.58 56.99
CA PRO E 246 -57.90 27.27 57.49
C PRO E 246 -56.75 26.29 57.70
N GLY E 247 -55.55 26.75 57.34
CA GLY E 247 -54.34 25.98 57.52
C GLY E 247 -53.97 25.08 56.35
N ARG E 248 -54.75 25.08 55.27
CA ARG E 248 -54.44 24.27 54.11
C ARG E 248 -53.54 25.05 53.18
N LEU E 249 -52.71 24.33 52.42
CA LEU E 249 -51.66 24.94 51.61
C LEU E 249 -52.05 25.01 50.13
N LEU E 250 -51.74 26.12 49.49
CA LEU E 250 -51.86 26.25 48.05
C LEU E 250 -50.50 26.61 47.47
N LEU E 251 -50.05 25.82 46.50
CA LEU E 251 -48.69 25.88 45.99
C LEU E 251 -48.79 25.90 44.47
N ALA E 252 -48.18 26.90 43.82
CA ALA E 252 -48.39 27.18 42.41
C ALA E 252 -47.21 26.75 41.55
N GLU E 253 -47.49 26.00 40.48
CA GLU E 253 -46.53 25.75 39.41
C GLU E 253 -46.65 26.87 38.39
N ALA E 254 -45.69 27.79 38.41
CA ALA E 254 -45.68 28.94 37.48
C ALA E 254 -44.22 29.23 37.12
N ASN E 255 -43.74 28.59 36.05
CA ASN E 255 -42.41 28.89 35.52
C ASN E 255 -42.53 30.15 34.68
N GLN E 256 -42.04 31.25 35.24
CA GLN E 256 -42.15 32.55 34.60
C GLN E 256 -40.92 33.32 35.05
N TRP E 257 -40.69 34.47 34.43
CA TRP E 257 -39.63 35.35 34.88
C TRP E 257 -39.96 35.90 36.27
N PRO E 258 -38.93 36.29 37.04
CA PRO E 258 -39.15 36.66 38.46
C PRO E 258 -40.29 37.66 38.71
N GLU E 259 -40.32 38.75 37.95
CA GLU E 259 -41.30 39.79 38.14
C GLU E 259 -42.73 39.34 37.84
N GLU E 260 -42.92 38.21 37.16
CA GLU E 260 -44.25 37.65 36.99
C GLU E 260 -44.59 36.59 38.04
N VAL E 261 -43.58 35.87 38.55
CA VAL E 261 -43.85 34.80 39.50
C VAL E 261 -44.32 35.35 40.84
N VAL E 262 -43.70 36.44 41.28
CA VAL E 262 -44.03 36.98 42.60
C VAL E 262 -45.50 37.39 42.65
N GLU E 263 -46.06 37.83 41.52
CA GLU E 263 -47.46 38.22 41.49
C GLU E 263 -48.38 37.10 41.95
N TYR E 264 -47.94 35.84 41.79
CA TYR E 264 -48.81 34.72 42.14
C TYR E 264 -48.91 34.52 43.64
N PHE E 265 -48.10 35.24 44.42
CA PHE E 265 -48.33 35.28 45.85
C PHE E 265 -49.51 36.16 46.22
N GLY E 266 -49.94 37.03 45.31
CA GLY E 266 -50.90 38.08 45.65
C GLY E 266 -50.27 39.14 46.54
N THR E 267 -51.10 39.79 47.35
CA THR E 267 -50.65 40.81 48.27
C THR E 267 -51.18 40.51 49.65
N GLU E 268 -50.73 41.29 50.63
CA GLU E 268 -51.22 41.10 51.99
C GLU E 268 -52.74 41.14 52.06
N ALA E 269 -53.36 41.96 51.20
CA ALA E 269 -54.80 42.24 51.21
C ALA E 269 -55.60 41.27 50.36
N GLU E 270 -55.08 40.91 49.18
CA GLU E 270 -55.74 40.03 48.22
C GLU E 270 -54.80 38.85 47.99
N PRO E 271 -54.77 37.89 48.90
CA PRO E 271 -53.76 36.82 48.81
C PRO E 271 -54.13 35.78 47.76
N GLU E 272 -53.10 35.20 47.12
CA GLU E 272 -53.28 34.11 46.15
C GLU E 272 -52.60 32.88 46.72
N PHE E 273 -51.43 32.49 46.25
CA PHE E 273 -50.84 31.23 46.68
C PHE E 273 -49.99 31.45 47.93
N HIS E 274 -49.97 30.45 48.82
CA HIS E 274 -49.02 30.50 49.93
C HIS E 274 -47.59 30.28 49.48
N MET E 275 -47.37 29.47 48.43
CA MET E 275 -46.04 29.10 47.99
C MET E 275 -45.96 29.09 46.47
N CYS E 276 -44.79 29.45 45.95
CA CYS E 276 -44.49 29.33 44.53
C CYS E 276 -43.18 28.59 44.35
N PHE E 277 -43.13 27.72 43.36
CA PHE E 277 -41.84 27.17 42.95
C PHE E 277 -40.94 28.30 42.47
N ASN E 278 -39.73 28.32 43.00
CA ASN E 278 -38.65 29.19 42.53
C ASN E 278 -38.03 28.60 41.25
N PHE E 279 -38.81 28.70 40.18
CA PHE E 279 -38.28 28.34 38.87
C PHE E 279 -37.12 29.24 38.42
N PRO E 280 -37.01 30.51 38.81
CA PRO E 280 -35.89 31.31 38.27
C PRO E 280 -34.49 30.88 38.71
N VAL E 281 -34.25 30.45 39.96
CA VAL E 281 -32.87 30.10 40.33
C VAL E 281 -32.46 28.78 39.70
N MET E 282 -33.38 27.80 39.71
CA MET E 282 -33.05 26.43 39.33
C MET E 282 -32.11 26.34 38.13
N PRO E 283 -32.40 26.94 36.96
CA PRO E 283 -31.47 26.77 35.83
C PRO E 283 -30.10 27.39 36.05
N ARG E 284 -30.01 28.54 36.73
CA ARG E 284 -28.69 29.14 36.91
C ARG E 284 -27.88 28.47 38.02
N LEU E 285 -28.50 27.67 38.89
CA LEU E 285 -27.72 26.77 39.72
C LEU E 285 -26.87 25.86 38.85
N TYR E 286 -27.49 25.23 37.84
CA TYR E 286 -26.75 24.31 36.98
C TYR E 286 -25.77 25.05 36.10
N MET E 287 -26.16 26.24 35.62
CA MET E 287 -25.30 26.98 34.70
C MET E 287 -24.10 27.55 35.45
N SER E 288 -24.29 27.94 36.71
CA SER E 288 -23.19 28.44 37.53
C SER E 288 -22.12 27.39 37.76
N LEU E 289 -22.50 26.12 37.70
CA LEU E 289 -21.60 25.01 37.97
C LEU E 289 -20.68 24.74 36.79
N LYS E 290 -21.25 24.66 35.58
CA LYS E 290 -20.42 24.41 34.39
C LYS E 290 -19.60 25.64 34.03
N ARG E 291 -20.14 26.84 34.27
CA ARG E 291 -19.43 28.09 34.07
C ARG E 291 -18.38 28.35 35.16
N GLU E 292 -18.55 27.72 36.33
CA GLU E 292 -17.73 28.02 37.50
C GLU E 292 -17.80 29.50 37.83
N ASP E 293 -19.01 30.06 37.78
CA ASP E 293 -19.25 31.49 37.93
C ASP E 293 -20.65 31.67 38.49
N THR E 294 -20.80 32.36 39.63
CA THR E 294 -22.07 32.35 40.36
C THR E 294 -22.90 33.63 40.20
N SER E 295 -22.42 34.63 39.47
CA SER E 295 -23.13 35.90 39.40
C SER E 295 -24.57 35.71 38.93
N SER E 296 -24.83 34.74 38.06
CA SER E 296 -26.21 34.57 37.59
C SER E 296 -27.15 34.25 38.75
N ILE E 297 -26.67 33.51 39.76
CA ILE E 297 -27.52 33.19 40.91
C ILE E 297 -27.91 34.47 41.64
N ARG E 298 -26.91 35.31 41.93
CA ARG E 298 -27.16 36.58 42.62
C ARG E 298 -28.07 37.49 41.80
N GLU E 299 -27.78 37.64 40.49
CA GLU E 299 -28.56 38.58 39.69
C GLU E 299 -30.02 38.16 39.65
N ILE E 300 -30.27 36.86 39.48
CA ILE E 300 -31.65 36.41 39.34
C ILE E 300 -32.38 36.48 40.68
N MET E 301 -31.72 36.07 41.78
CA MET E 301 -32.25 36.30 43.12
C MET E 301 -32.63 37.76 43.30
N GLY E 302 -31.69 38.66 42.99
CA GLY E 302 -31.91 40.06 43.27
C GLY E 302 -33.04 40.69 42.49
N ARG E 303 -33.53 40.04 41.43
CA ARG E 303 -34.68 40.51 40.66
C ARG E 303 -35.99 40.01 41.25
N LEU E 304 -35.95 39.21 42.31
CA LEU E 304 -37.16 38.74 42.98
C LEU E 304 -37.59 39.74 44.04
N PRO E 305 -38.78 40.34 43.94
CA PRO E 305 -39.23 41.29 44.97
C PRO E 305 -39.57 40.58 46.27
N LYS E 306 -39.71 41.39 47.34
CA LYS E 306 -40.21 40.90 48.61
C LYS E 306 -41.54 40.18 48.40
N ILE E 307 -41.75 39.11 49.15
CA ILE E 307 -43.01 38.39 49.01
C ILE E 307 -43.83 38.67 50.27
N PRO E 308 -45.14 38.39 50.28
CA PRO E 308 -45.94 38.67 51.46
C PRO E 308 -45.52 37.82 52.64
N SER E 309 -46.04 38.20 53.81
CA SER E 309 -45.68 37.54 55.06
C SER E 309 -46.01 36.05 55.03
N PHE E 310 -47.18 35.68 54.52
CA PHE E 310 -47.51 34.27 54.48
C PHE E 310 -46.73 33.51 53.41
N GLY E 311 -45.98 34.19 52.54
CA GLY E 311 -45.43 33.55 51.36
C GLY E 311 -44.18 32.73 51.67
N GLN E 312 -43.95 31.71 50.86
CA GLN E 312 -42.72 30.93 51.00
C GLN E 312 -42.34 30.31 49.66
N TRP E 313 -41.06 30.44 49.31
CA TRP E 313 -40.55 29.86 48.08
C TRP E 313 -40.35 28.34 48.22
N CYS E 314 -40.57 27.66 47.12
CA CYS E 314 -40.25 26.25 46.99
C CYS E 314 -38.99 26.13 46.12
N ILE E 315 -37.89 25.68 46.72
CA ILE E 315 -36.64 25.47 45.99
C ILE E 315 -36.57 24.01 45.59
N PHE E 316 -36.23 23.77 44.33
CA PHE E 316 -36.04 22.41 43.86
C PHE E 316 -34.90 22.36 42.87
N LEU E 317 -34.35 21.17 42.70
CA LEU E 317 -33.32 20.89 41.71
C LEU E 317 -33.88 20.21 40.47
N ARG E 318 -34.71 19.19 40.65
CA ARG E 318 -35.31 18.45 39.56
C ARG E 318 -36.73 18.09 39.97
N ASN E 319 -37.53 17.71 38.98
CA ASN E 319 -38.92 17.31 39.21
C ASN E 319 -39.29 16.29 38.15
N HIS E 320 -40.56 15.90 38.14
CA HIS E 320 -41.08 14.94 37.17
C HIS E 320 -41.01 15.41 35.72
N ASP E 321 -40.67 16.67 35.48
CA ASP E 321 -40.61 17.16 34.11
C ASP E 321 -39.17 17.38 33.67
N GLU E 322 -39.03 17.91 32.46
CA GLU E 322 -37.72 18.25 31.98
C GLU E 322 -37.15 19.40 32.79
N LEU E 323 -35.83 19.55 32.74
CA LEU E 323 -35.21 20.76 33.25
C LEU E 323 -35.51 21.88 32.25
N THR E 324 -36.38 22.79 32.63
CA THR E 324 -36.95 23.72 31.67
C THR E 324 -36.04 24.91 31.45
N LEU E 325 -35.91 25.31 30.20
CA LEU E 325 -35.12 26.47 29.79
C LEU E 325 -35.98 27.52 29.11
N GLU E 326 -37.31 27.49 29.34
CA GLU E 326 -38.19 28.46 28.71
C GLU E 326 -37.93 29.88 29.23
N MET E 327 -37.43 30.04 30.46
CA MET E 327 -37.29 31.36 31.07
C MET E 327 -35.83 31.73 31.39
N VAL E 328 -34.94 31.44 30.45
CA VAL E 328 -33.57 31.95 30.46
C VAL E 328 -33.40 32.66 29.13
N THR E 329 -32.27 33.37 28.98
CA THR E 329 -31.98 34.01 27.71
C THR E 329 -31.63 32.96 26.64
N ASP E 330 -31.56 33.44 25.39
CA ASP E 330 -31.17 32.55 24.29
C ASP E 330 -29.70 32.14 24.41
N ASP E 331 -28.83 33.04 24.84
CA ASP E 331 -27.44 32.66 25.07
C ASP E 331 -27.33 31.73 26.28
N GLU E 332 -28.08 31.98 27.35
CA GLU E 332 -28.08 31.03 28.47
C GLU E 332 -28.56 29.66 28.01
N ARG E 333 -29.59 29.62 27.18
CA ARG E 333 -30.16 28.34 26.77
C ARG E 333 -29.19 27.56 25.89
N ALA E 334 -28.45 28.25 25.01
CA ALA E 334 -27.48 27.54 24.18
C ALA E 334 -26.33 27.01 25.02
N PHE E 335 -25.92 27.76 26.03
CA PHE E 335 -24.89 27.27 26.94
C PHE E 335 -25.39 26.04 27.70
N MET E 336 -26.67 26.03 28.08
CA MET E 336 -27.16 24.88 28.82
C MET E 336 -27.31 23.65 27.94
N TYR E 337 -27.79 23.82 26.69
CA TYR E 337 -27.83 22.70 25.74
C TYR E 337 -26.44 22.11 25.49
N ALA E 338 -25.43 22.97 25.32
CA ALA E 338 -24.11 22.47 25.01
C ALA E 338 -23.49 21.79 26.22
N ALA E 339 -23.87 22.20 27.44
CA ALA E 339 -23.24 21.67 28.64
C ALA E 339 -23.97 20.44 29.16
N TYR E 340 -25.28 20.38 29.01
CA TYR E 340 -26.04 19.33 29.67
C TYR E 340 -26.85 18.46 28.72
N ALA E 341 -27.02 18.86 27.47
CA ALA E 341 -27.63 18.04 26.44
C ALA E 341 -26.65 17.73 25.32
N PRO E 342 -25.57 16.99 25.60
CA PRO E 342 -24.67 16.62 24.51
C PRO E 342 -25.30 15.70 23.48
N ASP E 343 -26.31 14.91 23.88
CA ASP E 343 -27.08 14.11 22.93
C ASP E 343 -28.37 14.86 22.63
N ALA E 344 -28.63 15.08 21.33
CA ALA E 344 -29.80 15.85 20.96
C ALA E 344 -31.10 15.25 21.52
N ARG E 345 -31.17 13.91 21.62
CA ARG E 345 -32.30 13.21 22.26
C ARG E 345 -32.59 13.71 23.68
N MET E 346 -31.61 14.30 24.35
CA MET E 346 -31.82 14.76 25.72
C MET E 346 -32.66 16.03 25.80
N LYS E 347 -32.90 16.73 24.68
CA LYS E 347 -33.69 17.94 24.66
C LYS E 347 -35.16 17.62 24.45
N ILE E 348 -36.03 18.32 25.16
CA ILE E 348 -37.47 18.25 24.88
C ILE E 348 -38.16 19.49 25.41
N ASN E 349 -39.04 20.05 24.60
CA ASN E 349 -39.88 21.20 24.97
C ASN E 349 -39.08 22.34 25.59
N VAL E 350 -37.99 22.74 24.92
CA VAL E 350 -37.12 23.81 25.43
C VAL E 350 -36.66 23.40 26.83
N GLY E 351 -36.11 22.20 26.92
CA GLY E 351 -35.65 21.71 28.20
C GLY E 351 -34.85 20.44 28.05
N ILE E 352 -34.33 19.96 29.18
CA ILE E 352 -33.42 18.83 29.20
C ILE E 352 -34.05 17.77 30.09
N ARG E 353 -34.33 16.60 29.49
CA ARG E 353 -35.07 15.55 30.18
C ARG E 353 -34.09 14.53 30.78
N ARG E 354 -33.40 14.96 31.84
CA ARG E 354 -32.40 14.11 32.49
C ARG E 354 -32.52 14.20 34.00
N ARG E 355 -32.29 13.08 34.67
CA ARG E 355 -32.27 13.09 36.12
C ARG E 355 -31.07 13.89 36.63
N LEU E 356 -31.12 14.20 37.94
CA LEU E 356 -30.10 15.02 38.60
C LEU E 356 -28.72 14.40 38.49
N ALA E 357 -28.58 13.12 38.84
CA ALA E 357 -27.24 12.56 38.98
C ALA E 357 -26.57 12.47 37.61
N PRO E 358 -27.24 12.00 36.55
CA PRO E 358 -26.54 11.97 35.24
C PRO E 358 -26.14 13.35 34.77
N LEU E 359 -27.03 14.33 34.90
CA LEU E 359 -26.73 15.75 34.71
C LEU E 359 -25.36 16.16 35.25
N LEU E 360 -25.01 15.71 36.46
CA LEU E 360 -23.74 16.04 37.09
C LEU E 360 -22.69 14.93 36.94
N ASP E 361 -22.77 14.16 35.84
CA ASP E 361 -21.79 13.10 35.53
C ASP E 361 -21.62 12.15 36.70
N ASN E 362 -22.70 11.93 37.45
CA ASN E 362 -22.70 11.06 38.61
C ASN E 362 -21.69 11.46 39.68
N ASP E 363 -21.20 12.70 39.63
CA ASP E 363 -20.11 13.14 40.51
C ASP E 363 -20.71 13.44 41.89
N ARG E 364 -20.39 12.63 42.90
CA ARG E 364 -21.06 12.78 44.18
C ARG E 364 -20.78 14.16 44.80
N ARG E 365 -19.55 14.66 44.64
CA ARG E 365 -19.21 15.97 45.20
C ARG E 365 -20.04 17.07 44.58
N ARG E 366 -20.52 16.88 43.36
CA ARG E 366 -21.34 17.92 42.77
C ARG E 366 -22.79 17.80 43.19
N ILE E 367 -23.32 16.57 43.21
CA ILE E 367 -24.65 16.33 43.79
C ILE E 367 -24.74 16.98 45.16
N GLU E 368 -23.71 16.77 45.98
CA GLU E 368 -23.76 17.28 47.35
C GLU E 368 -23.80 18.79 47.37
N LEU E 369 -22.97 19.41 46.52
CA LEU E 369 -22.91 20.87 46.46
C LEU E 369 -24.28 21.46 46.12
N LEU E 370 -24.90 21.01 45.03
CA LEU E 370 -26.19 21.59 44.65
C LEU E 370 -27.26 21.31 45.68
N ASN E 371 -27.22 20.14 46.32
CA ASN E 371 -28.17 19.85 47.39
C ASN E 371 -27.99 20.79 48.57
N THR E 372 -26.75 21.00 49.03
CA THR E 372 -26.54 21.94 50.13
C THR E 372 -27.02 23.33 49.75
N VAL E 373 -26.77 23.74 48.50
CA VAL E 373 -27.21 25.06 48.09
C VAL E 373 -28.73 25.11 48.03
N LEU E 374 -29.36 24.02 47.59
CA LEU E 374 -30.80 23.89 47.69
C LEU E 374 -31.28 24.04 49.13
N LEU E 375 -30.60 23.39 50.09
CA LEU E 375 -31.12 23.38 51.46
C LEU E 375 -30.87 24.68 52.18
N ALA E 376 -29.99 25.54 51.66
CA ALA E 376 -29.60 26.76 52.35
C ALA E 376 -30.22 28.03 51.78
N LEU E 377 -30.70 28.01 50.55
CA LEU E 377 -31.39 29.16 50.00
C LEU E 377 -32.72 29.37 50.71
N PRO E 378 -33.28 30.58 50.65
CA PRO E 378 -34.55 30.81 51.33
C PRO E 378 -35.63 29.95 50.71
N GLY E 379 -36.46 29.35 51.56
CA GLY E 379 -37.58 28.58 51.09
C GLY E 379 -37.65 27.24 51.78
N SER E 380 -38.61 26.48 51.36
CA SER E 380 -38.82 25.12 51.76
C SER E 380 -38.40 24.22 50.61
N PRO E 381 -37.52 23.26 50.83
CA PRO E 381 -37.03 22.44 49.72
C PRO E 381 -37.97 21.30 49.37
N VAL E 382 -37.90 20.89 48.11
CA VAL E 382 -38.62 19.69 47.69
C VAL E 382 -37.63 18.74 47.02
N LEU E 383 -37.70 17.47 47.40
CA LEU E 383 -36.86 16.42 46.83
C LEU E 383 -37.69 15.62 45.83
N TYR E 384 -37.07 15.27 44.72
CA TYR E 384 -37.68 14.39 43.75
C TYR E 384 -37.34 12.97 44.15
N TYR E 385 -38.33 12.10 44.15
CA TYR E 385 -38.15 10.75 44.66
C TYR E 385 -36.99 10.07 43.96
N GLY E 386 -36.15 9.40 44.73
CA GLY E 386 -35.03 8.66 44.19
C GLY E 386 -33.78 9.47 43.91
N ASP E 387 -33.86 10.80 43.89
CA ASP E 387 -32.62 11.57 43.84
C ASP E 387 -31.80 11.41 45.12
N GLU E 388 -32.44 11.14 46.26
CA GLU E 388 -31.69 10.93 47.50
C GLU E 388 -30.84 9.65 47.46
N ILE E 389 -31.06 8.75 46.50
CA ILE E 389 -30.14 7.62 46.30
C ILE E 389 -29.36 7.70 44.98
N GLY E 390 -29.58 8.73 44.17
CA GLY E 390 -28.82 8.91 42.96
C GLY E 390 -29.31 8.11 41.78
N MET E 391 -30.62 8.02 41.57
CA MET E 391 -31.18 7.31 40.43
C MET E 391 -30.83 7.99 39.10
N GLY E 392 -30.81 7.19 38.03
CA GLY E 392 -30.58 7.68 36.69
C GLY E 392 -31.87 7.85 35.92
N ASP E 393 -31.72 8.00 34.60
CA ASP E 393 -32.83 8.18 33.66
C ASP E 393 -32.78 7.13 32.55
N ASP E 394 -33.90 6.98 31.82
CA ASP E 394 -34.03 6.04 30.71
C ASP E 394 -34.47 6.77 29.44
N LEU E 395 -33.52 7.27 28.64
CA LEU E 395 -33.87 7.96 27.41
C LEU E 395 -34.55 7.07 26.38
N GLY E 396 -34.57 5.74 26.56
CA GLY E 396 -35.42 4.91 25.72
C GLY E 396 -36.93 5.02 25.97
N LEU E 397 -37.37 5.86 26.90
CA LEU E 397 -38.78 5.98 27.20
C LEU E 397 -39.31 7.28 26.61
N PRO E 398 -40.51 7.26 26.04
CA PRO E 398 -41.06 8.48 25.41
C PRO E 398 -41.20 9.64 26.39
N ASP E 399 -41.22 10.84 25.81
CA ASP E 399 -41.63 12.09 26.47
C ASP E 399 -40.76 12.29 27.71
N ARG E 400 -41.34 12.50 28.89
CA ARG E 400 -40.59 12.75 30.12
C ARG E 400 -40.60 11.54 31.04
N ASN E 401 -41.02 10.39 30.55
CA ASN E 401 -41.12 9.19 31.36
C ASN E 401 -39.77 8.64 31.77
N GLY E 402 -38.70 9.07 31.11
CA GLY E 402 -37.39 8.55 31.45
C GLY E 402 -36.85 9.03 32.77
N VAL E 403 -37.41 10.08 33.37
CA VAL E 403 -37.07 10.47 34.74
C VAL E 403 -38.05 9.88 35.75
N ARG E 404 -38.92 8.99 35.30
CA ARG E 404 -40.08 8.58 36.07
C ARG E 404 -40.08 7.09 36.33
N THR E 405 -38.92 6.45 36.29
CA THR E 405 -38.88 5.01 36.43
C THR E 405 -39.09 4.60 37.90
N PRO E 406 -39.38 3.34 38.18
CA PRO E 406 -39.77 2.96 39.54
C PRO E 406 -38.66 3.19 40.57
N MET E 407 -39.07 3.61 41.77
CA MET E 407 -38.16 3.68 42.91
C MET E 407 -37.34 2.41 43.00
N GLN E 408 -36.07 2.53 43.38
CA GLN E 408 -35.17 1.38 43.45
C GLN E 408 -34.93 1.02 44.91
N TRP E 409 -35.70 0.06 45.43
CA TRP E 409 -35.65 -0.26 46.85
C TRP E 409 -34.56 -1.25 47.21
N ASN E 410 -34.25 -2.23 46.37
CA ASN E 410 -33.21 -3.22 46.69
C ASN E 410 -32.75 -3.91 45.40
N ALA E 411 -31.79 -4.83 45.52
CA ALA E 411 -31.25 -5.44 44.31
C ALA E 411 -32.08 -6.62 43.82
N GLY E 412 -33.17 -6.95 44.50
CA GLY E 412 -34.09 -8.00 44.08
C GLY E 412 -34.87 -7.65 42.82
N THR E 413 -35.80 -8.53 42.48
CA THR E 413 -36.48 -8.39 41.19
C THR E 413 -37.22 -7.06 41.13
N SER E 414 -37.10 -6.41 39.97
CA SER E 414 -37.64 -5.08 39.72
C SER E 414 -37.19 -4.06 40.75
N GLY E 415 -36.04 -4.30 41.36
CA GLY E 415 -35.54 -3.31 42.27
C GLY E 415 -36.28 -3.25 43.58
N GLY E 416 -37.13 -4.24 43.87
CA GLY E 416 -37.96 -4.20 45.05
C GLY E 416 -39.23 -3.39 44.87
N PHE E 417 -39.41 -2.76 43.72
CA PHE E 417 -40.63 -2.05 43.42
C PHE E 417 -41.81 -3.00 43.28
N SER E 418 -41.57 -4.21 42.79
CA SER E 418 -42.70 -5.08 42.47
C SER E 418 -42.22 -6.50 42.34
N THR E 419 -43.15 -7.43 42.54
CA THR E 419 -42.87 -8.84 42.26
C THR E 419 -43.00 -9.17 40.78
N ALA E 420 -43.65 -8.30 40.00
CA ALA E 420 -43.71 -8.44 38.55
C ALA E 420 -42.32 -8.24 37.92
N GLN E 421 -42.07 -8.93 36.81
CA GLN E 421 -40.79 -8.78 36.11
C GLN E 421 -40.63 -7.36 35.57
N PRO E 422 -39.39 -6.86 35.46
CA PRO E 422 -39.20 -5.47 35.03
C PRO E 422 -39.99 -5.11 33.77
N SER E 423 -40.10 -6.04 32.80
CA SER E 423 -40.79 -5.70 31.57
C SER E 423 -42.30 -5.62 31.75
N ASP E 424 -42.84 -6.13 32.86
CA ASP E 424 -44.27 -5.96 33.14
C ASP E 424 -44.56 -4.84 34.13
N CYS E 425 -43.54 -4.07 34.53
CA CYS E 425 -43.77 -2.91 35.35
C CYS E 425 -44.21 -1.73 34.46
N PHE E 426 -44.99 -0.84 35.05
CA PHE E 426 -45.60 0.25 34.30
C PHE E 426 -44.58 0.97 33.45
N PHE E 427 -43.52 1.46 34.08
CA PHE E 427 -42.27 1.84 33.44
C PHE E 427 -41.19 0.88 33.89
N PRO E 428 -40.24 0.53 33.02
CA PRO E 428 -39.19 -0.46 33.39
C PRO E 428 -38.19 0.12 34.37
N PRO E 429 -37.93 -0.59 35.48
CA PRO E 429 -36.84 -0.20 36.39
C PRO E 429 -35.49 -0.18 35.68
N ILE E 430 -34.63 0.77 36.07
CA ILE E 430 -33.36 0.95 35.38
C ILE E 430 -32.41 -0.18 35.76
N GLN E 431 -31.77 -0.79 34.76
CA GLN E 431 -30.93 -1.95 35.00
C GLN E 431 -29.52 -1.76 34.46
N ASP E 432 -29.12 -0.54 34.13
CA ASP E 432 -27.84 -0.31 33.50
C ASP E 432 -26.68 -0.43 34.49
N PRO E 433 -25.45 -0.62 33.99
CA PRO E 433 -24.31 -0.86 34.89
C PRO E 433 -24.01 0.24 35.90
N VAL E 434 -24.42 1.49 35.67
CA VAL E 434 -24.06 2.62 36.52
C VAL E 434 -25.18 2.99 37.48
N TYR E 435 -26.42 3.02 36.99
CA TYR E 435 -27.58 3.49 37.76
C TYR E 435 -28.60 2.40 38.02
N GLY E 436 -28.33 1.18 37.58
CA GLY E 436 -29.30 0.12 37.73
C GLY E 436 -29.50 -0.24 39.19
N PHE E 437 -30.65 -0.86 39.48
CA PHE E 437 -30.96 -1.14 40.87
C PHE E 437 -29.96 -2.09 41.50
N GLY E 438 -29.21 -2.85 40.70
CA GLY E 438 -28.16 -3.67 41.26
C GLY E 438 -27.09 -2.81 41.92
N ARG E 439 -26.88 -1.60 41.41
CA ARG E 439 -25.86 -0.72 41.96
C ARG E 439 -26.42 0.43 42.81
N VAL E 440 -27.66 0.85 42.57
CA VAL E 440 -28.26 2.02 43.19
C VAL E 440 -29.61 1.58 43.77
N ASN E 441 -29.73 1.58 45.10
CA ASN E 441 -30.98 1.14 45.69
C ASN E 441 -30.96 1.43 47.19
N VAL E 442 -32.15 1.52 47.77
CA VAL E 442 -32.28 2.02 49.13
C VAL E 442 -31.61 1.07 50.12
N GLN E 443 -31.80 -0.23 49.92
CA GLN E 443 -31.34 -1.21 50.90
C GLN E 443 -29.83 -1.14 51.07
N SER E 444 -29.10 -1.04 49.96
CA SER E 444 -27.65 -1.00 50.09
C SER E 444 -27.19 0.32 50.70
N GLN E 445 -27.93 1.40 50.47
CA GLN E 445 -27.46 2.65 51.05
C GLN E 445 -27.85 2.80 52.53
N LEU E 446 -28.91 2.12 52.98
CA LEU E 446 -29.18 2.00 54.41
C LEU E 446 -28.06 1.28 55.16
N GLN E 447 -27.33 0.38 54.51
CA GLN E 447 -26.25 -0.36 55.17
C GLN E 447 -24.88 0.29 54.99
N ASP E 448 -24.68 0.98 53.89
CA ASP E 448 -23.46 1.71 53.59
C ASP E 448 -23.36 2.97 54.45
N PRO E 449 -22.47 3.02 55.46
CA PRO E 449 -22.44 4.18 56.37
C PRO E 449 -22.18 5.52 55.69
N SER E 450 -21.62 5.55 54.50
CA SER E 450 -21.27 6.80 53.84
C SER E 450 -22.07 7.02 52.56
N SER E 451 -23.29 6.49 52.52
CA SER E 451 -24.09 6.56 51.31
C SER E 451 -24.66 7.96 51.12
N LEU E 452 -25.14 8.22 49.90
CA LEU E 452 -25.82 9.47 49.61
C LEU E 452 -27.17 9.56 50.29
N LEU E 453 -27.85 8.43 50.50
CA LEU E 453 -29.07 8.44 51.30
C LEU E 453 -28.77 8.90 52.72
N LYS E 454 -27.73 8.33 53.35
CA LYS E 454 -27.43 8.73 54.72
C LYS E 454 -26.94 10.17 54.77
N TRP E 455 -26.24 10.62 53.72
CA TRP E 455 -25.77 12.00 53.72
C TRP E 455 -26.94 12.98 53.62
N THR E 456 -27.93 12.65 52.79
CA THR E 456 -29.11 13.51 52.67
C THR E 456 -29.87 13.58 53.99
N ALA E 457 -30.10 12.45 54.65
CA ALA E 457 -30.78 12.48 55.94
C ALA E 457 -29.98 13.27 56.97
N ARG E 458 -28.67 13.09 56.99
CA ARG E 458 -27.82 13.84 57.91
C ARG E 458 -27.86 15.35 57.60
N GLN E 459 -27.75 15.72 56.31
CA GLN E 459 -27.75 17.12 55.93
C GLN E 459 -29.08 17.80 56.24
N LEU E 460 -30.19 17.10 56.04
CA LEU E 460 -31.50 17.68 56.36
C LEU E 460 -31.67 17.86 57.86
N GLU E 461 -31.06 16.98 58.65
CA GLU E 461 -31.13 17.05 60.11
C GLU E 461 -30.32 18.21 60.64
N LEU E 462 -29.22 18.52 59.96
CA LEU E 462 -28.47 19.73 60.26
C LEU E 462 -29.31 20.97 59.96
N ARG E 463 -30.01 20.98 58.83
CA ARG E 463 -30.83 22.12 58.46
C ARG E 463 -31.99 22.31 59.40
N ARG E 464 -32.51 21.21 59.94
CA ARG E 464 -33.61 21.26 60.89
C ARG E 464 -33.19 21.88 62.21
N ALA E 465 -31.93 21.70 62.61
CA ALA E 465 -31.41 22.28 63.84
C ALA E 465 -31.18 23.79 63.76
N HIS E 466 -31.41 24.44 62.62
CA HIS E 466 -31.08 25.85 62.45
C HIS E 466 -32.21 26.56 61.73
N PRO E 467 -33.13 27.16 62.50
CA PRO E 467 -34.32 27.78 61.90
C PRO E 467 -34.02 28.83 60.85
N ALA E 468 -32.81 29.38 60.82
CA ALA E 468 -32.52 30.43 59.85
C ALA E 468 -32.62 29.94 58.41
N PHE E 469 -32.43 28.64 58.17
CA PHE E 469 -32.53 28.17 56.79
C PHE E 469 -33.95 28.34 56.27
N ALA E 470 -34.94 28.01 57.09
CA ALA E 470 -36.33 28.03 56.65
C ALA E 470 -36.99 29.39 56.79
N HIS E 471 -36.47 30.27 57.66
CA HIS E 471 -37.13 31.55 57.97
C HIS E 471 -36.23 32.77 57.89
N GLY E 472 -34.93 32.61 57.67
CA GLY E 472 -34.07 33.75 57.70
C GLY E 472 -34.13 34.58 56.44
N ASP E 473 -33.60 35.78 56.57
CA ASP E 473 -33.34 36.65 55.43
C ASP E 473 -32.17 36.09 54.63
N LEU E 474 -31.74 36.85 53.63
CA LEU E 474 -30.64 36.44 52.78
C LEU E 474 -29.86 37.68 52.41
N THR E 475 -28.54 37.64 52.57
CA THR E 475 -27.69 38.72 52.07
C THR E 475 -26.46 38.10 51.43
N PHE E 476 -26.25 38.37 50.15
CA PHE E 476 -25.03 37.93 49.48
C PHE E 476 -23.86 38.80 49.90
N ILE E 477 -22.66 38.20 49.99
CA ILE E 477 -21.45 38.93 50.29
C ILE E 477 -20.39 38.70 49.20
N GLU E 478 -19.36 39.56 49.21
CA GLU E 478 -18.52 39.82 48.02
C GLU E 478 -17.78 38.59 47.51
N THR E 479 -16.90 37.99 48.33
CA THR E 479 -15.99 36.87 48.03
C THR E 479 -14.76 37.20 47.16
N GLY E 480 -14.86 38.07 46.17
CA GLY E 480 -13.71 38.39 45.33
C GLY E 480 -13.31 37.34 44.31
N ASN E 481 -14.19 36.39 44.01
CA ASN E 481 -13.92 35.29 43.09
C ASN E 481 -15.28 34.80 42.61
N PRO E 482 -15.60 34.92 41.32
CA PRO E 482 -16.95 34.55 40.86
C PRO E 482 -17.31 33.09 41.08
N ALA E 483 -16.32 32.22 41.20
CA ALA E 483 -16.59 30.81 41.47
C ALA E 483 -17.06 30.55 42.89
N ILE E 484 -16.85 31.48 43.82
CA ILE E 484 -17.20 31.30 45.23
C ILE E 484 -18.43 32.13 45.52
N LEU E 485 -19.49 31.47 45.95
CA LEU E 485 -20.75 32.12 46.32
C LEU E 485 -20.87 32.09 47.84
N ALA E 486 -21.21 33.24 48.43
CA ALA E 486 -21.37 33.31 49.88
C ALA E 486 -22.55 34.20 50.23
N PHE E 487 -23.27 33.82 51.28
CA PHE E 487 -24.38 34.63 51.77
C PHE E 487 -24.63 34.29 53.23
N THR E 488 -25.32 35.18 53.92
CA THR E 488 -25.75 34.96 55.28
C THR E 488 -27.25 34.71 55.31
N ARG E 489 -27.67 33.96 56.33
CA ARG E 489 -29.08 33.84 56.68
C ARG E 489 -29.19 34.28 58.13
N GLN E 490 -30.03 35.26 58.42
CA GLN E 490 -30.20 35.73 59.79
C GLN E 490 -31.65 35.57 60.23
N TYR E 491 -31.84 34.99 61.42
CA TYR E 491 -33.17 34.82 62.00
C TYR E 491 -33.02 34.59 63.49
N ASP E 492 -33.83 35.27 64.28
CA ASP E 492 -33.66 35.25 65.74
C ASP E 492 -32.25 35.79 66.04
N GLY E 493 -31.51 35.20 66.97
CA GLY E 493 -30.17 35.69 67.19
C GLY E 493 -29.12 35.10 66.29
N GLU E 494 -29.45 34.01 65.60
CA GLU E 494 -28.49 33.22 64.84
C GLU E 494 -28.24 33.83 63.45
N THR E 495 -26.96 34.01 63.11
CA THR E 495 -26.54 34.39 61.76
C THR E 495 -25.74 33.24 61.17
N LEU E 496 -26.27 32.65 60.11
CA LEU E 496 -25.60 31.57 59.41
C LEU E 496 -24.79 32.17 58.28
N LEU E 497 -23.62 31.61 58.04
CA LEU E 497 -22.75 32.03 56.95
C LEU E 497 -22.47 30.81 56.10
N ILE E 498 -22.86 30.87 54.83
CA ILE E 498 -22.71 29.68 54.01
C ILE E 498 -21.91 30.05 52.75
N VAL E 499 -20.84 29.31 52.53
CA VAL E 499 -19.90 29.53 51.44
C VAL E 499 -19.89 28.28 50.58
N SER E 500 -19.86 28.45 49.26
CA SER E 500 -19.97 27.28 48.38
C SER E 500 -19.14 27.53 47.15
N ASN E 501 -18.33 26.54 46.77
CA ASN E 501 -17.39 26.68 45.65
C ASN E 501 -17.89 25.89 44.46
N PHE E 502 -18.22 26.58 43.39
CA PHE E 502 -18.76 25.95 42.19
C PHE E 502 -17.69 25.47 41.22
N ALA E 503 -16.42 25.74 41.51
CA ALA E 503 -15.33 25.28 40.66
C ALA E 503 -14.92 23.85 41.02
N GLY E 504 -14.40 23.14 40.01
CA GLY E 504 -13.94 21.78 40.16
C GLY E 504 -12.47 21.70 40.51
N ASN E 505 -11.89 22.79 40.98
CA ASN E 505 -10.59 22.74 41.62
C ASN E 505 -10.56 23.80 42.71
N ALA E 506 -9.46 23.85 43.46
CA ALA E 506 -9.37 24.72 44.62
C ALA E 506 -9.36 26.20 44.21
N GLN E 507 -10.00 27.03 45.03
CA GLN E 507 -10.18 28.46 44.74
C GLN E 507 -9.99 29.26 46.01
N ALA E 508 -9.40 30.44 45.86
CA ALA E 508 -9.16 31.38 46.94
C ALA E 508 -10.15 32.55 46.84
N GLY E 509 -10.33 33.23 47.96
CA GLY E 509 -11.31 34.30 48.02
C GLY E 509 -11.06 35.18 49.22
N LEU E 510 -11.71 36.33 49.19
CA LEU E 510 -11.64 37.32 50.26
C LEU E 510 -13.08 37.72 50.57
N LEU E 511 -13.63 37.13 51.62
CA LEU E 511 -15.02 37.42 51.98
C LEU E 511 -15.11 38.78 52.63
N ASP E 512 -16.13 39.54 52.26
CA ASP E 512 -16.45 40.83 52.88
C ASP E 512 -17.27 40.57 54.14
N LEU E 513 -16.57 40.47 55.26
CA LEU E 513 -17.21 40.26 56.55
C LEU E 513 -17.02 41.48 57.45
N ALA E 514 -16.92 42.67 56.86
CA ALA E 514 -16.91 43.91 57.64
C ALA E 514 -17.95 43.93 58.76
N PRO E 515 -19.27 43.66 58.52
CA PRO E 515 -20.25 43.81 59.61
C PRO E 515 -20.01 42.87 60.78
N PHE E 516 -18.96 42.05 60.74
CA PHE E 516 -18.85 40.97 61.70
C PHE E 516 -17.51 40.96 62.43
N VAL E 517 -16.77 42.08 62.37
CA VAL E 517 -15.50 42.15 63.09
C VAL E 517 -15.73 41.80 64.55
N GLY E 518 -14.79 41.04 65.11
CA GLY E 518 -14.85 40.56 66.48
C GLY E 518 -15.60 39.26 66.69
N ARG E 519 -16.18 38.68 65.65
CA ARG E 519 -17.01 37.48 65.76
C ARG E 519 -16.31 36.32 65.07
N ALA E 520 -16.45 35.12 65.64
CA ALA E 520 -15.74 33.97 65.12
C ALA E 520 -16.67 33.11 64.29
N PRO E 521 -16.33 32.81 63.05
CA PRO E 521 -17.08 31.79 62.31
C PRO E 521 -16.82 30.46 62.96
N VAL E 522 -17.87 29.68 63.14
CA VAL E 522 -17.66 28.34 63.68
C VAL E 522 -18.57 27.36 62.94
N THR E 523 -18.03 26.18 62.75
CA THR E 523 -18.59 25.16 61.89
C THR E 523 -19.92 24.65 62.46
N LEU E 524 -20.96 24.61 61.61
CA LEU E 524 -22.25 24.08 62.06
C LEU E 524 -22.12 22.62 62.48
N SER E 525 -21.21 21.89 61.87
CA SER E 525 -21.05 20.47 62.12
C SER E 525 -19.74 20.25 62.87
N GLY E 526 -19.80 20.17 64.19
CA GLY E 526 -18.61 19.85 64.97
C GLY E 526 -18.07 20.98 65.81
N ALA E 527 -18.61 22.19 65.69
CA ALA E 527 -18.25 23.32 66.54
C ALA E 527 -16.74 23.57 66.52
N SER E 528 -16.13 23.45 65.33
CA SER E 528 -14.74 23.81 65.17
C SER E 528 -14.62 25.28 64.84
N PRO E 529 -13.89 26.07 65.62
CA PRO E 529 -13.80 27.52 65.34
C PRO E 529 -12.79 27.82 64.25
N LEU E 530 -13.16 28.75 63.40
CA LEU E 530 -12.23 29.41 62.51
C LEU E 530 -11.74 30.71 63.15
N PRO E 531 -10.73 31.38 62.56
CA PRO E 531 -10.18 32.57 63.22
C PRO E 531 -11.20 33.69 63.26
N VAL E 532 -11.08 34.52 64.31
CA VAL E 532 -12.02 35.61 64.50
C VAL E 532 -11.82 36.65 63.41
N VAL E 533 -12.93 37.28 62.99
CA VAL E 533 -12.86 38.34 61.99
C VAL E 533 -12.20 39.58 62.60
N THR E 534 -11.18 40.09 61.90
CA THR E 534 -10.30 41.13 62.42
C THR E 534 -10.20 42.27 61.40
N GLY E 535 -9.58 43.36 61.84
CA GLY E 535 -9.18 44.41 60.91
C GLY E 535 -10.35 44.96 60.11
N ASN E 536 -10.15 45.09 58.81
CA ASN E 536 -11.18 45.59 57.90
C ASN E 536 -12.22 44.55 57.51
N GLY E 537 -12.16 43.35 58.11
CA GLY E 537 -13.11 42.29 57.85
C GLY E 537 -12.94 41.55 56.54
N GLN E 538 -11.92 41.87 55.73
CA GLN E 538 -11.64 41.09 54.52
C GLN E 538 -11.03 39.76 54.93
N TYR E 539 -11.76 38.67 54.68
CA TYR E 539 -11.52 37.39 55.35
C TYR E 539 -11.03 36.34 54.37
N PRO E 540 -9.74 36.00 54.37
CA PRO E 540 -9.20 35.12 53.32
C PRO E 540 -9.60 33.67 53.55
N VAL E 541 -10.21 33.07 52.54
CA VAL E 541 -10.58 31.65 52.54
C VAL E 541 -9.95 31.00 51.32
N VAL E 542 -9.62 29.73 51.48
CA VAL E 542 -9.34 28.87 50.33
C VAL E 542 -10.39 27.77 50.41
N MET E 543 -10.66 27.15 49.28
CA MET E 543 -11.74 26.19 49.25
C MET E 543 -11.36 25.08 48.28
N GLY E 544 -11.60 23.82 48.66
CA GLY E 544 -11.40 22.74 47.71
C GLY E 544 -12.51 22.69 46.66
N LYS E 545 -12.40 21.72 45.76
CA LYS E 545 -13.37 21.60 44.68
C LYS E 545 -14.75 21.28 45.23
N TYR E 546 -15.75 22.03 44.78
CA TYR E 546 -17.16 21.83 45.13
C TYR E 546 -17.40 21.83 46.64
N ASP E 547 -16.51 22.46 47.41
CA ASP E 547 -16.66 22.55 48.86
C ASP E 547 -17.88 23.36 49.28
N TYR E 548 -18.47 22.98 50.42
CA TYR E 548 -19.51 23.77 51.09
C TYR E 548 -19.17 23.92 52.57
N TYR E 549 -19.18 25.17 53.07
CA TYR E 549 -18.94 25.53 54.47
C TYR E 549 -20.26 26.01 55.04
N TRP E 550 -20.86 25.22 55.91
CA TRP E 550 -22.03 25.67 56.66
C TRP E 550 -21.54 26.18 58.01
N LEU E 551 -21.60 27.51 58.19
CA LEU E 551 -21.00 28.16 59.34
C LEU E 551 -22.00 29.02 60.10
N ARG E 552 -21.66 29.24 61.37
CA ARG E 552 -22.40 30.07 62.30
C ARG E 552 -21.52 31.25 62.67
N LEU E 553 -22.10 32.44 62.76
CA LEU E 553 -21.34 33.63 63.19
C LEU E 553 -21.67 33.96 64.65
N ASN E 554 -20.75 33.62 65.55
CA ASN E 554 -20.87 33.88 66.98
C ASN E 554 -21.00 35.35 67.34
N SER E 555 -21.15 35.66 68.64
CA SER E 555 -21.16 37.03 69.21
C SER E 555 -20.03 37.25 70.22
N PRO F 8 0.94 33.11 -9.80
CA PRO F 8 0.68 33.00 -8.35
C PRO F 8 1.87 32.40 -7.56
N GLU F 9 2.10 32.88 -6.33
CA GLU F 9 3.24 32.42 -5.53
C GLU F 9 2.99 31.03 -4.97
N TRP F 10 4.08 30.28 -4.79
CA TRP F 10 3.93 28.86 -4.48
C TRP F 10 3.26 28.66 -3.14
N TYR F 11 3.56 29.52 -2.16
CA TYR F 11 2.98 29.29 -0.85
C TYR F 11 1.46 29.42 -0.85
N LYS F 12 0.87 30.05 -1.88
CA LYS F 12 -0.59 30.22 -1.90
C LYS F 12 -1.33 28.97 -2.32
N SER F 13 -0.68 28.05 -3.00
CA SER F 13 -1.38 26.85 -3.45
C SER F 13 -0.85 25.62 -2.72
N ALA F 14 -0.08 25.83 -1.67
CA ALA F 14 0.57 24.77 -0.92
C ALA F 14 -0.34 24.28 0.20
N VAL F 15 -0.20 23.00 0.51
CA VAL F 15 -0.74 22.41 1.71
C VAL F 15 0.45 22.16 2.65
N PHE F 16 0.34 22.63 3.88
CA PHE F 16 1.44 22.56 4.83
C PHE F 16 1.21 21.42 5.81
N TYR F 17 2.31 20.86 6.30
CA TYR F 17 2.33 19.78 7.27
C TYR F 17 3.32 20.15 8.36
N GLU F 18 2.84 20.26 9.59
CA GLU F 18 3.65 20.61 10.75
C GLU F 18 4.12 19.33 11.42
N LEU F 19 5.44 19.15 11.56
CA LEU F 19 5.88 18.01 12.33
C LEU F 19 7.15 18.31 13.10
N SER F 20 7.42 17.47 14.08
CA SER F 20 8.60 17.55 14.91
C SER F 20 9.51 16.40 14.54
N VAL F 21 10.77 16.71 14.23
CA VAL F 21 11.69 15.66 13.79
C VAL F 21 11.90 14.63 14.89
N ARG F 22 12.07 15.07 16.14
CA ARG F 22 12.39 14.19 17.26
C ARG F 22 11.28 13.19 17.51
N THR F 23 10.15 13.35 16.83
CA THR F 23 8.91 12.72 17.21
C THR F 23 8.17 12.12 16.00
N PHE F 24 8.73 12.27 14.80
CA PHE F 24 8.14 11.72 13.58
C PHE F 24 8.63 10.29 13.32
N GLN F 25 9.92 10.09 13.08
CA GLN F 25 10.42 8.74 12.79
C GLN F 25 11.87 8.59 13.24
N ASP F 26 12.08 7.71 14.22
CA ASP F 26 13.41 7.30 14.66
C ASP F 26 13.97 6.29 13.67
N GLY F 27 15.18 6.54 13.19
CA GLY F 27 15.78 5.65 12.21
C GLY F 27 16.78 4.65 12.80
N ASN F 28 17.48 5.05 13.86
CA ASN F 28 18.56 4.27 14.43
C ASN F 28 18.22 3.59 15.75
N GLY F 29 17.00 3.75 16.26
CA GLY F 29 16.56 2.98 17.42
C GLY F 29 16.91 3.54 18.78
N ASP F 30 17.40 4.77 18.87
CA ASP F 30 17.72 5.37 20.16
C ASP F 30 16.51 5.99 20.88
N GLY F 31 15.32 5.90 20.30
CA GLY F 31 14.13 6.45 20.92
C GLY F 31 13.83 7.87 20.51
N LYS F 32 14.57 8.43 19.55
CA LYS F 32 14.46 9.82 19.14
C LYS F 32 14.30 9.90 17.63
N GLY F 33 13.30 10.66 17.18
CA GLY F 33 13.16 10.90 15.75
C GLY F 33 14.35 11.65 15.19
N ASP F 34 14.61 11.44 13.91
CA ASP F 34 15.82 11.99 13.31
C ASP F 34 15.60 12.22 11.82
N PHE F 35 16.56 12.91 11.22
CA PHE F 35 16.42 13.30 9.82
C PHE F 35 16.49 12.11 8.85
N PRO F 36 17.29 11.06 9.10
CA PRO F 36 17.20 9.87 8.22
C PRO F 36 15.84 9.19 8.28
N GLY F 37 15.23 9.10 9.47
CA GLY F 37 13.87 8.55 9.57
C GLY F 37 12.83 9.43 8.91
N LEU F 38 12.91 10.74 9.13
CA LEU F 38 12.02 11.64 8.42
C LEU F 38 12.17 11.46 6.90
N THR F 39 13.42 11.45 6.39
CA THR F 39 13.65 11.24 4.95
C THR F 39 13.00 9.97 4.41
N SER F 40 12.98 8.90 5.21
CA SER F 40 12.34 7.67 4.79
C SER F 40 10.81 7.77 4.71
N ARG F 41 10.22 8.78 5.32
CA ARG F 41 8.77 8.91 5.33
C ARG F 41 8.24 9.95 4.36
N LEU F 42 9.12 10.52 3.52
CA LEU F 42 8.68 11.62 2.66
C LEU F 42 7.65 11.21 1.61
N ASP F 43 7.71 9.96 1.12
CA ASP F 43 6.76 9.52 0.10
C ASP F 43 5.35 9.50 0.66
N TYR F 44 5.24 9.08 1.93
CA TYR F 44 3.97 9.11 2.63
C TYR F 44 3.40 10.52 2.71
N LEU F 45 4.26 11.51 3.00
CA LEU F 45 3.77 12.89 3.03
C LEU F 45 3.36 13.34 1.64
N LYS F 46 4.17 13.03 0.64
CA LYS F 46 3.84 13.39 -0.74
C LYS F 46 2.55 12.72 -1.20
N ASN F 47 2.38 11.42 -0.89
CA ASN F 47 1.18 10.73 -1.32
C ASN F 47 -0.05 11.20 -0.56
N LEU F 48 0.16 11.81 0.59
CA LEU F 48 -0.98 12.28 1.36
C LEU F 48 -1.58 13.51 0.70
N GLY F 49 -0.76 14.23 -0.06
CA GLY F 49 -1.17 15.46 -0.68
C GLY F 49 -0.53 16.73 -0.11
N VAL F 50 0.55 16.62 0.71
CA VAL F 50 1.17 17.82 1.26
C VAL F 50 2.24 18.35 0.31
N ASP F 51 2.43 19.67 0.33
CA ASP F 51 3.41 20.36 -0.51
C ASP F 51 4.62 20.84 0.28
N CYS F 52 4.39 21.30 1.51
CA CYS F 52 5.39 21.99 2.28
C CYS F 52 5.42 21.42 3.68
N LEU F 53 6.61 21.06 4.13
CA LEU F 53 6.85 20.56 5.47
C LEU F 53 7.22 21.75 6.33
N TRP F 54 6.58 21.90 7.48
CA TRP F 54 7.05 22.86 8.46
C TRP F 54 7.59 22.07 9.63
N LEU F 55 8.90 22.19 9.85
CA LEU F 55 9.61 21.50 10.92
C LEU F 55 9.75 22.43 12.13
N LEU F 56 9.43 21.90 13.31
CA LEU F 56 9.68 22.58 14.58
C LEU F 56 11.20 22.70 14.85
N PRO F 57 11.61 23.52 15.80
CA PRO F 57 13.06 23.79 15.97
C PRO F 57 13.89 22.52 16.05
N TRP F 58 14.94 22.49 15.25
CA TRP F 58 15.83 21.34 15.17
C TRP F 58 17.20 21.68 15.71
N PHE F 59 17.33 22.78 16.45
CA PHE F 59 18.62 23.35 16.83
C PHE F 59 19.14 22.76 18.12
N PRO F 60 20.46 22.81 18.30
CA PRO F 60 21.02 22.51 19.62
C PRO F 60 20.29 23.30 20.69
N SER F 61 20.04 22.64 21.81
CA SER F 61 19.10 23.11 22.81
C SER F 61 19.06 22.13 23.96
N PRO F 62 18.89 22.61 25.18
CA PRO F 62 18.61 21.69 26.30
C PRO F 62 17.15 21.25 26.36
N LEU F 63 16.28 21.77 25.50
CA LEU F 63 14.91 21.25 25.31
C LEU F 63 14.00 21.51 26.51
N ARG F 64 14.29 22.54 27.30
CA ARG F 64 13.37 22.95 28.36
C ARG F 64 12.06 23.51 27.79
N ASP F 65 12.12 24.09 26.58
CA ASP F 65 10.89 24.38 25.84
C ASP F 65 10.86 23.58 24.54
N ASP F 66 11.14 22.28 24.64
CA ASP F 66 11.12 21.36 23.50
C ASP F 66 11.87 21.90 22.28
N GLY F 67 12.90 22.70 22.49
CA GLY F 67 13.68 23.19 21.39
C GLY F 67 13.38 24.62 20.99
N TYR F 68 12.36 25.24 21.59
CA TYR F 68 12.13 26.68 21.37
C TYR F 68 13.07 27.55 22.20
N ASP F 69 14.02 26.94 22.91
CA ASP F 69 15.09 27.59 23.67
C ASP F 69 16.42 27.21 22.99
N VAL F 70 16.79 27.92 21.94
CA VAL F 70 17.87 27.41 21.13
C VAL F 70 19.19 27.93 21.67
N ALA F 71 20.21 27.08 21.62
CA ALA F 71 21.53 27.45 22.10
C ALA F 71 22.57 27.43 20.99
N ASP F 72 22.11 27.41 19.71
CA ASP F 72 22.95 27.44 18.51
C ASP F 72 22.10 27.55 17.24
N TYR F 73 21.99 28.74 16.67
CA TYR F 73 21.17 28.95 15.47
C TYR F 73 21.71 28.28 14.21
N ARG F 74 22.92 27.73 14.22
CA ARG F 74 23.52 27.22 12.99
C ARG F 74 23.90 25.76 13.06
N GLY F 75 23.32 24.99 13.97
CA GLY F 75 23.61 23.58 14.09
C GLY F 75 22.33 22.77 14.04
N ILE F 76 22.47 21.46 13.95
CA ILE F 76 21.32 20.63 14.22
C ILE F 76 21.56 19.86 15.52
N HIS F 77 20.47 19.65 16.24
CA HIS F 77 20.55 19.00 17.54
C HIS F 77 21.10 17.58 17.42
N PRO F 78 22.04 17.16 18.26
CA PRO F 78 22.60 15.81 18.11
C PRO F 78 21.57 14.70 18.19
N ASP F 79 20.44 14.91 18.87
CA ASP F 79 19.33 13.94 18.82
C ASP F 79 18.90 13.61 17.40
N LEU F 80 19.02 14.57 16.48
CA LEU F 80 18.35 14.52 15.19
C LEU F 80 19.27 14.18 14.05
N GLY F 81 20.58 14.09 14.31
CA GLY F 81 21.54 13.74 13.29
C GLY F 81 22.54 14.87 13.06
N THR F 82 23.04 14.95 11.84
CA THR F 82 24.08 15.90 11.50
C THR F 82 23.57 16.86 10.43
N LEU F 83 24.34 17.93 10.26
CA LEU F 83 24.19 18.81 9.10
C LEU F 83 24.16 18.03 7.80
N ASP F 84 24.98 16.98 7.68
CA ASP F 84 24.94 16.16 6.49
C ASP F 84 23.59 15.45 6.36
N ASP F 85 23.10 14.86 7.46
CA ASP F 85 21.78 14.22 7.47
C ASP F 85 20.66 15.20 7.07
N PHE F 86 20.70 16.41 7.62
CA PHE F 86 19.80 17.47 7.20
C PHE F 86 19.95 17.79 5.71
N LYS F 87 21.19 17.93 5.22
CA LYS F 87 21.40 18.34 3.84
C LYS F 87 20.83 17.34 2.85
N VAL F 88 20.95 16.03 3.13
CA VAL F 88 20.35 15.08 2.18
C VAL F 88 18.84 15.00 2.39
N PHE F 89 18.34 15.27 3.59
CA PHE F 89 16.89 15.40 3.78
C PHE F 89 16.34 16.49 2.86
N LEU F 90 16.98 17.66 2.86
CA LEU F 90 16.55 18.76 1.98
C LEU F 90 16.60 18.34 0.52
N ARG F 91 17.71 17.72 0.14
CA ARG F 91 17.86 17.22 -1.22
C ARG F 91 16.72 16.25 -1.57
N GLU F 92 16.48 15.26 -0.71
CA GLU F 92 15.41 14.29 -0.94
C GLU F 92 14.03 14.94 -0.91
N ALA F 93 13.80 15.93 -0.03
CA ALA F 93 12.51 16.63 -0.04
C ALA F 93 12.30 17.40 -1.34
N HIS F 94 13.32 18.11 -1.81
CA HIS F 94 13.19 18.87 -3.04
C HIS F 94 13.09 17.93 -4.24
N ALA F 95 13.76 16.78 -4.19
CA ALA F 95 13.68 15.81 -5.27
C ALA F 95 12.27 15.28 -5.48
N ARG F 96 11.42 15.36 -4.46
CA ARG F 96 10.06 14.88 -4.55
C ARG F 96 9.07 15.99 -4.79
N GLY F 97 9.53 17.24 -4.97
CA GLY F 97 8.63 18.36 -5.17
C GLY F 97 8.11 19.01 -3.91
N LEU F 98 8.75 18.77 -2.76
CA LEU F 98 8.30 19.30 -1.50
C LEU F 98 9.13 20.52 -1.11
N TRP F 99 8.46 21.54 -0.59
CA TRP F 99 9.15 22.65 0.04
C TRP F 99 9.34 22.31 1.52
N VAL F 100 10.25 23.01 2.17
CA VAL F 100 10.38 22.84 3.61
C VAL F 100 10.84 24.16 4.23
N ILE F 101 10.22 24.49 5.34
CA ILE F 101 10.50 25.71 6.08
C ILE F 101 10.83 25.30 7.50
N GLY F 102 11.76 26.03 8.11
CA GLY F 102 12.13 25.82 9.49
C GLY F 102 11.43 26.81 10.41
N ASP F 103 11.73 26.69 11.68
CA ASP F 103 11.20 27.60 12.68
C ASP F 103 12.35 28.50 13.11
N LEU F 104 12.23 29.80 12.83
CA LEU F 104 13.23 30.79 13.22
C LEU F 104 12.77 31.45 14.52
N VAL F 105 13.45 31.13 15.62
CA VAL F 105 13.06 31.59 16.97
C VAL F 105 13.80 32.90 17.23
N THR F 106 13.11 34.02 17.10
CA THR F 106 13.83 35.29 17.14
C THR F 106 13.69 36.06 18.44
N ASN F 107 12.59 35.89 19.17
CA ASN F 107 12.37 36.68 20.37
C ASN F 107 13.39 36.41 21.48
N HIS F 108 13.99 35.22 21.54
CA HIS F 108 14.72 34.80 22.74
C HIS F 108 15.67 33.66 22.43
N THR F 109 16.59 33.41 23.33
CA THR F 109 17.41 32.22 23.22
C THR F 109 17.29 31.40 24.48
N SER F 110 17.88 30.22 24.45
CA SER F 110 18.19 29.48 25.66
C SER F 110 19.20 30.23 26.50
N SER F 111 19.06 30.17 27.82
CA SER F 111 20.12 30.66 28.69
C SER F 111 21.39 29.81 28.62
N ASP F 112 21.31 28.60 28.08
CA ASP F 112 22.52 27.84 27.78
C ASP F 112 23.21 28.34 26.52
N HIS F 113 22.60 29.29 25.80
CA HIS F 113 23.26 29.79 24.61
C HIS F 113 24.57 30.46 25.02
N PRO F 114 25.65 30.31 24.23
CA PRO F 114 26.89 30.99 24.60
C PRO F 114 26.80 32.51 24.66
N TRP F 115 25.90 33.14 23.90
CA TRP F 115 25.74 34.58 24.03
C TRP F 115 25.34 34.96 25.44
N PHE F 116 24.30 34.30 25.97
CA PHE F 116 23.82 34.65 27.30
C PHE F 116 24.81 34.26 28.39
N GLN F 117 25.46 33.10 28.24
CA GLN F 117 26.50 32.74 29.20
C GLN F 117 27.56 33.83 29.27
N ALA F 118 27.99 34.33 28.10
CA ALA F 118 28.88 35.49 28.06
C ALA F 118 28.22 36.73 28.63
N ALA F 119 26.94 36.95 28.29
CA ALA F 119 26.25 38.16 28.73
C ALA F 119 26.13 38.24 30.24
N ARG F 120 25.97 37.12 30.93
CA ARG F 120 25.74 37.25 32.37
C ARG F 120 27.02 37.50 33.15
N ARG F 121 28.15 37.60 32.46
CA ARG F 121 29.37 38.07 33.09
C ARG F 121 29.39 39.58 33.32
N GLY F 122 28.36 40.32 32.86
CA GLY F 122 28.25 41.73 33.15
C GLY F 122 28.70 42.65 32.01
N PRO F 123 28.58 43.96 32.23
CA PRO F 123 28.89 44.94 31.15
C PRO F 123 30.35 45.04 30.79
N THR F 124 31.25 44.51 31.61
CA THR F 124 32.68 44.76 31.44
C THR F 124 33.47 43.49 31.70
N LEU F 125 34.40 43.19 30.77
CA LEU F 125 35.28 42.01 30.84
C LEU F 125 36.13 42.03 32.11
N PRO F 126 36.85 40.94 32.43
CA PRO F 126 37.77 41.01 33.58
C PRO F 126 38.88 42.03 33.40
N ASP F 127 39.44 42.15 32.19
CA ASP F 127 40.54 43.07 31.97
C ASP F 127 40.03 44.47 31.62
N GLY F 128 38.86 44.83 32.14
CA GLY F 128 38.27 46.16 32.02
C GLY F 128 37.52 46.52 30.75
N SER F 129 37.85 45.91 29.62
CA SER F 129 37.30 46.31 28.33
C SER F 129 35.85 45.83 28.17
N PRO F 130 35.08 46.44 27.25
CA PRO F 130 33.63 46.19 27.23
C PRO F 130 33.24 44.80 26.73
N ASN F 131 32.17 44.29 27.31
CA ASN F 131 31.63 42.95 26.99
C ASN F 131 30.49 43.15 26.01
N GLU F 132 30.79 42.99 24.71
CA GLU F 132 29.78 43.27 23.70
C GLU F 132 28.55 42.38 23.86
N TYR F 133 28.71 41.17 24.39
CA TYR F 133 27.60 40.24 24.52
C TYR F 133 26.66 40.55 25.68
N HIS F 134 27.01 41.49 26.57
CA HIS F 134 26.08 41.82 27.64
C HIS F 134 24.81 42.45 27.10
N ASP F 135 24.92 43.37 26.14
CA ASP F 135 23.76 44.09 25.65
C ASP F 135 22.98 43.32 24.57
N TYR F 136 23.31 42.05 24.32
CA TYR F 136 22.45 41.18 23.52
C TYR F 136 21.11 40.93 24.21
N TYR F 137 21.10 40.93 25.54
CA TYR F 137 19.87 40.68 26.29
C TYR F 137 19.41 41.97 26.95
N VAL F 138 18.19 41.94 27.45
CA VAL F 138 17.51 43.09 28.04
C VAL F 138 17.65 43.02 29.55
N TRP F 139 18.33 44.00 30.15
CA TRP F 139 18.67 44.01 31.57
C TRP F 139 17.99 45.15 32.32
N SER F 140 17.78 44.94 33.62
CA SER F 140 17.22 45.94 34.50
C SER F 140 17.86 45.80 35.87
N ASP F 141 18.08 46.94 36.55
CA ASP F 141 18.67 46.93 37.88
C ASP F 141 17.71 46.36 38.91
N GLU F 142 16.42 46.62 38.77
CA GLU F 142 15.43 46.27 39.77
C GLU F 142 14.14 45.66 39.20
N GLY F 143 14.00 45.56 37.88
CA GLY F 143 12.83 44.90 37.31
C GLY F 143 11.54 45.66 37.42
N LYS F 144 11.57 46.99 37.54
CA LYS F 144 10.32 47.74 37.60
C LYS F 144 9.80 48.14 36.24
N GLU F 145 10.63 48.05 35.19
CA GLU F 145 10.23 48.52 33.87
C GLU F 145 9.14 47.64 33.27
N TYR F 146 8.33 48.26 32.44
CA TYR F 146 7.24 47.61 31.69
C TYR F 146 6.29 46.87 32.63
N ALA F 147 5.85 47.53 33.70
CA ALA F 147 5.07 46.82 34.71
C ALA F 147 3.63 46.50 34.28
N ASP F 148 3.18 46.99 33.13
CA ASP F 148 1.83 46.67 32.65
C ASP F 148 1.85 45.66 31.51
N THR F 149 2.60 44.58 31.66
CA THR F 149 2.75 43.60 30.60
C THR F 149 2.26 42.25 31.07
N ALA F 150 1.40 41.62 30.27
CA ALA F 150 0.87 40.31 30.61
C ALA F 150 2.01 39.29 30.71
N ILE F 151 1.80 38.27 31.54
CA ILE F 151 2.67 37.10 31.58
C ILE F 151 2.03 36.03 30.72
N ILE F 152 2.76 35.55 29.72
CA ILE F 152 2.16 34.64 28.75
C ILE F 152 2.00 33.25 29.36
N PHE F 153 3.03 32.74 30.02
CA PHE F 153 3.00 31.41 30.65
C PHE F 153 2.50 31.55 32.09
N THR F 154 1.20 31.88 32.21
CA THR F 154 0.61 32.16 33.52
C THR F 154 0.76 30.98 34.49
N ASP F 155 0.72 29.74 33.98
CA ASP F 155 0.81 28.58 34.85
C ASP F 155 2.15 28.50 35.60
N THR F 156 3.25 29.00 35.01
CA THR F 156 4.60 28.77 35.54
C THR F 156 5.28 30.04 36.06
N GLU F 157 5.10 31.17 35.40
CA GLU F 157 5.95 32.32 35.64
C GLU F 157 5.16 33.39 36.38
N VAL F 158 5.77 33.92 37.44
CA VAL F 158 5.10 34.98 38.22
C VAL F 158 5.52 36.37 37.76
N SER F 159 6.62 36.49 37.01
CA SER F 159 7.11 37.77 36.52
C SER F 159 7.81 37.58 35.19
N ASN F 160 7.87 38.66 34.40
CA ASN F 160 8.69 38.64 33.19
C ASN F 160 10.13 39.08 33.47
N TRP F 161 10.45 39.48 34.69
CA TRP F 161 11.83 39.74 35.10
C TRP F 161 12.30 38.63 36.02
N THR F 162 13.55 38.21 35.84
CA THR F 162 14.15 37.17 36.68
C THR F 162 15.58 37.58 37.04
N LEU F 163 15.92 37.38 38.30
CA LEU F 163 17.23 37.73 38.82
C LEU F 163 18.26 36.72 38.36
N ASP F 164 19.25 37.15 37.58
CA ASP F 164 20.39 36.28 37.30
C ASP F 164 21.36 36.36 38.47
N GLU F 165 21.69 35.21 39.06
CA GLU F 165 22.57 35.17 40.23
C GLU F 165 23.92 35.80 39.94
N GLN F 166 24.58 35.35 38.87
CA GLN F 166 25.92 35.82 38.57
C GLN F 166 25.96 37.33 38.36
N ALA F 167 25.02 37.86 37.56
CA ALA F 167 25.13 39.23 37.07
C ALA F 167 24.54 40.27 38.01
N GLY F 168 23.83 39.86 39.07
CA GLY F 168 23.25 40.83 39.99
C GLY F 168 22.18 41.71 39.38
N LYS F 169 21.67 41.37 38.22
CA LYS F 169 20.68 42.20 37.55
C LYS F 169 19.60 41.31 36.97
N TYR F 170 18.41 41.89 36.84
CA TYR F 170 17.28 41.19 36.27
C TYR F 170 17.38 41.16 34.75
N TYR F 171 17.01 40.02 34.17
CA TYR F 171 16.87 39.92 32.72
C TYR F 171 15.41 39.65 32.38
N TRP F 172 15.03 40.14 31.21
CA TRP F 172 13.66 40.11 30.72
C TRP F 172 13.42 38.87 29.86
N HIS F 173 12.25 38.25 30.05
CA HIS F 173 11.88 37.10 29.25
C HIS F 173 10.37 37.06 29.15
N ARG F 174 9.85 36.89 27.93
CA ARG F 174 8.40 36.76 27.76
C ARG F 174 7.92 35.34 27.98
N PHE F 175 8.80 34.36 27.89
CA PHE F 175 8.43 32.96 28.04
C PHE F 175 9.11 32.41 29.28
N PHE F 176 9.78 31.25 29.26
CA PHE F 176 10.37 30.72 30.47
C PHE F 176 11.58 31.55 30.90
N ALA F 177 11.90 31.47 32.19
CA ALA F 177 13.13 32.11 32.68
C ALA F 177 14.34 31.53 31.98
N SER F 178 14.28 30.27 31.60
CA SER F 178 15.36 29.75 30.79
C SER F 178 15.32 30.27 29.31
N GLN F 179 14.53 31.29 28.94
CA GLN F 179 14.47 31.79 27.57
C GLN F 179 14.64 33.30 27.58
N PRO F 180 15.84 33.80 27.90
CA PRO F 180 16.05 35.26 27.92
C PRO F 180 15.75 35.91 26.57
N ASP F 181 15.01 37.03 26.61
CA ASP F 181 14.70 37.80 25.41
C ASP F 181 15.94 38.46 24.81
N LEU F 182 16.03 38.47 23.48
CA LEU F 182 17.09 39.21 22.82
C LEU F 182 16.72 40.70 22.78
N ASN F 183 17.76 41.54 22.82
CA ASN F 183 17.60 43.00 22.80
C ASN F 183 17.64 43.51 21.35
N TYR F 184 16.47 43.64 20.73
CA TYR F 184 16.46 44.09 19.34
C TYR F 184 16.66 45.58 19.20
N ASP F 185 16.88 46.30 20.30
CA ASP F 185 17.42 47.64 20.20
C ASP F 185 18.94 47.63 19.98
N ASN F 186 19.56 46.47 19.92
CA ASN F 186 20.99 46.36 19.64
C ASN F 186 21.14 45.84 18.21
N PRO F 187 21.59 46.67 17.26
CA PRO F 187 21.69 46.22 15.86
C PRO F 187 22.61 45.01 15.66
N LYS F 188 23.55 44.77 16.56
CA LYS F 188 24.32 43.53 16.46
C LYS F 188 23.42 42.31 16.64
N VAL F 189 22.37 42.41 17.44
CA VAL F 189 21.44 41.30 17.61
C VAL F 189 20.66 41.06 16.32
N VAL F 190 20.19 42.14 15.71
CA VAL F 190 19.54 42.08 14.39
C VAL F 190 20.46 41.45 13.36
N GLU F 191 21.75 41.74 13.42
CA GLU F 191 22.63 41.19 12.40
C GLU F 191 22.88 39.71 12.63
N GLU F 192 22.96 39.28 13.88
CA GLU F 192 23.07 37.86 14.17
C GLU F 192 21.88 37.10 13.63
N LEU F 193 20.69 37.66 13.77
CA LEU F 193 19.50 36.93 13.35
C LEU F 193 19.41 36.92 11.83
N HIS F 194 19.79 38.01 11.19
CA HIS F 194 19.91 37.99 9.74
C HIS F 194 20.87 36.90 9.30
N GLY F 195 22.03 36.80 9.97
CA GLY F 195 23.03 35.82 9.57
C GLY F 195 22.61 34.38 9.80
N ALA F 196 21.92 34.12 10.92
CA ALA F 196 21.35 32.81 11.14
C ALA F 196 20.35 32.45 10.03
N ALA F 197 19.45 33.38 9.70
CA ALA F 197 18.54 33.15 8.59
C ALA F 197 19.30 32.91 7.28
N ARG F 198 20.34 33.70 7.03
CA ARG F 198 21.14 33.49 5.83
C ARG F 198 21.75 32.10 5.80
N PHE F 199 22.22 31.60 6.94
CA PHE F 199 22.89 30.31 6.98
C PHE F 199 22.02 29.23 6.35
N TRP F 200 20.74 29.19 6.73
CA TRP F 200 19.83 28.13 6.33
C TRP F 200 19.33 28.33 4.93
N LEU F 201 18.99 29.57 4.58
CA LEU F 201 18.59 29.86 3.20
C LEU F 201 19.71 29.53 2.23
N ASP F 202 20.97 29.72 2.64
CA ASP F 202 22.10 29.31 1.82
C ASP F 202 22.11 27.80 1.59
N LEU F 203 21.60 27.03 2.55
CA LEU F 203 21.49 25.60 2.33
C LEU F 203 20.32 25.23 1.42
N GLY F 204 19.45 26.17 1.09
CA GLY F 204 18.29 25.88 0.27
C GLY F 204 16.98 25.72 1.00
N LEU F 205 16.93 26.06 2.28
CA LEU F 205 15.67 26.03 3.00
C LEU F 205 14.71 27.01 2.35
N ASP F 206 13.45 26.62 2.19
CA ASP F 206 12.53 27.43 1.41
C ASP F 206 11.84 28.54 2.19
N GLY F 207 12.23 28.78 3.42
CA GLY F 207 11.57 29.81 4.20
C GLY F 207 11.54 29.46 5.67
N PHE F 208 10.90 30.35 6.44
CA PHE F 208 10.85 30.26 7.89
C PHE F 208 9.44 30.52 8.39
N ARG F 209 9.02 29.75 9.37
CA ARG F 209 8.01 30.25 10.31
C ARG F 209 8.74 31.04 11.39
N VAL F 210 8.26 32.23 11.71
CA VAL F 210 8.95 33.06 12.68
C VAL F 210 8.15 33.09 13.96
N ASP F 211 8.79 32.62 15.03
CA ASP F 211 8.18 32.49 16.34
C ASP F 211 7.99 33.86 16.98
N ALA F 212 6.81 34.04 17.63
CA ALA F 212 6.60 35.04 18.68
C ALA F 212 6.79 36.48 18.22
N VAL F 213 6.41 36.78 16.97
CA VAL F 213 6.77 38.07 16.39
C VAL F 213 6.20 39.28 17.13
N PRO F 214 5.07 39.20 17.85
CA PRO F 214 4.57 40.42 18.51
C PRO F 214 5.44 40.92 19.66
N TYR F 215 6.43 40.16 20.15
CA TYR F 215 7.08 40.48 21.41
C TYR F 215 8.55 40.88 21.28
N LEU F 216 9.02 41.18 20.07
CA LEU F 216 10.43 41.52 19.92
C LEU F 216 10.80 42.73 20.76
N ILE F 217 10.17 43.89 20.49
CA ILE F 217 10.58 45.15 21.12
C ILE F 217 9.65 45.47 22.29
N GLU F 218 10.24 45.94 23.39
CA GLU F 218 9.51 46.39 24.57
C GLU F 218 9.72 47.90 24.78
N ARG F 219 8.63 48.61 25.09
CA ARG F 219 8.68 50.05 25.29
C ARG F 219 7.86 50.45 26.50
N GLU F 220 8.40 51.35 27.31
CA GLU F 220 7.69 51.75 28.52
C GLU F 220 6.33 52.37 28.17
N GLY F 221 5.39 52.23 29.10
CA GLY F 221 4.02 52.70 28.90
C GLY F 221 3.24 52.05 27.78
N THR F 222 3.66 50.88 27.30
CA THR F 222 2.91 50.15 26.28
C THR F 222 2.68 48.72 26.73
N SER F 223 1.90 47.98 25.93
CA SER F 223 1.70 46.57 26.21
C SER F 223 2.90 45.72 25.80
N CYS F 224 3.88 46.33 25.12
CA CYS F 224 5.07 45.62 24.64
C CYS F 224 4.67 44.51 23.67
N GLU F 225 3.72 44.86 22.80
CA GLU F 225 3.05 43.92 21.92
C GLU F 225 2.72 44.70 20.67
N ASN F 226 3.07 44.18 19.50
CA ASN F 226 2.65 44.75 18.23
C ASN F 226 3.22 46.14 17.99
N LEU F 227 4.24 46.52 18.76
CA LEU F 227 4.79 47.86 18.71
C LEU F 227 5.30 48.20 17.31
N PRO F 228 5.23 49.48 16.91
CA PRO F 228 5.68 49.84 15.57
C PRO F 228 7.12 49.48 15.31
N GLU F 229 7.97 49.56 16.34
CA GLU F 229 9.37 49.25 16.19
C GLU F 229 9.58 47.78 15.84
N THR F 230 8.76 46.88 16.39
CA THR F 230 9.01 45.49 16.03
C THR F 230 8.49 45.21 14.64
N HIS F 231 7.45 45.93 14.20
CA HIS F 231 7.08 45.86 12.79
C HIS F 231 8.21 46.36 11.91
N GLU F 232 8.97 47.36 12.37
CA GLU F 232 10.08 47.86 11.57
C GLU F 232 11.19 46.82 11.46
N ILE F 233 11.52 46.17 12.58
CA ILE F 233 12.48 45.07 12.54
C ILE F 233 12.03 44.00 11.55
N LEU F 234 10.74 43.63 11.60
CA LEU F 234 10.27 42.53 10.76
C LEU F 234 10.29 42.95 9.28
N LYS F 235 9.87 44.19 8.98
CA LYS F 235 10.05 44.73 7.63
C LYS F 235 11.48 44.56 7.16
N GLY F 236 12.45 44.77 8.07
CA GLY F 236 13.83 44.54 7.72
C GLY F 236 14.08 43.13 7.25
N PHE F 237 13.47 42.14 7.91
CA PHE F 237 13.70 40.75 7.54
C PHE F 237 13.17 40.47 6.14
N ARG F 238 11.96 40.96 5.85
CA ARG F 238 11.38 40.77 4.54
C ARG F 238 12.27 41.39 3.46
N ALA F 239 12.77 42.61 3.71
CA ALA F 239 13.65 43.26 2.75
C ALA F 239 14.83 42.36 2.40
N MET F 240 15.45 41.78 3.42
CA MET F 240 16.64 40.98 3.15
C MET F 240 16.34 39.79 2.25
N VAL F 241 15.21 39.10 2.46
CA VAL F 241 14.99 37.90 1.64
C VAL F 241 14.43 38.27 0.27
N ASP F 242 13.67 39.36 0.15
CA ASP F 242 13.33 39.87 -1.18
C ASP F 242 14.59 40.14 -1.98
N ARG F 243 15.61 40.70 -1.34
CA ARG F 243 16.81 41.10 -2.05
C ARG F 243 17.71 39.90 -2.31
N GLU F 244 17.93 39.07 -1.30
CA GLU F 244 18.94 38.02 -1.38
C GLU F 244 18.39 36.64 -1.70
N TYR F 245 17.13 36.33 -1.39
CA TYR F 245 16.55 35.02 -1.70
C TYR F 245 15.12 35.22 -2.16
N PRO F 246 14.93 35.76 -3.35
CA PRO F 246 13.56 35.91 -3.85
C PRO F 246 12.91 34.54 -3.93
N GLY F 247 11.61 34.51 -3.61
CA GLY F 247 10.83 33.31 -3.68
C GLY F 247 10.71 32.56 -2.38
N ARG F 248 11.60 32.82 -1.42
CA ARG F 248 11.51 32.20 -0.09
C ARG F 248 10.34 32.81 0.68
N LEU F 249 9.79 32.04 1.62
CA LEU F 249 8.59 32.39 2.36
C LEU F 249 8.93 32.86 3.76
N LEU F 250 8.30 33.94 4.22
CA LEU F 250 8.29 34.27 5.64
C LEU F 250 6.89 34.14 6.19
N LEU F 251 6.75 33.45 7.33
CA LEU F 251 5.43 33.12 7.89
C LEU F 251 5.41 33.53 9.37
N ALA F 252 4.43 34.33 9.76
CA ALA F 252 4.38 34.85 11.12
C ALA F 252 3.42 34.05 12.00
N GLU F 253 3.85 33.79 13.24
CA GLU F 253 2.99 33.28 14.30
C GLU F 253 2.58 34.48 15.13
N ALA F 254 1.29 34.83 15.10
CA ALA F 254 0.85 36.10 15.67
C ALA F 254 -0.57 35.93 16.20
N ASN F 255 -0.68 35.45 17.44
CA ASN F 255 -1.97 35.24 18.07
C ASN F 255 -2.42 36.57 18.63
N GLN F 256 -3.20 37.30 17.83
CA GLN F 256 -3.65 38.64 18.18
C GLN F 256 -5.06 38.78 17.65
N TRP F 257 -5.67 39.94 17.94
CA TRP F 257 -6.97 40.27 17.41
C TRP F 257 -6.85 40.69 15.95
N PRO F 258 -7.93 40.55 15.16
CA PRO F 258 -7.82 40.74 13.69
C PRO F 258 -7.17 42.05 13.25
N GLU F 259 -7.60 43.16 13.84
CA GLU F 259 -7.07 44.46 13.44
C GLU F 259 -5.56 44.54 13.68
N GLU F 260 -5.05 43.79 14.65
CA GLU F 260 -3.60 43.75 14.87
C GLU F 260 -2.92 42.74 13.93
N VAL F 261 -3.55 41.59 13.72
CA VAL F 261 -2.89 40.51 12.97
C VAL F 261 -2.55 40.96 11.56
N VAL F 262 -3.46 41.68 10.90
CA VAL F 262 -3.25 42.01 9.49
C VAL F 262 -2.03 42.91 9.31
N GLU F 263 -1.67 43.70 10.32
CA GLU F 263 -0.53 44.60 10.23
C GLU F 263 0.77 43.86 9.94
N TYR F 264 0.79 42.55 10.18
CA TYR F 264 1.99 41.74 10.01
C TYR F 264 2.27 41.37 8.57
N PHE F 265 1.27 41.50 7.69
CA PHE F 265 1.56 41.40 6.27
C PHE F 265 2.31 42.61 5.74
N GLY F 266 2.33 43.72 6.48
CA GLY F 266 2.89 44.95 5.98
C GLY F 266 1.92 45.60 5.00
N THR F 267 2.48 46.32 4.05
CA THR F 267 1.73 46.97 2.99
C THR F 267 2.43 46.66 1.69
N GLU F 268 1.78 47.00 0.57
CA GLU F 268 2.39 46.71 -0.73
C GLU F 268 3.72 47.44 -0.86
N ALA F 269 3.80 48.65 -0.34
CA ALA F 269 5.02 49.45 -0.41
C ALA F 269 6.07 48.99 0.61
N GLU F 270 5.66 48.64 1.83
CA GLU F 270 6.58 48.26 2.91
C GLU F 270 6.22 46.86 3.41
N PRO F 271 6.54 45.82 2.64
CA PRO F 271 6.04 44.47 2.96
C PRO F 271 6.67 43.86 4.20
N GLU F 272 5.86 43.17 5.00
CA GLU F 272 6.40 42.30 6.05
C GLU F 272 6.30 40.82 5.67
N PHE F 273 5.43 40.08 6.35
CA PHE F 273 5.31 38.65 6.11
C PHE F 273 4.52 38.33 4.86
N HIS F 274 4.83 37.18 4.25
CA HIS F 274 3.98 36.67 3.18
C HIS F 274 2.76 35.96 3.74
N MET F 275 2.86 35.41 4.96
CA MET F 275 1.75 34.66 5.52
C MET F 275 1.65 34.86 7.03
N CYS F 276 0.42 34.82 7.53
CA CYS F 276 0.15 34.77 8.95
C CYS F 276 -0.85 33.66 9.21
N PHE F 277 -0.74 33.05 10.39
CA PHE F 277 -1.76 32.11 10.81
C PHE F 277 -3.03 32.86 11.17
N ASN F 278 -4.16 32.37 10.66
CA ASN F 278 -5.46 32.87 11.09
C ASN F 278 -5.81 32.26 12.46
N PHE F 279 -5.09 32.76 13.46
CA PHE F 279 -5.48 32.51 14.84
C PHE F 279 -6.91 32.96 15.15
N PRO F 280 -7.44 34.09 14.63
CA PRO F 280 -8.79 34.50 15.06
C PRO F 280 -9.89 33.51 14.72
N VAL F 281 -9.90 32.90 13.55
CA VAL F 281 -11.03 32.04 13.20
C VAL F 281 -10.98 30.71 13.94
N MET F 282 -9.80 30.20 14.27
CA MET F 282 -9.66 28.85 14.81
C MET F 282 -10.50 28.59 16.08
N PRO F 283 -10.46 29.43 17.14
CA PRO F 283 -11.35 29.14 18.28
C PRO F 283 -12.83 29.21 17.93
N ARG F 284 -13.22 30.13 17.03
CA ARG F 284 -14.63 30.26 16.72
C ARG F 284 -15.16 29.04 15.98
N LEU F 285 -14.28 28.29 15.30
CA LEU F 285 -14.72 27.05 14.67
C LEU F 285 -15.24 26.11 15.73
N TYR F 286 -14.48 25.94 16.82
CA TYR F 286 -14.87 25.02 17.87
C TYR F 286 -16.05 25.52 18.65
N MET F 287 -16.11 26.82 18.90
CA MET F 287 -17.24 27.33 19.65
C MET F 287 -18.53 27.13 18.86
N SER F 288 -18.47 27.28 17.52
CA SER F 288 -19.67 27.17 16.71
C SER F 288 -20.23 25.76 16.72
N LEU F 289 -19.35 24.77 16.70
CA LEU F 289 -19.76 23.37 16.74
C LEU F 289 -20.60 23.08 18.00
N LYS F 290 -20.10 23.49 19.17
CA LYS F 290 -20.81 23.19 20.41
C LYS F 290 -22.00 24.13 20.62
N ARG F 291 -21.90 25.37 20.14
CA ARG F 291 -23.04 26.29 20.13
C ARG F 291 -24.08 25.91 19.07
N GLU F 292 -23.66 25.16 18.04
CA GLU F 292 -24.50 24.88 16.88
C GLU F 292 -25.01 26.18 16.24
N ASP F 293 -24.10 27.18 16.18
CA ASP F 293 -24.43 28.55 15.79
C ASP F 293 -23.17 29.19 15.24
N THR F 294 -23.12 29.42 13.94
CA THR F 294 -21.90 29.83 13.26
C THR F 294 -21.75 31.35 13.14
N SER F 295 -22.54 32.14 13.86
CA SER F 295 -22.45 33.58 13.68
C SER F 295 -21.06 34.12 14.03
N SER F 296 -20.36 33.50 14.99
CA SER F 296 -19.07 34.01 15.42
C SER F 296 -18.00 33.84 14.36
N ILE F 297 -18.11 32.80 13.52
CA ILE F 297 -17.16 32.66 12.41
C ILE F 297 -17.30 33.83 11.44
N ARG F 298 -18.55 34.16 11.07
CA ARG F 298 -18.76 35.28 10.16
C ARG F 298 -18.34 36.61 10.79
N GLU F 299 -18.68 36.82 12.07
CA GLU F 299 -18.24 38.01 12.77
C GLU F 299 -16.72 38.17 12.71
N ILE F 300 -15.98 37.15 13.14
CA ILE F 300 -14.53 37.31 13.21
C ILE F 300 -13.91 37.40 11.83
N MET F 301 -14.47 36.70 10.83
CA MET F 301 -13.96 36.79 9.46
C MET F 301 -14.19 38.18 8.90
N GLY F 302 -15.38 38.75 9.13
CA GLY F 302 -15.68 40.09 8.65
C GLY F 302 -14.80 41.16 9.26
N ARG F 303 -14.22 40.91 10.43
CA ARG F 303 -13.34 41.88 11.06
C ARG F 303 -11.92 41.84 10.53
N LEU F 304 -11.61 40.93 9.61
CA LEU F 304 -10.26 40.85 9.08
C LEU F 304 -10.15 41.83 7.90
N PRO F 305 -9.33 42.87 8.00
CA PRO F 305 -9.08 43.72 6.82
C PRO F 305 -8.50 42.92 5.66
N LYS F 306 -8.61 43.49 4.46
CA LYS F 306 -7.94 42.90 3.30
C LYS F 306 -6.42 42.94 3.49
N ILE F 307 -5.75 41.94 2.92
CA ILE F 307 -4.30 41.78 3.02
C ILE F 307 -3.67 42.15 1.68
N PRO F 308 -2.37 42.42 1.63
CA PRO F 308 -1.75 42.77 0.35
C PRO F 308 -1.81 41.63 -0.66
N SER F 309 -1.54 41.99 -1.92
CA SER F 309 -1.51 41.04 -3.03
C SER F 309 -0.69 39.79 -2.72
N PHE F 310 0.50 39.96 -2.13
CA PHE F 310 1.35 38.80 -1.88
C PHE F 310 0.83 37.94 -0.74
N GLY F 311 -0.06 38.48 0.08
CA GLY F 311 -0.41 37.81 1.32
C GLY F 311 -1.31 36.61 1.12
N GLN F 312 -1.16 35.66 2.05
CA GLN F 312 -2.02 34.48 2.13
C GLN F 312 -2.22 34.14 3.61
N TRP F 313 -3.45 33.86 4.02
CA TRP F 313 -3.64 33.32 5.35
C TRP F 313 -3.17 31.88 5.39
N CYS F 314 -2.77 31.45 6.57
CA CYS F 314 -2.52 30.05 6.86
C CYS F 314 -3.59 29.57 7.86
N ILE F 315 -4.40 28.58 7.46
CA ILE F 315 -5.52 28.08 8.27
C ILE F 315 -5.12 26.77 8.95
N PHE F 316 -5.40 26.67 10.25
CA PHE F 316 -5.10 25.43 10.97
C PHE F 316 -6.25 25.15 11.93
N LEU F 317 -6.33 23.89 12.37
CA LEU F 317 -7.26 23.52 13.44
C LEU F 317 -6.57 23.28 14.77
N ARG F 318 -5.39 22.64 14.74
CA ARG F 318 -4.60 22.48 15.94
C ARG F 318 -3.13 22.55 15.54
N ASN F 319 -2.28 22.59 16.56
CA ASN F 319 -0.85 22.67 16.34
C ASN F 319 -0.16 21.98 17.52
N HIS F 320 1.15 22.18 17.64
CA HIS F 320 1.94 21.64 18.73
C HIS F 320 1.71 22.37 20.05
N ASP F 321 0.99 23.49 20.04
CA ASP F 321 0.70 24.23 21.25
C ASP F 321 -0.69 23.87 21.74
N GLU F 322 -1.10 24.49 22.85
CA GLU F 322 -2.48 24.29 23.28
C GLU F 322 -3.42 25.08 22.39
N LEU F 323 -4.71 24.74 22.45
CA LEU F 323 -5.75 25.50 21.75
C LEU F 323 -5.93 26.83 22.47
N THR F 324 -5.42 27.90 21.85
CA THR F 324 -5.30 29.16 22.58
C THR F 324 -6.64 29.87 22.73
N LEU F 325 -6.85 30.46 23.91
CA LEU F 325 -8.03 31.27 24.17
C LEU F 325 -7.67 32.68 24.62
N GLU F 326 -6.44 33.14 24.34
CA GLU F 326 -6.05 34.47 24.81
C GLU F 326 -6.81 35.60 24.11
N MET F 327 -7.30 35.37 22.88
CA MET F 327 -7.87 36.44 22.05
C MET F 327 -9.33 36.17 21.72
N VAL F 328 -10.08 35.69 22.71
CA VAL F 328 -11.53 35.65 22.67
C VAL F 328 -12.03 36.47 23.87
N THR F 329 -13.32 36.77 23.88
CA THR F 329 -13.89 37.49 25.02
C THR F 329 -13.96 36.57 26.24
N ASP F 330 -14.15 37.18 27.40
CA ASP F 330 -14.21 36.39 28.63
C ASP F 330 -15.39 35.43 28.63
N ASP F 331 -16.51 35.81 28.00
CA ASP F 331 -17.65 34.91 27.94
C ASP F 331 -17.35 33.71 27.03
N GLU F 332 -16.71 33.97 25.88
CA GLU F 332 -16.28 32.88 25.01
C GLU F 332 -15.30 31.95 25.71
N ARG F 333 -14.35 32.51 26.47
CA ARG F 333 -13.39 31.67 27.17
C ARG F 333 -14.10 30.66 28.06
N ALA F 334 -14.97 31.14 28.96
CA ALA F 334 -15.66 30.24 29.88
C ALA F 334 -16.54 29.24 29.16
N PHE F 335 -17.13 29.63 28.03
CA PHE F 335 -17.89 28.68 27.22
C PHE F 335 -16.99 27.56 26.73
N MET F 336 -15.82 27.91 26.23
CA MET F 336 -14.90 26.91 25.69
C MET F 336 -14.39 25.98 26.78
N TYR F 337 -14.00 26.56 27.94
CA TYR F 337 -13.55 25.75 29.07
C TYR F 337 -14.60 24.73 29.46
N ALA F 338 -15.85 25.18 29.64
CA ALA F 338 -16.92 24.25 29.98
C ALA F 338 -17.07 23.17 28.91
N ALA F 339 -16.95 23.54 27.63
CA ALA F 339 -17.35 22.64 26.54
C ALA F 339 -16.23 21.69 26.17
N TYR F 340 -14.97 22.15 26.25
CA TYR F 340 -13.84 21.41 25.73
C TYR F 340 -12.81 21.04 26.77
N ALA F 341 -12.97 21.50 28.01
CA ALA F 341 -12.09 21.13 29.12
C ALA F 341 -12.93 20.77 30.34
N PRO F 342 -13.65 19.64 30.28
CA PRO F 342 -14.34 19.17 31.49
C PRO F 342 -13.40 18.81 32.63
N ASP F 343 -12.14 18.49 32.33
CA ASP F 343 -11.13 18.14 33.32
C ASP F 343 -10.25 19.38 33.48
N ALA F 344 -10.17 19.90 34.71
CA ALA F 344 -9.48 21.17 34.89
C ALA F 344 -8.05 21.11 34.36
N ARG F 345 -7.41 19.96 34.47
CA ARG F 345 -6.03 19.91 34.01
C ARG F 345 -5.90 19.83 32.48
N MET F 346 -7.00 19.81 31.73
CA MET F 346 -6.89 20.06 30.30
C MET F 346 -6.55 21.52 30.00
N LYS F 347 -6.67 22.43 30.97
CA LYS F 347 -6.38 23.85 30.78
C LYS F 347 -4.89 24.15 30.99
N ILE F 348 -4.31 24.99 30.13
CA ILE F 348 -2.98 25.55 30.38
C ILE F 348 -2.82 26.88 29.66
N ASN F 349 -2.21 27.85 30.35
CA ASN F 349 -1.87 29.18 29.83
C ASN F 349 -2.98 29.80 28.99
N VAL F 350 -4.20 29.82 29.55
CA VAL F 350 -5.39 30.34 28.88
C VAL F 350 -5.66 29.53 27.62
N GLY F 351 -5.72 28.21 27.76
CA GLY F 351 -6.06 27.39 26.62
C GLY F 351 -6.19 25.94 27.00
N ILE F 352 -6.42 25.11 25.99
CA ILE F 352 -6.77 23.71 26.20
C ILE F 352 -5.71 22.85 25.49
N ARG F 353 -5.08 21.96 26.24
CA ARG F 353 -4.00 21.12 25.71
C ARG F 353 -4.52 19.73 25.37
N ARG F 354 -5.24 19.67 24.24
CA ARG F 354 -5.88 18.46 23.78
C ARG F 354 -5.76 18.38 22.27
N ARG F 355 -5.73 17.16 21.74
CA ARG F 355 -5.62 16.98 20.30
C ARG F 355 -7.01 17.10 19.64
N LEU F 356 -6.99 17.20 18.29
CA LEU F 356 -8.20 17.37 17.50
C LEU F 356 -9.23 16.27 17.76
N ALA F 357 -8.82 15.00 17.67
CA ALA F 357 -9.79 13.91 17.76
C ALA F 357 -10.48 13.85 19.12
N PRO F 358 -9.77 13.81 20.25
CA PRO F 358 -10.50 13.81 21.55
C PRO F 358 -11.25 15.10 21.82
N LEU F 359 -10.80 16.25 21.30
CA LEU F 359 -11.59 17.48 21.43
C LEU F 359 -12.99 17.25 20.90
N LEU F 360 -13.11 16.59 19.75
CA LEU F 360 -14.41 16.36 19.12
C LEU F 360 -15.02 15.01 19.48
N ASP F 361 -14.62 14.42 20.62
CA ASP F 361 -15.18 13.15 21.13
C ASP F 361 -14.95 11.99 20.17
N ASN F 362 -13.84 12.04 19.42
CA ASN F 362 -13.47 11.02 18.43
C ASN F 362 -14.55 10.79 17.38
N ASP F 363 -15.48 11.73 17.21
CA ASP F 363 -16.56 11.59 16.23
C ASP F 363 -16.04 11.92 14.83
N ARG F 364 -15.97 10.90 13.97
CA ARG F 364 -15.43 11.12 12.62
C ARG F 364 -16.28 12.12 11.80
N ARG F 365 -17.59 12.19 12.01
CA ARG F 365 -18.41 13.16 11.28
C ARG F 365 -17.99 14.59 11.61
N ARG F 366 -17.70 14.88 12.88
CA ARG F 366 -17.23 16.22 13.25
C ARG F 366 -15.79 16.48 12.82
N ILE F 367 -14.89 15.50 12.93
CA ILE F 367 -13.51 15.71 12.45
C ILE F 367 -13.51 16.06 10.97
N GLU F 368 -14.33 15.37 10.17
CA GLU F 368 -14.42 15.70 8.75
C GLU F 368 -14.96 17.10 8.53
N LEU F 369 -16.11 17.41 9.16
CA LEU F 369 -16.69 18.75 9.06
C LEU F 369 -15.65 19.85 9.26
N LEU F 370 -14.91 19.78 10.37
CA LEU F 370 -13.97 20.85 10.66
C LEU F 370 -12.83 20.87 9.66
N ASN F 371 -12.36 19.70 9.24
CA ASN F 371 -11.36 19.64 8.19
C ASN F 371 -11.87 20.25 6.89
N THR F 372 -13.12 19.96 6.48
CA THR F 372 -13.58 20.50 5.20
C THR F 372 -13.68 22.01 5.27
N VAL F 373 -14.10 22.54 6.41
CA VAL F 373 -14.09 23.99 6.62
C VAL F 373 -12.66 24.52 6.53
N LEU F 374 -11.75 23.97 7.32
CA LEU F 374 -10.32 24.25 7.17
C LEU F 374 -9.87 24.31 5.70
N LEU F 375 -10.29 23.34 4.89
CA LEU F 375 -9.87 23.30 3.50
C LEU F 375 -10.65 24.28 2.60
N ALA F 376 -11.85 24.70 3.01
CA ALA F 376 -12.67 25.56 2.15
C ALA F 376 -12.59 27.05 2.48
N LEU F 377 -12.09 27.42 3.65
CA LEU F 377 -11.95 28.82 3.98
C LEU F 377 -10.74 29.39 3.26
N PRO F 378 -10.71 30.70 3.03
CA PRO F 378 -9.64 31.25 2.19
C PRO F 378 -8.31 31.13 2.91
N GLY F 379 -7.32 30.61 2.22
CA GLY F 379 -6.00 30.52 2.80
C GLY F 379 -5.33 29.25 2.36
N SER F 380 -4.21 28.96 3.00
CA SER F 380 -3.49 27.72 2.78
C SER F 380 -3.53 26.90 4.05
N PRO F 381 -4.03 25.66 4.01
CA PRO F 381 -4.15 24.86 5.23
C PRO F 381 -2.82 24.29 5.71
N VAL F 382 -2.64 24.24 7.03
CA VAL F 382 -1.59 23.43 7.64
C VAL F 382 -2.24 22.35 8.48
N LEU F 383 -1.79 21.12 8.27
CA LEU F 383 -2.23 19.94 9.01
C LEU F 383 -1.20 19.63 10.08
N TYR F 384 -1.66 19.36 11.30
CA TYR F 384 -0.79 18.96 12.41
C TYR F 384 -0.52 17.46 12.30
N TYR F 385 0.75 17.05 12.41
CA TYR F 385 1.06 15.65 12.12
C TYR F 385 0.25 14.74 13.01
N GLY F 386 -0.28 13.68 12.40
CA GLY F 386 -1.04 12.68 13.11
C GLY F 386 -2.53 12.94 13.19
N ASP F 387 -2.98 14.19 12.99
CA ASP F 387 -4.42 14.38 12.90
C ASP F 387 -5.02 13.65 11.71
N GLU F 388 -4.27 13.49 10.62
CA GLU F 388 -4.80 12.77 9.47
C GLU F 388 -5.12 11.30 9.80
N ILE F 389 -4.65 10.77 10.94
CA ILE F 389 -5.06 9.43 11.37
C ILE F 389 -5.89 9.46 12.62
N GLY F 390 -6.12 10.63 13.22
CA GLY F 390 -6.93 10.74 14.40
C GLY F 390 -6.23 10.37 15.69
N MET F 391 -4.99 10.79 15.89
CA MET F 391 -4.31 10.55 17.16
C MET F 391 -4.98 11.30 18.29
N GLY F 392 -4.76 10.80 19.50
CA GLY F 392 -5.17 11.43 20.74
C GLY F 392 -4.00 12.10 21.44
N ASP F 393 -4.16 12.32 22.73
CA ASP F 393 -3.16 13.02 23.51
C ASP F 393 -2.86 12.22 24.78
N ASP F 394 -1.93 12.73 25.60
CA ASP F 394 -1.53 12.10 26.87
C ASP F 394 -1.35 13.17 27.93
N LEU F 395 -2.39 13.37 28.74
CA LEU F 395 -2.33 14.33 29.85
C LEU F 395 -1.40 13.91 30.97
N GLY F 396 -0.81 12.69 30.93
CA GLY F 396 0.23 12.36 31.89
C GLY F 396 1.59 12.96 31.61
N LEU F 397 1.72 13.72 30.52
CA LEU F 397 2.91 14.42 30.10
C LEU F 397 2.80 15.90 30.40
N PRO F 398 3.91 16.50 30.86
CA PRO F 398 3.86 17.88 31.34
C PRO F 398 3.66 18.88 30.21
N ASP F 399 3.36 20.11 30.61
CA ASP F 399 3.27 21.26 29.71
C ASP F 399 2.39 20.88 28.51
N ARG F 400 2.82 21.17 27.27
CA ARG F 400 2.05 20.86 26.08
C ARG F 400 2.51 19.58 25.40
N ASN F 401 3.40 18.83 26.04
CA ASN F 401 3.94 17.61 25.46
C ASN F 401 2.87 16.57 25.16
N GLY F 402 1.73 16.61 25.85
CA GLY F 402 0.71 15.60 25.66
C GLY F 402 0.15 15.54 24.26
N VAL F 403 0.34 16.61 23.47
CA VAL F 403 -0.10 16.60 22.07
C VAL F 403 1.08 16.41 21.13
N ARG F 404 2.23 15.97 21.63
CA ARG F 404 3.43 15.85 20.83
C ARG F 404 3.98 14.42 20.85
N THR F 405 3.12 13.43 21.04
CA THR F 405 3.67 12.08 21.17
C THR F 405 4.06 11.53 19.79
N PRO F 406 4.83 10.44 19.76
CA PRO F 406 5.35 9.97 18.47
C PRO F 406 4.26 9.59 17.46
N MET F 407 4.61 9.79 16.19
CA MET F 407 3.75 9.37 15.10
C MET F 407 3.46 7.88 15.16
N GLN F 408 2.25 7.50 14.77
CA GLN F 408 1.82 6.12 14.94
C GLN F 408 1.74 5.49 13.54
N TRP F 409 2.79 4.77 13.18
CA TRP F 409 2.91 4.20 11.84
C TRP F 409 2.28 2.82 11.73
N ASN F 410 2.44 1.96 12.72
CA ASN F 410 1.89 0.62 12.65
C ASN F 410 1.68 0.11 14.07
N ALA F 411 1.20 -1.13 14.19
CA ALA F 411 0.91 -1.68 15.49
C ALA F 411 2.11 -2.40 16.11
N GLY F 412 3.27 -2.34 15.46
CA GLY F 412 4.49 -2.96 15.95
C GLY F 412 5.12 -2.23 17.12
N THR F 413 6.42 -2.45 17.36
CA THR F 413 7.08 -1.87 18.51
C THR F 413 7.01 -0.34 18.49
N SER F 414 6.50 0.23 19.58
CA SER F 414 6.36 1.69 19.73
C SER F 414 5.58 2.29 18.55
N GLY F 415 4.64 1.54 17.99
CA GLY F 415 3.86 2.08 16.92
C GLY F 415 4.64 2.29 15.66
N GLY F 416 5.75 1.59 15.49
CA GLY F 416 6.59 1.83 14.34
C GLY F 416 7.40 3.10 14.41
N PHE F 417 7.28 3.87 15.49
CA PHE F 417 8.14 5.04 15.65
C PHE F 417 9.61 4.63 15.78
N SER F 418 9.85 3.54 16.53
CA SER F 418 11.20 3.19 16.95
C SER F 418 11.27 1.70 17.25
N THR F 419 12.50 1.16 17.20
CA THR F 419 12.77 -0.19 17.68
C THR F 419 12.95 -0.23 19.19
N ALA F 420 13.12 0.93 19.83
CA ALA F 420 13.16 1.03 21.27
C ALA F 420 11.76 0.88 21.87
N GLN F 421 11.69 0.26 23.04
CA GLN F 421 10.44 0.09 23.76
C GLN F 421 9.79 1.44 24.06
N PRO F 422 8.47 1.46 24.29
CA PRO F 422 7.78 2.75 24.44
C PRO F 422 8.34 3.63 25.55
N SER F 423 8.76 3.04 26.68
CA SER F 423 9.24 3.83 27.82
C SER F 423 10.64 4.41 27.62
N ASP F 424 11.35 4.00 26.55
CA ASP F 424 12.61 4.61 26.18
C ASP F 424 12.49 5.64 25.06
N CYS F 425 11.29 5.87 24.54
CA CYS F 425 11.13 6.89 23.52
C CYS F 425 11.12 8.27 24.16
N PHE F 426 11.56 9.26 23.39
CA PHE F 426 11.69 10.63 23.91
C PHE F 426 10.44 11.06 24.64
N PHE F 427 9.28 10.91 23.99
CA PHE F 427 7.98 10.90 24.62
C PHE F 427 7.37 9.51 24.41
N PRO F 428 6.52 9.05 25.30
CA PRO F 428 5.95 7.70 25.13
C PRO F 428 4.84 7.69 24.10
N PRO F 429 4.82 6.69 23.22
CA PRO F 429 3.70 6.58 22.26
C PRO F 429 2.42 6.25 22.99
N ILE F 430 1.30 6.69 22.42
CA ILE F 430 0.00 6.48 23.07
C ILE F 430 -0.42 5.03 22.92
N GLN F 431 -0.92 4.44 24.03
CA GLN F 431 -1.26 3.02 24.08
C GLN F 431 -2.65 2.70 24.65
N ASP F 432 -3.48 3.70 24.94
CA ASP F 432 -4.78 3.45 25.56
C ASP F 432 -5.71 2.74 24.59
N PRO F 433 -6.88 2.29 25.05
CA PRO F 433 -7.74 1.48 24.19
C PRO F 433 -8.33 2.21 22.98
N VAL F 434 -8.50 3.51 23.07
CA VAL F 434 -9.18 4.25 22.00
C VAL F 434 -8.22 4.83 20.99
N TYR F 435 -7.13 5.44 21.46
CA TYR F 435 -6.21 6.16 20.61
C TYR F 435 -4.85 5.48 20.49
N GLY F 436 -4.62 4.41 21.22
CA GLY F 436 -3.34 3.73 21.15
C GLY F 436 -3.00 3.28 19.74
N PHE F 437 -1.74 2.91 19.55
CA PHE F 437 -1.32 2.58 18.19
C PHE F 437 -1.81 1.22 17.74
N GLY F 438 -2.28 0.36 18.65
CA GLY F 438 -2.94 -0.87 18.20
C GLY F 438 -4.22 -0.59 17.42
N ARG F 439 -4.86 0.55 17.69
CA ARG F 439 -6.10 0.97 17.05
C ARG F 439 -5.91 2.04 15.97
N VAL F 440 -4.97 2.95 16.18
CA VAL F 440 -4.79 4.14 15.38
C VAL F 440 -3.36 4.10 14.84
N ASN F 441 -3.22 3.83 13.56
CA ASN F 441 -1.88 3.81 12.98
C ASN F 441 -2.01 3.87 11.47
N VAL F 442 -0.93 4.32 10.84
CA VAL F 442 -0.95 4.58 9.41
C VAL F 442 -1.19 3.29 8.62
N GLN F 443 -0.54 2.20 9.02
CA GLN F 443 -0.57 0.99 8.20
C GLN F 443 -1.99 0.45 8.10
N SER F 444 -2.69 0.39 9.22
CA SER F 444 -4.08 -0.04 9.19
C SER F 444 -4.93 0.92 8.36
N GLN F 445 -4.63 2.21 8.40
CA GLN F 445 -5.43 3.14 7.63
C GLN F 445 -5.08 3.13 6.14
N LEU F 446 -3.86 2.74 5.76
CA LEU F 446 -3.57 2.54 4.35
C LEU F 446 -4.28 1.33 3.79
N GLN F 447 -4.54 0.31 4.62
CA GLN F 447 -5.23 -0.89 4.16
C GLN F 447 -6.74 -0.79 4.26
N ASP F 448 -7.25 0.17 5.00
CA ASP F 448 -8.67 0.29 5.28
C ASP F 448 -9.24 1.27 4.26
N PRO F 449 -10.09 0.83 3.34
CA PRO F 449 -10.47 1.70 2.22
C PRO F 449 -11.27 2.93 2.63
N SER F 450 -11.79 2.99 3.85
CA SER F 450 -12.62 4.11 4.25
C SER F 450 -12.00 4.85 5.43
N SER F 451 -10.66 4.81 5.52
CA SER F 451 -10.00 5.37 6.67
C SER F 451 -10.05 6.90 6.64
N LEU F 452 -9.89 7.47 7.83
CA LEU F 452 -9.71 8.91 7.93
C LEU F 452 -8.48 9.36 7.13
N LEU F 453 -7.40 8.58 7.14
CA LEU F 453 -6.25 8.93 6.33
C LEU F 453 -6.61 8.98 4.85
N LYS F 454 -7.47 8.06 4.42
CA LYS F 454 -7.79 8.03 3.01
C LYS F 454 -8.76 9.14 2.66
N TRP F 455 -9.73 9.40 3.53
CA TRP F 455 -10.60 10.55 3.37
C TRP F 455 -9.79 11.84 3.27
N THR F 456 -8.80 11.98 4.13
CA THR F 456 -8.01 13.20 4.15
C THR F 456 -7.28 13.40 2.84
N ALA F 457 -6.70 12.32 2.28
CA ALA F 457 -6.03 12.42 1.00
C ALA F 457 -7.01 12.68 -0.13
N ARG F 458 -8.14 11.98 -0.14
CA ARG F 458 -9.13 12.23 -1.18
C ARG F 458 -9.69 13.64 -1.08
N GLN F 459 -9.86 14.17 0.13
CA GLN F 459 -10.40 15.52 0.26
C GLN F 459 -9.41 16.58 -0.27
N LEU F 460 -8.11 16.43 0.04
CA LEU F 460 -7.11 17.38 -0.48
C LEU F 460 -6.98 17.29 -2.00
N GLU F 461 -7.22 16.12 -2.56
CA GLU F 461 -7.28 15.98 -4.01
C GLU F 461 -8.44 16.82 -4.56
N LEU F 462 -9.59 16.76 -3.90
CA LEU F 462 -10.76 17.53 -4.32
C LEU F 462 -10.46 19.02 -4.27
N ARG F 463 -9.84 19.50 -3.20
CA ARG F 463 -9.46 20.91 -3.10
C ARG F 463 -8.52 21.31 -4.21
N ARG F 464 -7.46 20.52 -4.40
CA ARG F 464 -6.45 20.77 -5.43
C ARG F 464 -7.04 20.86 -6.84
N ALA F 465 -8.17 20.22 -7.07
CA ALA F 465 -8.76 20.26 -8.40
C ALA F 465 -9.61 21.52 -8.62
N HIS F 466 -9.71 22.40 -7.62
CA HIS F 466 -10.47 23.64 -7.75
C HIS F 466 -9.66 24.79 -7.15
N PRO F 467 -8.93 25.53 -7.99
CA PRO F 467 -8.05 26.60 -7.48
C PRO F 467 -8.79 27.69 -6.72
N ALA F 468 -10.11 27.79 -6.88
CA ALA F 468 -10.83 28.80 -6.14
C ALA F 468 -10.69 28.59 -4.64
N PHE F 469 -10.38 27.37 -4.19
CA PHE F 469 -10.17 27.15 -2.76
C PHE F 469 -8.95 27.89 -2.25
N ALA F 470 -7.85 27.86 -3.01
CA ALA F 470 -6.62 28.50 -2.56
C ALA F 470 -6.54 29.97 -2.90
N HIS F 471 -7.26 30.43 -3.93
CA HIS F 471 -7.07 31.78 -4.46
C HIS F 471 -8.34 32.61 -4.56
N GLY F 472 -9.53 32.03 -4.36
CA GLY F 472 -10.76 32.74 -4.60
C GLY F 472 -11.14 33.67 -3.47
N ASP F 473 -12.06 34.58 -3.77
CA ASP F 473 -12.60 35.45 -2.74
C ASP F 473 -13.54 34.63 -1.86
N LEU F 474 -14.12 35.28 -0.84
CA LEU F 474 -15.10 34.67 0.04
C LEU F 474 -16.30 35.59 0.19
N THR F 475 -17.50 35.05 0.00
CA THR F 475 -18.72 35.76 0.33
C THR F 475 -19.63 34.84 1.13
N PHE F 476 -20.01 35.28 2.33
CA PHE F 476 -21.00 34.53 3.10
C PHE F 476 -22.39 34.77 2.52
N ILE F 477 -23.29 33.79 2.69
CA ILE F 477 -24.69 33.94 2.29
C ILE F 477 -25.59 33.51 3.45
N GLU F 478 -26.88 33.84 3.35
CA GLU F 478 -27.66 34.08 4.57
C GLU F 478 -28.11 32.79 5.28
N THR F 479 -28.68 31.83 4.56
CA THR F 479 -29.11 30.52 5.09
C THR F 479 -30.35 30.51 5.98
N GLY F 480 -30.62 31.57 6.74
CA GLY F 480 -31.83 31.54 7.56
C GLY F 480 -31.81 30.59 8.75
N ASN F 481 -30.67 29.97 9.07
CA ASN F 481 -30.51 29.05 10.20
C ASN F 481 -29.08 29.19 10.68
N PRO F 482 -28.87 29.61 11.93
CA PRO F 482 -27.47 29.90 12.35
C PRO F 482 -26.60 28.65 12.42
N ALA F 483 -27.20 27.46 12.47
CA ALA F 483 -26.36 26.27 12.52
C ALA F 483 -25.73 25.97 11.18
N ILE F 484 -26.29 26.50 10.08
CA ILE F 484 -25.79 26.25 8.74
C ILE F 484 -24.93 27.42 8.29
N LEU F 485 -23.66 27.16 8.03
CA LEU F 485 -22.73 28.13 7.46
C LEU F 485 -22.63 27.95 5.95
N ALA F 486 -22.76 29.04 5.19
CA ALA F 486 -22.64 28.94 3.75
C ALA F 486 -21.85 30.10 3.18
N PHE F 487 -20.99 29.80 2.21
CA PHE F 487 -20.27 30.86 1.52
C PHE F 487 -19.98 30.41 0.10
N THR F 488 -19.63 31.37 -0.73
CA THR F 488 -19.09 31.08 -2.04
C THR F 488 -17.63 31.46 -2.10
N ARG F 489 -16.93 30.84 -3.05
CA ARG F 489 -15.54 31.19 -3.38
C ARG F 489 -15.50 31.44 -4.86
N GLN F 490 -14.98 32.60 -5.26
CA GLN F 490 -14.98 32.98 -6.66
C GLN F 490 -13.56 33.25 -7.14
N TYR F 491 -13.15 32.55 -8.19
CA TYR F 491 -11.83 32.80 -8.77
C TYR F 491 -11.84 32.33 -10.21
N ASP F 492 -11.21 33.12 -11.08
CA ASP F 492 -11.14 32.81 -12.51
C ASP F 492 -12.60 32.63 -12.95
N GLY F 493 -12.92 31.60 -13.72
CA GLY F 493 -14.32 31.52 -14.10
C GLY F 493 -15.21 30.75 -13.14
N GLU F 494 -14.69 30.29 -12.01
CA GLU F 494 -15.39 29.33 -11.19
C GLU F 494 -16.04 29.99 -9.96
N THR F 495 -17.16 29.42 -9.54
CA THR F 495 -17.81 29.75 -8.28
C THR F 495 -18.12 28.46 -7.53
N LEU F 496 -17.57 28.34 -6.34
CA LEU F 496 -17.85 27.24 -5.43
C LEU F 496 -18.92 27.70 -4.46
N LEU F 497 -19.84 26.80 -4.10
CA LEU F 497 -20.81 27.02 -3.04
C LEU F 497 -20.63 25.91 -2.02
N ILE F 498 -20.25 26.29 -0.81
CA ILE F 498 -19.99 25.30 0.22
C ILE F 498 -20.88 25.59 1.42
N VAL F 499 -21.58 24.56 1.87
CA VAL F 499 -22.64 24.64 2.86
C VAL F 499 -22.34 23.62 3.93
N SER F 500 -22.34 24.06 5.19
CA SER F 500 -21.85 23.26 6.30
C SER F 500 -22.84 23.33 7.46
N ASN F 501 -23.26 22.16 7.95
CA ASN F 501 -24.14 22.06 9.10
C ASN F 501 -23.30 21.81 10.35
N PHE F 502 -23.41 22.71 11.34
CA PHE F 502 -22.63 22.59 12.57
C PHE F 502 -23.39 21.93 13.71
N ALA F 503 -24.62 21.50 13.47
CA ALA F 503 -25.44 20.82 14.46
C ALA F 503 -25.31 19.30 14.32
N GLY F 504 -25.63 18.62 15.42
CA GLY F 504 -25.62 17.19 15.56
C GLY F 504 -26.90 16.50 15.15
N ASN F 505 -27.84 17.21 14.54
CA ASN F 505 -29.03 16.60 13.97
C ASN F 505 -29.41 17.38 12.74
N ALA F 506 -30.45 16.93 12.02
CA ALA F 506 -30.80 17.53 10.73
C ALA F 506 -31.23 18.98 10.90
N GLN F 507 -30.91 19.80 9.88
CA GLN F 507 -31.21 21.22 9.91
C GLN F 507 -31.79 21.62 8.57
N ALA F 508 -32.74 22.54 8.61
CA ALA F 508 -33.34 23.09 7.41
C ALA F 508 -32.81 24.50 7.23
N GLY F 509 -32.69 24.93 5.97
CA GLY F 509 -32.20 26.26 5.69
C GLY F 509 -32.82 26.83 4.43
N LEU F 510 -32.66 28.14 4.28
CA LEU F 510 -33.11 28.85 3.09
C LEU F 510 -31.93 29.71 2.64
N LEU F 511 -31.27 29.28 1.58
CA LEU F 511 -30.06 29.97 1.12
C LEU F 511 -30.43 31.16 0.25
N ASP F 512 -29.76 32.29 0.46
CA ASP F 512 -29.97 33.45 -0.43
C ASP F 512 -29.05 33.30 -1.62
N LEU F 513 -29.58 32.75 -2.70
CA LEU F 513 -28.83 32.62 -3.95
C LEU F 513 -29.45 33.50 -5.04
N ALA F 514 -29.91 34.68 -4.65
CA ALA F 514 -30.45 35.64 -5.61
C ALA F 514 -29.49 35.93 -6.76
N PRO F 515 -28.19 36.25 -6.52
CA PRO F 515 -27.30 36.56 -7.67
C PRO F 515 -27.11 35.41 -8.65
N PHE F 516 -27.72 34.24 -8.40
CA PHE F 516 -27.43 33.05 -9.17
C PHE F 516 -28.67 32.42 -9.78
N VAL F 517 -29.77 33.15 -9.83
CA VAL F 517 -30.98 32.63 -10.45
C VAL F 517 -30.64 32.16 -11.86
N GLY F 518 -31.13 30.96 -12.20
CA GLY F 518 -30.88 30.36 -13.49
C GLY F 518 -29.70 29.40 -13.54
N ARG F 519 -29.01 29.18 -12.42
CA ARG F 519 -27.81 28.35 -12.41
C ARG F 519 -28.02 27.15 -11.51
N ALA F 520 -27.49 26.03 -11.91
CA ALA F 520 -27.65 24.81 -11.13
C ALA F 520 -26.42 24.59 -10.26
N PRO F 521 -26.58 24.36 -8.95
CA PRO F 521 -25.46 23.85 -8.16
C PRO F 521 -25.24 22.38 -8.46
N VAL F 522 -23.98 21.99 -8.61
CA VAL F 522 -23.66 20.61 -8.94
C VAL F 522 -22.59 20.14 -7.98
N THR F 523 -22.70 18.88 -7.58
CA THR F 523 -21.76 18.33 -6.62
C THR F 523 -20.36 18.27 -7.23
N LEU F 524 -19.36 18.71 -6.45
CA LEU F 524 -17.97 18.61 -6.88
C LEU F 524 -17.50 17.19 -7.04
N SER F 525 -18.11 16.24 -6.33
CA SER F 525 -17.72 14.85 -6.38
C SER F 525 -18.86 14.09 -7.06
N GLY F 526 -18.62 13.62 -8.28
CA GLY F 526 -19.60 12.81 -8.96
C GLY F 526 -20.63 13.56 -9.76
N ALA F 527 -20.54 14.90 -9.83
CA ALA F 527 -21.32 15.71 -10.76
C ALA F 527 -22.82 15.38 -10.77
N SER F 528 -23.37 15.13 -9.59
CA SER F 528 -24.82 15.07 -9.46
C SER F 528 -25.35 16.50 -9.34
N PRO F 529 -26.19 16.95 -10.25
CA PRO F 529 -26.72 18.31 -10.13
C PRO F 529 -27.96 18.38 -9.24
N LEU F 530 -28.07 19.51 -8.58
CA LEU F 530 -29.20 19.92 -7.77
C LEU F 530 -30.11 20.84 -8.60
N PRO F 531 -31.34 21.10 -8.14
CA PRO F 531 -32.27 21.87 -8.99
C PRO F 531 -31.74 23.27 -9.26
N VAL F 532 -32.12 23.81 -10.42
CA VAL F 532 -31.68 25.13 -10.81
C VAL F 532 -32.28 26.18 -9.88
N VAL F 533 -31.54 27.25 -9.64
CA VAL F 533 -32.02 28.34 -8.79
C VAL F 533 -33.02 29.18 -9.59
N THR F 534 -34.22 29.39 -9.05
CA THR F 534 -35.32 30.04 -9.76
C THR F 534 -35.99 31.08 -8.88
N GLY F 535 -36.83 31.90 -9.51
CA GLY F 535 -37.67 32.83 -8.77
C GLY F 535 -36.86 33.90 -8.07
N ASN F 536 -37.14 34.10 -6.78
CA ASN F 536 -36.42 35.08 -5.98
C ASN F 536 -35.04 34.57 -5.55
N GLY F 537 -34.73 33.30 -5.77
CA GLY F 537 -33.44 32.78 -5.43
C GLY F 537 -33.29 32.29 -4.01
N GLN F 538 -34.38 32.20 -3.25
CA GLN F 538 -34.35 31.58 -1.92
C GLN F 538 -34.45 30.07 -2.08
N TYR F 539 -33.40 29.37 -1.70
CA TYR F 539 -33.18 27.99 -2.11
C TYR F 539 -33.27 27.08 -0.90
N PRO F 540 -34.32 26.28 -0.77
CA PRO F 540 -34.46 25.51 0.46
C PRO F 540 -33.47 24.35 0.47
N VAL F 541 -32.88 24.10 1.64
CA VAL F 541 -32.01 22.95 1.83
C VAL F 541 -32.38 22.27 3.14
N VAL F 542 -32.14 20.96 3.17
CA VAL F 542 -32.10 20.19 4.40
C VAL F 542 -30.72 19.56 4.43
N MET F 543 -30.16 19.42 5.63
CA MET F 543 -28.84 18.81 5.81
C MET F 543 -28.84 17.92 7.05
N GLY F 544 -28.18 16.75 6.92
CA GLY F 544 -28.00 15.88 8.05
C GLY F 544 -26.92 16.37 9.00
N LYS F 545 -26.82 15.70 10.14
CA LYS F 545 -25.88 16.10 11.17
C LYS F 545 -24.47 16.25 10.59
N TYR F 546 -23.89 17.44 10.80
CA TYR F 546 -22.49 17.74 10.45
C TYR F 546 -22.20 17.58 8.97
N ASP F 547 -23.21 17.73 8.11
CA ASP F 547 -23.05 17.55 6.67
C ASP F 547 -22.20 18.66 6.06
N TYR F 548 -21.54 18.34 4.93
CA TYR F 548 -20.83 19.34 4.14
C TYR F 548 -21.13 19.11 2.67
N TYR F 549 -21.69 20.14 2.03
CA TYR F 549 -22.00 20.14 0.61
C TYR F 549 -20.94 20.97 -0.06
N TRP F 550 -20.03 20.32 -0.78
CA TRP F 550 -19.07 21.02 -1.63
C TRP F 550 -19.66 21.11 -3.03
N LEU F 551 -20.10 22.31 -3.41
CA LEU F 551 -20.80 22.50 -4.66
C LEU F 551 -20.08 23.48 -5.57
N ARG F 552 -20.49 23.45 -6.82
CA ARG F 552 -20.13 24.42 -7.82
C ARG F 552 -21.44 24.98 -8.39
N LEU F 553 -21.48 26.27 -8.67
CA LEU F 553 -22.61 26.84 -9.42
C LEU F 553 -22.18 26.98 -10.87
N ASN F 554 -22.95 26.39 -11.78
CA ASN F 554 -22.50 26.37 -13.17
C ASN F 554 -22.88 27.66 -13.90
N SER F 555 -22.50 27.72 -15.18
CA SER F 555 -22.91 28.80 -16.07
C SER F 555 -23.92 28.30 -17.11
N PRO G 8 4.65 -31.42 12.63
CA PRO G 8 5.80 -31.26 11.72
C PRO G 8 6.73 -30.10 12.15
N GLU G 9 8.04 -30.25 11.99
CA GLU G 9 8.98 -29.23 12.41
C GLU G 9 8.88 -28.00 11.50
N TRP G 10 9.23 -26.84 12.08
CA TRP G 10 8.83 -25.59 11.41
C TRP G 10 9.43 -25.50 10.03
N TYR G 11 10.67 -25.98 9.87
CA TYR G 11 11.36 -25.80 8.61
C TYR G 11 10.70 -26.56 7.45
N LYS G 12 9.76 -27.47 7.74
CA LYS G 12 9.14 -28.25 6.68
C LYS G 12 8.03 -27.49 5.96
N SER G 13 7.42 -26.49 6.60
CA SER G 13 6.37 -25.73 5.96
C SER G 13 6.73 -24.26 5.83
N ALA G 14 8.00 -23.92 6.01
CA ALA G 14 8.43 -22.55 5.88
C ALA G 14 8.79 -22.21 4.44
N VAL G 15 8.65 -20.92 4.12
CA VAL G 15 9.13 -20.34 2.89
C VAL G 15 10.35 -19.53 3.24
N PHE G 16 11.48 -19.85 2.60
CA PHE G 16 12.74 -19.18 2.84
C PHE G 16 12.93 -18.04 1.84
N TYR G 17 13.71 -17.06 2.27
CA TYR G 17 14.03 -15.86 1.51
C TYR G 17 15.49 -15.54 1.75
N GLU G 18 16.29 -15.58 0.68
CA GLU G 18 17.73 -15.35 0.76
C GLU G 18 18.05 -13.90 0.45
N LEU G 19 18.77 -13.22 1.34
CA LEU G 19 19.12 -11.84 1.10
C LEU G 19 20.51 -11.57 1.69
N SER G 20 21.14 -10.51 1.22
CA SER G 20 22.44 -10.06 1.73
C SER G 20 22.23 -8.73 2.46
N VAL G 21 22.65 -8.67 3.73
CA VAL G 21 22.37 -7.48 4.52
C VAL G 21 22.98 -6.23 3.88
N ARG G 22 24.14 -6.37 3.20
CA ARG G 22 24.85 -5.21 2.66
C ARG G 22 24.12 -4.61 1.47
N THR G 23 23.33 -5.40 0.73
CA THR G 23 22.66 -4.92 -0.46
C THR G 23 21.14 -4.89 -0.34
N PHE G 24 20.59 -4.99 0.87
CA PHE G 24 19.13 -5.00 0.97
C PHE G 24 18.55 -3.62 1.24
N GLN G 25 18.95 -2.98 2.34
CA GLN G 25 18.44 -1.64 2.67
C GLN G 25 19.47 -0.88 3.50
N ASP G 26 20.02 0.20 2.95
CA ASP G 26 20.89 1.11 3.71
C ASP G 26 20.02 1.97 4.63
N GLY G 27 20.25 1.88 5.94
CA GLY G 27 19.53 2.71 6.89
C GLY G 27 20.13 4.08 7.15
N ASN G 28 21.44 4.27 6.98
CA ASN G 28 22.07 5.51 7.41
C ASN G 28 22.69 6.33 6.29
N GLY G 29 22.56 5.93 5.04
CA GLY G 29 23.02 6.77 3.94
C GLY G 29 24.46 6.58 3.51
N ASP G 30 25.20 5.62 4.10
CA ASP G 30 26.61 5.41 3.79
C ASP G 30 26.85 4.52 2.55
N GLY G 31 25.80 3.97 1.95
CA GLY G 31 25.92 3.17 0.74
C GLY G 31 25.98 1.67 0.97
N LYS G 32 25.88 1.24 2.21
CA LYS G 32 25.93 -0.17 2.60
C LYS G 32 24.66 -0.51 3.35
N GLY G 33 23.99 -1.58 2.94
CA GLY G 33 22.86 -2.06 3.72
C GLY G 33 23.31 -2.44 5.11
N ASP G 34 22.39 -2.29 6.07
CA ASP G 34 22.72 -2.51 7.47
C ASP G 34 21.53 -3.15 8.14
N PHE G 35 21.73 -3.61 9.38
CA PHE G 35 20.68 -4.28 10.14
C PHE G 35 19.53 -3.37 10.52
N PRO G 36 19.74 -2.09 10.86
CA PRO G 36 18.56 -1.22 11.09
C PRO G 36 17.69 -1.05 9.84
N GLY G 37 18.33 -0.95 8.67
CA GLY G 37 17.59 -0.83 7.43
C GLY G 37 16.87 -2.11 7.07
N LEU G 38 17.51 -3.25 7.31
CA LEU G 38 16.84 -4.51 7.07
C LEU G 38 15.62 -4.65 7.97
N THR G 39 15.74 -4.18 9.22
CA THR G 39 14.63 -4.21 10.16
C THR G 39 13.42 -3.44 9.66
N SER G 40 13.64 -2.34 8.92
CA SER G 40 12.47 -1.60 8.47
C SER G 40 11.74 -2.31 7.34
N ARG G 41 12.35 -3.31 6.73
CA ARG G 41 11.73 -4.04 5.64
C ARG G 41 11.12 -5.37 6.07
N LEU G 42 11.09 -5.67 7.36
CA LEU G 42 10.55 -6.96 7.79
C LEU G 42 9.06 -7.09 7.49
N ASP G 43 8.28 -6.01 7.62
CA ASP G 43 6.85 -6.08 7.27
C ASP G 43 6.66 -6.49 5.81
N TYR G 44 7.53 -6.00 4.94
CA TYR G 44 7.43 -6.34 3.52
C TYR G 44 7.60 -7.84 3.32
N LEU G 45 8.57 -8.42 3.98
CA LEU G 45 8.82 -9.84 3.77
C LEU G 45 7.68 -10.65 4.34
N LYS G 46 7.20 -10.26 5.52
CA LYS G 46 6.04 -10.91 6.12
C LYS G 46 4.86 -10.94 5.16
N ASN G 47 4.46 -9.77 4.63
CA ASN G 47 3.32 -9.76 3.72
C ASN G 47 3.61 -10.55 2.45
N LEU G 48 4.87 -10.60 2.02
CA LEU G 48 5.16 -11.37 0.83
C LEU G 48 4.77 -12.84 1.00
N GLY G 49 4.82 -13.34 2.23
CA GLY G 49 4.57 -14.72 2.52
C GLY G 49 5.81 -15.54 2.94
N VAL G 50 6.92 -14.91 3.29
CA VAL G 50 8.10 -15.65 3.72
C VAL G 50 8.02 -15.93 5.21
N ASP G 51 8.70 -16.99 5.64
CA ASP G 51 8.77 -17.38 7.04
C ASP G 51 10.16 -17.33 7.61
N CYS G 52 11.17 -17.53 6.78
CA CYS G 52 12.51 -17.64 7.29
C CYS G 52 13.42 -16.81 6.40
N LEU G 53 14.13 -15.90 7.03
CA LEU G 53 15.18 -15.13 6.38
C LEU G 53 16.47 -15.92 6.43
N TRP G 54 17.14 -16.05 5.30
CA TRP G 54 18.49 -16.58 5.32
C TRP G 54 19.42 -15.46 4.90
N LEU G 55 20.34 -15.11 5.78
CA LEU G 55 21.23 -13.97 5.62
C LEU G 55 22.62 -14.45 5.22
N LEU G 56 23.14 -13.93 4.11
CA LEU G 56 24.52 -14.19 3.72
C LEU G 56 25.48 -13.72 4.83
N PRO G 57 26.73 -14.19 4.81
CA PRO G 57 27.62 -13.95 5.96
C PRO G 57 27.66 -12.49 6.37
N TRP G 58 27.44 -12.24 7.66
CA TRP G 58 27.41 -10.89 8.19
C TRP G 58 28.62 -10.56 9.04
N PHE G 59 29.71 -11.34 8.93
CA PHE G 59 30.85 -11.23 9.83
C PHE G 59 31.93 -10.26 9.35
N PRO G 60 32.80 -9.81 10.26
CA PRO G 60 33.98 -9.05 9.84
C PRO G 60 34.78 -9.82 8.79
N SER G 61 35.34 -9.09 7.83
CA SER G 61 35.93 -9.71 6.64
C SER G 61 36.46 -8.60 5.75
N PRO G 62 37.55 -8.84 5.00
CA PRO G 62 37.96 -7.87 3.97
C PRO G 62 37.17 -7.97 2.68
N LEU G 63 36.33 -9.01 2.53
CA LEU G 63 35.30 -9.11 1.50
C LEU G 63 35.90 -9.44 0.13
N ARG G 64 37.04 -10.14 0.12
CA ARG G 64 37.57 -10.59 -1.15
C ARG G 64 36.62 -11.58 -1.81
N ASP G 65 35.92 -12.38 -1.02
CA ASP G 65 34.84 -13.23 -1.51
C ASP G 65 33.50 -12.81 -0.91
N ASP G 66 33.26 -11.49 -0.87
CA ASP G 66 31.97 -10.91 -0.46
C ASP G 66 31.47 -11.44 0.89
N GLY G 67 32.39 -11.81 1.77
CA GLY G 67 32.06 -12.10 3.15
C GLY G 67 32.19 -13.55 3.52
N TYR G 68 32.30 -14.45 2.54
CA TYR G 68 32.56 -15.86 2.79
C TYR G 68 34.01 -16.12 3.20
N ASP G 69 34.82 -15.07 3.35
CA ASP G 69 36.17 -15.11 3.91
C ASP G 69 36.11 -14.39 5.26
N VAL G 70 35.77 -15.14 6.32
CA VAL G 70 35.45 -14.53 7.61
C VAL G 70 36.71 -14.35 8.44
N ALA G 71 36.87 -13.14 9.01
CA ALA G 71 37.98 -12.81 9.88
C ALA G 71 37.62 -12.83 11.36
N ASP G 72 36.34 -12.99 11.69
CA ASP G 72 35.92 -13.01 13.10
C ASP G 72 34.51 -13.62 13.16
N TYR G 73 34.43 -14.87 13.62
CA TYR G 73 33.18 -15.61 13.65
C TYR G 73 32.19 -15.09 14.67
N ARG G 74 32.55 -14.13 15.53
CA ARG G 74 31.69 -13.76 16.65
C ARG G 74 31.41 -12.27 16.70
N GLY G 75 31.54 -11.56 15.59
CA GLY G 75 31.14 -10.16 15.50
C GLY G 75 30.25 -9.92 14.30
N ILE G 76 29.85 -8.67 14.14
CA ILE G 76 29.17 -8.27 12.92
C ILE G 76 30.05 -7.25 12.21
N HIS G 77 30.07 -7.33 10.88
CA HIS G 77 30.93 -6.49 10.08
C HIS G 77 30.56 -5.03 10.28
N PRO G 78 31.54 -4.14 10.50
CA PRO G 78 31.17 -2.74 10.84
C PRO G 78 30.26 -2.07 9.80
N ASP G 79 30.32 -2.49 8.52
CA ASP G 79 29.40 -1.98 7.51
C ASP G 79 27.93 -2.19 7.88
N LEU G 80 27.62 -3.27 8.58
CA LEU G 80 26.26 -3.73 8.76
C LEU G 80 25.63 -3.28 10.07
N GLY G 81 26.40 -2.61 10.94
CA GLY G 81 25.92 -2.12 12.21
C GLY G 81 26.71 -2.72 13.37
N THR G 82 26.02 -2.90 14.49
CA THR G 82 26.60 -3.50 15.69
C THR G 82 25.86 -4.77 16.08
N LEU G 83 26.44 -5.48 17.05
CA LEU G 83 25.77 -6.64 17.67
C LEU G 83 24.46 -6.23 18.31
N ASP G 84 24.40 -5.02 18.85
CA ASP G 84 23.14 -4.49 19.38
C ASP G 84 22.11 -4.33 18.26
N ASP G 85 22.51 -3.76 17.12
CA ASP G 85 21.63 -3.67 15.95
C ASP G 85 21.17 -5.06 15.50
N PHE G 86 22.06 -6.05 15.53
CA PHE G 86 21.69 -7.41 15.17
C PHE G 86 20.66 -7.98 16.15
N LYS G 87 20.89 -7.79 17.46
CA LYS G 87 19.97 -8.32 18.46
C LYS G 87 18.59 -7.71 18.32
N VAL G 88 18.51 -6.41 17.98
CA VAL G 88 17.22 -5.74 17.79
C VAL G 88 16.53 -6.29 16.56
N PHE G 89 17.30 -6.52 15.49
CA PHE G 89 16.74 -7.11 14.28
C PHE G 89 16.15 -8.49 14.58
N LEU G 90 16.92 -9.36 15.24
CA LEU G 90 16.43 -10.68 15.60
C LEU G 90 15.18 -10.60 16.46
N ARG G 91 15.20 -9.71 17.46
CA ARG G 91 14.02 -9.55 18.29
C ARG G 91 12.82 -9.13 17.45
N GLU G 92 13.03 -8.22 16.49
CA GLU G 92 11.90 -7.75 15.68
C GLU G 92 11.43 -8.82 14.72
N ALA G 93 12.36 -9.61 14.19
CA ALA G 93 11.99 -10.67 13.27
C ALA G 93 11.12 -11.71 13.97
N HIS G 94 11.51 -12.10 15.19
CA HIS G 94 10.72 -13.04 15.98
C HIS G 94 9.39 -12.42 16.40
N ALA G 95 9.36 -11.14 16.75
CA ALA G 95 8.08 -10.51 17.07
C ALA G 95 7.09 -10.66 15.93
N ARG G 96 7.56 -10.80 14.70
CA ARG G 96 6.69 -10.96 13.55
C ARG G 96 6.50 -12.42 13.16
N GLY G 97 6.98 -13.37 13.96
CA GLY G 97 6.83 -14.76 13.61
C GLY G 97 7.77 -15.22 12.53
N LEU G 98 8.82 -14.45 12.21
CA LEU G 98 9.81 -14.89 11.25
C LEU G 98 10.95 -15.62 11.95
N TRP G 99 11.42 -16.68 11.31
CA TRP G 99 12.65 -17.34 11.70
C TRP G 99 13.80 -16.71 10.91
N VAL G 100 15.03 -16.84 11.42
CA VAL G 100 16.18 -16.37 10.66
C VAL G 100 17.37 -17.28 10.92
N ILE G 101 18.00 -17.72 9.85
CA ILE G 101 19.18 -18.55 9.91
C ILE G 101 20.32 -17.75 9.33
N GLY G 102 21.52 -17.99 9.87
CA GLY G 102 22.73 -17.38 9.39
C GLY G 102 23.52 -18.35 8.53
N ASP G 103 24.70 -17.89 8.12
CA ASP G 103 25.56 -18.64 7.23
C ASP G 103 26.88 -18.90 7.92
N LEU G 104 27.10 -20.15 8.32
CA LEU G 104 28.30 -20.55 9.04
C LEU G 104 29.33 -21.08 8.05
N VAL G 105 30.45 -20.37 7.90
CA VAL G 105 31.49 -20.75 6.95
C VAL G 105 32.50 -21.61 7.70
N THR G 106 32.44 -22.91 7.49
CA THR G 106 33.21 -23.85 8.28
C THR G 106 34.48 -24.33 7.58
N ASN G 107 34.52 -24.28 6.24
CA ASN G 107 35.60 -24.95 5.52
C ASN G 107 36.90 -24.16 5.58
N HIS G 108 36.79 -22.84 5.64
CA HIS G 108 37.92 -21.95 5.45
C HIS G 108 37.65 -20.67 6.22
N THR G 109 38.66 -19.81 6.28
CA THR G 109 38.57 -18.50 6.90
C THR G 109 39.21 -17.51 5.94
N SER G 110 39.05 -16.23 6.25
CA SER G 110 39.87 -15.22 5.59
C SER G 110 41.32 -15.37 6.02
N SER G 111 42.24 -15.15 5.07
CA SER G 111 43.65 -15.06 5.43
C SER G 111 43.93 -13.87 6.33
N ASP G 112 42.96 -12.99 6.56
CA ASP G 112 43.10 -11.96 7.55
C ASP G 112 42.57 -12.37 8.92
N HIS G 113 41.99 -13.55 9.04
CA HIS G 113 41.59 -14.02 10.35
C HIS G 113 42.83 -14.05 11.25
N PRO G 114 42.71 -13.65 12.53
CA PRO G 114 43.89 -13.71 13.41
C PRO G 114 44.45 -15.13 13.58
N TRP G 115 43.60 -16.17 13.46
CA TRP G 115 44.11 -17.53 13.51
C TRP G 115 45.17 -17.73 12.45
N PHE G 116 44.86 -17.35 11.21
CA PHE G 116 45.81 -17.58 10.13
C PHE G 116 47.01 -16.66 10.24
N GLN G 117 46.82 -15.44 10.74
CA GLN G 117 47.93 -14.53 10.92
C GLN G 117 48.94 -15.07 11.93
N ALA G 118 48.46 -15.63 13.03
CA ALA G 118 49.34 -16.37 13.92
C ALA G 118 49.96 -17.56 13.18
N ALA G 119 49.12 -18.36 12.52
CA ALA G 119 49.60 -19.61 11.93
C ALA G 119 50.72 -19.38 10.91
N ARG G 120 50.60 -18.35 10.09
CA ARG G 120 51.60 -18.14 9.04
C ARG G 120 52.96 -17.74 9.59
N ARG G 121 53.07 -17.53 10.90
CA ARG G 121 54.37 -17.27 11.50
C ARG G 121 55.25 -18.50 11.49
N GLY G 122 54.67 -19.69 11.39
CA GLY G 122 55.45 -20.90 11.37
C GLY G 122 55.16 -21.76 12.58
N PRO G 123 55.83 -22.90 12.69
CA PRO G 123 55.44 -23.88 13.71
C PRO G 123 55.87 -23.54 15.13
N THR G 124 56.81 -22.59 15.30
CA THR G 124 57.28 -22.16 16.62
C THR G 124 57.53 -20.65 16.58
N LEU G 125 57.26 -20.00 17.73
CA LEU G 125 57.31 -18.54 17.83
C LEU G 125 58.74 -18.03 17.97
N PRO G 126 58.98 -16.73 17.71
CA PRO G 126 60.34 -16.19 17.90
C PRO G 126 60.76 -16.11 19.36
N ASP G 127 59.80 -16.06 20.30
CA ASP G 127 60.14 -16.17 21.71
C ASP G 127 60.52 -17.61 22.12
N GLY G 128 60.49 -18.56 21.18
CA GLY G 128 60.95 -19.91 21.39
C GLY G 128 59.83 -20.94 21.40
N SER G 129 58.70 -20.61 22.00
CA SER G 129 57.65 -21.58 22.31
C SER G 129 56.82 -21.92 21.07
N PRO G 130 56.22 -23.12 21.04
CA PRO G 130 55.50 -23.54 19.83
C PRO G 130 54.24 -22.72 19.60
N ASN G 131 53.84 -22.67 18.32
CA ASN G 131 52.70 -21.88 17.83
C ASN G 131 51.51 -22.82 17.58
N GLU G 132 50.62 -22.91 18.56
CA GLU G 132 49.49 -23.84 18.53
C GLU G 132 48.46 -23.51 17.45
N TYR G 133 48.54 -22.31 16.87
CA TYR G 133 47.68 -21.96 15.77
C TYR G 133 48.20 -22.47 14.44
N HIS G 134 49.45 -22.94 14.38
CA HIS G 134 50.01 -23.39 13.11
C HIS G 134 49.21 -24.56 12.55
N ASP G 135 48.72 -25.45 13.42
CA ASP G 135 48.01 -26.65 12.99
C ASP G 135 46.51 -26.42 12.83
N TYR G 136 46.05 -25.17 12.95
CA TYR G 136 44.68 -24.86 12.58
C TYR G 136 44.44 -25.00 11.08
N TYR G 137 45.48 -24.84 10.26
CA TYR G 137 45.35 -24.89 8.81
C TYR G 137 46.21 -26.03 8.23
N VAL G 138 45.96 -26.29 6.96
CA VAL G 138 46.52 -27.43 6.25
C VAL G 138 47.74 -26.97 5.45
N TRP G 139 48.93 -27.34 5.94
CA TRP G 139 50.21 -26.95 5.37
C TRP G 139 50.87 -28.12 4.63
N SER G 140 51.78 -27.75 3.71
CA SER G 140 52.57 -28.73 2.97
C SER G 140 53.95 -28.14 2.66
N ASP G 141 54.96 -29.02 2.69
CA ASP G 141 56.34 -28.59 2.43
C ASP G 141 56.60 -28.28 0.96
N GLU G 142 55.93 -29.00 0.05
CA GLU G 142 56.11 -28.76 -1.38
C GLU G 142 54.81 -28.63 -2.15
N GLY G 143 53.68 -29.11 -1.62
CA GLY G 143 52.41 -28.95 -2.30
C GLY G 143 52.09 -30.01 -3.34
N LYS G 144 52.57 -31.24 -3.16
CA LYS G 144 52.32 -32.29 -4.14
C LYS G 144 51.12 -33.15 -3.80
N GLU G 145 50.57 -33.01 -2.60
CA GLU G 145 49.55 -33.93 -2.11
C GLU G 145 48.17 -33.55 -2.64
N TYR G 146 47.25 -34.51 -2.51
CA TYR G 146 45.87 -34.40 -3.00
C TYR G 146 45.83 -33.86 -4.43
N ALA G 147 46.54 -34.53 -5.35
CA ALA G 147 46.66 -34.00 -6.70
C ALA G 147 45.50 -34.41 -7.62
N ASP G 148 44.75 -35.45 -7.27
CA ASP G 148 43.59 -35.87 -8.05
C ASP G 148 42.34 -35.07 -7.69
N THR G 149 42.52 -33.82 -7.28
CA THR G 149 41.43 -32.98 -6.80
C THR G 149 41.21 -31.85 -7.79
N ALA G 150 39.94 -31.62 -8.13
CA ALA G 150 39.58 -30.53 -9.01
C ALA G 150 39.78 -29.18 -8.34
N ILE G 151 39.85 -28.14 -9.17
CA ILE G 151 39.81 -26.75 -8.73
C ILE G 151 38.40 -26.23 -8.95
N ILE G 152 37.85 -25.54 -7.95
CA ILE G 152 36.46 -25.14 -8.01
C ILE G 152 36.35 -23.83 -8.79
N PHE G 153 37.09 -22.81 -8.36
CA PHE G 153 37.12 -21.51 -9.07
C PHE G 153 38.14 -21.58 -10.21
N THR G 154 37.85 -22.46 -11.18
CA THR G 154 38.77 -22.72 -12.28
C THR G 154 39.18 -21.45 -13.01
N ASP G 155 38.37 -20.40 -12.94
CA ASP G 155 38.66 -19.22 -13.72
C ASP G 155 39.79 -18.39 -13.09
N THR G 156 39.95 -18.47 -11.77
CA THR G 156 40.92 -17.64 -11.06
C THR G 156 42.09 -18.42 -10.46
N GLU G 157 41.86 -19.64 -9.98
CA GLU G 157 42.88 -20.39 -9.26
C GLU G 157 43.48 -21.48 -10.16
N VAL G 158 44.80 -21.62 -10.08
CA VAL G 158 45.53 -22.60 -10.88
C VAL G 158 45.96 -23.79 -10.05
N SER G 159 45.74 -23.77 -8.75
CA SER G 159 46.15 -24.82 -7.84
C SER G 159 45.44 -24.61 -6.52
N ASN G 160 45.15 -25.71 -5.82
CA ASN G 160 44.60 -25.61 -4.47
C ASN G 160 45.66 -25.41 -3.39
N TRP G 161 46.96 -25.39 -3.73
CA TRP G 161 48.05 -25.07 -2.81
C TRP G 161 48.65 -23.71 -3.15
N THR G 162 49.08 -22.99 -2.13
CA THR G 162 49.68 -21.67 -2.31
C THR G 162 50.81 -21.46 -1.30
N LEU G 163 51.85 -20.77 -1.75
CA LEU G 163 53.05 -20.54 -0.95
C LEU G 163 52.86 -19.28 -0.11
N ASP G 164 52.81 -19.43 1.21
CA ASP G 164 52.91 -18.28 2.10
C ASP G 164 54.37 -17.92 2.27
N GLU G 165 54.71 -16.66 2.01
CA GLU G 165 56.12 -16.27 2.10
C GLU G 165 56.59 -16.25 3.55
N GLN G 166 55.77 -15.74 4.47
CA GLN G 166 56.14 -15.76 5.88
C GLN G 166 56.33 -17.19 6.39
N ALA G 167 55.48 -18.11 5.94
CA ALA G 167 55.58 -19.46 6.51
C ALA G 167 56.64 -20.30 5.81
N GLY G 168 56.91 -20.03 4.53
CA GLY G 168 57.82 -20.89 3.80
C GLY G 168 57.27 -22.25 3.49
N LYS G 169 55.95 -22.43 3.57
CA LYS G 169 55.34 -23.67 3.19
C LYS G 169 54.07 -23.37 2.41
N TYR G 170 53.54 -24.40 1.77
CA TYR G 170 52.30 -24.27 1.03
C TYR G 170 51.13 -24.53 1.97
N TYR G 171 49.98 -23.91 1.67
CA TYR G 171 48.77 -24.14 2.43
C TYR G 171 47.60 -24.39 1.47
N TRP G 172 46.64 -25.17 1.95
CA TRP G 172 45.53 -25.76 1.19
C TRP G 172 44.32 -24.82 1.13
N HIS G 173 43.63 -24.84 -0.01
CA HIS G 173 42.45 -23.99 -0.18
C HIS G 173 41.64 -24.42 -1.38
N ARG G 174 40.41 -24.87 -1.12
CA ARG G 174 39.46 -25.24 -2.18
C ARG G 174 38.94 -24.03 -2.95
N PHE G 175 39.00 -22.85 -2.36
CA PHE G 175 38.48 -21.63 -2.98
C PHE G 175 39.63 -20.66 -3.12
N PHE G 176 39.39 -19.36 -2.92
CA PHE G 176 40.44 -18.38 -3.17
C PHE G 176 41.65 -18.61 -2.26
N ALA G 177 42.83 -18.22 -2.77
CA ALA G 177 44.02 -18.22 -1.93
C ALA G 177 43.80 -17.41 -0.66
N SER G 178 42.91 -16.37 -0.71
CA SER G 178 42.59 -15.62 0.49
C SER G 178 41.64 -16.41 1.44
N GLN G 179 41.33 -17.68 1.17
CA GLN G 179 40.47 -18.49 2.03
C GLN G 179 41.17 -19.79 2.41
N PRO G 180 42.14 -19.74 3.32
CA PRO G 180 42.84 -20.96 3.73
C PRO G 180 41.89 -21.94 4.41
N ASP G 181 41.97 -23.20 3.99
CA ASP G 181 41.14 -24.23 4.56
C ASP G 181 41.50 -24.55 6.01
N LEU G 182 40.46 -24.75 6.83
CA LEU G 182 40.70 -25.14 8.22
C LEU G 182 40.98 -26.64 8.30
N ASN G 183 41.84 -27.00 9.25
CA ASN G 183 42.33 -28.37 9.43
C ASN G 183 41.42 -29.12 10.39
N TYR G 184 40.54 -29.97 9.86
CA TYR G 184 39.58 -30.68 10.68
C TYR G 184 40.13 -31.99 11.20
N ASP G 185 41.36 -32.32 10.88
CA ASP G 185 41.98 -33.37 11.66
C ASP G 185 42.45 -32.84 13.01
N ASN G 186 42.50 -31.53 13.18
CA ASN G 186 42.80 -30.93 14.47
C ASN G 186 41.52 -30.82 15.30
N PRO G 187 41.43 -31.49 16.45
CA PRO G 187 40.20 -31.42 17.23
C PRO G 187 39.94 -30.04 17.82
N LYS G 188 40.98 -29.22 17.96
CA LYS G 188 40.76 -27.85 18.45
C LYS G 188 39.98 -27.02 17.44
N VAL G 189 40.06 -27.37 16.15
CA VAL G 189 39.33 -26.63 15.12
C VAL G 189 37.83 -26.96 15.18
N VAL G 190 37.50 -28.26 15.28
CA VAL G 190 36.12 -28.68 15.51
C VAL G 190 35.48 -27.88 16.64
N GLU G 191 36.17 -27.78 17.78
CA GLU G 191 35.54 -27.10 18.92
C GLU G 191 35.54 -25.59 18.77
N GLU G 192 36.44 -25.02 17.96
CA GLU G 192 36.33 -23.60 17.68
C GLU G 192 35.07 -23.30 16.89
N LEU G 193 34.62 -24.26 16.09
CA LEU G 193 33.45 -23.97 15.28
C LEU G 193 32.17 -24.38 15.98
N HIS G 194 32.22 -25.36 16.88
CA HIS G 194 31.11 -25.57 17.82
C HIS G 194 30.83 -24.29 18.61
N GLY G 195 31.88 -23.66 19.14
CA GLY G 195 31.67 -22.46 19.95
C GLY G 195 31.23 -21.27 19.12
N ALA G 196 31.72 -21.17 17.88
CA ALA G 196 31.21 -20.15 16.98
C ALA G 196 29.73 -20.39 16.70
N ALA G 197 29.35 -21.63 16.39
CA ALA G 197 27.92 -21.94 16.28
C ALA G 197 27.19 -21.58 17.56
N ARG G 198 27.73 -21.99 18.72
CA ARG G 198 27.06 -21.76 20.01
C ARG G 198 26.82 -20.28 20.24
N PHE G 199 27.79 -19.43 19.87
CA PHE G 199 27.68 -18.01 20.13
C PHE G 199 26.42 -17.42 19.53
N TRP G 200 26.12 -17.79 18.29
CA TRP G 200 24.94 -17.23 17.63
C TRP G 200 23.67 -17.90 18.12
N LEU G 201 23.68 -19.23 18.27
CA LEU G 201 22.50 -19.93 18.78
C LEU G 201 22.10 -19.44 20.17
N ASP G 202 23.09 -19.11 21.02
CA ASP G 202 22.81 -18.47 22.30
C ASP G 202 22.10 -17.14 22.15
N LEU G 203 22.31 -16.45 21.03
CA LEU G 203 21.66 -15.16 20.82
C LEU G 203 20.20 -15.32 20.39
N GLY G 204 19.80 -16.52 19.96
CA GLY G 204 18.44 -16.78 19.53
C GLY G 204 18.30 -17.10 18.06
N LEU G 205 19.41 -17.12 17.31
CA LEU G 205 19.41 -17.54 15.91
C LEU G 205 18.79 -18.93 15.76
N ASP G 206 17.92 -19.08 14.77
CA ASP G 206 17.13 -20.28 14.60
C ASP G 206 17.84 -21.38 13.83
N GLY G 207 19.07 -21.16 13.38
CA GLY G 207 19.78 -22.15 12.61
C GLY G 207 20.85 -21.52 11.72
N PHE G 208 21.42 -22.38 10.88
CA PHE G 208 22.57 -22.05 10.05
C PHE G 208 22.41 -22.70 8.70
N ARG G 209 22.76 -21.96 7.64
CA ARG G 209 23.14 -22.59 6.39
C ARG G 209 24.64 -22.82 6.42
N VAL G 210 25.07 -24.06 6.17
CA VAL G 210 26.47 -24.42 6.32
C VAL G 210 27.15 -24.49 4.95
N ASP G 211 28.19 -23.69 4.80
CA ASP G 211 28.82 -23.45 3.53
C ASP G 211 29.81 -24.57 3.21
N ALA G 212 29.73 -25.09 1.98
CA ALA G 212 30.73 -26.00 1.41
C ALA G 212 31.01 -27.20 2.31
N VAL G 213 29.94 -27.86 2.75
CA VAL G 213 30.07 -29.02 3.62
C VAL G 213 30.84 -30.17 2.96
N PRO G 214 30.82 -30.36 1.63
CA PRO G 214 31.53 -31.53 1.07
C PRO G 214 33.07 -31.48 1.19
N TYR G 215 33.69 -30.36 1.57
CA TYR G 215 35.13 -30.19 1.36
C TYR G 215 35.95 -30.05 2.64
N LEU G 216 35.37 -30.33 3.79
CA LEU G 216 36.09 -30.17 5.05
C LEU G 216 37.37 -31.02 5.09
N ILE G 217 37.22 -32.34 5.18
CA ILE G 217 38.38 -33.25 5.31
C ILE G 217 38.95 -33.58 3.94
N GLU G 218 40.27 -33.46 3.83
CA GLU G 218 41.02 -33.90 2.66
C GLU G 218 41.78 -35.18 3.00
N ARG G 219 41.86 -36.13 2.05
CA ARG G 219 42.58 -37.41 2.21
C ARG G 219 43.37 -37.75 0.96
N GLU G 220 44.59 -38.25 1.14
CA GLU G 220 45.34 -38.73 -0.02
C GLU G 220 44.64 -39.92 -0.66
N GLY G 221 44.76 -40.01 -1.98
CA GLY G 221 44.13 -41.07 -2.75
C GLY G 221 42.64 -40.95 -2.97
N THR G 222 42.05 -39.77 -2.72
CA THR G 222 40.62 -39.54 -2.90
C THR G 222 40.38 -38.23 -3.63
N SER G 223 39.11 -37.97 -3.94
CA SER G 223 38.66 -36.69 -4.49
C SER G 223 38.70 -35.57 -3.46
N CYS G 224 38.86 -35.90 -2.17
CA CYS G 224 38.70 -34.95 -1.06
C CYS G 224 37.30 -34.33 -1.08
N GLU G 225 36.30 -35.18 -1.32
CA GLU G 225 34.91 -34.79 -1.51
C GLU G 225 34.04 -35.85 -0.87
N ASN G 226 33.06 -35.44 -0.06
CA ASN G 226 32.07 -36.36 0.51
C ASN G 226 32.70 -37.44 1.40
N LEU G 227 33.90 -37.21 1.93
CA LEU G 227 34.61 -38.27 2.64
C LEU G 227 33.86 -38.64 3.92
N PRO G 228 33.84 -39.92 4.28
CA PRO G 228 33.16 -40.34 5.52
C PRO G 228 33.58 -39.55 6.74
N GLU G 229 34.86 -39.16 6.83
CA GLU G 229 35.31 -38.38 7.96
C GLU G 229 34.66 -36.98 8.00
N THR G 230 34.46 -36.34 6.84
CA THR G 230 33.74 -35.05 6.89
C THR G 230 32.27 -35.26 7.28
N HIS G 231 31.67 -36.40 6.89
CA HIS G 231 30.34 -36.74 7.36
C HIS G 231 30.31 -36.94 8.88
N GLU G 232 31.33 -37.58 9.44
CA GLU G 232 31.36 -37.80 10.87
C GLU G 232 31.40 -36.49 11.64
N ILE G 233 32.11 -35.49 11.08
CA ILE G 233 32.15 -34.16 11.68
C ILE G 233 30.76 -33.53 11.65
N LEU G 234 30.02 -33.70 10.56
CA LEU G 234 28.70 -33.10 10.47
C LEU G 234 27.73 -33.74 11.44
N LYS G 235 27.81 -35.06 11.63
CA LYS G 235 27.02 -35.71 12.67
C LYS G 235 27.31 -35.08 14.04
N GLY G 236 28.53 -34.56 14.22
CA GLY G 236 28.88 -33.91 15.47
C GLY G 236 28.37 -32.49 15.58
N PHE G 237 28.19 -31.80 14.45
CA PHE G 237 27.47 -30.53 14.52
C PHE G 237 26.01 -30.78 14.88
N ARG G 238 25.38 -31.76 14.22
CA ARG G 238 23.97 -32.06 14.49
C ARG G 238 23.76 -32.55 15.91
N ALA G 239 24.63 -33.44 16.40
CA ALA G 239 24.49 -33.96 17.76
C ALA G 239 24.51 -32.83 18.78
N MET G 240 25.37 -31.83 18.55
CA MET G 240 25.46 -30.71 19.48
C MET G 240 24.22 -29.83 19.44
N VAL G 241 23.65 -29.58 18.26
CA VAL G 241 22.42 -28.78 18.21
C VAL G 241 21.25 -29.55 18.79
N ASP G 242 21.21 -30.87 18.60
CA ASP G 242 20.13 -31.66 19.18
C ASP G 242 20.18 -31.64 20.71
N ARG G 243 21.37 -31.73 21.30
CA ARG G 243 21.41 -31.81 22.75
C ARG G 243 21.25 -30.43 23.37
N GLU G 244 21.79 -29.40 22.74
CA GLU G 244 21.92 -28.08 23.36
C GLU G 244 20.87 -27.08 22.88
N TYR G 245 20.36 -27.24 21.66
CA TYR G 245 19.42 -26.28 21.06
C TYR G 245 18.38 -27.05 20.27
N PRO G 246 17.43 -27.67 20.95
CA PRO G 246 16.38 -28.40 20.22
C PRO G 246 15.64 -27.47 19.27
N GLY G 247 15.25 -28.02 18.12
CA GLY G 247 14.39 -27.35 17.17
C GLY G 247 15.07 -26.32 16.30
N ARG G 248 16.38 -26.19 16.36
CA ARG G 248 17.11 -25.27 15.52
C ARG G 248 17.57 -26.00 14.25
N LEU G 249 17.66 -25.26 13.15
CA LEU G 249 17.77 -25.85 11.82
C LEU G 249 19.20 -25.90 11.31
N LEU G 250 19.60 -27.03 10.74
CA LEU G 250 20.87 -27.15 10.03
C LEU G 250 20.60 -27.43 8.56
N LEU G 251 21.29 -26.70 7.70
CA LEU G 251 20.92 -26.64 6.29
C LEU G 251 22.21 -26.68 5.47
N ALA G 252 22.33 -27.65 4.56
CA ALA G 252 23.59 -27.93 3.89
C ALA G 252 23.58 -27.46 2.44
N GLU G 253 24.59 -26.65 2.07
CA GLU G 253 24.88 -26.35 0.66
C GLU G 253 25.83 -27.43 0.16
N ALA G 254 25.31 -28.37 -0.64
CA ALA G 254 26.11 -29.49 -1.12
C ALA G 254 25.70 -29.80 -2.56
N ASN G 255 26.45 -29.24 -3.51
CA ASN G 255 26.19 -29.42 -4.94
C ASN G 255 26.90 -30.68 -5.41
N GLN G 256 26.16 -31.77 -5.53
CA GLN G 256 26.72 -33.09 -5.83
C GLN G 256 25.67 -33.88 -6.61
N TRP G 257 26.07 -35.05 -7.11
CA TRP G 257 25.10 -35.92 -7.75
C TRP G 257 24.16 -36.51 -6.70
N PRO G 258 22.98 -36.96 -7.11
CA PRO G 258 21.91 -37.25 -6.12
C PRO G 258 22.28 -38.26 -5.05
N GLU G 259 23.04 -39.28 -5.42
CA GLU G 259 23.40 -40.36 -4.52
C GLU G 259 24.38 -39.92 -3.43
N GLU G 260 25.14 -38.84 -3.66
CA GLU G 260 25.98 -38.25 -2.63
C GLU G 260 25.27 -37.15 -1.85
N VAL G 261 24.33 -36.45 -2.48
CA VAL G 261 23.64 -35.38 -1.77
C VAL G 261 22.81 -35.94 -0.63
N VAL G 262 22.11 -37.07 -0.86
CA VAL G 262 21.22 -37.59 0.18
C VAL G 262 22.00 -38.01 1.42
N GLU G 263 23.29 -38.28 1.28
CA GLU G 263 24.04 -38.66 2.47
C GLU G 263 24.19 -37.52 3.45
N TYR G 264 23.99 -36.27 3.02
CA TYR G 264 24.18 -35.19 3.97
C TYR G 264 23.01 -35.02 4.93
N PHE G 265 21.91 -35.73 4.70
CA PHE G 265 20.87 -35.84 5.72
C PHE G 265 21.29 -36.76 6.86
N GLY G 266 22.25 -37.66 6.62
CA GLY G 266 22.56 -38.70 7.58
C GLY G 266 21.49 -39.79 7.56
N THR G 267 21.25 -40.38 8.73
CA THR G 267 20.29 -41.46 8.90
C THR G 267 19.45 -41.19 10.14
N GLU G 268 18.37 -41.96 10.30
CA GLU G 268 17.58 -41.89 11.53
C GLU G 268 18.48 -42.06 12.74
N ALA G 269 19.37 -43.04 12.71
CA ALA G 269 20.20 -43.33 13.86
C ALA G 269 21.29 -42.29 14.06
N GLU G 270 21.80 -41.72 12.96
CA GLU G 270 22.95 -40.81 12.98
C GLU G 270 22.64 -39.62 12.09
N PRO G 271 21.87 -38.65 12.61
CA PRO G 271 21.43 -37.54 11.76
C PRO G 271 22.58 -36.59 11.41
N GLU G 272 22.46 -35.99 10.23
CA GLU G 272 23.34 -34.88 9.86
C GLU G 272 22.46 -33.64 9.70
N PHE G 273 22.14 -33.24 8.48
CA PHE G 273 21.41 -32.00 8.27
C PHE G 273 19.91 -32.24 8.26
N HIS G 274 19.16 -31.23 8.71
CA HIS G 274 17.72 -31.27 8.50
C HIS G 274 17.36 -31.00 7.04
N MET G 275 18.15 -30.18 6.34
CA MET G 275 17.83 -29.83 4.96
C MET G 275 19.08 -29.79 4.10
N CYS G 276 18.89 -30.15 2.85
CA CYS G 276 19.90 -30.02 1.82
C CYS G 276 19.25 -29.34 0.63
N PHE G 277 19.92 -28.32 0.10
CA PHE G 277 19.49 -27.75 -1.17
C PHE G 277 19.42 -28.85 -2.23
N ASN G 278 18.32 -28.87 -2.97
CA ASN G 278 18.19 -29.72 -4.15
C ASN G 278 18.92 -29.09 -5.34
N PHE G 279 20.25 -29.14 -5.27
CA PHE G 279 21.05 -28.78 -6.44
C PHE G 279 20.78 -29.65 -7.65
N PRO G 280 20.44 -30.95 -7.53
CA PRO G 280 20.19 -31.74 -8.76
C PRO G 280 19.08 -31.24 -9.68
N VAL G 281 17.86 -30.93 -9.20
CA VAL G 281 16.81 -30.58 -10.17
C VAL G 281 17.04 -29.21 -10.78
N MET G 282 17.66 -28.30 -10.03
CA MET G 282 17.69 -26.91 -10.45
C MET G 282 18.15 -26.77 -11.90
N PRO G 283 19.29 -27.33 -12.33
CA PRO G 283 19.68 -27.19 -13.73
C PRO G 283 18.68 -27.80 -14.70
N ARG G 284 17.95 -28.84 -14.30
CA ARG G 284 17.07 -29.52 -15.24
C ARG G 284 15.77 -28.77 -15.45
N LEU G 285 15.39 -27.89 -14.53
CA LEU G 285 14.25 -27.05 -14.80
C LEU G 285 14.53 -26.16 -16.00
N TYR G 286 15.72 -25.57 -16.04
CA TYR G 286 16.09 -24.67 -17.13
C TYR G 286 16.33 -25.45 -18.41
N MET G 287 16.98 -26.60 -18.31
CA MET G 287 17.15 -27.45 -19.48
C MET G 287 15.80 -27.83 -20.07
N SER G 288 14.83 -28.18 -19.23
CA SER G 288 13.55 -28.66 -19.74
C SER G 288 12.77 -27.57 -20.46
N LEU G 289 13.02 -26.30 -20.13
CA LEU G 289 12.34 -25.20 -20.81
C LEU G 289 12.83 -25.06 -22.24
N LYS G 290 14.15 -24.99 -22.42
CA LYS G 290 14.69 -24.77 -23.76
C LYS G 290 14.57 -26.00 -24.64
N ARG G 291 14.66 -27.19 -24.04
CA ARG G 291 14.46 -28.45 -24.74
C ARG G 291 12.99 -28.74 -25.02
N GLU G 292 12.07 -28.05 -24.32
CA GLU G 292 10.64 -28.34 -24.36
C GLU G 292 10.41 -29.84 -24.15
N ASP G 293 11.12 -30.38 -23.16
CA ASP G 293 11.18 -31.81 -22.92
C ASP G 293 11.53 -31.99 -21.45
N THR G 294 10.64 -32.61 -20.67
CA THR G 294 10.79 -32.59 -19.22
C THR G 294 11.33 -33.89 -18.65
N SER G 295 11.72 -34.85 -19.52
CA SER G 295 12.13 -36.16 -19.04
C SER G 295 13.29 -36.08 -18.05
N SER G 296 14.21 -35.13 -18.23
CA SER G 296 15.33 -35.04 -17.30
C SER G 296 14.88 -34.63 -15.90
N ILE G 297 13.81 -33.83 -15.78
CA ILE G 297 13.34 -33.52 -14.43
C ILE G 297 12.95 -34.79 -13.72
N ARG G 298 12.24 -35.67 -14.44
CA ARG G 298 11.72 -36.90 -13.83
C ARG G 298 12.86 -37.88 -13.50
N GLU G 299 13.87 -37.97 -14.36
CA GLU G 299 14.93 -38.93 -14.10
C GLU G 299 15.76 -38.49 -12.90
N ILE G 300 16.18 -37.22 -12.89
CA ILE G 300 17.00 -36.74 -11.79
C ILE G 300 16.23 -36.81 -10.47
N MET G 301 14.89 -36.60 -10.51
CA MET G 301 14.07 -36.80 -9.32
C MET G 301 14.07 -38.26 -8.89
N GLY G 302 14.06 -39.19 -9.86
CA GLY G 302 14.04 -40.60 -9.53
C GLY G 302 15.34 -41.15 -8.96
N ARG G 303 16.46 -40.45 -9.18
CA ARG G 303 17.74 -40.92 -8.70
C ARG G 303 17.95 -40.60 -7.22
N LEU G 304 17.03 -39.86 -6.60
CA LEU G 304 17.16 -39.44 -5.21
C LEU G 304 16.43 -40.43 -4.31
N PRO G 305 17.11 -41.07 -3.37
CA PRO G 305 16.44 -41.99 -2.44
C PRO G 305 15.60 -41.24 -1.40
N LYS G 306 14.78 -42.01 -0.69
CA LYS G 306 14.05 -41.50 0.45
C LYS G 306 15.01 -40.84 1.43
N ILE G 307 14.62 -39.66 1.92
CA ILE G 307 15.41 -38.97 2.94
C ILE G 307 14.80 -39.30 4.30
N PRO G 308 15.55 -39.15 5.39
CA PRO G 308 15.02 -39.53 6.70
C PRO G 308 13.77 -38.72 7.06
N SER G 309 13.15 -39.13 8.17
CA SER G 309 11.89 -38.53 8.58
C SER G 309 12.04 -37.05 8.89
N PHE G 310 13.16 -36.66 9.50
CA PHE G 310 13.35 -35.25 9.79
C PHE G 310 13.73 -34.43 8.56
N GLY G 311 14.05 -35.09 7.45
CA GLY G 311 14.63 -34.39 6.32
C GLY G 311 13.59 -33.68 5.49
N GLN G 312 14.01 -32.55 4.91
CA GLN G 312 13.25 -31.78 3.94
C GLN G 312 14.19 -31.18 2.92
N TRP G 313 13.90 -31.42 1.64
CA TRP G 313 14.63 -30.77 0.57
C TRP G 313 14.36 -29.27 0.56
N CYS G 314 15.33 -28.52 0.10
CA CYS G 314 15.16 -27.08 -0.08
C CYS G 314 15.26 -26.78 -1.58
N ILE G 315 14.13 -26.33 -2.19
CA ILE G 315 14.06 -26.11 -3.64
C ILE G 315 14.32 -24.65 -3.95
N PHE G 316 15.11 -24.39 -4.99
CA PHE G 316 15.43 -23.02 -5.39
C PHE G 316 15.60 -23.00 -6.91
N LEU G 317 15.53 -21.78 -7.47
CA LEU G 317 15.83 -21.52 -8.88
C LEU G 317 17.16 -20.85 -9.11
N ARG G 318 17.51 -19.86 -8.29
CA ARG G 318 18.76 -19.12 -8.40
C ARG G 318 19.17 -18.70 -7.00
N ASN G 319 20.37 -18.12 -6.89
CA ASN G 319 20.95 -17.77 -5.60
C ASN G 319 22.07 -16.77 -5.84
N HIS G 320 22.80 -16.44 -4.77
CA HIS G 320 23.86 -15.44 -4.87
C HIS G 320 25.01 -15.89 -5.78
N ASP G 321 25.00 -17.15 -6.22
CA ASP G 321 26.06 -17.71 -7.03
C ASP G 321 25.62 -17.81 -8.48
N GLU G 322 26.54 -18.28 -9.31
CA GLU G 322 26.19 -18.61 -10.68
C GLU G 322 25.23 -19.79 -10.69
N LEU G 323 24.52 -19.96 -11.80
CA LEU G 323 23.76 -21.18 -12.04
C LEU G 323 24.78 -22.28 -12.30
N THR G 324 24.98 -23.17 -11.33
CA THR G 324 26.09 -24.10 -11.42
C THR G 324 25.77 -25.23 -12.41
N LEU G 325 26.77 -25.59 -13.20
CA LEU G 325 26.70 -26.70 -14.14
C LEU G 325 27.73 -27.76 -13.81
N GLU G 326 28.19 -27.78 -12.55
CA GLU G 326 29.24 -28.70 -12.14
C GLU G 326 28.77 -30.15 -12.07
N MET G 327 27.48 -30.39 -11.83
CA MET G 327 26.98 -31.76 -11.72
C MET G 327 25.90 -32.07 -12.76
N VAL G 328 26.17 -31.75 -14.02
CA VAL G 328 25.44 -32.27 -15.15
C VAL G 328 26.45 -32.89 -16.09
N THR G 329 25.95 -33.58 -17.12
CA THR G 329 26.83 -34.23 -18.08
C THR G 329 27.50 -33.20 -18.98
N ASP G 330 28.49 -33.67 -19.74
CA ASP G 330 29.18 -32.85 -20.73
C ASP G 330 28.22 -32.38 -21.82
N ASP G 331 27.34 -33.26 -22.27
CA ASP G 331 26.34 -32.89 -23.28
C ASP G 331 25.36 -31.88 -22.71
N GLU G 332 24.84 -32.13 -21.50
CA GLU G 332 23.92 -31.17 -20.87
C GLU G 332 24.58 -29.81 -20.71
N ARG G 333 25.86 -29.80 -20.34
CA ARG G 333 26.55 -28.55 -20.09
C ARG G 333 26.76 -27.75 -21.37
N ALA G 334 27.05 -28.43 -22.47
CA ALA G 334 27.21 -27.69 -23.72
C ALA G 334 25.87 -27.11 -24.17
N PHE G 335 24.78 -27.84 -23.92
CA PHE G 335 23.45 -27.35 -24.25
C PHE G 335 23.09 -26.13 -23.40
N MET G 336 23.42 -26.18 -22.10
CA MET G 336 23.06 -25.09 -21.22
C MET G 336 23.79 -23.80 -21.59
N TYR G 337 25.08 -23.92 -21.89
CA TYR G 337 25.85 -22.79 -22.37
C TYR G 337 25.26 -22.20 -23.66
N ALA G 338 25.02 -23.06 -24.65
CA ALA G 338 24.46 -22.59 -25.91
C ALA G 338 23.12 -21.90 -25.68
N ALA G 339 22.35 -22.36 -24.70
CA ALA G 339 21.00 -21.87 -24.52
C ALA G 339 20.96 -20.63 -23.65
N TYR G 340 21.85 -20.55 -22.66
CA TYR G 340 21.66 -19.59 -21.58
C TYR G 340 22.85 -18.67 -21.35
N ALA G 341 23.95 -18.87 -22.05
CA ALA G 341 25.10 -17.96 -22.01
C ALA G 341 25.54 -17.62 -23.43
N PRO G 342 24.68 -16.93 -24.21
CA PRO G 342 25.10 -16.52 -25.57
C PRO G 342 26.42 -15.76 -25.61
N ASP G 343 26.61 -14.88 -24.63
CA ASP G 343 27.83 -14.12 -24.46
C ASP G 343 28.80 -14.91 -23.58
N ALA G 344 30.04 -15.04 -24.03
CA ALA G 344 31.02 -15.81 -23.27
C ALA G 344 31.20 -15.27 -21.85
N ARG G 345 31.11 -13.95 -21.67
CA ARG G 345 31.29 -13.34 -20.36
C ARG G 345 30.21 -13.72 -19.36
N MET G 346 29.08 -14.31 -19.78
CA MET G 346 28.12 -14.78 -18.79
C MET G 346 28.53 -16.12 -18.15
N LYS G 347 29.64 -16.73 -18.55
CA LYS G 347 30.11 -17.99 -17.96
C LYS G 347 31.08 -17.71 -16.81
N ILE G 348 31.04 -18.54 -15.78
CA ILE G 348 32.04 -18.50 -14.72
C ILE G 348 32.00 -19.81 -13.93
N ASN G 349 33.17 -20.37 -13.66
CA ASN G 349 33.34 -21.51 -12.74
C ASN G 349 32.37 -22.65 -13.06
N VAL G 350 32.35 -23.06 -14.33
CA VAL G 350 31.45 -24.13 -14.75
C VAL G 350 30.01 -23.74 -14.36
N GLY G 351 29.59 -22.53 -14.73
CA GLY G 351 28.29 -22.01 -14.37
C GLY G 351 27.93 -20.78 -15.18
N ILE G 352 26.80 -20.16 -14.83
CA ILE G 352 26.23 -19.04 -15.60
C ILE G 352 25.79 -17.95 -14.63
N ARG G 353 26.39 -16.76 -14.74
CA ARG G 353 26.22 -15.70 -13.75
C ARG G 353 25.19 -14.68 -14.21
N ARG G 354 23.93 -15.10 -14.17
CA ARG G 354 22.82 -14.28 -14.61
C ARG G 354 21.66 -14.49 -13.65
N ARG G 355 20.81 -13.48 -13.54
CA ARG G 355 19.63 -13.57 -12.68
C ARG G 355 18.50 -14.28 -13.42
N LEU G 356 17.42 -14.56 -12.68
CA LEU G 356 16.32 -15.40 -13.17
C LEU G 356 15.61 -14.78 -14.36
N ALA G 357 15.13 -13.54 -14.21
CA ALA G 357 14.39 -12.91 -15.29
C ALA G 357 15.24 -12.79 -16.55
N PRO G 358 16.48 -12.29 -16.50
CA PRO G 358 17.29 -12.27 -17.73
C PRO G 358 17.48 -13.65 -18.34
N LEU G 359 17.73 -14.68 -17.51
CA LEU G 359 17.85 -16.02 -18.06
C LEU G 359 16.65 -16.36 -18.90
N LEU G 360 15.46 -15.96 -18.43
CA LEU G 360 14.22 -16.28 -19.12
C LEU G 360 13.79 -15.18 -20.08
N ASP G 361 14.69 -14.31 -20.50
CA ASP G 361 14.38 -13.27 -21.49
C ASP G 361 13.29 -12.32 -21.01
N ASN G 362 13.23 -12.12 -19.68
CA ASN G 362 12.24 -11.25 -19.06
C ASN G 362 10.81 -11.69 -19.37
N ASP G 363 10.62 -12.98 -19.69
CA ASP G 363 9.32 -13.48 -20.13
C ASP G 363 8.50 -13.86 -18.89
N ARG G 364 7.52 -13.03 -18.57
CA ARG G 364 6.77 -13.22 -17.34
C ARG G 364 6.02 -14.56 -17.32
N ARG G 365 5.58 -15.04 -18.48
CA ARG G 365 4.94 -16.36 -18.51
C ARG G 365 5.93 -17.48 -18.19
N ARG G 366 7.22 -17.31 -18.54
CA ARG G 366 8.20 -18.32 -18.21
C ARG G 366 8.64 -18.22 -16.76
N ILE G 367 8.79 -16.99 -16.25
CA ILE G 367 9.08 -16.79 -14.84
C ILE G 367 8.00 -17.42 -13.97
N GLU G 368 6.73 -17.23 -14.33
CA GLU G 368 5.67 -17.81 -13.53
C GLU G 368 5.77 -19.32 -13.55
N LEU G 369 6.02 -19.90 -14.72
CA LEU G 369 6.00 -21.36 -14.84
C LEU G 369 7.07 -21.98 -13.95
N LEU G 370 8.30 -21.49 -14.02
CA LEU G 370 9.35 -22.06 -13.20
C LEU G 370 9.07 -21.85 -11.71
N ASN G 371 8.46 -20.72 -11.36
CA ASN G 371 8.14 -20.49 -9.95
C ASN G 371 7.04 -21.41 -9.47
N THR G 372 6.03 -21.70 -10.31
CA THR G 372 5.02 -22.66 -9.87
C THR G 372 5.66 -24.01 -9.66
N VAL G 373 6.48 -24.45 -10.61
CA VAL G 373 7.12 -25.75 -10.47
C VAL G 373 7.99 -25.75 -9.21
N LEU G 374 8.63 -24.62 -8.92
CA LEU G 374 9.42 -24.51 -7.71
C LEU G 374 8.53 -24.60 -6.46
N LEU G 375 7.34 -23.98 -6.49
CA LEU G 375 6.47 -24.04 -5.33
C LEU G 375 5.70 -25.35 -5.23
N ALA G 376 5.73 -26.21 -6.25
CA ALA G 376 4.94 -27.43 -6.25
C ALA G 376 5.76 -28.72 -6.15
N LEU G 377 7.08 -28.67 -6.24
CA LEU G 377 7.91 -29.85 -5.98
C LEU G 377 7.97 -30.10 -4.48
N PRO G 378 8.48 -31.26 -4.05
CA PRO G 378 8.52 -31.57 -2.62
C PRO G 378 9.64 -30.80 -1.93
N GLY G 379 9.29 -30.00 -0.97
CA GLY G 379 10.31 -29.36 -0.18
C GLY G 379 9.82 -28.03 0.34
N SER G 380 10.79 -27.25 0.80
CA SER G 380 10.59 -25.90 1.27
C SER G 380 11.32 -24.98 0.31
N PRO G 381 10.59 -24.08 -0.34
CA PRO G 381 11.21 -23.21 -1.34
C PRO G 381 11.98 -22.08 -0.68
N VAL G 382 13.06 -21.69 -1.33
CA VAL G 382 13.77 -20.47 -0.98
C VAL G 382 13.73 -19.54 -2.19
N LEU G 383 13.37 -18.29 -1.96
CA LEU G 383 13.31 -17.24 -2.97
C LEU G 383 14.55 -16.37 -2.85
N TYR G 384 15.13 -16.01 -3.99
CA TYR G 384 16.30 -15.15 -3.99
C TYR G 384 15.82 -13.71 -4.05
N TYR G 385 16.37 -12.88 -3.19
CA TYR G 385 15.85 -11.52 -3.05
C TYR G 385 15.86 -10.81 -4.39
N GLY G 386 14.75 -10.14 -4.71
CA GLY G 386 14.63 -9.39 -5.93
C GLY G 386 13.99 -10.12 -7.09
N ASP G 387 14.06 -11.46 -7.13
CA ASP G 387 13.35 -12.21 -8.18
C ASP G 387 11.81 -12.11 -8.04
N GLU G 388 11.30 -11.67 -6.91
CA GLU G 388 9.88 -11.46 -6.80
C GLU G 388 9.44 -10.17 -7.49
N ILE G 389 10.36 -9.29 -7.87
CA ILE G 389 10.00 -8.15 -8.70
C ILE G 389 10.62 -8.21 -10.08
N GLY G 390 11.55 -9.14 -10.32
CA GLY G 390 12.14 -9.36 -11.63
C GLY G 390 13.39 -8.56 -11.90
N MET G 391 14.32 -8.51 -10.96
CA MET G 391 15.54 -7.74 -11.16
C MET G 391 16.42 -8.42 -12.20
N GLY G 392 17.34 -7.64 -12.77
CA GLY G 392 18.30 -8.10 -13.73
C GLY G 392 19.66 -8.25 -13.10
N ASP G 393 20.69 -8.29 -13.96
CA ASP G 393 22.08 -8.41 -13.51
C ASP G 393 22.93 -7.30 -14.12
N ASP G 394 24.14 -7.15 -13.58
CA ASP G 394 25.14 -6.22 -14.10
C ASP G 394 26.40 -7.03 -14.35
N LEU G 395 26.58 -7.44 -15.61
CA LEU G 395 27.81 -8.14 -16.00
C LEU G 395 29.03 -7.24 -15.94
N GLY G 396 28.86 -5.94 -15.74
CA GLY G 396 30.03 -5.09 -15.52
C GLY G 396 30.69 -5.27 -14.17
N LEU G 397 30.10 -6.03 -13.28
CA LEU G 397 30.67 -6.25 -11.97
C LEU G 397 31.46 -7.56 -11.94
N PRO G 398 32.59 -7.58 -11.23
CA PRO G 398 33.45 -8.76 -11.28
C PRO G 398 32.80 -9.94 -10.59
N ASP G 399 33.34 -11.12 -10.89
CA ASP G 399 33.01 -12.39 -10.22
C ASP G 399 31.50 -12.59 -10.31
N ARG G 400 30.82 -12.96 -9.23
CA ARG G 400 29.38 -13.21 -9.24
C ARG G 400 28.60 -12.05 -8.62
N ASN G 401 29.23 -10.87 -8.53
CA ASN G 401 28.62 -9.69 -7.95
C ASN G 401 27.48 -9.13 -8.81
N GLY G 402 27.38 -9.56 -10.07
CA GLY G 402 26.35 -9.03 -10.95
C GLY G 402 24.93 -9.43 -10.59
N VAL G 403 24.75 -10.50 -9.81
CA VAL G 403 23.42 -10.93 -9.35
C VAL G 403 23.14 -10.46 -7.92
N ARG G 404 23.98 -9.58 -7.41
CA ARG G 404 23.96 -9.20 -6.01
C ARG G 404 23.76 -7.70 -5.85
N THR G 405 23.21 -7.06 -6.88
CA THR G 405 23.07 -5.62 -6.83
C THR G 405 21.96 -5.26 -5.84
N PRO G 406 21.91 -3.99 -5.39
CA PRO G 406 21.01 -3.66 -4.29
C PRO G 406 19.54 -3.83 -4.64
N MET G 407 18.76 -4.16 -3.62
CA MET G 407 17.32 -4.27 -3.80
C MET G 407 16.74 -2.95 -4.29
N GLN G 408 15.76 -3.04 -5.20
CA GLN G 408 15.12 -1.88 -5.83
C GLN G 408 13.72 -1.65 -5.24
N TRP G 409 13.65 -0.73 -4.30
CA TRP G 409 12.42 -0.46 -3.57
C TRP G 409 11.50 0.54 -4.28
N ASN G 410 12.02 1.54 -4.97
CA ASN G 410 11.17 2.55 -5.61
C ASN G 410 12.01 3.27 -6.66
N ALA G 411 11.40 4.25 -7.30
CA ALA G 411 12.07 4.88 -8.45
C ALA G 411 12.96 6.06 -8.07
N GLY G 412 13.06 6.41 -6.78
CA GLY G 412 13.93 7.48 -6.30
C GLY G 412 15.42 7.19 -6.23
N THR G 413 16.16 7.99 -5.45
CA THR G 413 17.63 7.88 -5.36
C THR G 413 18.09 6.44 -5.09
N SER G 414 18.99 5.95 -5.94
CA SER G 414 19.45 4.56 -5.93
C SER G 414 18.33 3.55 -5.70
N GLY G 415 17.23 3.70 -6.41
CA GLY G 415 16.14 2.77 -6.25
C GLY G 415 15.59 2.65 -4.85
N GLY G 416 15.86 3.61 -3.98
CA GLY G 416 15.38 3.53 -2.60
C GLY G 416 16.26 2.71 -1.69
N PHE G 417 17.26 2.03 -2.22
CA PHE G 417 18.21 1.31 -1.37
C PHE G 417 18.93 2.26 -0.42
N SER G 418 19.22 3.48 -0.88
CA SER G 418 20.13 4.36 -0.16
C SER G 418 19.89 5.79 -0.60
N THR G 419 20.17 6.73 0.30
CA THR G 419 20.23 8.14 -0.08
C THR G 419 21.58 8.48 -0.69
N ALA G 420 22.58 7.62 -0.54
CA ALA G 420 23.81 7.79 -1.30
C ALA G 420 23.54 7.58 -2.79
N GLN G 421 24.15 8.41 -3.64
CA GLN G 421 24.12 8.28 -5.09
C GLN G 421 24.50 6.86 -5.52
N PRO G 422 24.03 6.41 -6.70
CA PRO G 422 24.31 5.02 -7.10
C PRO G 422 25.78 4.66 -7.10
N SER G 423 26.66 5.59 -7.49
CA SER G 423 28.08 5.29 -7.62
C SER G 423 28.79 5.24 -6.28
N ASP G 424 28.09 5.55 -5.19
CA ASP G 424 28.69 5.43 -3.87
C ASP G 424 28.09 4.28 -3.08
N CYS G 425 27.16 3.53 -3.66
CA CYS G 425 26.64 2.33 -3.03
C CYS G 425 27.64 1.20 -3.20
N PHE G 426 27.59 0.27 -2.26
CA PHE G 426 28.58 -0.81 -2.21
C PHE G 426 28.72 -1.49 -3.58
N PHE G 427 27.58 -1.87 -4.17
CA PHE G 427 27.41 -2.23 -5.56
C PHE G 427 26.44 -1.23 -6.20
N PRO G 428 26.61 -0.89 -7.47
CA PRO G 428 25.72 0.09 -8.09
C PRO G 428 24.36 -0.52 -8.39
N PRO G 429 23.29 0.19 -8.03
CA PRO G 429 21.94 -0.24 -8.46
C PRO G 429 21.77 -0.25 -9.98
N ILE G 430 21.02 -1.23 -10.47
CA ILE G 430 20.85 -1.37 -11.90
C ILE G 430 19.98 -0.23 -12.45
N GLN G 431 20.39 0.35 -13.57
CA GLN G 431 19.67 1.50 -14.14
C GLN G 431 19.41 1.36 -15.64
N ASP G 432 19.53 0.17 -16.21
CA ASP G 432 19.30 -0.01 -17.62
C ASP G 432 17.81 0.19 -17.95
N PRO G 433 17.45 0.35 -19.24
CA PRO G 433 16.03 0.58 -19.59
C PRO G 433 15.07 -0.56 -19.30
N VAL G 434 15.54 -1.81 -19.23
CA VAL G 434 14.66 -2.95 -19.07
C VAL G 434 14.46 -3.31 -17.60
N TYR G 435 15.55 -3.26 -16.83
CA TYR G 435 15.64 -3.81 -15.49
C TYR G 435 15.94 -2.77 -14.42
N GLY G 436 16.24 -1.54 -14.81
CA GLY G 436 16.62 -0.52 -13.86
C GLY G 436 15.50 -0.24 -12.89
N PHE G 437 15.85 0.49 -11.84
CA PHE G 437 14.86 0.73 -10.81
C PHE G 437 13.76 1.71 -11.24
N GLY G 438 13.96 2.49 -12.30
CA GLY G 438 12.86 3.29 -12.80
C GLY G 438 11.74 2.45 -13.37
N ARG G 439 12.06 1.23 -13.80
CA ARG G 439 11.09 0.31 -14.38
C ARG G 439 10.68 -0.79 -13.40
N VAL G 440 11.62 -1.24 -12.57
CA VAL G 440 11.50 -2.47 -11.81
C VAL G 440 11.76 -2.12 -10.35
N ASN G 441 10.71 -2.05 -9.54
CA ASN G 441 10.92 -1.62 -8.17
C ASN G 441 9.70 -2.03 -7.37
N VAL G 442 9.87 -2.12 -6.04
CA VAL G 442 8.84 -2.69 -5.18
C VAL G 442 7.59 -1.81 -5.12
N GLN G 443 7.77 -0.48 -5.06
CA GLN G 443 6.63 0.41 -4.83
C GLN G 443 5.61 0.34 -5.99
N SER G 444 6.11 0.40 -7.22
CA SER G 444 5.19 0.31 -8.36
C SER G 444 4.56 -1.06 -8.50
N GLN G 445 5.17 -2.10 -7.94
CA GLN G 445 4.55 -3.41 -8.03
C GLN G 445 3.53 -3.63 -6.93
N LEU G 446 3.69 -2.96 -5.78
CA LEU G 446 2.62 -2.86 -4.79
C LEU G 446 1.42 -2.05 -5.30
N GLN G 447 1.62 -1.09 -6.22
CA GLN G 447 0.52 -0.29 -6.77
C GLN G 447 -0.10 -0.90 -8.01
N ASP G 448 0.58 -1.88 -8.63
CA ASP G 448 0.18 -2.50 -9.87
C ASP G 448 -0.61 -3.76 -9.53
N PRO G 449 -1.93 -3.79 -9.74
CA PRO G 449 -2.73 -4.92 -9.27
C PRO G 449 -2.34 -6.26 -9.88
N SER G 450 -1.58 -6.28 -10.97
CA SER G 450 -1.21 -7.53 -11.61
C SER G 450 0.31 -7.66 -11.74
N SER G 451 1.04 -7.13 -10.76
CA SER G 451 2.48 -7.21 -10.82
C SER G 451 2.98 -8.63 -10.49
N LEU G 452 4.25 -8.87 -10.86
CA LEU G 452 4.95 -10.08 -10.45
C LEU G 452 5.05 -10.20 -8.92
N LEU G 453 5.17 -9.07 -8.23
CA LEU G 453 5.20 -9.14 -6.77
C LEU G 453 3.85 -9.61 -6.22
N LYS G 454 2.75 -9.07 -6.77
CA LYS G 454 1.45 -9.51 -6.26
C LYS G 454 1.17 -10.94 -6.67
N TRP G 455 1.66 -11.34 -7.84
CA TRP G 455 1.47 -12.72 -8.26
C TRP G 455 2.23 -13.68 -7.35
N THR G 456 3.48 -13.36 -7.05
CA THR G 456 4.25 -14.20 -6.15
C THR G 456 3.58 -14.36 -4.81
N ALA G 457 3.13 -13.25 -4.20
CA ALA G 457 2.46 -13.36 -2.89
C ALA G 457 1.16 -14.15 -2.97
N ARG G 458 0.39 -13.97 -4.05
CA ARG G 458 -0.83 -14.73 -4.22
C ARG G 458 -0.54 -16.22 -4.42
N GLN G 459 0.55 -16.53 -5.13
CA GLN G 459 0.89 -17.93 -5.37
C GLN G 459 1.35 -18.61 -4.08
N LEU G 460 2.19 -17.94 -3.29
CA LEU G 460 2.58 -18.46 -1.98
C LEU G 460 1.39 -18.62 -1.04
N GLU G 461 0.36 -17.80 -1.20
CA GLU G 461 -0.84 -17.93 -0.38
C GLU G 461 -1.62 -19.18 -0.79
N LEU G 462 -1.70 -19.45 -2.09
CA LEU G 462 -2.35 -20.67 -2.57
C LEU G 462 -1.58 -21.91 -2.10
N ARG G 463 -0.25 -21.83 -2.10
CA ARG G 463 0.55 -22.97 -1.67
C ARG G 463 0.38 -23.23 -0.18
N ARG G 464 0.32 -22.16 0.63
CA ARG G 464 0.09 -22.29 2.07
C ARG G 464 -1.27 -22.86 2.38
N ALA G 465 -2.20 -22.78 1.43
CA ALA G 465 -3.54 -23.28 1.68
C ALA G 465 -3.66 -24.78 1.41
N HIS G 466 -2.57 -25.43 1.03
CA HIS G 466 -2.60 -26.84 0.65
C HIS G 466 -1.33 -27.52 1.16
N PRO G 467 -1.37 -28.08 2.37
CA PRO G 467 -0.14 -28.64 2.98
C PRO G 467 0.49 -29.77 2.21
N ALA G 468 -0.24 -30.37 1.28
CA ALA G 468 0.33 -31.39 0.44
C ALA G 468 1.57 -30.90 -0.32
N PHE G 469 1.64 -29.60 -0.62
CA PHE G 469 2.82 -29.06 -1.29
C PHE G 469 4.04 -29.17 -0.40
N ALA G 470 3.88 -28.90 0.88
CA ALA G 470 5.00 -28.89 1.81
C ALA G 470 5.29 -30.27 2.38
N HIS G 471 4.27 -31.13 2.49
CA HIS G 471 4.44 -32.41 3.15
C HIS G 471 4.01 -33.62 2.34
N GLY G 472 3.40 -33.44 1.16
CA GLY G 472 2.94 -34.60 0.40
C GLY G 472 4.07 -35.36 -0.29
N ASP G 473 3.79 -36.63 -0.57
CA ASP G 473 4.65 -37.42 -1.44
C ASP G 473 4.61 -36.88 -2.87
N LEU G 474 5.31 -37.52 -3.81
CA LEU G 474 5.30 -37.10 -5.21
C LEU G 474 5.20 -38.32 -6.11
N THR G 475 4.30 -38.28 -7.09
CA THR G 475 4.22 -39.32 -8.13
C THR G 475 4.06 -38.65 -9.49
N PHE G 476 5.05 -38.80 -10.37
CA PHE G 476 4.88 -38.39 -11.76
C PHE G 476 3.87 -39.28 -12.47
N ILE G 477 3.28 -38.77 -13.56
CA ILE G 477 2.34 -39.52 -14.37
C ILE G 477 2.60 -39.23 -15.84
N GLU G 478 2.17 -40.17 -16.70
CA GLU G 478 2.76 -40.34 -18.04
C GLU G 478 2.67 -39.08 -18.90
N THR G 479 1.44 -38.64 -19.22
CA THR G 479 1.06 -37.53 -20.12
C THR G 479 1.19 -37.78 -21.63
N GLY G 480 2.14 -38.59 -22.09
CA GLY G 480 2.23 -38.82 -23.51
C GLY G 480 2.75 -37.66 -24.34
N ASN G 481 3.35 -36.66 -23.72
CA ASN G 481 3.98 -35.57 -24.43
C ASN G 481 5.11 -35.09 -23.54
N PRO G 482 6.36 -35.16 -23.98
CA PRO G 482 7.49 -34.76 -23.12
C PRO G 482 7.43 -33.30 -22.69
N ALA G 483 6.75 -32.46 -23.47
CA ALA G 483 6.69 -31.06 -23.12
C ALA G 483 5.87 -30.83 -21.86
N ILE G 484 4.89 -31.69 -21.61
CA ILE G 484 3.99 -31.57 -20.48
C ILE G 484 4.51 -32.44 -19.34
N LEU G 485 4.67 -31.84 -18.17
CA LEU G 485 5.05 -32.55 -16.96
C LEU G 485 3.88 -32.57 -15.98
N ALA G 486 3.62 -33.71 -15.37
CA ALA G 486 2.51 -33.81 -14.44
C ALA G 486 2.88 -34.73 -13.29
N PHE G 487 2.41 -34.39 -12.10
CA PHE G 487 2.63 -35.23 -10.95
C PHE G 487 1.53 -34.96 -9.95
N THR G 488 1.45 -35.79 -8.92
CA THR G 488 0.53 -35.56 -7.84
C THR G 488 1.31 -35.38 -6.55
N ARG G 489 0.66 -34.72 -5.60
CA ARG G 489 1.13 -34.62 -4.23
C ARG G 489 -0.03 -35.09 -3.39
N GLN G 490 0.22 -36.02 -2.47
CA GLN G 490 -0.86 -36.55 -1.64
C GLN G 490 -0.44 -36.52 -0.18
N TYR G 491 -1.33 -36.05 0.68
CA TYR G 491 -1.04 -35.89 2.10
C TYR G 491 -2.34 -35.61 2.82
N ASP G 492 -2.54 -36.29 3.95
CA ASP G 492 -3.84 -36.26 4.63
C ASP G 492 -4.87 -36.73 3.61
N GLY G 493 -6.07 -36.18 3.61
CA GLY G 493 -7.02 -36.69 2.64
C GLY G 493 -6.88 -36.10 1.26
N GLU G 494 -5.97 -35.15 1.07
CA GLU G 494 -5.96 -34.34 -0.14
C GLU G 494 -4.94 -34.86 -1.14
N THR G 495 -5.37 -35.00 -2.39
CA THR G 495 -4.51 -35.28 -3.54
C THR G 495 -4.55 -34.08 -4.47
N LEU G 496 -3.37 -33.55 -4.76
CA LEU G 496 -3.16 -32.45 -5.68
C LEU G 496 -2.70 -33.00 -7.03
N LEU G 497 -3.11 -32.34 -8.10
CA LEU G 497 -2.67 -32.70 -9.45
C LEU G 497 -2.14 -31.46 -10.14
N ILE G 498 -0.86 -31.47 -10.48
CA ILE G 498 -0.15 -30.34 -11.06
C ILE G 498 0.40 -30.68 -12.45
N VAL G 499 0.01 -29.89 -13.43
CA VAL G 499 0.30 -30.08 -14.84
C VAL G 499 0.94 -28.80 -15.36
N SER G 500 2.13 -28.92 -15.93
CA SER G 500 2.90 -27.77 -16.37
C SER G 500 3.40 -28.02 -17.78
N ASN G 501 3.22 -27.02 -18.66
CA ASN G 501 3.64 -27.10 -20.05
C ASN G 501 4.92 -26.28 -20.23
N PHE G 502 6.01 -26.95 -20.57
CA PHE G 502 7.30 -26.28 -20.73
C PHE G 502 7.56 -25.79 -22.15
N ALA G 503 6.68 -26.07 -23.10
CA ALA G 503 6.81 -25.60 -24.47
C ALA G 503 6.32 -24.15 -24.60
N GLY G 504 6.81 -23.48 -25.65
CA GLY G 504 6.44 -22.12 -25.97
C GLY G 504 5.23 -21.95 -26.89
N ASN G 505 4.56 -23.03 -27.28
CA ASN G 505 3.25 -22.95 -27.92
C ASN G 505 2.32 -24.01 -27.33
N ALA G 506 1.08 -24.07 -27.82
CA ALA G 506 0.09 -24.95 -27.23
C ALA G 506 0.46 -26.42 -27.46
N GLN G 507 0.09 -27.28 -26.51
CA GLN G 507 0.47 -28.68 -26.54
C GLN G 507 -0.69 -29.56 -26.07
N ALA G 508 -0.86 -30.72 -26.70
CA ALA G 508 -1.84 -31.68 -26.25
C ALA G 508 -1.15 -32.82 -25.50
N GLY G 509 -1.89 -33.43 -24.59
CA GLY G 509 -1.42 -34.59 -23.87
C GLY G 509 -2.57 -35.53 -23.58
N LEU G 510 -2.21 -36.70 -23.07
CA LEU G 510 -3.15 -37.70 -22.57
C LEU G 510 -2.64 -38.16 -21.21
N LEU G 511 -3.37 -37.82 -20.15
CA LEU G 511 -2.91 -38.08 -18.79
C LEU G 511 -3.34 -39.46 -18.34
N ASP G 512 -2.41 -40.22 -17.76
CA ASP G 512 -2.71 -41.53 -17.17
C ASP G 512 -3.32 -41.31 -15.78
N LEU G 513 -4.65 -41.28 -15.72
CA LEU G 513 -5.35 -41.03 -14.47
C LEU G 513 -6.19 -42.21 -14.03
N ALA G 514 -5.88 -43.41 -14.52
CA ALA G 514 -6.53 -44.65 -14.09
C ALA G 514 -6.82 -44.74 -12.59
N PRO G 515 -5.87 -44.45 -11.66
CA PRO G 515 -6.18 -44.63 -10.24
C PRO G 515 -7.27 -43.72 -9.69
N PHE G 516 -7.82 -42.82 -10.54
CA PHE G 516 -8.76 -41.84 -10.03
C PHE G 516 -10.05 -41.79 -10.84
N VAL G 517 -10.37 -42.84 -11.61
CA VAL G 517 -11.67 -42.91 -12.26
C VAL G 517 -12.76 -42.60 -11.26
N GLY G 518 -13.76 -41.83 -11.69
CA GLY G 518 -14.82 -41.41 -10.81
C GLY G 518 -14.55 -40.15 -10.02
N ARG G 519 -13.35 -39.58 -10.12
CA ARG G 519 -12.98 -38.38 -9.40
C ARG G 519 -12.86 -37.21 -10.38
N ALA G 520 -13.26 -36.02 -9.93
CA ALA G 520 -13.29 -34.83 -10.79
C ALA G 520 -12.16 -33.89 -10.41
N PRO G 521 -11.26 -33.55 -11.33
CA PRO G 521 -10.24 -32.55 -11.03
C PRO G 521 -10.92 -31.20 -10.93
N VAL G 522 -10.63 -30.47 -9.86
CA VAL G 522 -11.17 -29.13 -9.77
C VAL G 522 -10.06 -28.15 -9.43
N THR G 523 -10.26 -26.93 -9.90
CA THR G 523 -9.24 -25.89 -9.90
C THR G 523 -9.00 -25.38 -8.49
N LEU G 524 -7.72 -25.25 -8.14
CA LEU G 524 -7.33 -24.78 -6.81
C LEU G 524 -7.70 -23.33 -6.63
N SER G 525 -7.65 -22.56 -7.70
CA SER G 525 -7.93 -21.14 -7.70
C SER G 525 -9.31 -20.95 -8.34
N GLY G 526 -10.35 -20.82 -7.55
CA GLY G 526 -11.68 -20.55 -8.06
C GLY G 526 -12.59 -21.74 -8.26
N ALA G 527 -12.28 -22.89 -7.62
CA ALA G 527 -13.08 -24.11 -7.65
C ALA G 527 -13.93 -24.27 -8.91
N SER G 528 -13.32 -24.18 -10.07
CA SER G 528 -14.01 -24.53 -11.31
C SER G 528 -13.71 -26.00 -11.63
N PRO G 529 -14.72 -26.85 -11.77
CA PRO G 529 -14.44 -28.27 -11.97
C PRO G 529 -14.28 -28.62 -13.44
N LEU G 530 -13.30 -29.48 -13.70
CA LEU G 530 -13.06 -30.09 -15.01
C LEU G 530 -13.86 -31.39 -15.12
N PRO G 531 -13.93 -32.01 -16.32
CA PRO G 531 -14.75 -33.23 -16.47
C PRO G 531 -14.26 -34.37 -15.59
N VAL G 532 -15.20 -35.24 -15.21
CA VAL G 532 -14.89 -36.38 -14.37
C VAL G 532 -14.02 -37.39 -15.11
N VAL G 533 -13.18 -38.10 -14.36
CA VAL G 533 -12.29 -39.10 -14.95
C VAL G 533 -13.07 -40.38 -15.22
N THR G 534 -13.07 -40.83 -16.47
CA THR G 534 -13.94 -41.91 -16.92
C THR G 534 -13.12 -43.01 -17.60
N GLY G 535 -13.79 -44.12 -17.89
CA GLY G 535 -13.25 -45.17 -18.73
C GLY G 535 -11.89 -45.65 -18.30
N ASN G 536 -10.98 -45.79 -19.28
CA ASN G 536 -9.61 -46.18 -19.01
C ASN G 536 -8.82 -45.12 -18.25
N GLY G 537 -9.45 -44.01 -17.87
CA GLY G 537 -8.77 -42.95 -17.17
C GLY G 537 -7.69 -42.24 -17.95
N GLN G 538 -7.54 -42.50 -19.25
CA GLN G 538 -6.66 -41.68 -20.09
C GLN G 538 -7.41 -40.38 -20.37
N TYR G 539 -6.86 -39.28 -19.85
CA TYR G 539 -7.57 -38.00 -19.75
C TYR G 539 -6.96 -36.97 -20.68
N PRO G 540 -7.67 -36.55 -21.73
CA PRO G 540 -7.07 -35.62 -22.69
C PRO G 540 -7.02 -34.19 -22.16
N VAL G 541 -5.88 -33.55 -22.35
CA VAL G 541 -5.71 -32.15 -21.98
C VAL G 541 -5.12 -31.41 -23.17
N VAL G 542 -5.50 -30.14 -23.31
CA VAL G 542 -4.73 -29.19 -24.11
C VAL G 542 -4.23 -28.10 -23.17
N MET G 543 -3.08 -27.54 -23.51
CA MET G 543 -2.45 -26.49 -22.70
C MET G 543 -1.84 -25.46 -23.63
N GLY G 544 -1.96 -24.18 -23.27
CA GLY G 544 -1.28 -23.12 -23.98
C GLY G 544 0.16 -22.95 -23.51
N LYS G 545 0.84 -21.98 -24.14
CA LYS G 545 2.26 -21.75 -23.87
C LYS G 545 2.51 -21.48 -22.40
N TYR G 546 3.33 -22.33 -21.79
CA TYR G 546 3.82 -22.11 -20.43
C TYR G 546 2.69 -22.12 -19.40
N ASP G 547 1.62 -22.88 -19.67
CA ASP G 547 0.51 -23.00 -18.73
C ASP G 547 0.88 -23.82 -17.51
N TYR G 548 0.24 -23.51 -16.38
CA TYR G 548 0.30 -24.38 -15.21
C TYR G 548 -1.12 -24.61 -14.71
N TYR G 549 -1.42 -25.87 -14.40
CA TYR G 549 -2.70 -26.30 -13.83
C TYR G 549 -2.48 -26.80 -12.40
N TRP G 550 -2.85 -25.98 -11.42
CA TRP G 550 -2.90 -26.44 -10.04
C TRP G 550 -4.29 -26.98 -9.79
N LEU G 551 -4.39 -28.30 -9.59
CA LEU G 551 -5.69 -28.96 -9.48
C LEU G 551 -5.76 -29.82 -8.23
N ARG G 552 -6.98 -30.00 -7.74
CA ARG G 552 -7.26 -30.98 -6.70
C ARG G 552 -8.13 -32.07 -7.30
N LEU G 553 -7.90 -33.32 -6.86
CA LEU G 553 -8.68 -34.47 -7.26
C LEU G 553 -9.65 -34.85 -6.14
N ASN G 554 -10.95 -34.62 -6.38
CA ASN G 554 -11.98 -34.87 -5.37
C ASN G 554 -12.09 -36.36 -5.00
N SER G 555 -12.93 -36.63 -4.01
CA SER G 555 -13.34 -38.02 -3.70
C SER G 555 -14.84 -38.24 -3.89
N PRO H 8 39.67 -31.29 -65.80
CA PRO H 8 38.49 -31.89 -65.17
C PRO H 8 37.18 -31.25 -65.64
N GLU H 9 36.05 -31.85 -65.28
CA GLU H 9 34.75 -31.40 -65.76
C GLU H 9 34.44 -30.01 -65.20
N TRP H 10 33.75 -29.20 -66.01
CA TRP H 10 33.57 -27.79 -65.68
C TRP H 10 32.82 -27.61 -64.35
N TYR H 11 31.78 -28.41 -64.11
CA TYR H 11 31.01 -28.24 -62.87
C TYR H 11 31.84 -28.49 -61.62
N LYS H 12 33.06 -29.01 -61.74
CA LYS H 12 33.88 -29.32 -60.58
C LYS H 12 34.64 -28.11 -60.08
N SER H 13 34.97 -27.16 -60.95
CA SER H 13 35.68 -25.97 -60.52
C SER H 13 34.78 -24.74 -60.50
N ALA H 14 33.47 -24.94 -60.63
CA ALA H 14 32.48 -23.89 -60.74
C ALA H 14 32.02 -23.39 -59.38
N VAL H 15 31.61 -22.13 -59.35
CA VAL H 15 30.90 -21.55 -58.21
C VAL H 15 29.46 -21.29 -58.64
N PHE H 16 28.52 -21.84 -57.89
CA PHE H 16 27.10 -21.75 -58.20
C PHE H 16 26.45 -20.62 -57.44
N TYR H 17 25.35 -20.15 -58.00
CA TYR H 17 24.59 -19.03 -57.44
C TYR H 17 23.11 -19.34 -57.67
N GLU H 18 22.35 -19.45 -56.59
CA GLU H 18 20.94 -19.82 -56.67
C GLU H 18 20.08 -18.56 -56.63
N LEU H 19 19.32 -18.35 -57.70
CA LEU H 19 18.42 -17.21 -57.74
C LEU H 19 17.06 -17.64 -58.28
N SER H 20 16.05 -16.83 -57.97
CA SER H 20 14.71 -16.96 -58.53
C SER H 20 14.47 -15.77 -59.45
N VAL H 21 14.04 -16.04 -60.67
CA VAL H 21 13.89 -14.96 -61.64
C VAL H 21 12.80 -13.98 -61.20
N ARG H 22 11.73 -14.49 -60.59
CA ARG H 22 10.60 -13.62 -60.20
C ARG H 22 11.02 -12.58 -59.18
N THR H 23 12.21 -12.71 -58.64
CA THR H 23 12.55 -12.10 -57.35
C THR H 23 13.97 -11.54 -57.37
N PHE H 24 14.63 -11.56 -58.52
CA PHE H 24 15.97 -11.00 -58.70
C PHE H 24 15.93 -9.56 -59.18
N GLN H 25 15.41 -9.32 -60.40
CA GLN H 25 15.33 -7.96 -60.94
C GLN H 25 14.11 -7.79 -61.83
N ASP H 26 13.25 -6.82 -61.51
CA ASP H 26 12.12 -6.45 -62.36
C ASP H 26 12.57 -5.48 -63.44
N GLY H 27 12.28 -5.80 -64.69
CA GLY H 27 12.67 -4.94 -65.79
C GLY H 27 11.61 -3.94 -66.25
N ASN H 28 10.33 -4.26 -66.08
CA ASN H 28 9.27 -3.42 -66.64
C ASN H 28 8.41 -2.70 -65.61
N GLY H 29 8.65 -2.87 -64.30
CA GLY H 29 7.92 -2.14 -63.27
C GLY H 29 6.62 -2.75 -62.77
N ASP H 30 6.29 -3.98 -63.18
CA ASP H 30 5.07 -4.67 -62.75
C ASP H 30 5.24 -5.38 -61.41
N GLY H 31 6.40 -5.25 -60.78
CA GLY H 31 6.62 -5.82 -59.47
C GLY H 31 7.04 -7.27 -59.47
N LYS H 32 7.25 -7.87 -60.65
CA LYS H 32 7.71 -9.25 -60.79
C LYS H 32 9.08 -9.29 -61.49
N GLY H 33 10.00 -10.08 -60.96
CA GLY H 33 11.28 -10.22 -61.63
C GLY H 33 11.11 -10.91 -62.97
N ASP H 34 12.03 -10.64 -63.88
CA ASP H 34 11.89 -11.15 -65.24
C ASP H 34 13.26 -11.30 -65.88
N PHE H 35 13.27 -11.96 -67.04
CA PHE H 35 14.49 -12.38 -67.72
C PHE H 35 15.27 -11.21 -68.27
N PRO H 36 14.63 -10.17 -68.81
CA PRO H 36 15.41 -8.98 -69.19
C PRO H 36 16.02 -8.26 -67.99
N GLY H 37 15.34 -8.27 -66.83
CA GLY H 37 15.97 -7.77 -65.62
C GLY H 37 17.19 -8.59 -65.24
N LEU H 38 17.04 -9.91 -65.20
CA LEU H 38 18.15 -10.80 -64.86
C LEU H 38 19.34 -10.57 -65.77
N THR H 39 19.09 -10.43 -67.09
CA THR H 39 20.14 -10.22 -68.08
C THR H 39 20.95 -8.97 -67.79
N SER H 40 20.29 -7.90 -67.31
CA SER H 40 21.00 -6.67 -66.99
C SER H 40 21.85 -6.77 -65.72
N ARG H 41 21.78 -7.88 -64.98
CA ARG H 41 22.57 -8.05 -63.78
C ARG H 41 23.69 -9.06 -63.95
N LEU H 42 23.88 -9.62 -65.15
CA LEU H 42 24.87 -10.69 -65.30
C LEU H 42 26.30 -10.21 -65.03
N ASP H 43 26.60 -8.93 -65.25
CA ASP H 43 27.94 -8.43 -64.93
C ASP H 43 28.19 -8.44 -63.42
N TYR H 44 27.17 -8.13 -62.63
CA TYR H 44 27.31 -8.20 -61.17
C TYR H 44 27.63 -9.62 -60.73
N LEU H 45 26.89 -10.62 -61.26
CA LEU H 45 27.17 -12.01 -60.94
C LEU H 45 28.53 -12.45 -61.46
N LYS H 46 28.89 -12.07 -62.68
CA LYS H 46 30.22 -12.38 -63.17
C LYS H 46 31.29 -11.73 -62.29
N ASN H 47 31.17 -10.42 -62.04
CA ASN H 47 32.14 -9.72 -61.20
C ASN H 47 32.20 -10.31 -59.80
N LEU H 48 31.11 -10.91 -59.33
CA LEU H 48 31.15 -11.48 -57.99
C LEU H 48 32.06 -12.70 -57.92
N GLY H 49 32.27 -13.39 -59.04
CA GLY H 49 33.02 -14.62 -59.05
C GLY H 49 32.21 -15.87 -59.30
N VAL H 50 30.90 -15.75 -59.60
CA VAL H 50 30.08 -16.93 -59.81
C VAL H 50 30.23 -17.40 -61.25
N ASP H 51 30.18 -18.72 -61.45
CA ASP H 51 30.36 -19.34 -62.75
C ASP H 51 29.07 -19.88 -63.32
N CYS H 52 28.19 -20.37 -62.47
CA CYS H 52 27.00 -21.04 -62.93
C CYS H 52 25.80 -20.51 -62.18
N LEU H 53 24.75 -20.19 -62.91
CA LEU H 53 23.51 -19.75 -62.35
C LEU H 53 22.56 -20.94 -62.28
N TRP H 54 22.01 -21.18 -61.11
CA TRP H 54 20.94 -22.15 -60.99
C TRP H 54 19.68 -21.34 -60.75
N LEU H 55 18.71 -21.50 -61.65
CA LEU H 55 17.46 -20.77 -61.61
C LEU H 55 16.38 -21.65 -61.02
N LEU H 56 15.56 -21.06 -60.15
CA LEU H 56 14.38 -21.75 -59.65
C LEU H 56 13.40 -21.94 -60.82
N PRO H 57 12.37 -22.75 -60.63
CA PRO H 57 11.48 -23.05 -61.76
C PRO H 57 10.86 -21.80 -62.38
N TRP H 58 11.00 -21.69 -63.70
CA TRP H 58 10.52 -20.55 -64.46
C TRP H 58 9.29 -20.90 -65.30
N PHE H 59 8.62 -21.98 -64.99
CA PHE H 59 7.60 -22.55 -65.88
C PHE H 59 6.21 -22.00 -65.58
N PRO H 60 5.33 -22.00 -66.58
CA PRO H 60 3.91 -21.70 -66.33
C PRO H 60 3.40 -22.51 -65.16
N SER H 61 2.59 -21.87 -64.31
CA SER H 61 2.25 -22.44 -63.01
C SER H 61 1.31 -21.52 -62.25
N PRO H 62 0.43 -22.07 -61.42
CA PRO H 62 -0.34 -21.23 -60.50
C PRO H 62 0.43 -20.83 -59.26
N LEU H 63 1.67 -21.30 -59.11
CA LEU H 63 2.59 -20.84 -58.07
C LEU H 63 2.10 -21.14 -56.65
N ARG H 64 1.32 -22.21 -56.49
CA ARG H 64 0.92 -22.64 -55.15
C ARG H 64 2.09 -23.24 -54.37
N ASP H 65 3.11 -23.75 -55.06
CA ASP H 65 4.41 -24.04 -54.46
C ASP H 65 5.50 -23.21 -55.13
N ASP H 66 5.16 -21.96 -55.47
CA ASP H 66 6.11 -20.97 -55.96
C ASP H 66 6.85 -21.47 -57.21
N GLY H 67 6.13 -22.16 -58.09
CA GLY H 67 6.70 -22.61 -59.33
C GLY H 67 7.15 -24.05 -59.34
N TYR H 68 7.22 -24.70 -58.17
CA TYR H 68 7.53 -26.12 -58.13
C TYR H 68 6.32 -27.00 -58.42
N ASP H 69 5.16 -26.38 -58.69
CA ASP H 69 3.94 -27.01 -59.23
C ASP H 69 3.83 -26.58 -60.70
N VAL H 70 4.36 -27.39 -61.60
CA VAL H 70 4.50 -26.98 -63.00
C VAL H 70 3.25 -27.38 -63.80
N ALA H 71 2.78 -26.46 -64.64
CA ALA H 71 1.63 -26.67 -65.50
C ALA H 71 1.99 -26.70 -66.98
N ASP H 72 3.28 -26.62 -67.33
CA ASP H 72 3.76 -26.68 -68.71
C ASP H 72 5.28 -26.78 -68.71
N TYR H 73 5.81 -27.96 -68.99
CA TYR H 73 7.25 -28.20 -68.91
C TYR H 73 8.06 -27.49 -69.98
N ARG H 74 7.44 -26.91 -71.02
CA ARG H 74 8.20 -26.47 -72.19
C ARG H 74 7.85 -25.04 -72.58
N GLY H 75 7.55 -24.19 -71.60
CA GLY H 75 7.27 -22.77 -71.81
C GLY H 75 7.83 -22.00 -70.65
N ILE H 76 7.79 -20.67 -70.74
CA ILE H 76 8.23 -19.86 -69.62
C ILE H 76 7.03 -19.11 -69.05
N HIS H 77 7.02 -18.99 -67.72
CA HIS H 77 5.93 -18.34 -67.01
C HIS H 77 5.77 -16.90 -67.49
N PRO H 78 4.56 -16.44 -67.78
CA PRO H 78 4.41 -15.10 -68.38
C PRO H 78 4.81 -13.95 -67.44
N ASP H 79 4.81 -14.14 -66.11
CA ASP H 79 5.38 -13.12 -65.22
C ASP H 79 6.82 -12.78 -65.61
N LEU H 80 7.55 -13.79 -66.10
CA LEU H 80 8.99 -13.74 -66.29
C LEU H 80 9.39 -13.39 -67.71
N GLY H 81 8.44 -13.07 -68.59
CA GLY H 81 8.81 -12.72 -69.96
C GLY H 81 8.35 -13.72 -70.98
N THR H 82 9.16 -13.96 -72.02
CA THR H 82 8.79 -14.86 -73.11
C THR H 82 9.92 -15.85 -73.35
N LEU H 83 9.63 -16.81 -74.23
CA LEU H 83 10.64 -17.76 -74.71
C LEU H 83 11.78 -17.05 -75.42
N ASP H 84 11.50 -15.98 -76.15
CA ASP H 84 12.58 -15.20 -76.74
C ASP H 84 13.41 -14.51 -75.67
N ASP H 85 12.76 -13.92 -74.65
CA ASP H 85 13.49 -13.32 -73.53
C ASP H 85 14.46 -14.31 -72.88
N PHE H 86 14.00 -15.54 -72.63
CA PHE H 86 14.88 -16.59 -72.10
C PHE H 86 16.06 -16.85 -73.05
N LYS H 87 15.79 -16.89 -74.36
CA LYS H 87 16.87 -17.17 -75.31
C LYS H 87 17.96 -16.11 -75.26
N VAL H 88 17.60 -14.82 -75.14
CA VAL H 88 18.68 -13.84 -75.10
C VAL H 88 19.45 -13.97 -73.80
N PHE H 89 18.76 -14.21 -72.68
CA PHE H 89 19.43 -14.38 -71.40
C PHE H 89 20.46 -15.49 -71.49
N LEU H 90 20.08 -16.61 -72.11
CA LEU H 90 21.01 -17.71 -72.32
C LEU H 90 22.19 -17.26 -73.16
N ARG H 91 21.91 -16.59 -74.27
CA ARG H 91 22.99 -16.07 -75.10
C ARG H 91 23.87 -15.11 -74.29
N GLU H 92 23.28 -14.11 -73.64
CA GLU H 92 24.05 -13.17 -72.84
C GLU H 92 24.79 -13.85 -71.70
N ALA H 93 24.17 -14.84 -71.05
CA ALA H 93 24.88 -15.57 -69.99
C ALA H 93 26.13 -16.23 -70.55
N HIS H 94 25.97 -17.01 -71.63
CA HIS H 94 27.09 -17.71 -72.23
C HIS H 94 28.12 -16.73 -72.80
N ALA H 95 27.66 -15.65 -73.43
CA ALA H 95 28.59 -14.64 -73.93
C ALA H 95 29.56 -14.17 -72.86
N ARG H 96 29.16 -14.25 -71.59
CA ARG H 96 29.97 -13.82 -70.48
C ARG H 96 30.76 -14.95 -69.82
N GLY H 97 30.63 -16.18 -70.30
CA GLY H 97 31.32 -17.29 -69.66
C GLY H 97 30.57 -17.95 -68.53
N LEU H 98 29.27 -17.74 -68.45
CA LEU H 98 28.46 -18.34 -67.39
C LEU H 98 27.73 -19.58 -67.91
N TRP H 99 27.72 -20.61 -67.11
CA TRP H 99 26.84 -21.72 -67.36
C TRP H 99 25.51 -21.42 -66.68
N VAL H 100 24.43 -22.02 -67.15
CA VAL H 100 23.18 -21.85 -66.42
C VAL H 100 22.39 -23.14 -66.47
N ILE H 101 21.99 -23.62 -65.31
CA ILE H 101 21.21 -24.83 -65.18
C ILE H 101 19.82 -24.44 -64.72
N GLY H 102 18.83 -25.20 -65.17
CA GLY H 102 17.46 -25.02 -64.75
C GLY H 102 17.08 -25.96 -63.62
N ASP H 103 15.79 -26.00 -63.35
CA ASP H 103 15.23 -26.81 -62.29
C ASP H 103 14.22 -27.72 -62.96
N LEU H 104 14.52 -29.02 -63.02
CA LEU H 104 13.63 -29.99 -63.63
C LEU H 104 12.80 -30.66 -62.52
N VAL H 105 11.52 -30.32 -62.46
CA VAL H 105 10.62 -30.91 -61.47
C VAL H 105 10.07 -32.19 -62.10
N THR H 106 10.50 -33.34 -61.56
CA THR H 106 10.17 -34.64 -62.14
C THR H 106 9.11 -35.41 -61.36
N ASN H 107 9.08 -35.24 -60.04
CA ASN H 107 8.23 -36.09 -59.22
C ASN H 107 6.76 -35.81 -59.44
N HIS H 108 6.42 -34.60 -59.83
CA HIS H 108 5.03 -34.18 -59.69
C HIS H 108 4.77 -32.99 -60.59
N THR H 109 3.50 -32.67 -60.75
CA THR H 109 3.10 -31.54 -61.57
C THR H 109 2.07 -30.74 -60.80
N SER H 110 1.78 -29.57 -61.31
CA SER H 110 0.62 -28.83 -60.88
C SER H 110 -0.67 -29.60 -61.20
N SER H 111 -1.62 -29.57 -60.27
CA SER H 111 -2.94 -30.08 -60.62
C SER H 111 -3.60 -29.26 -61.72
N ASP H 112 -3.04 -28.10 -62.08
CA ASP H 112 -3.48 -27.37 -63.26
C ASP H 112 -2.80 -27.85 -64.53
N HIS H 113 -1.86 -28.79 -64.45
CA HIS H 113 -1.30 -29.30 -65.67
C HIS H 113 -2.40 -29.96 -66.48
N PRO H 114 -2.38 -29.84 -67.82
CA PRO H 114 -3.42 -30.47 -68.64
C PRO H 114 -3.41 -32.01 -68.61
N TRP H 115 -2.25 -32.62 -68.36
CA TRP H 115 -2.21 -34.05 -68.10
C TRP H 115 -3.16 -34.43 -66.98
N PHE H 116 -3.09 -33.71 -65.85
CA PHE H 116 -3.91 -34.08 -64.71
C PHE H 116 -5.36 -33.67 -64.91
N GLN H 117 -5.59 -32.53 -65.58
CA GLN H 117 -6.95 -32.15 -65.91
C GLN H 117 -7.62 -33.22 -66.74
N ALA H 118 -6.89 -33.78 -67.71
CA ALA H 118 -7.38 -34.93 -68.47
C ALA H 118 -7.56 -36.17 -67.60
N ALA H 119 -6.59 -36.46 -66.73
CA ALA H 119 -6.57 -37.73 -66.02
C ALA H 119 -7.63 -37.80 -64.92
N ARG H 120 -7.99 -36.67 -64.32
CA ARG H 120 -9.06 -36.69 -63.33
C ARG H 120 -10.41 -37.02 -63.95
N ARG H 121 -10.53 -36.98 -65.27
CA ARG H 121 -11.78 -37.36 -65.93
C ARG H 121 -12.08 -38.84 -65.74
N GLY H 122 -11.04 -39.67 -65.68
CA GLY H 122 -11.23 -41.07 -65.34
C GLY H 122 -10.52 -42.01 -66.28
N PRO H 123 -10.72 -43.32 -66.09
CA PRO H 123 -9.93 -44.30 -66.83
C PRO H 123 -10.29 -44.39 -68.31
N THR H 124 -11.54 -44.15 -68.67
CA THR H 124 -11.97 -44.23 -70.06
C THR H 124 -12.76 -43.00 -70.44
N LEU H 125 -12.58 -42.58 -71.69
CA LEU H 125 -13.20 -41.37 -72.21
C LEU H 125 -14.69 -41.61 -72.48
N PRO H 126 -15.49 -40.53 -72.57
CA PRO H 126 -16.95 -40.71 -72.74
C PRO H 126 -17.34 -41.67 -73.86
N ASP H 127 -16.56 -41.77 -74.93
CA ASP H 127 -16.86 -42.67 -76.04
C ASP H 127 -16.18 -44.03 -75.90
N GLY H 128 -15.89 -44.49 -74.69
CA GLY H 128 -15.40 -45.84 -74.48
C GLY H 128 -13.92 -46.14 -74.48
N SER H 129 -13.20 -45.40 -75.28
CA SER H 129 -11.76 -45.69 -75.47
C SER H 129 -10.89 -45.17 -74.33
N PRO H 130 -9.70 -45.83 -74.09
CA PRO H 130 -8.88 -45.58 -72.92
C PRO H 130 -8.57 -44.10 -72.81
N ASN H 131 -8.20 -43.67 -71.59
CA ASN H 131 -7.71 -42.32 -71.26
C ASN H 131 -6.20 -42.40 -71.10
N GLU H 132 -5.48 -42.18 -72.20
CA GLU H 132 -4.01 -42.25 -72.21
C GLU H 132 -3.41 -41.52 -71.00
N TYR H 133 -4.11 -40.51 -70.47
CA TYR H 133 -3.58 -39.66 -69.42
C TYR H 133 -3.91 -40.14 -68.02
N HIS H 134 -4.96 -40.96 -67.85
CA HIS H 134 -5.35 -41.38 -66.51
C HIS H 134 -4.18 -42.02 -65.76
N ASP H 135 -3.35 -42.79 -66.46
CA ASP H 135 -2.26 -43.52 -65.81
C ASP H 135 -0.97 -42.71 -65.72
N TYR H 136 -1.01 -41.42 -66.03
CA TYR H 136 0.13 -40.55 -65.78
C TYR H 136 0.34 -40.32 -64.29
N TYR H 137 -0.74 -40.31 -63.50
CA TYR H 137 -0.68 -40.08 -62.06
C TYR H 137 -1.00 -41.39 -61.33
N VAL H 138 -1.04 -41.31 -60.00
CA VAL H 138 -1.13 -42.51 -59.16
C VAL H 138 -2.49 -42.53 -58.47
N TRP H 139 -3.24 -43.61 -58.66
CA TRP H 139 -4.58 -43.68 -58.10
C TRP H 139 -4.73 -44.84 -57.13
N SER H 140 -5.70 -44.69 -56.25
CA SER H 140 -6.13 -45.68 -55.31
C SER H 140 -7.65 -45.75 -55.41
N ASP H 141 -8.26 -46.63 -54.63
CA ASP H 141 -9.71 -46.61 -54.53
C ASP H 141 -10.20 -46.25 -53.14
N GLU H 142 -9.47 -46.65 -52.09
CA GLU H 142 -9.77 -46.23 -50.72
C GLU H 142 -8.56 -45.61 -50.04
N GLY H 143 -7.48 -45.33 -50.78
CA GLY H 143 -6.32 -44.67 -50.23
C GLY H 143 -5.67 -45.36 -49.06
N LYS H 144 -5.55 -46.68 -49.11
CA LYS H 144 -4.95 -47.43 -48.01
C LYS H 144 -3.54 -47.94 -48.32
N GLU H 145 -3.11 -47.91 -49.58
CA GLU H 145 -1.78 -48.39 -49.92
C GLU H 145 -0.72 -47.51 -49.29
N TYR H 146 0.51 -48.03 -49.31
CA TYR H 146 1.71 -47.37 -48.79
C TYR H 146 1.46 -46.64 -47.48
N ALA H 147 1.19 -47.38 -46.40
CA ALA H 147 0.88 -46.73 -45.14
C ALA H 147 2.11 -46.43 -44.30
N ASP H 148 3.26 -47.00 -44.63
CA ASP H 148 4.49 -46.79 -43.88
C ASP H 148 5.26 -45.55 -44.33
N THR H 149 4.58 -44.59 -44.96
CA THR H 149 5.26 -43.48 -45.63
C THR H 149 5.02 -42.19 -44.88
N ALA H 150 6.12 -41.56 -44.46
CA ALA H 150 6.07 -40.29 -43.78
C ALA H 150 5.45 -39.22 -44.68
N ILE H 151 4.95 -38.16 -44.04
CA ILE H 151 4.44 -36.98 -44.72
C ILE H 151 5.51 -35.90 -44.63
N ILE H 152 5.84 -35.30 -45.77
CA ILE H 152 6.91 -34.33 -45.81
C ILE H 152 6.44 -32.99 -45.28
N PHE H 153 5.38 -32.43 -45.88
CA PHE H 153 4.81 -31.18 -45.41
C PHE H 153 3.86 -31.47 -44.24
N THR H 154 4.49 -31.77 -43.09
CA THR H 154 3.74 -32.11 -41.88
C THR H 154 2.86 -30.96 -41.42
N ASP H 155 3.28 -29.72 -41.68
CA ASP H 155 2.53 -28.55 -41.25
C ASP H 155 1.18 -28.40 -41.93
N THR H 156 0.96 -29.06 -43.07
CA THR H 156 -0.18 -28.77 -43.97
C THR H 156 -0.98 -30.01 -44.34
N GLU H 157 -0.32 -31.13 -44.58
CA GLU H 157 -0.96 -32.31 -45.16
C GLU H 157 -1.08 -33.37 -44.08
N VAL H 158 -2.28 -33.96 -43.94
CA VAL H 158 -2.47 -35.08 -43.03
C VAL H 158 -2.34 -36.42 -43.73
N SER H 159 -2.22 -36.42 -45.05
CA SER H 159 -2.16 -37.66 -45.82
C SER H 159 -1.46 -37.39 -47.14
N ASN H 160 -0.85 -38.44 -47.68
CA ASN H 160 -0.32 -38.36 -49.03
C ASN H 160 -1.37 -38.70 -50.08
N TRP H 161 -2.54 -39.18 -49.67
CA TRP H 161 -3.67 -39.50 -50.55
C TRP H 161 -4.74 -38.42 -50.42
N THR H 162 -5.23 -37.92 -51.55
CA THR H 162 -6.30 -36.93 -51.54
C THR H 162 -7.41 -37.31 -52.50
N LEU H 163 -8.65 -37.18 -52.04
CA LEU H 163 -9.81 -37.45 -52.88
C LEU H 163 -9.94 -36.42 -53.99
N ASP H 164 -10.25 -36.89 -55.19
CA ASP H 164 -10.52 -36.02 -56.33
C ASP H 164 -11.99 -36.17 -56.70
N GLU H 165 -12.70 -35.04 -56.78
CA GLU H 165 -14.14 -35.07 -57.06
C GLU H 165 -14.43 -35.75 -58.40
N GLN H 166 -13.83 -35.27 -59.49
CA GLN H 166 -14.17 -35.73 -60.84
C GLN H 166 -13.74 -37.15 -61.08
N ALA H 167 -12.69 -37.57 -60.40
CA ALA H 167 -12.29 -38.96 -60.46
C ALA H 167 -13.18 -39.80 -59.55
N GLY H 168 -13.30 -39.42 -58.28
CA GLY H 168 -13.89 -40.30 -57.29
C GLY H 168 -12.92 -41.31 -56.77
N LYS H 169 -11.63 -41.07 -56.94
CA LYS H 169 -10.61 -41.89 -56.32
C LYS H 169 -9.55 -40.99 -55.69
N TYR H 170 -8.69 -41.61 -54.88
CA TYR H 170 -7.62 -40.92 -54.19
C TYR H 170 -6.38 -40.92 -55.08
N TYR H 171 -5.66 -39.79 -55.09
CA TYR H 171 -4.41 -39.68 -55.83
C TYR H 171 -3.26 -39.40 -54.87
N TRP H 172 -2.10 -39.98 -55.18
CA TRP H 172 -0.91 -39.86 -54.36
C TRP H 172 -0.22 -38.52 -54.59
N HIS H 173 0.31 -37.93 -53.52
CA HIS H 173 1.17 -36.76 -53.64
C HIS H 173 2.14 -36.73 -52.47
N ARG H 174 3.43 -36.55 -52.73
CA ARG H 174 4.39 -36.44 -51.64
C ARG H 174 4.41 -35.05 -51.02
N PHE H 175 3.88 -34.05 -51.73
CA PHE H 175 3.90 -32.67 -51.30
C PHE H 175 2.47 -32.13 -51.19
N PHE H 176 2.21 -30.90 -51.64
CA PHE H 176 0.86 -30.35 -51.52
C PHE H 176 -0.13 -31.19 -52.32
N ALA H 177 -1.40 -31.16 -51.91
CA ALA H 177 -2.42 -31.85 -52.69
C ALA H 177 -2.50 -31.29 -54.11
N SER H 178 -2.14 -30.00 -54.29
CA SER H 178 -2.03 -29.38 -55.62
C SER H 178 -0.75 -29.81 -56.39
N GLN H 179 0.01 -30.82 -55.95
CA GLN H 179 1.15 -31.35 -56.70
C GLN H 179 1.01 -32.86 -56.83
N PRO H 180 0.07 -33.34 -57.64
CA PRO H 180 -0.13 -34.80 -57.75
C PRO H 180 1.10 -35.50 -58.31
N ASP H 181 1.46 -36.61 -57.67
CA ASP H 181 2.65 -37.36 -58.06
C ASP H 181 2.50 -37.99 -59.44
N LEU H 182 3.56 -37.92 -60.23
CA LEU H 182 3.60 -38.62 -61.51
C LEU H 182 3.90 -40.11 -61.27
N ASN H 183 3.26 -40.97 -62.08
CA ASN H 183 3.38 -42.42 -61.99
C ASN H 183 4.51 -42.89 -62.90
N TYR H 184 5.65 -43.24 -62.31
CA TYR H 184 6.81 -43.63 -63.11
C TYR H 184 6.81 -45.09 -63.50
N ASP H 185 5.78 -45.85 -63.13
CA ASP H 185 5.63 -47.17 -63.70
C ASP H 185 5.06 -47.09 -65.12
N ASN H 186 4.48 -45.96 -65.50
CA ASN H 186 4.03 -45.76 -66.87
C ASN H 186 5.20 -45.22 -67.70
N PRO H 187 5.70 -45.96 -68.69
CA PRO H 187 6.88 -45.51 -69.43
C PRO H 187 6.61 -44.30 -70.30
N LYS H 188 5.34 -43.98 -70.61
CA LYS H 188 5.04 -42.76 -71.33
C LYS H 188 5.39 -41.52 -70.49
N VAL H 189 5.12 -41.60 -69.19
CA VAL H 189 5.57 -40.57 -68.25
C VAL H 189 7.08 -40.41 -68.33
N VAL H 190 7.82 -41.53 -68.40
CA VAL H 190 9.27 -41.45 -68.56
C VAL H 190 9.64 -40.74 -69.86
N GLU H 191 8.92 -41.04 -70.94
CA GLU H 191 9.26 -40.42 -72.21
C GLU H 191 8.95 -38.94 -72.21
N GLU H 192 7.89 -38.51 -71.52
CA GLU H 192 7.55 -37.08 -71.47
C GLU H 192 8.64 -36.28 -70.78
N LEU H 193 9.23 -36.84 -69.74
CA LEU H 193 10.27 -36.12 -69.02
C LEU H 193 11.62 -36.20 -69.71
N HIS H 194 11.86 -37.24 -70.49
CA HIS H 194 12.99 -37.19 -71.40
C HIS H 194 12.80 -36.07 -72.43
N GLY H 195 11.60 -35.96 -72.99
CA GLY H 195 11.36 -34.95 -74.01
C GLY H 195 11.33 -33.53 -73.45
N ALA H 196 10.84 -33.36 -72.22
CA ALA H 196 10.88 -32.05 -71.60
C ALA H 196 12.32 -31.62 -71.34
N ALA H 197 13.15 -32.53 -70.83
CA ALA H 197 14.58 -32.24 -70.70
C ALA H 197 15.20 -31.95 -72.05
N ARG H 198 14.93 -32.80 -73.05
CA ARG H 198 15.43 -32.56 -74.40
C ARG H 198 15.11 -31.16 -74.87
N PHE H 199 13.92 -30.67 -74.56
CA PHE H 199 13.49 -29.38 -75.07
C PHE H 199 14.42 -28.26 -74.59
N TRP H 200 14.81 -28.31 -73.32
CA TRP H 200 15.64 -27.25 -72.77
C TRP H 200 17.09 -27.44 -73.13
N LEU H 201 17.57 -28.68 -73.13
CA LEU H 201 18.95 -28.95 -73.55
C LEU H 201 19.19 -28.51 -75.00
N ASP H 202 18.21 -28.73 -75.87
CA ASP H 202 18.34 -28.32 -77.26
C ASP H 202 18.40 -26.81 -77.40
N LEU H 203 17.87 -26.07 -76.43
CA LEU H 203 17.98 -24.62 -76.44
C LEU H 203 19.35 -24.14 -75.96
N GLY H 204 20.18 -25.02 -75.39
CA GLY H 204 21.49 -24.65 -74.90
C GLY H 204 21.62 -24.59 -73.40
N LEU H 205 20.57 -24.88 -72.63
CA LEU H 205 20.73 -24.99 -71.19
C LEU H 205 21.82 -26.01 -70.88
N ASP H 206 22.51 -25.81 -69.75
CA ASP H 206 23.72 -26.57 -69.47
C ASP H 206 23.52 -27.71 -68.47
N GLY H 207 22.32 -27.87 -67.95
CA GLY H 207 22.08 -28.91 -66.98
C GLY H 207 20.84 -28.64 -66.17
N PHE H 208 20.59 -29.52 -65.21
CA PHE H 208 19.37 -29.54 -64.43
C PHE H 208 19.68 -29.86 -62.98
N ARG H 209 19.16 -29.05 -62.06
CA ARG H 209 18.97 -29.50 -60.69
C ARG H 209 17.66 -30.28 -60.67
N VAL H 210 17.71 -31.55 -60.30
CA VAL H 210 16.53 -32.41 -60.40
C VAL H 210 15.85 -32.51 -59.03
N ASP H 211 14.56 -32.14 -59.01
CA ASP H 211 13.82 -31.97 -57.77
C ASP H 211 13.44 -33.33 -57.20
N ALA H 212 13.67 -33.48 -55.89
CA ALA H 212 13.02 -34.51 -55.07
C ALA H 212 13.19 -35.91 -55.66
N VAL H 213 14.43 -36.27 -55.98
CA VAL H 213 14.65 -37.52 -56.69
C VAL H 213 14.35 -38.76 -55.84
N PRO H 214 14.50 -38.75 -54.51
CA PRO H 214 14.26 -39.99 -53.77
C PRO H 214 12.82 -40.53 -53.81
N TYR H 215 11.84 -39.79 -54.34
CA TYR H 215 10.44 -40.15 -54.14
C TYR H 215 9.70 -40.54 -55.41
N LEU H 216 10.40 -40.75 -56.53
CA LEU H 216 9.75 -41.00 -57.81
C LEU H 216 8.84 -42.23 -57.75
N ILE H 217 9.40 -43.39 -57.40
CA ILE H 217 8.65 -44.63 -57.38
C ILE H 217 8.20 -44.94 -55.95
N GLU H 218 7.01 -45.53 -55.84
CA GLU H 218 6.41 -45.94 -54.58
C GLU H 218 6.07 -47.43 -54.65
N ARG H 219 6.55 -48.20 -53.65
CA ARG H 219 6.37 -49.66 -53.55
C ARG H 219 5.83 -50.04 -52.19
N GLU H 220 5.06 -51.14 -52.15
CA GLU H 220 4.45 -51.59 -50.89
C GLU H 220 5.51 -52.03 -49.88
N GLY H 221 5.13 -51.99 -48.60
CA GLY H 221 6.01 -52.44 -47.52
C GLY H 221 7.37 -51.78 -47.42
N THR H 222 7.55 -50.64 -48.09
CA THR H 222 8.76 -49.85 -48.02
C THR H 222 8.44 -48.44 -47.53
N SER H 223 9.50 -47.64 -47.37
CA SER H 223 9.41 -46.23 -47.05
C SER H 223 9.10 -45.36 -48.27
N CYS H 224 9.14 -45.94 -49.47
CA CYS H 224 8.85 -45.23 -50.72
C CYS H 224 9.88 -44.15 -51.02
N GLU H 225 11.12 -44.38 -50.59
CA GLU H 225 12.22 -43.47 -50.91
C GLU H 225 13.52 -44.25 -51.03
N ASN H 226 14.38 -43.79 -51.94
CA ASN H 226 15.65 -44.44 -52.27
C ASN H 226 15.45 -45.83 -52.85
N LEU H 227 14.28 -46.08 -53.44
CA LEU H 227 14.01 -47.39 -54.02
C LEU H 227 14.89 -47.62 -55.26
N PRO H 228 15.39 -48.85 -55.44
CA PRO H 228 16.23 -49.13 -56.63
C PRO H 228 15.51 -48.83 -57.93
N GLU H 229 14.20 -49.07 -57.98
CA GLU H 229 13.44 -48.70 -59.17
C GLU H 229 13.58 -47.21 -59.47
N THR H 230 13.61 -46.38 -58.41
CA THR H 230 13.83 -44.95 -58.62
C THR H 230 15.24 -44.69 -59.19
N HIS H 231 16.24 -45.44 -58.73
CA HIS H 231 17.59 -45.25 -59.24
C HIS H 231 17.70 -45.70 -60.69
N GLU H 232 16.97 -46.75 -61.08
CA GLU H 232 17.00 -47.19 -62.46
C GLU H 232 16.54 -46.07 -63.40
N ILE H 233 15.40 -45.45 -63.08
CA ILE H 233 14.89 -44.34 -63.87
C ILE H 233 15.91 -43.21 -63.96
N LEU H 234 16.63 -42.95 -62.87
CA LEU H 234 17.58 -41.84 -62.86
C LEU H 234 18.82 -42.17 -63.69
N LYS H 235 19.28 -43.42 -63.63
CA LYS H 235 20.30 -43.87 -64.59
C LYS H 235 19.81 -43.74 -66.03
N GLY H 236 18.50 -43.86 -66.24
CA GLY H 236 17.95 -43.64 -67.57
C GLY H 236 18.19 -42.22 -68.05
N PHE H 237 17.95 -41.23 -67.17
CA PHE H 237 18.15 -39.83 -67.52
C PHE H 237 19.62 -39.56 -67.82
N ARG H 238 20.50 -40.05 -66.95
CA ARG H 238 21.94 -39.87 -67.17
C ARG H 238 22.34 -40.50 -68.49
N ALA H 239 21.83 -41.70 -68.76
CA ALA H 239 22.14 -42.37 -70.01
C ALA H 239 21.82 -41.47 -71.18
N MET H 240 20.69 -40.77 -71.12
CA MET H 240 20.28 -39.93 -72.23
C MET H 240 21.25 -38.75 -72.45
N VAL H 241 21.55 -37.99 -71.40
CA VAL H 241 22.35 -36.79 -71.64
C VAL H 241 23.81 -37.14 -71.93
N ASP H 242 24.30 -38.27 -71.42
CA ASP H 242 25.56 -38.81 -71.91
C ASP H 242 25.53 -38.94 -73.43
N ARG H 243 24.56 -39.71 -73.95
CA ARG H 243 24.48 -40.01 -75.37
C ARG H 243 24.21 -38.75 -76.19
N GLU H 244 23.13 -38.05 -75.88
CA GLU H 244 22.63 -36.97 -76.74
C GLU H 244 23.28 -35.62 -76.50
N TYR H 245 23.59 -35.24 -75.26
CA TYR H 245 24.16 -33.92 -74.95
C TYR H 245 25.33 -34.04 -73.98
N PRO H 246 26.50 -34.44 -74.45
CA PRO H 246 27.63 -34.61 -73.54
C PRO H 246 28.11 -33.28 -73.00
N GLY H 247 28.66 -33.32 -71.79
CA GLY H 247 29.13 -32.13 -71.08
C GLY H 247 28.10 -31.48 -70.18
N ARG H 248 26.82 -31.82 -70.34
CA ARG H 248 25.74 -31.26 -69.53
C ARG H 248 25.78 -31.85 -68.13
N LEU H 249 25.25 -31.10 -67.17
CA LEU H 249 25.26 -31.47 -65.76
C LEU H 249 23.91 -32.00 -65.31
N LEU H 250 23.91 -33.07 -64.52
CA LEU H 250 22.71 -33.45 -63.77
C LEU H 250 23.04 -33.35 -62.30
N LEU H 251 22.18 -32.68 -61.55
CA LEU H 251 22.41 -32.38 -60.15
C LEU H 251 21.18 -32.79 -59.35
N ALA H 252 21.39 -33.49 -58.23
CA ALA H 252 20.33 -34.12 -57.46
C ALA H 252 20.09 -33.42 -56.13
N GLU H 253 18.83 -33.14 -55.82
CA GLU H 253 18.41 -32.70 -54.49
C GLU H 253 18.01 -33.92 -53.69
N ALA H 254 18.85 -34.34 -52.75
CA ALA H 254 18.64 -35.61 -52.03
C ALA H 254 18.97 -35.41 -50.55
N ASN H 255 17.95 -35.06 -49.77
CA ASN H 255 18.12 -34.87 -48.32
C ASN H 255 17.91 -36.23 -47.67
N GLN H 256 19.01 -36.97 -47.55
CA GLN H 256 19.02 -38.32 -47.00
C GLN H 256 20.29 -38.47 -46.15
N TRP H 257 20.38 -39.59 -45.44
CA TRP H 257 21.59 -39.88 -44.69
C TRP H 257 22.72 -40.29 -45.65
N PRO H 258 23.98 -40.20 -45.20
CA PRO H 258 25.12 -40.33 -46.13
C PRO H 258 25.11 -41.55 -47.05
N GLU H 259 24.93 -42.74 -46.50
CA GLU H 259 25.04 -43.94 -47.34
C GLU H 259 23.94 -43.99 -48.39
N GLU H 260 22.78 -43.37 -48.14
CA GLU H 260 21.76 -43.30 -49.18
C GLU H 260 22.07 -42.20 -50.19
N VAL H 261 22.64 -41.08 -49.71
CA VAL H 261 22.91 -39.95 -50.60
C VAL H 261 23.91 -40.36 -51.68
N VAL H 262 24.99 -41.05 -51.30
CA VAL H 262 26.03 -41.38 -52.28
C VAL H 262 25.50 -42.30 -53.36
N GLU H 263 24.46 -43.09 -53.05
CA GLU H 263 23.86 -43.95 -54.06
C GLU H 263 23.51 -43.18 -55.33
N TYR H 264 23.19 -41.88 -55.21
CA TYR H 264 22.64 -41.11 -56.31
C TYR H 264 23.67 -40.69 -57.34
N PHE H 265 24.96 -40.91 -57.06
CA PHE H 265 25.94 -40.78 -58.11
C PHE H 265 25.93 -41.97 -59.07
N GLY H 266 25.26 -43.06 -58.69
CA GLY H 266 25.47 -44.30 -59.44
C GLY H 266 26.89 -44.82 -59.21
N THR H 267 27.43 -45.45 -60.25
CA THR H 267 28.77 -46.04 -60.23
C THR H 267 29.47 -45.70 -61.53
N GLU H 268 30.73 -46.15 -61.66
CA GLU H 268 31.45 -45.94 -62.91
C GLU H 268 30.82 -46.73 -64.05
N ALA H 269 30.20 -47.87 -63.73
CA ALA H 269 29.52 -48.69 -64.72
C ALA H 269 28.13 -48.15 -65.05
N GLU H 270 27.31 -47.90 -64.02
CA GLU H 270 25.92 -47.49 -64.17
C GLU H 270 25.73 -46.11 -63.55
N PRO H 271 26.22 -45.05 -64.20
CA PRO H 271 26.28 -43.73 -63.54
C PRO H 271 24.92 -43.05 -63.44
N GLU H 272 24.73 -42.30 -62.34
CA GLU H 272 23.54 -41.45 -62.21
C GLU H 272 23.90 -39.97 -62.27
N PHE H 273 23.76 -39.25 -61.15
CA PHE H 273 23.97 -37.81 -61.16
C PHE H 273 25.45 -37.48 -61.13
N HIS H 274 25.82 -36.33 -61.74
CA HIS H 274 27.20 -35.86 -61.62
C HIS H 274 27.47 -35.18 -60.31
N MET H 275 26.43 -34.63 -59.68
CA MET H 275 26.60 -33.88 -58.45
C MET H 275 25.42 -34.14 -57.54
N CYS H 276 25.68 -34.13 -56.25
CA CYS H 276 24.64 -34.09 -55.24
C CYS H 276 24.93 -32.95 -54.28
N PHE H 277 23.87 -32.33 -53.79
CA PHE H 277 24.02 -31.44 -52.65
C PHE H 277 24.43 -32.25 -51.43
N ASN H 278 25.34 -31.69 -50.64
CA ASN H 278 25.74 -32.29 -49.37
C ASN H 278 24.82 -31.80 -48.25
N PHE H 279 23.58 -32.26 -48.31
CA PHE H 279 22.67 -32.08 -47.18
C PHE H 279 23.21 -32.62 -45.85
N PRO H 280 23.92 -33.75 -45.77
CA PRO H 280 24.33 -34.23 -44.44
C PRO H 280 25.16 -33.24 -43.65
N VAL H 281 26.13 -32.57 -44.27
CA VAL H 281 27.04 -31.71 -43.51
C VAL H 281 26.42 -30.36 -43.14
N MET H 282 25.45 -29.86 -43.89
CA MET H 282 24.95 -28.50 -43.66
C MET H 282 24.41 -28.30 -42.26
N PRO H 283 23.48 -29.12 -41.74
CA PRO H 283 23.00 -28.86 -40.38
C PRO H 283 24.09 -28.93 -39.32
N ARG H 284 25.12 -29.75 -39.51
CA ARG H 284 26.17 -29.87 -38.50
C ARG H 284 27.10 -28.66 -38.48
N LEU H 285 27.26 -27.96 -39.61
CA LEU H 285 27.99 -26.71 -39.56
C LEU H 285 27.37 -25.78 -38.53
N TYR H 286 26.05 -25.62 -38.57
CA TYR H 286 25.36 -24.72 -37.64
C TYR H 286 25.41 -25.25 -36.22
N MET H 287 25.23 -26.55 -36.05
CA MET H 287 25.27 -27.12 -34.71
C MET H 287 26.64 -26.93 -34.05
N SER H 288 27.72 -27.06 -34.83
CA SER H 288 29.06 -26.97 -34.26
C SER H 288 29.37 -25.56 -33.77
N LEU H 289 28.75 -24.58 -34.40
CA LEU H 289 28.98 -23.18 -34.07
C LEU H 289 28.42 -22.85 -32.69
N LYS H 290 27.19 -23.28 -32.42
CA LYS H 290 26.54 -23.00 -31.14
C LYS H 290 27.04 -23.93 -30.04
N ARG H 291 27.45 -25.15 -30.41
CA ARG H 291 28.03 -26.09 -29.48
C ARG H 291 29.52 -25.84 -29.23
N GLU H 292 30.17 -25.07 -30.11
CA GLU H 292 31.60 -24.77 -29.99
C GLU H 292 32.44 -26.05 -30.00
N ASP H 293 32.03 -26.99 -30.85
CA ASP H 293 32.55 -28.35 -30.85
C ASP H 293 32.32 -28.91 -32.26
N THR H 294 33.39 -29.15 -33.01
CA THR H 294 33.26 -29.43 -34.44
C THR H 294 33.25 -30.91 -34.77
N SER H 295 33.28 -31.77 -33.75
CA SER H 295 33.42 -33.19 -34.03
C SER H 295 32.27 -33.73 -34.90
N SER H 296 31.08 -33.14 -34.80
CA SER H 296 29.95 -33.63 -35.60
C SER H 296 30.17 -33.41 -37.10
N ILE H 297 30.94 -32.41 -37.49
CA ILE H 297 31.29 -32.26 -38.91
C ILE H 297 32.15 -33.44 -39.36
N ARG H 298 33.05 -33.88 -38.50
CA ARG H 298 33.92 -35.01 -38.85
C ARG H 298 33.14 -36.32 -38.88
N GLU H 299 32.29 -36.58 -37.88
CA GLU H 299 31.45 -37.78 -37.91
C GLU H 299 30.65 -37.86 -39.20
N ILE H 300 29.91 -36.81 -39.54
CA ILE H 300 29.08 -36.93 -40.72
C ILE H 300 29.92 -36.94 -42.00
N MET H 301 31.08 -36.26 -42.01
CA MET H 301 31.91 -36.31 -43.20
C MET H 301 32.56 -37.68 -43.35
N GLY H 302 32.80 -38.36 -42.23
CA GLY H 302 33.42 -39.67 -42.30
C GLY H 302 32.50 -40.81 -42.68
N ARG H 303 31.18 -40.59 -42.63
CA ARG H 303 30.20 -41.60 -43.03
C ARG H 303 29.90 -41.55 -44.51
N LEU H 304 30.51 -40.61 -45.23
CA LEU H 304 30.30 -40.44 -46.66
C LEU H 304 31.26 -41.33 -47.43
N PRO H 305 30.79 -42.39 -48.10
CA PRO H 305 31.69 -43.21 -48.90
C PRO H 305 32.27 -42.41 -50.06
N LYS H 306 33.33 -42.95 -50.67
CA LYS H 306 33.91 -42.36 -51.88
C LYS H 306 32.82 -42.21 -52.94
N ILE H 307 33.03 -41.32 -53.90
CA ILE H 307 32.09 -41.12 -54.99
C ILE H 307 32.80 -41.44 -56.29
N PRO H 308 32.04 -41.74 -57.35
CA PRO H 308 32.67 -41.99 -58.66
C PRO H 308 33.62 -40.86 -59.06
N SER H 309 34.51 -41.18 -59.99
CA SER H 309 35.44 -40.22 -60.57
C SER H 309 34.74 -38.97 -61.07
N PHE H 310 33.61 -39.14 -61.75
CA PHE H 310 32.98 -37.98 -62.39
C PHE H 310 32.30 -37.08 -61.36
N GLY H 311 31.85 -37.64 -60.24
CA GLY H 311 30.98 -36.92 -59.34
C GLY H 311 31.71 -35.86 -58.52
N GLN H 312 30.90 -34.94 -57.98
CA GLN H 312 31.39 -33.79 -57.21
C GLN H 312 30.29 -33.34 -56.27
N TRP H 313 30.64 -33.08 -55.01
CA TRP H 313 29.64 -32.59 -54.08
C TRP H 313 29.31 -31.13 -54.36
N CYS H 314 28.09 -30.77 -54.01
CA CYS H 314 27.64 -29.39 -54.03
C CYS H 314 27.41 -28.95 -52.58
N ILE H 315 28.20 -27.97 -52.11
CA ILE H 315 28.21 -27.51 -50.71
C ILE H 315 27.43 -26.21 -50.63
N PHE H 316 26.56 -26.10 -49.62
CA PHE H 316 25.76 -24.90 -49.44
C PHE H 316 25.54 -24.64 -47.96
N LEU H 317 25.20 -23.39 -47.64
CA LEU H 317 24.76 -23.01 -46.30
C LEU H 317 23.25 -22.87 -46.20
N ARG H 318 22.63 -22.17 -47.15
CA ARG H 318 21.19 -21.96 -47.14
C ARG H 318 20.67 -22.07 -48.57
N ASN H 319 19.36 -22.20 -48.69
CA ASN H 319 18.73 -22.34 -50.00
C ASN H 319 17.35 -21.70 -49.92
N HIS H 320 16.53 -21.95 -50.96
CA HIS H 320 15.18 -21.38 -51.01
C HIS H 320 14.24 -22.05 -50.01
N ASP H 321 14.63 -23.19 -49.47
CA ASP H 321 13.79 -23.91 -48.53
C ASP H 321 14.14 -23.51 -47.11
N GLU H 322 13.48 -24.15 -46.16
CA GLU H 322 13.89 -23.98 -44.79
C GLU H 322 15.20 -24.74 -44.55
N LEU H 323 15.80 -24.52 -43.40
CA LEU H 323 16.99 -25.27 -42.98
C LEU H 323 16.51 -26.62 -42.47
N THR H 324 16.71 -27.66 -43.25
CA THR H 324 16.06 -28.93 -42.98
C THR H 324 16.76 -29.68 -41.84
N LEU H 325 15.94 -30.21 -40.94
CA LEU H 325 16.40 -31.04 -39.83
C LEU H 325 15.86 -32.46 -39.92
N GLU H 326 15.45 -32.89 -41.13
CA GLU H 326 14.86 -34.21 -41.31
C GLU H 326 15.86 -35.34 -41.13
N MET H 327 17.15 -35.07 -41.32
CA MET H 327 18.17 -36.12 -41.31
C MET H 327 19.20 -35.84 -40.24
N VAL H 328 18.71 -35.60 -39.02
CA VAL H 328 19.51 -35.48 -37.82
C VAL H 328 18.80 -36.28 -36.75
N THR H 329 19.50 -36.53 -35.65
CA THR H 329 18.91 -37.31 -34.57
C THR H 329 17.87 -36.48 -33.82
N ASP H 330 17.01 -37.19 -33.09
CA ASP H 330 16.01 -36.51 -32.26
C ASP H 330 16.66 -35.50 -31.32
N ASP H 331 17.86 -35.81 -30.80
CA ASP H 331 18.52 -34.90 -29.87
C ASP H 331 19.15 -33.71 -30.60
N GLU H 332 19.82 -33.96 -31.73
CA GLU H 332 20.36 -32.84 -32.50
C GLU H 332 19.24 -31.88 -32.90
N ARG H 333 18.07 -32.41 -33.24
CA ARG H 333 16.96 -31.57 -33.68
C ARG H 333 16.53 -30.59 -32.60
N ALA H 334 16.22 -31.10 -31.40
CA ALA H 334 15.85 -30.23 -30.27
C ALA H 334 16.94 -29.21 -29.97
N PHE H 335 18.22 -29.61 -30.07
CA PHE H 335 19.31 -28.66 -29.88
C PHE H 335 19.23 -27.55 -30.91
N MET H 336 18.99 -27.93 -32.16
CA MET H 336 18.92 -26.97 -33.24
C MET H 336 17.76 -26.01 -33.05
N TYR H 337 16.56 -26.55 -32.79
CA TYR H 337 15.40 -25.70 -32.55
C TYR H 337 15.68 -24.67 -31.46
N ALA H 338 16.25 -25.13 -30.33
CA ALA H 338 16.52 -24.25 -29.21
C ALA H 338 17.58 -23.19 -29.55
N ALA H 339 18.56 -23.54 -30.37
CA ALA H 339 19.67 -22.62 -30.64
C ALA H 339 19.34 -21.63 -31.74
N TYR H 340 18.51 -22.02 -32.70
CA TYR H 340 18.30 -21.26 -33.92
C TYR H 340 16.84 -20.93 -34.22
N ALA H 341 15.90 -21.35 -33.38
CA ALA H 341 14.48 -21.03 -33.58
C ALA H 341 13.87 -20.64 -32.24
N PRO H 342 14.33 -19.54 -31.64
CA PRO H 342 13.72 -19.08 -30.37
C PRO H 342 12.24 -18.79 -30.47
N ASP H 343 11.77 -18.37 -31.65
CA ASP H 343 10.36 -18.08 -31.90
C ASP H 343 9.76 -19.30 -32.61
N ALA H 344 8.70 -19.88 -32.03
CA ALA H 344 8.14 -21.09 -32.62
C ALA H 344 7.72 -20.86 -34.07
N ARG H 345 7.38 -19.62 -34.44
CA ARG H 345 7.08 -19.34 -35.84
C ARG H 345 8.23 -19.65 -36.77
N MET H 346 9.47 -19.74 -36.24
CA MET H 346 10.58 -20.01 -37.15
C MET H 346 10.64 -21.47 -37.55
N LYS H 347 9.96 -22.36 -36.81
CA LYS H 347 9.93 -23.76 -37.19
C LYS H 347 9.00 -23.97 -38.38
N ILE H 348 9.42 -24.81 -39.34
CA ILE H 348 8.48 -25.27 -40.37
C ILE H 348 8.94 -26.59 -41.00
N ASN H 349 8.02 -27.55 -41.13
CA ASN H 349 8.25 -28.82 -41.82
C ASN H 349 9.54 -29.48 -41.36
N VAL H 350 9.71 -29.55 -40.04
CA VAL H 350 10.92 -30.10 -39.42
C VAL H 350 12.12 -29.33 -39.91
N GLY H 351 12.10 -28.01 -39.74
CA GLY H 351 13.23 -27.17 -40.11
C GLY H 351 13.01 -25.74 -39.71
N ILE H 352 13.92 -24.88 -40.15
CA ILE H 352 13.96 -23.49 -39.70
C ILE H 352 13.95 -22.56 -40.91
N ARG H 353 12.94 -21.69 -40.98
CA ARG H 353 12.79 -20.79 -42.11
C ARG H 353 13.39 -19.41 -41.79
N ARG H 354 14.72 -19.36 -41.80
CA ARG H 354 15.42 -18.11 -41.58
C ARG H 354 16.60 -18.04 -42.54
N ARG H 355 17.00 -16.81 -42.87
CA ARG H 355 18.17 -16.59 -43.69
C ARG H 355 19.45 -16.72 -42.86
N LEU H 356 20.57 -16.90 -43.58
CA LEU H 356 21.88 -17.08 -42.99
C LEU H 356 22.20 -15.98 -41.96
N ALA H 357 21.97 -14.72 -42.32
CA ALA H 357 22.45 -13.64 -41.46
C ALA H 357 21.70 -13.60 -40.13
N PRO H 358 20.37 -13.55 -40.10
CA PRO H 358 19.70 -13.54 -38.78
C PRO H 358 19.94 -14.81 -37.99
N LEU H 359 20.06 -15.96 -38.67
CA LEU H 359 20.43 -17.20 -37.99
C LEU H 359 21.71 -17.06 -37.18
N LEU H 360 22.66 -16.27 -37.66
CA LEU H 360 23.93 -16.07 -36.98
C LEU H 360 23.96 -14.76 -36.20
N ASP H 361 22.78 -14.23 -35.86
CA ASP H 361 22.65 -12.98 -35.11
C ASP H 361 23.28 -11.82 -35.86
N ASN H 362 23.25 -11.88 -37.19
CA ASN H 362 23.80 -10.84 -38.06
C ASN H 362 25.29 -10.61 -37.80
N ASP H 363 25.98 -11.53 -37.13
CA ASP H 363 27.39 -11.30 -36.76
C ASP H 363 28.31 -11.63 -37.93
N ARG H 364 28.97 -10.59 -38.46
CA ARG H 364 29.79 -10.74 -39.66
C ARG H 364 30.96 -11.71 -39.45
N ARG H 365 31.52 -11.77 -38.24
CA ARG H 365 32.58 -12.73 -37.97
C ARG H 365 32.07 -14.16 -38.17
N ARG H 366 30.86 -14.43 -37.71
CA ARG H 366 30.28 -15.75 -37.90
C ARG H 366 29.91 -15.98 -39.35
N ILE H 367 29.27 -15.01 -40.00
CA ILE H 367 28.98 -15.13 -41.43
C ILE H 367 30.24 -15.49 -42.21
N GLU H 368 31.37 -14.86 -41.88
CA GLU H 368 32.61 -15.14 -42.59
C GLU H 368 33.14 -16.53 -42.29
N LEU H 369 33.13 -16.96 -41.02
CA LEU H 369 33.63 -18.29 -40.67
C LEU H 369 32.90 -19.38 -41.46
N LEU H 370 31.57 -19.27 -41.55
CA LEU H 370 30.83 -20.35 -42.17
C LEU H 370 30.99 -20.31 -43.68
N ASN H 371 31.14 -19.12 -44.25
CA ASN H 371 31.43 -19.04 -45.66
C ASN H 371 32.80 -19.62 -46.00
N THR H 372 33.81 -19.39 -45.15
CA THR H 372 35.11 -19.95 -45.51
C THR H 372 35.07 -21.46 -45.44
N VAL H 373 34.37 -22.00 -44.45
CA VAL H 373 34.23 -23.44 -44.37
C VAL H 373 33.44 -23.94 -45.57
N LEU H 374 32.35 -23.25 -45.91
CA LEU H 374 31.67 -23.53 -47.18
C LEU H 374 32.65 -23.63 -48.34
N LEU H 375 33.59 -22.68 -48.46
CA LEU H 375 34.47 -22.64 -49.63
C LEU H 375 35.69 -23.57 -49.53
N ALA H 376 36.04 -24.07 -48.36
CA ALA H 376 37.27 -24.88 -48.25
C ALA H 376 37.02 -26.39 -48.24
N LEU H 377 35.79 -26.81 -47.98
CA LEU H 377 35.39 -28.21 -48.00
C LEU H 377 35.38 -28.75 -49.43
N PRO H 378 35.43 -30.07 -49.60
CA PRO H 378 35.51 -30.61 -50.97
C PRO H 378 34.17 -30.47 -51.66
N GLY H 379 34.19 -29.85 -52.83
CA GLY H 379 32.97 -29.70 -53.57
C GLY H 379 32.86 -28.37 -54.27
N SER H 380 31.77 -28.17 -54.89
CA SER H 380 31.52 -26.91 -55.52
C SER H 380 30.51 -26.15 -54.70
N PRO H 381 30.80 -24.91 -54.30
CA PRO H 381 29.87 -24.18 -53.44
C PRO H 381 28.73 -23.56 -54.24
N VAL H 382 27.55 -23.55 -53.65
CA VAL H 382 26.46 -22.75 -54.18
C VAL H 382 26.11 -21.68 -53.15
N LEU H 383 25.94 -20.45 -53.63
CA LEU H 383 25.56 -19.32 -52.81
C LEU H 383 24.08 -19.06 -53.01
N TYR H 384 23.42 -18.60 -51.95
CA TYR H 384 22.02 -18.20 -52.07
C TYR H 384 21.95 -16.71 -52.33
N TYR H 385 21.17 -16.31 -53.34
CA TYR H 385 21.14 -14.92 -53.76
C TYR H 385 20.88 -14.01 -52.57
N GLY H 386 21.71 -12.99 -52.43
CA GLY H 386 21.53 -12.02 -51.37
C GLY H 386 22.24 -12.34 -50.08
N ASP H 387 22.74 -13.57 -49.89
CA ASP H 387 23.58 -13.82 -48.74
C ASP H 387 24.91 -13.08 -48.85
N GLU H 388 25.42 -12.87 -50.06
CA GLU H 388 26.63 -12.08 -50.25
C GLU H 388 26.47 -10.63 -49.80
N ILE H 389 25.24 -10.16 -49.53
CA ILE H 389 25.06 -8.84 -48.91
C ILE H 389 24.48 -8.92 -47.53
N GLY H 390 24.07 -10.10 -47.08
CA GLY H 390 23.63 -10.24 -45.71
C GLY H 390 22.16 -9.93 -45.50
N MET H 391 21.34 -10.33 -46.46
CA MET H 391 19.91 -10.10 -46.40
C MET H 391 19.29 -10.83 -45.21
N GLY H 392 18.11 -10.38 -44.81
CA GLY H 392 17.35 -10.97 -43.74
C GLY H 392 16.10 -11.66 -44.28
N ASP H 393 15.11 -11.82 -43.41
CA ASP H 393 13.94 -12.62 -43.74
C ASP H 393 12.69 -11.91 -43.23
N ASP H 394 11.53 -12.36 -43.72
CA ASP H 394 10.23 -11.77 -43.37
C ASP H 394 9.32 -12.90 -42.88
N LEU H 395 9.18 -13.03 -41.57
CA LEU H 395 8.31 -14.06 -41.01
C LEU H 395 6.82 -13.76 -41.16
N GLY H 396 6.44 -12.58 -41.65
CA GLY H 396 5.05 -12.30 -41.98
C GLY H 396 4.59 -12.78 -43.34
N LEU H 397 5.50 -13.40 -44.10
CA LEU H 397 5.19 -14.05 -45.35
C LEU H 397 5.10 -15.55 -45.11
N PRO H 398 4.04 -16.21 -45.59
CA PRO H 398 3.80 -17.62 -45.22
C PRO H 398 4.77 -18.61 -45.84
N ASP H 399 4.63 -19.88 -45.43
CA ASP H 399 5.42 -21.01 -45.95
C ASP H 399 6.90 -20.63 -45.89
N ARG H 400 7.67 -20.82 -46.96
CA ARG H 400 9.09 -20.48 -46.98
C ARG H 400 9.37 -19.17 -47.69
N ASN H 401 8.33 -18.42 -48.03
CA ASN H 401 8.54 -17.19 -48.78
C ASN H 401 9.37 -16.18 -47.99
N GLY H 402 9.43 -16.31 -46.67
CA GLY H 402 10.17 -15.35 -45.87
C GLY H 402 11.65 -15.26 -46.24
N VAL H 403 12.22 -16.33 -46.78
CA VAL H 403 13.60 -16.31 -47.26
C VAL H 403 13.71 -16.01 -48.75
N ARG H 404 12.60 -15.70 -49.41
CA ARG H 404 12.62 -15.48 -50.86
C ARG H 404 12.24 -14.06 -51.24
N THR H 405 12.61 -13.04 -50.45
CA THR H 405 12.18 -11.67 -50.77
C THR H 405 13.08 -11.07 -51.85
N PRO H 406 12.65 -9.98 -52.49
CA PRO H 406 13.40 -9.46 -53.65
C PRO H 406 14.84 -9.08 -53.33
N MET H 407 15.67 -9.18 -54.35
CA MET H 407 17.06 -8.74 -54.24
C MET H 407 17.13 -7.24 -53.95
N GLN H 408 18.09 -6.85 -53.10
CA GLN H 408 18.18 -5.49 -52.59
C GLN H 408 19.41 -4.82 -53.22
N TRP H 409 19.15 -4.02 -54.24
CA TRP H 409 20.21 -3.48 -55.08
C TRP H 409 20.69 -2.10 -54.64
N ASN H 410 19.83 -1.31 -54.02
CA ASN H 410 20.16 0.06 -53.66
C ASN H 410 19.05 0.57 -52.76
N ALA H 411 19.19 1.80 -52.29
CA ALA H 411 18.25 2.38 -51.34
C ALA H 411 17.05 3.05 -52.00
N GLY H 412 16.93 2.97 -53.33
CA GLY H 412 15.79 3.52 -54.03
C GLY H 412 14.54 2.70 -53.83
N THR H 413 13.48 3.14 -54.50
CA THR H 413 12.17 2.55 -54.29
C THR H 413 12.23 1.05 -54.53
N SER H 414 11.63 0.29 -53.59
CA SER H 414 11.71 -1.17 -53.55
C SER H 414 13.15 -1.68 -53.66
N GLY H 415 14.10 -0.94 -53.10
CA GLY H 415 15.46 -1.44 -53.06
C GLY H 415 16.06 -1.64 -54.42
N GLY H 416 15.61 -0.90 -55.43
CA GLY H 416 16.09 -1.10 -56.78
C GLY H 416 15.57 -2.32 -57.48
N PHE H 417 14.76 -3.15 -56.82
CA PHE H 417 14.27 -4.36 -57.45
C PHE H 417 13.25 -4.07 -58.53
N SER H 418 12.53 -2.96 -58.41
CA SER H 418 11.40 -2.61 -59.25
C SER H 418 11.03 -1.15 -59.01
N THR H 419 10.44 -0.52 -60.03
CA THR H 419 9.90 0.84 -59.88
C THR H 419 8.51 0.83 -59.27
N ALA H 420 7.87 -0.33 -59.23
CA ALA H 420 6.66 -0.53 -58.45
C ALA H 420 6.94 -0.37 -56.96
N GLN H 421 5.95 0.13 -56.23
CA GLN H 421 6.02 0.29 -54.79
C GLN H 421 6.16 -1.07 -54.11
N PRO H 422 6.68 -1.09 -52.87
CA PRO H 422 6.99 -2.39 -52.23
C PRO H 422 5.80 -3.31 -52.06
N SER H 423 4.59 -2.76 -51.84
CA SER H 423 3.39 -3.57 -51.63
C SER H 423 2.79 -4.11 -52.92
N ASP H 424 3.28 -3.66 -54.08
CA ASP H 424 2.87 -4.24 -55.34
C ASP H 424 3.87 -5.26 -55.88
N CYS H 425 5.05 -5.36 -55.27
CA CYS H 425 6.01 -6.37 -55.66
C CYS H 425 5.47 -7.76 -55.34
N PHE H 426 5.99 -8.77 -56.03
CA PHE H 426 5.46 -10.12 -55.87
C PHE H 426 5.62 -10.57 -54.43
N PHE H 427 6.83 -10.43 -53.90
CA PHE H 427 7.08 -10.50 -52.49
C PHE H 427 7.59 -9.15 -52.00
N PRO H 428 7.15 -8.67 -50.84
CA PRO H 428 7.54 -7.32 -50.40
C PRO H 428 9.04 -7.25 -50.12
N PRO H 429 9.73 -6.20 -50.59
CA PRO H 429 11.11 -5.96 -50.15
C PRO H 429 11.15 -5.72 -48.64
N ILE H 430 12.24 -6.18 -48.01
CA ILE H 430 12.42 -6.01 -46.57
C ILE H 430 12.79 -4.57 -46.26
N GLN H 431 12.18 -4.01 -45.21
CA GLN H 431 12.37 -2.59 -44.89
C GLN H 431 12.65 -2.33 -43.42
N ASP H 432 13.01 -3.35 -42.65
CA ASP H 432 13.18 -3.17 -41.21
C ASP H 432 14.48 -2.41 -40.91
N PRO H 433 14.64 -1.95 -39.66
CA PRO H 433 15.84 -1.15 -39.34
C PRO H 433 17.15 -1.88 -39.54
N VAL H 434 17.16 -3.21 -39.48
CA VAL H 434 18.39 -3.95 -39.40
C VAL H 434 18.78 -4.57 -40.73
N TYR H 435 17.81 -5.12 -41.46
CA TYR H 435 18.08 -5.82 -42.69
C TYR H 435 17.46 -5.17 -43.92
N GLY H 436 16.63 -4.14 -43.74
CA GLY H 436 15.96 -3.50 -44.86
C GLY H 436 16.92 -2.94 -45.90
N PHE H 437 16.35 -2.62 -47.05
CA PHE H 437 17.22 -2.28 -48.17
C PHE H 437 17.88 -0.93 -48.02
N GLY H 438 17.37 -0.06 -47.15
CA GLY H 438 18.06 1.19 -46.86
C GLY H 438 19.40 0.98 -46.20
N ARG H 439 19.58 -0.15 -45.52
CA ARG H 439 20.82 -0.46 -44.82
C ARG H 439 21.65 -1.55 -45.50
N VAL H 440 21.01 -2.41 -46.30
CA VAL H 440 21.59 -3.64 -46.81
C VAL H 440 21.21 -3.71 -48.27
N ASN H 441 22.17 -3.38 -49.14
CA ASN H 441 21.90 -3.28 -50.56
C ASN H 441 23.21 -3.31 -51.28
N VAL H 442 23.15 -3.62 -52.59
CA VAL H 442 24.36 -3.87 -53.35
C VAL H 442 25.16 -2.58 -53.54
N GLN H 443 24.48 -1.48 -53.81
CA GLN H 443 25.19 -0.24 -54.16
C GLN H 443 26.04 0.26 -53.00
N SER H 444 25.50 0.22 -51.78
CA SER H 444 26.28 0.68 -50.64
C SER H 444 27.47 -0.24 -50.43
N GLN H 445 27.31 -1.53 -50.70
CA GLN H 445 28.40 -2.45 -50.49
C GLN H 445 29.39 -2.48 -51.65
N LEU H 446 28.99 -2.02 -52.84
CA LEU H 446 29.95 -1.82 -53.92
C LEU H 446 30.83 -0.61 -53.64
N GLN H 447 30.29 0.44 -53.02
CA GLN H 447 31.12 1.59 -52.69
C GLN H 447 31.90 1.43 -51.38
N ASP H 448 31.41 0.60 -50.47
CA ASP H 448 32.02 0.45 -49.16
C ASP H 448 33.16 -0.56 -49.25
N PRO H 449 34.41 -0.14 -49.02
CA PRO H 449 35.56 -1.02 -49.32
C PRO H 449 35.70 -2.28 -48.43
N SER H 450 35.08 -2.33 -47.24
CA SER H 450 35.17 -3.52 -46.40
C SER H 450 33.83 -4.21 -46.23
N SER H 451 32.93 -4.01 -47.18
CA SER H 451 31.62 -4.62 -47.17
C SER H 451 31.73 -6.14 -47.32
N LEU H 452 30.66 -6.82 -46.89
CA LEU H 452 30.61 -8.26 -47.00
C LEU H 452 30.52 -8.71 -48.46
N LEU H 453 29.96 -7.87 -49.33
CA LEU H 453 30.00 -8.18 -50.76
C LEU H 453 31.45 -8.27 -51.24
N LYS H 454 32.26 -7.26 -50.93
CA LYS H 454 33.61 -7.28 -51.45
C LYS H 454 34.45 -8.33 -50.75
N TRP H 455 34.12 -8.67 -49.50
CA TRP H 455 34.79 -9.79 -48.83
C TRP H 455 34.49 -11.09 -49.56
N THR H 456 33.23 -11.26 -50.00
CA THR H 456 32.85 -12.50 -50.67
C THR H 456 33.57 -12.64 -52.01
N ALA H 457 33.55 -11.58 -52.82
CA ALA H 457 34.32 -11.60 -54.06
C ALA H 457 35.77 -11.94 -53.76
N ARG H 458 36.36 -11.27 -52.78
CA ARG H 458 37.77 -11.51 -52.50
C ARG H 458 38.01 -12.94 -52.02
N GLN H 459 37.13 -13.48 -51.18
CA GLN H 459 37.36 -14.85 -50.73
C GLN H 459 37.22 -15.85 -51.88
N LEU H 460 36.28 -15.61 -52.82
CA LEU H 460 36.13 -16.48 -53.98
C LEU H 460 37.37 -16.41 -54.90
N GLU H 461 37.97 -15.23 -55.02
CA GLU H 461 39.19 -15.07 -55.81
C GLU H 461 40.34 -15.89 -55.23
N LEU H 462 40.58 -15.75 -53.92
CA LEU H 462 41.56 -16.59 -53.23
C LEU H 462 41.27 -18.09 -53.44
N ARG H 463 40.01 -18.50 -53.31
CA ARG H 463 39.67 -19.91 -53.55
C ARG H 463 40.07 -20.33 -54.95
N ARG H 464 39.71 -19.53 -55.95
CA ARG H 464 40.02 -19.83 -57.34
C ARG H 464 41.52 -19.86 -57.60
N ALA H 465 42.33 -19.19 -56.79
CA ALA H 465 43.76 -19.26 -57.05
C ALA H 465 44.40 -20.54 -56.51
N HIS H 466 43.63 -21.46 -55.95
CA HIS H 466 44.17 -22.71 -55.43
C HIS H 466 43.28 -23.89 -55.77
N PRO H 467 43.64 -24.66 -56.80
CA PRO H 467 42.76 -25.75 -57.28
C PRO H 467 42.50 -26.83 -56.26
N ALA H 468 43.33 -26.94 -55.23
CA ALA H 468 43.10 -27.94 -54.18
C ALA H 468 41.74 -27.78 -53.52
N PHE H 469 41.22 -26.54 -53.47
CA PHE H 469 39.91 -26.34 -52.87
C PHE H 469 38.84 -27.09 -53.65
N ALA H 470 38.92 -27.05 -54.97
CA ALA H 470 37.90 -27.64 -55.80
C ALA H 470 38.14 -29.10 -56.14
N HIS H 471 39.40 -29.57 -56.05
CA HIS H 471 39.73 -30.90 -56.48
C HIS H 471 40.57 -31.70 -55.48
N GLY H 472 41.08 -31.09 -54.41
CA GLY H 472 41.96 -31.80 -53.51
C GLY H 472 41.23 -32.85 -52.68
N ASP H 473 42.00 -33.80 -52.16
CA ASP H 473 41.41 -34.71 -51.18
C ASP H 473 41.18 -33.96 -49.87
N LEU H 474 40.70 -34.67 -48.85
CA LEU H 474 40.45 -34.05 -47.55
C LEU H 474 40.98 -34.94 -46.43
N THR H 475 41.75 -34.36 -45.52
CA THR H 475 42.21 -35.05 -44.32
C THR H 475 42.01 -34.16 -43.11
N PHE H 476 41.21 -34.62 -42.15
CA PHE H 476 41.11 -33.93 -40.86
C PHE H 476 42.34 -34.19 -40.00
N ILE H 477 42.79 -33.17 -39.27
CA ILE H 477 43.91 -33.31 -38.34
C ILE H 477 43.44 -32.91 -36.93
N GLU H 478 44.20 -33.32 -35.91
CA GLU H 478 43.55 -33.58 -34.61
C GLU H 478 43.37 -32.36 -33.71
N THR H 479 44.22 -31.34 -33.79
CA THR H 479 44.05 -30.08 -33.03
C THR H 479 43.98 -30.17 -31.51
N GLY H 480 43.42 -31.24 -30.94
CA GLY H 480 43.41 -31.31 -29.49
C GLY H 480 42.41 -30.39 -28.80
N ASN H 481 41.57 -29.71 -29.55
CA ASN H 481 40.52 -28.88 -28.98
C ASN H 481 39.34 -28.99 -29.93
N PRO H 482 38.20 -29.48 -29.46
CA PRO H 482 37.09 -29.72 -30.39
C PRO H 482 36.44 -28.45 -30.93
N ALA H 483 36.72 -27.29 -30.35
CA ALA H 483 36.28 -26.04 -30.94
C ALA H 483 37.07 -25.68 -32.21
N ILE H 484 38.22 -26.30 -32.45
CA ILE H 484 39.07 -25.97 -33.59
C ILE H 484 39.00 -27.11 -34.59
N LEU H 485 38.46 -26.83 -35.78
CA LEU H 485 38.46 -27.78 -36.88
C LEU H 485 39.67 -27.50 -37.77
N ALA H 486 40.40 -28.56 -38.13
CA ALA H 486 41.53 -28.39 -39.02
C ALA H 486 41.61 -29.54 -40.02
N PHE H 487 41.94 -29.20 -41.26
CA PHE H 487 42.15 -30.23 -42.26
C PHE H 487 43.07 -29.74 -43.37
N THR H 488 43.62 -30.68 -44.11
CA THR H 488 44.43 -30.38 -45.29
C THR H 488 43.64 -30.63 -46.56
N ARG H 489 43.94 -29.86 -47.60
CA ARG H 489 43.52 -30.17 -48.96
C ARG H 489 44.76 -30.40 -49.77
N GLN H 490 44.76 -31.44 -50.59
CA GLN H 490 45.95 -31.86 -51.31
C GLN H 490 45.57 -32.14 -52.75
N TYR H 491 46.24 -31.46 -53.68
CA TYR H 491 45.98 -31.71 -55.09
C TYR H 491 47.18 -31.20 -55.87
N ASP H 492 47.56 -31.96 -56.91
CA ASP H 492 48.74 -31.68 -57.71
C ASP H 492 49.94 -31.36 -56.81
N GLY H 493 50.52 -30.18 -56.95
CA GLY H 493 51.68 -29.87 -56.13
C GLY H 493 51.38 -29.30 -54.76
N GLU H 494 50.15 -28.90 -54.48
CA GLU H 494 49.84 -28.05 -53.34
C GLU H 494 49.22 -28.85 -52.21
N THR H 495 49.70 -28.59 -50.99
CA THR H 495 49.01 -28.98 -49.76
C THR H 495 48.49 -27.73 -49.08
N LEU H 496 47.18 -27.62 -48.97
CA LEU H 496 46.55 -26.55 -48.22
C LEU H 496 46.33 -27.01 -46.79
N LEU H 497 46.38 -26.07 -45.86
CA LEU H 497 46.07 -26.34 -44.46
C LEU H 497 45.12 -25.27 -43.99
N ILE H 498 43.93 -25.66 -43.55
CA ILE H 498 42.93 -24.68 -43.17
C ILE H 498 42.40 -25.02 -41.78
N VAL H 499 42.49 -24.03 -40.89
CA VAL H 499 42.18 -24.16 -39.47
C VAL H 499 41.09 -23.13 -39.13
N SER H 500 40.05 -23.58 -38.44
CA SER H 500 38.87 -22.74 -38.26
C SER H 500 38.34 -22.89 -36.85
N ASN H 501 38.11 -21.75 -36.19
CA ASN H 501 37.73 -21.74 -34.79
C ASN H 501 36.23 -21.49 -34.68
N PHE H 502 35.49 -22.47 -34.19
CA PHE H 502 34.04 -22.35 -34.05
C PHE H 502 33.61 -21.80 -32.69
N ALA H 503 34.52 -21.27 -31.90
CA ALA H 503 34.15 -20.69 -30.61
C ALA H 503 34.13 -19.17 -30.71
N GLY H 504 33.29 -18.56 -29.87
CA GLY H 504 33.17 -17.14 -29.71
C GLY H 504 34.20 -16.48 -28.82
N ASN H 505 35.25 -17.20 -28.41
CA ASN H 505 36.37 -16.53 -27.76
C ASN H 505 37.64 -17.28 -28.11
N ALA H 506 38.77 -16.70 -27.72
CA ALA H 506 40.09 -17.22 -28.10
C ALA H 506 40.29 -18.66 -27.59
N GLN H 507 41.04 -19.44 -28.36
CA GLN H 507 41.11 -20.88 -28.16
C GLN H 507 42.52 -21.36 -28.47
N ALA H 508 42.98 -22.38 -27.75
CA ALA H 508 44.29 -22.97 -27.95
C ALA H 508 44.16 -24.40 -28.49
N GLY H 509 45.07 -24.77 -29.38
CA GLY H 509 45.09 -26.10 -29.94
C GLY H 509 46.49 -26.60 -30.19
N LEU H 510 46.58 -27.91 -30.39
CA LEU H 510 47.84 -28.58 -30.72
C LEU H 510 47.62 -29.36 -32.01
N LEU H 511 48.12 -28.83 -33.12
CA LEU H 511 47.87 -29.43 -34.42
C LEU H 511 48.82 -30.59 -34.68
N ASP H 512 48.25 -31.76 -34.99
CA ASP H 512 49.06 -32.92 -35.37
C ASP H 512 49.55 -32.73 -36.79
N LEU H 513 50.79 -32.26 -36.93
CA LEU H 513 51.42 -32.05 -38.23
C LEU H 513 52.68 -32.91 -38.37
N ALA H 514 52.68 -34.09 -37.76
CA ALA H 514 53.81 -35.01 -37.91
C ALA H 514 54.18 -35.23 -39.38
N PRO H 515 53.24 -35.57 -40.29
CA PRO H 515 53.63 -35.79 -41.70
C PRO H 515 54.29 -34.61 -42.39
N PHE H 516 54.49 -33.48 -41.69
CA PHE H 516 54.95 -32.25 -42.34
C PHE H 516 56.18 -31.63 -41.68
N VAL H 517 56.89 -32.38 -40.82
CA VAL H 517 58.05 -31.82 -40.14
C VAL H 517 59.02 -31.26 -41.14
N GLY H 518 59.53 -30.05 -40.87
CA GLY H 518 60.46 -29.37 -41.75
C GLY H 518 59.83 -28.37 -42.71
N ARG H 519 58.52 -28.37 -42.85
CA ARG H 519 57.84 -27.47 -43.77
C ARG H 519 57.22 -26.30 -43.01
N ALA H 520 57.18 -25.14 -43.68
CA ALA H 520 56.65 -23.93 -43.06
C ALA H 520 55.23 -23.70 -43.53
N PRO H 521 54.25 -23.58 -42.63
CA PRO H 521 52.94 -23.10 -43.05
C PRO H 521 53.07 -21.64 -43.45
N VAL H 522 52.51 -21.27 -44.57
CA VAL H 522 52.58 -19.88 -44.99
C VAL H 522 51.21 -19.42 -45.43
N THR H 523 50.95 -18.16 -45.17
CA THR H 523 49.63 -17.59 -45.33
C THR H 523 49.28 -17.48 -46.81
N LEU H 524 48.10 -17.99 -47.14
CA LEU H 524 47.59 -17.91 -48.51
C LEU H 524 47.43 -16.47 -48.97
N SER H 525 46.96 -15.61 -48.08
CA SER H 525 46.68 -14.21 -48.40
C SER H 525 47.79 -13.33 -47.79
N GLY H 526 48.84 -13.09 -48.56
CA GLY H 526 49.87 -12.16 -48.14
C GLY H 526 51.16 -12.77 -47.66
N ALA H 527 51.42 -14.02 -47.98
CA ALA H 527 52.73 -14.66 -47.79
C ALA H 527 53.41 -14.30 -46.48
N SER H 528 52.65 -14.36 -45.38
CA SER H 528 53.25 -14.37 -44.06
C SER H 528 53.63 -15.81 -43.73
N PRO H 529 54.90 -16.12 -43.45
CA PRO H 529 55.25 -17.48 -43.06
C PRO H 529 55.19 -17.62 -41.54
N LEU H 530 54.70 -18.75 -41.12
CA LEU H 530 54.65 -19.12 -39.72
C LEU H 530 55.86 -19.98 -39.39
N PRO H 531 56.20 -20.16 -38.11
CA PRO H 531 57.38 -20.97 -37.78
C PRO H 531 57.27 -22.36 -38.39
N VAL H 532 58.41 -22.95 -38.70
CA VAL H 532 58.40 -24.20 -39.45
C VAL H 532 58.18 -25.36 -38.49
N VAL H 533 57.51 -26.39 -38.98
CA VAL H 533 57.16 -27.55 -38.16
C VAL H 533 58.42 -28.31 -37.75
N THR H 534 58.55 -28.59 -36.45
CA THR H 534 59.74 -29.23 -35.87
C THR H 534 59.35 -30.38 -34.94
N GLY H 535 60.35 -31.16 -34.54
CA GLY H 535 60.14 -32.12 -33.49
C GLY H 535 59.18 -33.23 -33.91
N ASN H 536 58.29 -33.60 -32.98
CA ASN H 536 57.22 -34.54 -33.27
C ASN H 536 56.14 -33.94 -34.17
N GLY H 537 56.28 -32.68 -34.56
CA GLY H 537 55.27 -32.00 -35.34
C GLY H 537 53.98 -31.67 -34.62
N GLN H 538 53.97 -31.68 -33.29
CA GLN H 538 52.83 -31.17 -32.54
C GLN H 538 52.96 -29.65 -32.49
N TYR H 539 52.00 -28.97 -33.12
CA TYR H 539 52.15 -27.57 -33.51
C TYR H 539 51.20 -26.68 -32.71
N PRO H 540 51.72 -25.81 -31.83
CA PRO H 540 50.83 -24.98 -31.00
C PRO H 540 50.25 -23.81 -31.79
N VAL H 541 48.93 -23.63 -31.69
CA VAL H 541 48.26 -22.48 -32.28
C VAL H 541 47.37 -21.83 -31.22
N VAL H 542 47.20 -20.52 -31.35
CA VAL H 542 46.14 -19.80 -30.65
C VAL H 542 45.31 -19.13 -31.73
N MET H 543 44.02 -19.01 -31.45
CA MET H 543 43.08 -18.48 -32.42
C MET H 543 42.06 -17.65 -31.67
N GLY H 544 41.71 -16.47 -32.21
CA GLY H 544 40.64 -15.69 -31.66
C GLY H 544 39.28 -16.09 -32.22
N LYS H 545 38.22 -15.54 -31.61
CA LYS H 545 36.86 -15.90 -31.93
C LYS H 545 36.63 -15.93 -33.44
N TYR H 546 36.11 -17.06 -33.91
CA TYR H 546 35.61 -17.26 -35.27
C TYR H 546 36.68 -17.08 -36.34
N ASP H 547 37.95 -17.18 -35.96
CA ASP H 547 39.06 -17.08 -36.90
C ASP H 547 39.08 -18.22 -37.90
N TYR H 548 39.62 -17.91 -39.09
CA TYR H 548 39.89 -18.89 -40.13
C TYR H 548 41.30 -18.62 -40.65
N TYR H 549 42.15 -19.65 -40.60
CA TYR H 549 43.52 -19.60 -41.12
C TYR H 549 43.53 -20.39 -42.42
N TRP H 550 43.71 -19.71 -43.54
CA TRP H 550 43.84 -20.38 -44.83
C TRP H 550 45.31 -20.43 -45.15
N LEU H 551 45.91 -21.60 -45.01
CA LEU H 551 47.35 -21.73 -45.15
C LEU H 551 47.76 -22.75 -46.22
N ARG H 552 49.00 -22.57 -46.66
CA ARG H 552 49.69 -23.47 -47.57
C ARG H 552 50.88 -24.05 -46.81
N LEU H 553 51.04 -25.37 -46.86
CA LEU H 553 52.25 -26.01 -46.39
C LEU H 553 53.30 -26.02 -47.51
N ASN H 554 54.46 -25.46 -47.21
CA ASN H 554 55.58 -25.37 -48.15
C ASN H 554 56.24 -26.74 -48.35
N SER H 555 57.30 -26.75 -49.18
CA SER H 555 58.26 -27.88 -49.25
C SER H 555 59.29 -27.79 -48.11
CA CA I . -27.62 17.68 -37.08
MG MG J . 5.29 21.48 -31.28
C TRS K . -17.64 14.07 -31.26
C1 TRS K . -17.36 13.81 -29.78
C2 TRS K . -17.97 15.53 -31.51
C3 TRS K . -18.79 13.21 -31.77
N TRS K . -16.44 13.75 -32.04
O1 TRS K . -16.52 14.83 -29.27
O2 TRS K . -17.72 15.74 -32.88
O3 TRS K . -18.38 11.90 -32.11
CA CA L . 49.48 33.70 -26.49
MG MG M . 17.78 24.01 -31.89
C TRS N . 41.43 25.33 -31.24
C1 TRS N . 42.95 25.31 -31.00
C2 TRS N . 40.90 26.48 -30.40
C3 TRS N . 40.60 24.09 -30.79
N TRS N . 41.19 25.55 -32.68
O1 TRS N . 43.37 24.28 -30.14
O2 TRS N . 41.44 27.70 -30.83
O3 TRS N . 41.26 22.85 -30.52
CA CA O . -36.44 -33.26 2.36
MG MG P . -14.95 -24.19 26.22
C TRS Q . -28.30 -24.87 6.30
C1 TRS Q . -27.01 -24.28 5.71
C2 TRS Q . -29.30 -23.76 6.48
C3 TRS Q . -28.13 -25.54 7.63
N TRS Q . -28.91 -25.90 5.47
O1 TRS Q . -25.87 -25.05 6.01
O2 TRS Q . -30.17 -23.75 5.38
O3 TRS Q . -28.76 -26.81 7.56
CA CA R . 14.98 -17.88 60.97
MG MG S . -8.67 -21.69 36.93
C TRS T . 4.08 -14.05 56.29
C1 TRS T . 4.99 -15.24 56.58
C2 TRS T . 4.52 -12.81 57.05
C3 TRS T . 2.68 -14.40 56.77
N TRS T . 4.05 -13.83 54.83
O1 TRS T . 5.43 -15.85 55.39
O2 TRS T . 5.70 -12.24 56.56
O3 TRS T . 2.35 -15.66 56.25
CA CA U . -56.80 28.03 29.89
MG MG V . -50.19 -2.45 42.30
C TRS W . -48.33 20.00 32.84
C1 TRS W . -49.77 20.10 32.33
C2 TRS W . -47.47 19.46 31.72
C3 TRS W . -48.20 19.04 34.00
N TRS W . -47.91 21.34 33.26
O1 TRS W . -50.59 19.08 32.87
O2 TRS W . -47.80 18.08 31.60
O3 TRS W . -46.82 18.85 34.35
CA CA X . 11.45 40.73 23.18
MG MG Y . 17.28 8.57 16.50
C TRS Z . 6.57 29.77 22.18
C1 TRS Z . 7.79 30.56 22.65
C2 TRS Z . 5.41 30.63 21.73
C3 TRS Z . 6.08 28.87 23.29
N TRS Z . 6.98 28.89 21.07
O1 TRS Z . 8.97 30.06 22.03
O2 TRS Z . 5.85 31.51 20.72
O3 TRS Z . 6.97 27.81 23.18
CA CA AA . 38.93 -28.39 3.96
MG MG BA . 24.38 1.74 5.73
C TRS CA . 31.71 -19.94 -1.67
C1 TRS CA . 32.95 -20.21 -0.84
C2 TRS CA . 31.50 -18.45 -1.84
C3 TRS CA . 30.49 -20.58 -1.04
N TRS CA . 31.86 -20.55 -2.98
O1 TRS CA . 32.75 -19.71 0.45
O2 TRS CA . 32.29 -18.04 -2.95
O3 TRS CA . 30.71 -21.97 -1.18
CA CA DA . 6.45 -40.21 -56.76
MG MG EA . 8.63 -7.72 -64.52
C TRS FA . 9.82 -29.45 -53.48
C1 TRS FA . 10.86 -28.49 -54.06
C2 TRS FA . 9.42 -28.91 -52.12
C3 TRS FA . 10.37 -30.88 -53.39
N TRS FA . 8.63 -29.50 -54.34
O1 TRS FA . 11.92 -28.25 -53.15
O2 TRS FA . 8.99 -27.59 -52.35
O3 TRS FA . 11.63 -30.93 -52.74
#